data_7VBG
#
_entry.id   7VBG
#
_entity_poly.entity_id   1
_entity_poly.type   'polypeptide(L)'
_entity_poly.pdbx_seq_one_letter_code
;MRRSEVLAEESIVCLQKALNHLREIWELIGIPEDQRLQRTEVVKKHIKELLDMMIAEEESLKERLEH
;
_entity_poly.pdbx_strand_id   A,B
#
# COMPACT_ATOMS: atom_id res chain seq x y z
N MET A 1 3.57 8.80 -9.86
CA MET A 1 3.30 7.70 -10.84
C MET A 1 3.56 8.13 -12.30
N ARG A 2 2.74 9.02 -12.85
CA ARG A 2 3.19 10.17 -13.67
C ARG A 2 3.38 11.38 -12.71
N ARG A 3 3.70 12.54 -13.25
CA ARG A 3 4.12 13.74 -12.48
C ARG A 3 3.06 14.33 -11.51
N SER A 4 1.77 13.95 -11.63
CA SER A 4 0.75 13.82 -10.56
C SER A 4 1.09 12.90 -9.39
N GLU A 5 2.33 12.97 -8.86
CA GLU A 5 2.77 12.33 -7.59
C GLU A 5 1.73 12.46 -6.46
N VAL A 6 1.01 13.56 -6.41
CA VAL A 6 -0.12 13.86 -5.50
C VAL A 6 -1.14 12.71 -5.31
N LEU A 7 -1.56 12.02 -6.39
CA LEU A 7 -2.62 10.99 -6.24
C LEU A 7 -2.10 9.81 -5.42
N ALA A 8 -0.83 9.44 -5.56
CA ALA A 8 -0.19 8.39 -4.81
C ALA A 8 0.26 8.84 -3.41
N GLU A 9 0.75 10.08 -3.27
CA GLU A 9 1.10 10.63 -1.98
C GLU A 9 -0.12 10.68 -1.06
N GLU A 10 -1.28 11.13 -1.54
CA GLU A 10 -2.56 11.06 -0.84
C GLU A 10 -3.03 9.62 -0.58
N SER A 11 -2.78 8.65 -1.48
CA SER A 11 -3.04 7.22 -1.18
C SER A 11 -2.28 6.83 0.10
N ILE A 12 -1.01 7.25 0.30
CA ILE A 12 -0.22 6.86 1.49
C ILE A 12 -0.35 7.80 2.69
N VAL A 13 -0.82 9.04 2.53
CA VAL A 13 -1.46 9.77 3.63
C VAL A 13 -2.58 8.88 4.15
N CYS A 14 -3.53 8.48 3.33
CA CYS A 14 -4.73 7.79 3.78
C CYS A 14 -4.45 6.42 4.45
N LEU A 15 -3.35 5.74 4.06
CA LEU A 15 -2.84 4.56 4.75
C LEU A 15 -2.18 4.93 6.07
N GLN A 16 -1.32 5.96 6.11
CA GLN A 16 -0.67 6.46 7.33
C GLN A 16 -1.69 6.84 8.43
N LYS A 17 -2.74 7.52 8.01
CA LYS A 17 -3.97 7.81 8.76
C LYS A 17 -4.72 6.55 9.23
N ALA A 18 -4.98 5.63 8.31
CA ALA A 18 -5.70 4.38 8.63
C ALA A 18 -4.93 3.48 9.60
N LEU A 19 -3.65 3.31 9.37
CA LEU A 19 -2.79 2.46 10.18
C LEU A 19 -2.64 2.99 11.60
N ASN A 20 -2.64 4.32 11.82
CA ASN A 20 -2.79 4.89 13.15
C ASN A 20 -4.15 4.62 13.80
N HIS A 21 -5.29 4.82 13.10
CA HIS A 21 -6.64 4.47 13.62
C HIS A 21 -6.81 2.98 13.91
N LEU A 22 -6.22 2.11 13.10
CA LEU A 22 -6.12 0.64 13.36
C LEU A 22 -5.32 0.30 14.62
N ARG A 23 -4.32 1.10 14.96
CA ARG A 23 -3.54 1.00 16.22
C ARG A 23 -4.29 1.53 17.44
N GLU A 24 -5.09 2.59 17.30
CA GLU A 24 -6.09 2.99 18.30
C GLU A 24 -7.07 1.85 18.61
N ILE A 25 -7.70 1.23 17.60
CA ILE A 25 -8.50 0.00 17.73
C ILE A 25 -7.73 -1.11 18.43
N TRP A 26 -6.43 -1.34 18.10
CA TRP A 26 -5.64 -2.35 18.86
C TRP A 26 -5.62 -2.11 20.39
N GLU A 27 -5.30 -0.90 20.83
CA GLU A 27 -5.27 -0.54 22.25
C GLU A 27 -6.67 -0.68 22.92
N LEU A 28 -7.76 -0.59 22.13
CA LEU A 28 -9.14 -0.70 22.55
C LEU A 28 -9.68 -2.14 22.56
N ILE A 29 -9.64 -2.89 21.45
CA ILE A 29 -10.25 -4.24 21.39
C ILE A 29 -9.35 -5.27 22.06
N GLY A 30 -8.02 -5.14 22.00
CA GLY A 30 -7.08 -6.17 22.47
C GLY A 30 -7.23 -7.54 21.77
N ILE A 31 -7.58 -7.56 20.47
CA ILE A 31 -7.45 -8.73 19.57
C ILE A 31 -5.95 -9.12 19.51
N PRO A 32 -5.56 -10.40 19.37
CA PRO A 32 -4.15 -10.80 19.32
C PRO A 32 -3.43 -10.14 18.16
N GLU A 33 -2.28 -9.56 18.44
CA GLU A 33 -1.45 -8.76 17.53
C GLU A 33 -0.90 -9.52 16.33
N ASP A 34 -0.96 -10.84 16.33
CA ASP A 34 -0.59 -11.66 15.16
C ASP A 34 -1.59 -11.53 14.02
N GLN A 35 -2.88 -11.25 14.25
CA GLN A 35 -3.81 -10.82 13.18
C GLN A 35 -3.40 -9.49 12.58
N ARG A 36 -3.01 -8.54 13.42
CA ARG A 36 -2.55 -7.19 12.98
C ARG A 36 -1.29 -7.23 12.15
N LEU A 37 -0.24 -7.93 12.54
CA LEU A 37 0.88 -8.03 11.61
C LEU A 37 0.56 -8.79 10.33
N GLN A 38 -0.32 -9.79 10.34
CA GLN A 38 -0.81 -10.34 9.06
C GLN A 38 -1.59 -9.33 8.20
N ARG A 39 -2.31 -8.39 8.83
CA ARG A 39 -2.90 -7.22 8.18
C ARG A 39 -1.85 -6.23 7.64
N THR A 40 -0.79 -5.94 8.41
CA THR A 40 0.38 -5.17 7.93
C THR A 40 1.20 -5.78 6.80
N GLU A 41 1.41 -7.09 6.87
CA GLU A 41 2.20 -7.90 5.92
C GLU A 41 1.48 -8.03 4.58
N VAL A 42 0.16 -8.05 4.58
CA VAL A 42 -0.66 -7.94 3.34
C VAL A 42 -0.71 -6.55 2.71
N VAL A 43 -0.77 -5.46 3.51
CA VAL A 43 -0.55 -4.05 3.05
C VAL A 43 0.82 -3.94 2.42
N LYS A 44 1.86 -4.43 3.12
CA LYS A 44 3.22 -4.55 2.57
C LYS A 44 3.27 -5.34 1.24
N LYS A 45 2.65 -6.51 1.16
CA LYS A 45 2.68 -7.38 -0.03
C LYS A 45 1.98 -6.78 -1.25
N HIS A 46 0.98 -5.91 -1.00
CA HIS A 46 0.41 -5.05 -2.05
C HIS A 46 1.41 -4.01 -2.58
N ILE A 47 2.25 -3.44 -1.71
CA ILE A 47 3.41 -2.66 -2.18
C ILE A 47 4.50 -3.52 -2.83
N LYS A 48 4.75 -4.78 -2.45
CA LYS A 48 5.66 -5.70 -3.13
C LYS A 48 5.25 -6.03 -4.60
N GLU A 49 3.93 -6.17 -4.78
CA GLU A 49 3.24 -6.25 -6.06
C GLU A 49 3.52 -5.00 -6.93
N LEU A 50 3.54 -3.81 -6.30
CA LEU A 50 3.92 -2.53 -6.94
C LEU A 50 5.44 -2.42 -7.23
N LEU A 51 6.30 -3.00 -6.36
CA LEU A 51 7.73 -3.17 -6.64
C LEU A 51 7.93 -4.09 -7.86
N ASP A 52 7.24 -5.24 -7.88
CA ASP A 52 7.30 -6.20 -8.99
C ASP A 52 6.83 -5.67 -10.35
N MET A 53 5.76 -4.87 -10.40
CA MET A 53 5.44 -4.04 -11.57
C MET A 53 6.61 -3.16 -11.99
N MET A 54 7.17 -2.40 -11.07
CA MET A 54 8.16 -1.36 -11.44
C MET A 54 9.48 -1.91 -12.00
N ILE A 55 10.02 -2.98 -11.39
CA ILE A 55 11.21 -3.69 -11.92
C ILE A 55 10.92 -4.30 -13.29
N ALA A 56 9.71 -4.85 -13.50
CA ALA A 56 9.20 -5.16 -14.83
C ALA A 56 8.99 -3.94 -15.76
N GLU A 57 8.69 -2.74 -15.26
CA GLU A 57 8.53 -1.54 -16.08
C GLU A 57 9.87 -1.01 -16.58
N GLU A 58 10.87 -0.85 -15.72
CA GLU A 58 12.22 -0.54 -16.18
C GLU A 58 12.77 -1.65 -17.02
N GLU A 59 13.01 -2.86 -16.51
CA GLU A 59 13.65 -3.92 -17.34
C GLU A 59 12.84 -4.26 -18.60
N SER A 60 11.58 -4.69 -18.38
CA SER A 60 10.73 -5.20 -19.49
C SER A 60 9.99 -4.13 -20.32
N LEU A 61 9.49 -2.99 -19.77
CA LEU A 61 8.75 -1.96 -20.54
C LEU A 61 9.67 -0.91 -21.21
N LYS A 62 10.88 -0.67 -20.63
CA LYS A 62 11.97 -0.05 -21.40
C LYS A 62 12.41 -0.95 -22.56
N GLU A 63 12.47 -2.26 -22.41
CA GLU A 63 12.60 -3.21 -23.51
C GLU A 63 11.35 -3.33 -24.42
N ARG A 64 10.18 -2.82 -24.02
CA ARG A 64 9.02 -2.70 -24.90
C ARG A 64 9.17 -1.54 -25.92
N LEU A 65 9.81 -0.42 -25.54
CA LEU A 65 10.26 0.59 -26.48
C LEU A 65 11.38 0.03 -27.38
N GLU A 66 12.22 -0.85 -26.89
CA GLU A 66 13.21 -1.57 -27.72
C GLU A 66 12.61 -2.52 -28.77
N HIS A 67 11.68 -3.38 -28.35
CA HIS A 67 11.18 -4.50 -29.18
C HIS A 67 9.68 -4.85 -28.97
N MET B 1 -0.98 -0.41 12.77
CA MET B 1 -1.59 -1.80 12.87
C MET B 1 -1.57 -2.23 14.34
N ARG B 2 -0.57 -2.96 14.87
CA ARG B 2 -0.22 -2.96 16.31
C ARG B 2 0.84 -1.89 16.60
N ARG B 3 1.31 -1.76 17.84
CA ARG B 3 2.23 -0.64 18.28
C ARG B 3 3.61 -0.66 17.56
N SER B 4 3.97 -1.77 16.91
CA SER B 4 5.01 -1.97 15.86
C SER B 4 4.69 -1.25 14.51
N GLU B 5 4.24 0.00 14.53
CA GLU B 5 3.83 0.81 13.34
C GLU B 5 4.92 0.81 12.24
N VAL B 6 6.19 0.64 12.64
CA VAL B 6 7.41 0.52 11.86
C VAL B 6 7.32 -0.37 10.62
N LEU B 7 6.64 -1.53 10.65
CA LEU B 7 6.47 -2.33 9.40
C LEU B 7 5.51 -1.68 8.41
N ALA B 8 4.47 -1.00 8.92
CA ALA B 8 3.52 -0.31 8.07
C ALA B 8 4.13 0.98 7.47
N GLU B 9 4.91 1.68 8.27
CA GLU B 9 5.69 2.88 7.89
C GLU B 9 6.76 2.55 6.87
N GLU B 10 7.51 1.46 7.06
CA GLU B 10 8.36 0.88 6.01
C GLU B 10 7.60 0.49 4.73
N SER B 11 6.39 -0.05 4.85
CA SER B 11 5.54 -0.41 3.68
C SER B 11 5.24 0.82 2.80
N ILE B 12 4.92 1.96 3.40
CA ILE B 12 4.56 3.18 2.67
C ILE B 12 5.77 4.06 2.40
N VAL B 13 6.88 3.99 3.16
CA VAL B 13 8.19 4.48 2.73
C VAL B 13 8.49 3.80 1.43
N CYS B 14 8.34 2.48 1.37
CA CYS B 14 8.72 1.68 0.22
C CYS B 14 7.85 1.99 -1.01
N LEU B 15 6.55 2.26 -0.81
CA LEU B 15 5.66 2.77 -1.85
C LEU B 15 6.09 4.19 -2.30
N GLN B 16 6.54 5.06 -1.38
CA GLN B 16 7.05 6.41 -1.70
C GLN B 16 8.29 6.35 -2.62
N LYS B 17 9.28 5.46 -2.36
CA LYS B 17 10.43 5.19 -3.24
C LYS B 17 9.94 4.73 -4.61
N ALA B 18 9.03 3.77 -4.59
CA ALA B 18 8.56 3.05 -5.74
C ALA B 18 7.77 3.94 -6.68
N LEU B 19 6.89 4.76 -6.14
CA LEU B 19 6.15 5.75 -6.91
C LEU B 19 7.06 6.85 -7.55
N ASN B 20 8.16 7.23 -6.91
CA ASN B 20 9.18 8.13 -7.50
C ASN B 20 9.94 7.44 -8.63
N HIS B 21 10.41 6.21 -8.45
CA HIS B 21 11.15 5.49 -9.54
C HIS B 21 10.25 5.12 -10.74
N LEU B 22 8.97 4.75 -10.48
CA LEU B 22 7.92 4.64 -11.50
C LEU B 22 7.70 5.95 -12.25
N ARG B 23 7.87 7.10 -11.61
CA ARG B 23 7.66 8.40 -12.28
C ARG B 23 8.91 8.86 -13.05
N GLU B 24 10.12 8.55 -12.57
CA GLU B 24 11.34 8.60 -13.42
C GLU B 24 11.18 7.74 -14.70
N ILE B 25 10.71 6.48 -14.54
CA ILE B 25 10.40 5.59 -15.68
C ILE B 25 9.36 6.21 -16.59
N TRP B 26 8.30 6.85 -16.06
CA TRP B 26 7.35 7.55 -16.95
C TRP B 26 8.03 8.56 -17.89
N GLU B 27 8.80 9.48 -17.31
CA GLU B 27 9.51 10.55 -18.00
C GLU B 27 10.62 9.98 -18.95
N LEU B 28 10.99 8.70 -18.80
CA LEU B 28 12.00 7.95 -19.53
C LEU B 28 11.41 7.10 -20.70
N ILE B 29 10.45 6.18 -20.46
CA ILE B 29 9.81 5.37 -21.53
C ILE B 29 8.82 6.19 -22.37
N GLY B 30 8.10 7.17 -21.78
CA GLY B 30 7.06 7.94 -22.42
C GLY B 30 5.74 7.23 -22.71
N ILE B 31 5.38 6.22 -21.91
CA ILE B 31 4.07 5.55 -21.95
C ILE B 31 2.91 6.52 -21.70
N PRO B 32 1.70 6.34 -22.27
CA PRO B 32 0.54 7.19 -21.96
C PRO B 32 0.26 7.35 -20.45
N GLU B 33 -0.08 8.57 -20.04
CA GLU B 33 -0.24 8.99 -18.66
C GLU B 33 -1.55 8.51 -18.04
N ASP B 34 -2.52 8.11 -18.88
CA ASP B 34 -3.76 7.42 -18.46
C ASP B 34 -3.53 5.98 -17.89
N GLN B 35 -2.60 5.21 -18.42
CA GLN B 35 -2.25 3.88 -17.86
C GLN B 35 -1.56 4.09 -16.49
N ARG B 36 -0.80 5.19 -16.33
CA ARG B 36 -0.17 5.50 -15.06
C ARG B 36 -1.15 5.89 -13.96
N LEU B 37 -2.19 6.69 -14.27
CA LEU B 37 -3.20 6.97 -13.25
C LEU B 37 -3.91 5.68 -12.89
N GLN B 38 -4.17 4.77 -13.82
CA GLN B 38 -4.86 3.54 -13.43
C GLN B 38 -3.97 2.67 -12.55
N ARG B 39 -2.64 2.70 -12.76
CA ARG B 39 -1.64 2.13 -11.81
C ARG B 39 -1.61 2.81 -10.44
N THR B 40 -1.73 4.14 -10.34
CA THR B 40 -1.95 4.83 -9.05
C THR B 40 -3.27 4.56 -8.39
N GLU B 41 -4.31 4.45 -9.17
CA GLU B 41 -5.68 4.30 -8.71
C GLU B 41 -5.88 2.89 -8.15
N VAL B 42 -5.08 1.90 -8.59
CA VAL B 42 -5.01 0.54 -8.00
C VAL B 42 -4.11 0.38 -6.79
N VAL B 43 -3.02 1.15 -6.71
CA VAL B 43 -2.28 1.38 -5.44
C VAL B 43 -3.26 1.98 -4.43
N LYS B 44 -4.02 3.02 -4.79
CA LYS B 44 -5.05 3.66 -3.94
C LYS B 44 -6.20 2.72 -3.60
N LYS B 45 -6.69 1.81 -4.48
CA LYS B 45 -7.74 0.85 -4.15
C LYS B 45 -7.29 -0.26 -3.20
N HIS B 46 -6.01 -0.63 -3.23
CA HIS B 46 -5.45 -1.45 -2.16
C HIS B 46 -5.45 -0.72 -0.81
N ILE B 47 -5.24 0.61 -0.77
CA ILE B 47 -5.49 1.33 0.47
C ILE B 47 -6.99 1.51 0.77
N LYS B 48 -7.89 1.60 -0.21
CA LYS B 48 -9.35 1.55 0.03
C LYS B 48 -9.85 0.20 0.62
N GLU B 49 -9.23 -0.90 0.22
CA GLU B 49 -9.32 -2.21 0.88
C GLU B 49 -8.91 -2.13 2.36
N LEU B 50 -7.85 -1.39 2.65
CA LEU B 50 -7.41 -1.10 4.03
C LEU B 50 -8.35 -0.13 4.80
N LEU B 51 -9.01 0.82 4.13
CA LEU B 51 -10.14 1.58 4.71
C LEU B 51 -11.34 0.64 5.02
N ASP B 52 -11.72 -0.22 4.09
CA ASP B 52 -12.80 -1.19 4.32
C ASP B 52 -12.62 -2.17 5.46
N MET B 53 -11.42 -2.77 5.58
CA MET B 53 -11.12 -3.57 6.78
C MET B 53 -11.12 -2.75 8.06
N MET B 54 -10.72 -1.47 8.02
CA MET B 54 -10.69 -0.60 9.18
C MET B 54 -12.06 -0.19 9.70
N ILE B 55 -12.98 0.18 8.83
CA ILE B 55 -14.37 0.44 9.22
C ILE B 55 -15.06 -0.87 9.68
N ALA B 56 -14.62 -2.02 9.17
CA ALA B 56 -14.96 -3.34 9.78
C ALA B 56 -14.22 -3.65 11.12
N GLU B 57 -13.00 -3.19 11.32
CA GLU B 57 -12.23 -3.43 12.53
C GLU B 57 -12.80 -2.63 13.72
N GLU B 58 -13.05 -1.32 13.58
CA GLU B 58 -13.86 -0.63 14.59
C GLU B 58 -15.27 -1.22 14.69
N GLU B 59 -16.13 -1.21 13.65
CA GLU B 59 -17.54 -1.59 13.83
C GLU B 59 -17.66 -3.06 14.26
N SER B 60 -17.08 -4.00 13.48
CA SER B 60 -17.26 -5.45 13.65
C SER B 60 -16.38 -6.09 14.71
N LEU B 61 -15.13 -5.70 14.93
CA LEU B 61 -14.30 -6.35 15.98
C LEU B 61 -14.53 -5.78 17.37
N LYS B 62 -14.92 -4.51 17.46
CA LYS B 62 -15.53 -4.00 18.68
C LYS B 62 -16.81 -4.79 18.97
N GLU B 63 -17.55 -5.21 17.93
CA GLU B 63 -18.66 -6.17 18.05
C GLU B 63 -18.28 -7.65 18.31
N ARG B 64 -17.02 -8.05 18.08
CA ARG B 64 -16.51 -9.33 18.63
C ARG B 64 -16.48 -9.29 20.16
N LEU B 65 -16.10 -8.14 20.71
CA LEU B 65 -16.20 -7.95 22.17
C LEU B 65 -17.67 -7.92 22.67
N GLU B 66 -18.59 -7.37 21.86
CA GLU B 66 -20.03 -7.39 22.16
C GLU B 66 -20.69 -8.77 21.99
N HIS B 67 -20.21 -9.58 21.03
CA HIS B 67 -20.85 -10.85 20.60
C HIS B 67 -19.82 -11.89 20.08
N MET A 1 4.28 8.15 -8.58
CA MET A 1 3.48 7.84 -9.79
C MET A 1 3.84 8.84 -10.89
N ARG A 2 3.21 10.00 -11.03
CA ARG A 2 3.81 11.13 -11.81
C ARG A 2 4.50 12.13 -10.84
N ARG A 3 5.04 13.27 -11.35
CA ARG A 3 5.68 14.37 -10.56
C ARG A 3 4.78 14.89 -9.40
N SER A 4 3.47 14.84 -9.57
CA SER A 4 2.41 14.89 -8.54
C SER A 4 2.46 13.70 -7.54
N GLU A 5 3.62 13.31 -7.02
CA GLU A 5 3.82 12.21 -6.07
C GLU A 5 2.85 12.35 -4.88
N VAL A 6 2.47 13.58 -4.52
CA VAL A 6 1.48 13.99 -3.50
C VAL A 6 0.25 13.08 -3.30
N LEU A 7 -0.43 12.64 -4.37
CA LEU A 7 -1.62 11.77 -4.21
C LEU A 7 -1.23 10.36 -3.67
N ALA A 8 -0.07 9.88 -4.07
CA ALA A 8 0.52 8.65 -3.53
C ALA A 8 1.11 8.83 -2.15
N GLU A 9 1.72 9.98 -1.89
CA GLU A 9 2.16 10.38 -0.54
C GLU A 9 0.97 10.32 0.43
N GLU A 10 -0.16 10.94 0.01
CA GLU A 10 -1.43 10.89 0.73
C GLU A 10 -1.95 9.47 0.96
N SER A 11 -1.82 8.55 -0.01
CA SER A 11 -2.15 7.14 0.16
C SER A 11 -1.31 6.42 1.24
N ILE A 12 0.00 6.64 1.31
CA ILE A 12 0.86 6.01 2.35
C ILE A 12 1.04 6.82 3.62
N VAL A 13 0.74 8.12 3.65
CA VAL A 13 0.46 8.89 4.90
C VAL A 13 -0.76 8.19 5.47
N CYS A 14 -1.81 7.98 4.65
CA CYS A 14 -3.03 7.43 5.19
C CYS A 14 -2.87 5.99 5.67
N LEU A 15 -2.11 5.14 4.98
CA LEU A 15 -1.73 3.82 5.47
C LEU A 15 -0.85 3.97 6.73
N GLN A 16 0.08 4.91 6.83
CA GLN A 16 0.84 5.19 8.07
C GLN A 16 -0.07 5.55 9.26
N LYS A 17 -1.09 6.41 9.08
CA LYS A 17 -2.12 6.62 10.13
C LYS A 17 -2.81 5.33 10.48
N ALA A 18 -3.30 4.60 9.46
CA ALA A 18 -4.20 3.47 9.60
C ALA A 18 -3.54 2.28 10.23
N LEU A 19 -2.31 1.99 9.87
CA LEU A 19 -1.52 0.96 10.50
C LEU A 19 -1.21 1.29 11.96
N ASN A 20 -1.01 2.54 12.33
CA ASN A 20 -0.79 2.96 13.70
C ASN A 20 -2.07 2.93 14.55
N HIS A 21 -3.20 3.44 14.04
CA HIS A 21 -4.54 3.32 14.68
C HIS A 21 -5.02 1.88 14.79
N LEU A 22 -4.74 1.04 13.78
CA LEU A 22 -4.92 -0.43 13.87
C LEU A 22 -4.04 -1.04 14.97
N ARG A 23 -2.81 -0.54 15.17
CA ARG A 23 -1.90 -1.01 16.25
C ARG A 23 -2.40 -0.58 17.64
N GLU A 24 -2.87 0.66 17.78
CA GLU A 24 -3.65 1.11 18.97
C GLU A 24 -4.87 0.20 19.23
N ILE A 25 -5.66 -0.14 18.20
CA ILE A 25 -6.79 -1.09 18.39
C ILE A 25 -6.30 -2.46 18.82
N TRP A 26 -5.17 -2.96 18.29
CA TRP A 26 -4.58 -4.22 18.75
C TRP A 26 -4.31 -4.24 20.27
N GLU A 27 -3.74 -3.15 20.78
CA GLU A 27 -3.55 -2.97 22.22
C GLU A 27 -4.89 -2.76 22.95
N LEU A 28 -6.01 -2.43 22.29
CA LEU A 28 -7.36 -2.50 22.86
C LEU A 28 -7.98 -3.91 22.78
N ILE A 29 -8.28 -4.43 21.60
CA ILE A 29 -8.98 -5.74 21.47
C ILE A 29 -8.16 -6.97 21.95
N GLY A 30 -6.83 -6.98 21.77
CA GLY A 30 -5.98 -8.13 22.13
C GLY A 30 -6.24 -9.42 21.32
N ILE A 31 -6.77 -9.29 20.10
CA ILE A 31 -6.90 -10.37 19.11
C ILE A 31 -5.51 -10.96 18.85
N PRO A 32 -5.36 -12.30 18.61
CA PRO A 32 -4.06 -12.91 18.41
C PRO A 32 -3.28 -12.26 17.27
N GLU A 33 -2.04 -11.94 17.55
CA GLU A 33 -1.15 -11.21 16.63
C GLU A 33 -0.76 -11.98 15.35
N ASP A 34 -1.03 -13.27 15.22
CA ASP A 34 -0.97 -13.97 13.94
C ASP A 34 -2.02 -13.51 12.92
N GLN A 35 -3.18 -13.03 13.36
CA GLN A 35 -4.12 -12.36 12.49
C GLN A 35 -3.51 -11.03 12.04
N ARG A 36 -2.96 -10.26 12.97
CA ARG A 36 -2.37 -8.94 12.66
C ARG A 36 -1.20 -9.00 11.68
N LEU A 37 -0.29 -9.98 11.84
CA LEU A 37 0.78 -10.22 10.87
C LEU A 37 0.14 -10.51 9.48
N GLN A 38 -0.88 -11.33 9.39
CA GLN A 38 -1.49 -11.63 8.07
C GLN A 38 -2.26 -10.43 7.47
N ARG A 39 -2.84 -9.57 8.32
CA ARG A 39 -3.40 -8.26 7.90
C ARG A 39 -2.30 -7.34 7.31
N THR A 40 -1.13 -7.37 7.92
CA THR A 40 0.07 -6.64 7.47
C THR A 40 0.63 -7.16 6.15
N GLU A 41 0.77 -8.51 6.06
CA GLU A 41 1.30 -9.19 4.87
C GLU A 41 0.41 -8.96 3.65
N VAL A 42 -0.92 -8.83 3.83
CA VAL A 42 -1.84 -8.53 2.69
C VAL A 42 -1.84 -7.06 2.25
N VAL A 43 -1.66 -6.11 3.17
CA VAL A 43 -1.32 -4.68 2.84
C VAL A 43 -0.06 -4.66 1.96
N LYS A 44 0.96 -5.44 2.38
CA LYS A 44 2.25 -5.52 1.66
C LYS A 44 2.14 -6.22 0.31
N LYS A 45 1.33 -7.25 0.20
CA LYS A 45 1.03 -7.89 -1.08
C LYS A 45 0.29 -7.01 -2.08
N HIS A 46 -0.53 -6.06 -1.63
CA HIS A 46 -1.04 -4.98 -2.52
C HIS A 46 0.11 -4.08 -3.06
N ILE A 47 1.09 -3.76 -2.23
CA ILE A 47 2.31 -3.13 -2.75
C ILE A 47 3.12 -4.09 -3.67
N LYS A 48 3.09 -5.44 -3.50
CA LYS A 48 3.74 -6.38 -4.44
C LYS A 48 3.06 -6.45 -5.80
N GLU A 49 1.74 -6.24 -5.89
CA GLU A 49 1.07 -5.99 -7.21
C GLU A 49 1.74 -4.79 -7.89
N LEU A 50 2.01 -3.76 -7.10
CA LEU A 50 2.62 -2.51 -7.59
C LEU A 50 4.08 -2.63 -7.99
N LEU A 51 4.88 -3.41 -7.22
CA LEU A 51 6.19 -3.86 -7.71
C LEU A 51 6.07 -4.58 -9.08
N ASP A 52 5.19 -5.58 -9.17
CA ASP A 52 5.09 -6.42 -10.36
C ASP A 52 4.72 -5.69 -11.67
N MET A 53 3.74 -4.79 -11.60
CA MET A 53 3.35 -3.93 -12.73
C MET A 53 4.50 -2.99 -13.12
N MET A 54 5.26 -2.46 -12.15
CA MET A 54 6.38 -1.55 -12.43
C MET A 54 7.53 -2.25 -13.15
N ILE A 55 7.96 -3.43 -12.68
CA ILE A 55 8.95 -4.28 -13.36
C ILE A 55 8.48 -4.71 -14.74
N ALA A 56 7.17 -4.97 -14.90
CA ALA A 56 6.56 -5.13 -16.22
C ALA A 56 6.52 -3.84 -17.05
N GLU A 57 6.38 -2.67 -16.41
CA GLU A 57 6.30 -1.41 -17.13
C GLU A 57 7.67 -0.97 -17.62
N GLU A 58 8.73 -1.02 -16.83
CA GLU A 58 10.07 -0.87 -17.38
C GLU A 58 10.36 -1.93 -18.44
N GLU A 59 10.26 -3.23 -18.11
CA GLU A 59 10.75 -4.26 -19.05
C GLU A 59 9.87 -4.28 -20.32
N SER A 60 8.59 -4.60 -20.11
CA SER A 60 7.74 -4.80 -21.26
C SER A 60 7.24 -3.54 -21.88
N LEU A 61 6.98 -2.45 -21.13
CA LEU A 61 6.34 -1.29 -21.76
C LEU A 61 7.34 -0.28 -22.34
N LYS A 62 8.54 -0.18 -21.77
CA LYS A 62 9.68 0.39 -22.54
C LYS A 62 9.90 -0.39 -23.83
N GLU A 63 9.91 -1.72 -23.81
CA GLU A 63 10.09 -2.49 -25.07
C GLU A 63 8.91 -2.48 -26.05
N ARG A 64 7.68 -2.35 -25.57
CA ARG A 64 6.48 -2.09 -26.39
C ARG A 64 6.73 -0.89 -27.32
N LEU A 65 7.30 0.18 -26.73
CA LEU A 65 7.54 1.46 -27.41
C LEU A 65 8.88 1.50 -28.18
N GLU A 66 9.99 1.05 -27.58
CA GLU A 66 11.35 1.45 -27.97
C GLU A 66 11.84 0.86 -29.30
N HIS A 67 11.36 -0.30 -29.70
CA HIS A 67 11.87 -1.08 -30.86
C HIS A 67 11.38 -0.49 -32.21
N MET B 1 0.45 -2.13 12.50
CA MET B 1 -0.51 -3.30 12.45
C MET B 1 -0.71 -3.99 13.80
N ARG B 2 0.20 -4.88 14.27
CA ARG B 2 0.47 -4.97 15.74
C ARG B 2 1.80 -4.28 16.01
N ARG B 3 2.35 -4.31 17.23
CA ARG B 3 3.57 -3.56 17.66
C ARG B 3 4.85 -3.84 16.87
N SER B 4 4.87 -4.95 16.09
CA SER B 4 5.75 -5.19 14.93
C SER B 4 5.42 -4.23 13.75
N GLU B 5 5.21 -2.92 14.01
CA GLU B 5 4.96 -1.85 13.01
C GLU B 5 5.92 -1.96 11.83
N VAL B 6 7.14 -2.48 12.01
CA VAL B 6 8.21 -2.63 11.04
C VAL B 6 7.79 -3.33 9.75
N LEU B 7 7.02 -4.43 9.76
CA LEU B 7 6.57 -5.10 8.52
C LEU B 7 5.67 -4.19 7.67
N ALA B 8 4.84 -3.37 8.33
CA ALA B 8 3.97 -2.40 7.69
C ALA B 8 4.74 -1.16 7.22
N GLU B 9 5.68 -0.64 7.99
CA GLU B 9 6.58 0.43 7.54
C GLU B 9 7.44 0.00 6.36
N GLU B 10 8.01 -1.22 6.37
CA GLU B 10 8.73 -1.74 5.21
C GLU B 10 7.80 -1.86 4.00
N SER B 11 6.51 -2.22 4.19
CA SER B 11 5.49 -2.23 3.12
C SER B 11 5.41 -0.82 2.49
N ILE B 12 5.39 0.28 3.27
CA ILE B 12 5.25 1.64 2.72
C ILE B 12 6.58 2.37 2.42
N VAL B 13 7.72 1.91 2.95
CA VAL B 13 9.04 2.20 2.40
C VAL B 13 9.04 1.66 0.96
N CYS B 14 8.66 0.39 0.80
CA CYS B 14 8.71 -0.27 -0.48
C CYS B 14 7.73 0.37 -1.46
N LEU B 15 6.54 0.82 -1.02
CA LEU B 15 5.69 1.67 -1.88
C LEU B 15 6.34 3.03 -2.20
N GLN B 16 6.92 3.76 -1.24
CA GLN B 16 7.53 5.08 -1.46
C GLN B 16 8.67 4.96 -2.47
N LYS B 17 9.49 3.94 -2.29
CA LYS B 17 10.56 3.50 -3.18
C LYS B 17 10.04 3.16 -4.58
N ALA B 18 8.97 2.39 -4.64
CA ALA B 18 8.38 1.87 -5.88
C ALA B 18 7.73 2.93 -6.68
N LEU B 19 6.89 3.76 -6.07
CA LEU B 19 6.18 4.81 -6.76
C LEU B 19 7.15 5.86 -7.29
N ASN B 20 8.35 6.03 -6.65
CA ASN B 20 9.39 6.95 -7.13
C ASN B 20 10.22 6.35 -8.30
N HIS B 21 10.61 5.06 -8.26
CA HIS B 21 11.14 4.24 -9.37
C HIS B 21 10.22 4.27 -10.59
N LEU B 22 8.94 4.04 -10.34
CA LEU B 22 7.89 4.08 -11.34
C LEU B 22 7.76 5.47 -11.95
N ARG B 23 7.98 6.54 -11.17
CA ARG B 23 7.92 7.91 -11.65
C ARG B 23 8.95 8.17 -12.71
N GLU B 24 10.18 7.72 -12.52
CA GLU B 24 11.25 7.86 -13.51
C GLU B 24 10.85 7.22 -14.85
N ILE B 25 10.32 5.95 -14.75
CA ILE B 25 9.82 5.16 -15.88
C ILE B 25 8.69 5.95 -16.52
N TRP B 26 7.81 6.59 -15.76
CA TRP B 26 6.68 7.29 -16.33
C TRP B 26 6.95 8.45 -17.28
N GLU B 27 7.96 9.25 -16.95
CA GLU B 27 8.39 10.27 -17.90
C GLU B 27 9.34 9.78 -18.99
N LEU B 28 9.94 8.60 -18.79
CA LEU B 28 10.80 7.87 -19.71
C LEU B 28 9.99 7.09 -20.80
N ILE B 29 8.93 6.34 -20.46
CA ILE B 29 7.97 5.80 -21.49
C ILE B 29 6.97 6.86 -22.02
N GLY B 30 6.60 7.86 -21.22
CA GLY B 30 5.83 9.02 -21.64
C GLY B 30 4.35 8.69 -21.91
N ILE B 31 3.81 7.59 -21.35
CA ILE B 31 2.39 7.23 -21.48
C ILE B 31 1.48 8.35 -20.91
N PRO B 32 0.23 8.50 -21.38
CA PRO B 32 -0.69 9.52 -20.89
C PRO B 32 -0.92 9.56 -19.39
N GLU B 33 -1.24 10.76 -18.91
CA GLU B 33 -1.26 11.01 -17.48
C GLU B 33 -2.48 10.40 -16.80
N ASP B 34 -3.60 10.23 -17.54
CA ASP B 34 -4.82 9.61 -16.99
C ASP B 34 -4.60 8.15 -16.55
N GLN B 35 -3.71 7.44 -17.25
CA GLN B 35 -3.18 6.16 -16.81
C GLN B 35 -2.26 6.21 -15.59
N ARG B 36 -1.43 7.26 -15.49
CA ARG B 36 -0.58 7.47 -14.31
C ARG B 36 -1.35 7.74 -13.03
N LEU B 37 -2.39 8.59 -13.04
CA LEU B 37 -3.18 8.87 -11.81
C LEU B 37 -4.11 7.72 -11.45
N GLN B 38 -4.72 7.04 -12.41
CA GLN B 38 -5.52 5.86 -12.12
C GLN B 38 -4.69 4.72 -11.49
N ARG B 39 -3.38 4.68 -11.79
CA ARG B 39 -2.39 3.84 -11.04
C ARG B 39 -2.23 4.25 -9.59
N THR B 40 -2.06 5.55 -9.33
CA THR B 40 -2.11 6.07 -7.97
C THR B 40 -3.38 5.78 -7.22
N GLU B 41 -4.51 6.03 -7.85
CA GLU B 41 -5.85 5.97 -7.27
C GLU B 41 -6.32 4.54 -7.01
N VAL B 42 -5.88 3.55 -7.79
CA VAL B 42 -6.00 2.14 -7.43
C VAL B 42 -5.10 1.61 -6.28
N VAL B 43 -3.85 2.08 -6.17
CA VAL B 43 -2.97 1.86 -5.00
C VAL B 43 -3.69 2.43 -3.77
N LYS B 44 -4.18 3.67 -3.88
CA LYS B 44 -4.95 4.39 -2.87
C LYS B 44 -6.23 3.65 -2.47
N LYS B 45 -7.04 3.15 -3.41
CA LYS B 45 -8.26 2.38 -3.08
C LYS B 45 -8.01 1.04 -2.35
N HIS B 46 -6.82 0.47 -2.52
CA HIS B 46 -6.34 -0.60 -1.64
C HIS B 46 -6.07 -0.14 -0.19
N ILE B 47 -5.54 1.07 -0.02
CA ILE B 47 -5.46 1.71 1.32
C ILE B 47 -6.86 2.14 1.85
N LYS B 48 -7.82 2.53 0.99
CA LYS B 48 -9.24 2.76 1.43
C LYS B 48 -9.92 1.48 1.91
N GLU B 49 -9.61 0.33 1.28
CA GLU B 49 -9.95 -1.00 1.75
C GLU B 49 -9.40 -1.27 3.17
N LEU B 50 -8.17 -0.82 3.46
CA LEU B 50 -7.52 -0.88 4.78
C LEU B 50 -8.17 0.12 5.77
N LEU B 51 -8.55 1.34 5.35
CA LEU B 51 -9.34 2.26 6.20
C LEU B 51 -10.68 1.63 6.63
N ASP B 52 -11.39 1.02 5.67
CA ASP B 52 -12.71 0.43 5.93
C ASP B 52 -12.71 -0.82 6.82
N MET B 53 -11.74 -1.71 6.68
CA MET B 53 -11.56 -2.77 7.70
C MET B 53 -11.25 -2.18 9.09
N MET B 54 -10.44 -1.12 9.16
CA MET B 54 -10.05 -0.50 10.45
C MET B 54 -11.20 0.18 11.20
N ILE B 55 -12.12 0.89 10.54
CA ILE B 55 -13.27 1.46 11.22
C ILE B 55 -14.18 0.27 11.66
N ALA B 56 -14.26 -0.82 10.88
CA ALA B 56 -14.93 -2.04 11.35
C ALA B 56 -14.17 -2.80 12.49
N GLU B 57 -12.84 -2.71 12.60
CA GLU B 57 -12.06 -3.26 13.70
C GLU B 57 -12.33 -2.57 15.04
N GLU B 58 -12.14 -1.23 15.14
CA GLU B 58 -12.52 -0.51 16.35
C GLU B 58 -14.00 -0.65 16.67
N GLU B 59 -14.89 -0.18 15.77
CA GLU B 59 -16.32 -0.19 16.04
C GLU B 59 -16.79 -1.62 16.31
N SER B 60 -16.71 -2.48 15.28
CA SER B 60 -17.37 -3.75 15.38
C SER B 60 -16.58 -4.85 16.06
N LEU B 61 -15.25 -4.90 15.94
CA LEU B 61 -14.51 -5.99 16.59
C LEU B 61 -14.28 -5.67 18.09
N LYS B 62 -14.21 -4.40 18.52
CA LYS B 62 -14.32 -4.11 19.95
C LYS B 62 -15.70 -4.53 20.47
N GLU B 63 -16.79 -4.31 19.72
CA GLU B 63 -18.16 -4.76 20.01
C GLU B 63 -18.38 -6.29 19.96
N ARG B 64 -17.62 -7.01 19.11
CA ARG B 64 -17.52 -8.47 19.19
C ARG B 64 -17.05 -8.89 20.58
N LEU B 65 -16.10 -8.15 21.17
CA LEU B 65 -15.69 -8.38 22.58
C LEU B 65 -16.67 -7.80 23.65
N GLU B 66 -17.26 -6.63 23.40
CA GLU B 66 -18.21 -5.99 24.31
C GLU B 66 -19.44 -6.91 24.59
N HIS B 67 -19.89 -7.66 23.56
CA HIS B 67 -21.09 -8.51 23.64
C HIS B 67 -20.86 -9.83 22.83
N MET A 1 4.55 8.19 -9.46
CA MET A 1 3.87 7.34 -10.50
C MET A 1 4.07 7.94 -11.90
N ARG A 2 3.35 9.01 -12.22
CA ARG A 2 3.86 10.18 -12.97
C ARG A 2 4.22 11.28 -11.95
N ARG A 3 4.61 12.48 -12.43
CA ARG A 3 5.06 13.67 -11.66
C ARG A 3 4.02 14.25 -10.68
N SER A 4 2.76 13.86 -10.76
CA SER A 4 1.72 13.96 -9.70
C SER A 4 1.98 12.99 -8.53
N GLU A 5 3.23 12.89 -8.06
CA GLU A 5 3.65 12.00 -6.92
C GLU A 5 2.71 12.04 -5.73
N VAL A 6 2.12 13.22 -5.48
CA VAL A 6 1.09 13.53 -4.49
C VAL A 6 0.07 12.42 -4.22
N LEU A 7 -0.65 11.89 -5.21
CA LEU A 7 -1.69 10.90 -4.91
C LEU A 7 -1.11 9.59 -4.34
N ALA A 8 0.11 9.21 -4.79
CA ALA A 8 0.87 8.03 -4.37
C ALA A 8 1.50 8.18 -2.99
N GLU A 9 2.12 9.33 -2.75
CA GLU A 9 2.62 9.76 -1.45
C GLU A 9 1.46 9.86 -0.43
N GLU A 10 0.32 10.43 -0.82
CA GLU A 10 -0.89 10.44 0.02
C GLU A 10 -1.41 9.01 0.30
N SER A 11 -1.26 8.09 -0.67
CA SER A 11 -1.63 6.69 -0.49
C SER A 11 -0.89 6.06 0.70
N ILE A 12 0.42 6.35 0.82
CA ILE A 12 1.26 5.79 1.90
C ILE A 12 1.35 6.64 3.16
N VAL A 13 0.99 7.95 3.12
CA VAL A 13 0.57 8.67 4.34
C VAL A 13 -0.61 7.96 4.93
N CYS A 14 -1.62 7.65 4.10
CA CYS A 14 -2.88 7.10 4.56
C CYS A 14 -2.70 5.68 5.10
N LEU A 15 -1.81 4.91 4.51
CA LEU A 15 -1.31 3.64 5.06
C LEU A 15 -0.56 3.88 6.38
N GLN A 16 0.43 4.75 6.48
CA GLN A 16 1.24 5.02 7.72
C GLN A 16 0.36 5.42 8.91
N LYS A 17 -0.62 6.25 8.58
CA LYS A 17 -1.73 6.73 9.42
C LYS A 17 -2.60 5.60 9.93
N ALA A 18 -3.05 4.75 9.00
CA ALA A 18 -3.87 3.59 9.29
C ALA A 18 -3.09 2.52 10.08
N LEU A 19 -1.79 2.34 9.81
CA LEU A 19 -0.86 1.41 10.47
C LEU A 19 -0.75 1.80 11.95
N ASN A 20 -0.64 3.11 12.26
CA ASN A 20 -0.54 3.59 13.64
C ASN A 20 -1.83 3.38 14.43
N HIS A 21 -2.99 3.61 13.81
CA HIS A 21 -4.33 3.40 14.38
C HIS A 21 -4.70 1.93 14.53
N LEU A 22 -4.36 1.08 13.55
CA LEU A 22 -4.47 -0.38 13.66
C LEU A 22 -3.64 -0.93 14.80
N ARG A 23 -2.51 -0.32 15.12
CA ARG A 23 -1.60 -0.73 16.22
C ARG A 23 -2.03 -0.24 17.62
N GLU A 24 -2.70 0.91 17.67
CA GLU A 24 -3.50 1.32 18.82
C GLU A 24 -4.63 0.33 19.09
N ILE A 25 -5.41 -0.08 18.08
CA ILE A 25 -6.39 -1.13 18.17
C ILE A 25 -5.71 -2.46 18.58
N TRP A 26 -4.51 -2.81 18.12
CA TRP A 26 -3.87 -4.05 18.56
C TRP A 26 -3.73 -4.12 20.09
N GLU A 27 -3.23 -3.04 20.67
CA GLU A 27 -3.02 -2.92 22.11
C GLU A 27 -4.34 -2.92 22.90
N LEU A 28 -5.47 -2.51 22.28
CA LEU A 28 -6.84 -2.39 22.83
C LEU A 28 -7.67 -3.69 22.67
N ILE A 29 -7.81 -4.26 21.44
CA ILE A 29 -8.56 -5.53 21.31
C ILE A 29 -7.77 -6.75 21.84
N GLY A 30 -6.42 -6.79 21.71
CA GLY A 30 -5.59 -7.91 22.12
C GLY A 30 -5.79 -9.20 21.31
N ILE A 31 -6.11 -9.07 20.01
CA ILE A 31 -6.03 -10.18 19.03
C ILE A 31 -4.60 -10.72 18.95
N PRO A 32 -4.38 -12.05 18.73
CA PRO A 32 -3.03 -12.59 18.56
C PRO A 32 -2.27 -11.97 17.38
N GLU A 33 -1.04 -11.58 17.65
CA GLU A 33 -0.13 -10.86 16.77
C GLU A 33 0.24 -11.60 15.49
N ASP A 34 0.07 -12.92 15.46
CA ASP A 34 0.18 -13.68 14.21
C ASP A 34 -0.81 -13.22 13.10
N GLN A 35 -2.05 -12.92 13.48
CA GLN A 35 -3.04 -12.33 12.56
C GLN A 35 -2.65 -10.94 12.04
N ARG A 36 -1.93 -10.13 12.83
CA ARG A 36 -1.37 -8.83 12.42
C ARG A 36 -0.13 -8.91 11.59
N LEU A 37 0.79 -9.84 11.83
CA LEU A 37 1.90 -10.02 10.85
C LEU A 37 1.36 -10.40 9.45
N GLN A 38 0.36 -11.25 9.35
CA GLN A 38 -0.33 -11.59 8.11
C GLN A 38 -1.06 -10.40 7.48
N ARG A 39 -1.70 -9.52 8.28
CA ARG A 39 -2.20 -8.23 7.76
C ARG A 39 -1.11 -7.38 7.14
N THR A 40 0.02 -7.22 7.85
CA THR A 40 1.26 -6.54 7.38
C THR A 40 1.86 -7.12 6.10
N GLU A 41 1.98 -8.44 6.04
CA GLU A 41 2.57 -9.21 4.93
C GLU A 41 1.72 -9.07 3.68
N VAL A 42 0.41 -9.01 3.83
CA VAL A 42 -0.49 -8.81 2.70
C VAL A 42 -0.51 -7.38 2.19
N VAL A 43 -0.35 -6.40 3.10
CA VAL A 43 -0.14 -4.97 2.76
C VAL A 43 1.19 -4.87 1.97
N LYS A 44 2.24 -5.60 2.41
CA LYS A 44 3.55 -5.65 1.76
C LYS A 44 3.41 -6.32 0.38
N LYS A 45 2.72 -7.43 0.25
CA LYS A 45 2.47 -8.14 -1.02
C LYS A 45 1.66 -7.39 -2.07
N HIS A 46 0.77 -6.49 -1.64
CA HIS A 46 0.20 -5.44 -2.51
C HIS A 46 1.28 -4.48 -3.04
N ILE A 47 2.24 -4.02 -2.23
CA ILE A 47 3.43 -3.34 -2.79
C ILE A 47 4.28 -4.28 -3.67
N LYS A 48 4.33 -5.61 -3.47
CA LYS A 48 5.05 -6.50 -4.40
C LYS A 48 4.38 -6.62 -5.78
N GLU A 49 3.06 -6.49 -5.87
CA GLU A 49 2.36 -6.29 -7.17
C GLU A 49 2.89 -5.03 -7.87
N LEU A 50 3.08 -3.98 -7.09
CA LEU A 50 3.65 -2.71 -7.53
C LEU A 50 5.11 -2.83 -7.97
N LEU A 51 5.93 -3.60 -7.26
CA LEU A 51 7.28 -3.96 -7.72
C LEU A 51 7.20 -4.69 -9.08
N ASP A 52 6.33 -5.71 -9.20
CA ASP A 52 6.17 -6.48 -10.43
C ASP A 52 5.77 -5.65 -11.67
N MET A 53 4.72 -4.81 -11.58
CA MET A 53 4.35 -3.91 -12.66
C MET A 53 5.47 -2.93 -13.02
N MET A 54 6.26 -2.49 -12.05
CA MET A 54 7.43 -1.62 -12.29
C MET A 54 8.63 -2.29 -12.95
N ILE A 55 9.03 -3.47 -12.54
CA ILE A 55 10.13 -4.17 -13.26
C ILE A 55 9.65 -4.59 -14.67
N ALA A 56 8.34 -4.82 -14.87
CA ALA A 56 7.73 -4.87 -16.20
C ALA A 56 7.72 -3.53 -16.94
N GLU A 57 7.59 -2.41 -16.26
CA GLU A 57 7.57 -1.07 -16.88
C GLU A 57 8.97 -0.70 -17.43
N GLU A 58 10.02 -0.78 -16.62
CA GLU A 58 11.36 -0.57 -17.18
C GLU A 58 11.69 -1.61 -18.23
N GLU A 59 11.65 -2.92 -17.94
CA GLU A 59 12.12 -3.94 -18.90
C GLU A 59 11.24 -3.94 -20.15
N SER A 60 9.95 -4.25 -20.01
CA SER A 60 9.06 -4.41 -21.16
C SER A 60 8.51 -3.10 -21.76
N LEU A 61 8.20 -2.07 -20.97
CA LEU A 61 7.70 -0.84 -21.61
C LEU A 61 8.82 0.04 -22.15
N LYS A 62 10.03 0.08 -21.58
CA LYS A 62 11.15 0.66 -22.33
C LYS A 62 11.38 -0.14 -23.60
N GLU A 63 11.24 -1.45 -23.62
CA GLU A 63 11.28 -2.29 -24.84
C GLU A 63 10.04 -2.16 -25.73
N ARG A 64 8.93 -1.52 -25.28
CA ARG A 64 7.88 -1.03 -26.20
C ARG A 64 8.48 0.04 -27.14
N LEU A 65 9.11 1.05 -26.51
CA LEU A 65 9.69 2.22 -27.18
C LEU A 65 11.00 2.00 -27.90
N GLU A 66 11.93 1.24 -27.30
CA GLU A 66 13.36 1.34 -27.63
C GLU A 66 13.78 0.50 -28.87
N HIS A 67 12.93 -0.40 -29.34
CA HIS A 67 13.19 -1.19 -30.54
C HIS A 67 12.69 -0.53 -31.84
N MET B 1 1.43 -2.37 12.79
CA MET B 1 0.20 -3.24 12.67
C MET B 1 -0.10 -3.89 14.00
N ARG B 2 0.75 -4.82 14.42
CA ARG B 2 1.14 -4.92 15.84
C ARG B 2 2.42 -4.13 16.05
N ARG B 3 3.01 -4.17 17.26
CA ARG B 3 4.17 -3.33 17.68
C ARG B 3 5.47 -3.42 16.80
N SER B 4 5.53 -4.42 15.90
CA SER B 4 6.42 -4.53 14.73
C SER B 4 6.00 -3.57 13.61
N GLU B 5 5.71 -2.30 13.92
CA GLU B 5 5.44 -1.20 12.97
C GLU B 5 6.41 -1.16 11.75
N VAL B 6 7.66 -1.60 11.99
CA VAL B 6 8.76 -1.77 11.01
C VAL B 6 8.44 -2.53 9.70
N LEU B 7 7.67 -3.63 9.72
CA LEU B 7 7.52 -4.47 8.51
C LEU B 7 6.74 -3.71 7.41
N ALA B 8 5.65 -3.03 7.78
CA ALA B 8 4.89 -2.16 6.86
C ALA B 8 5.53 -0.78 6.65
N GLU B 9 6.29 -0.23 7.60
CA GLU B 9 7.13 0.95 7.37
C GLU B 9 8.16 0.68 6.24
N GLU B 10 8.78 -0.49 6.26
CA GLU B 10 9.65 -0.99 5.20
C GLU B 10 8.86 -1.26 3.89
N SER B 11 7.59 -1.72 3.98
CA SER B 11 6.73 -1.91 2.79
C SER B 11 6.48 -0.52 2.09
N ILE B 12 6.32 0.55 2.84
CA ILE B 12 6.10 1.90 2.29
C ILE B 12 7.40 2.66 2.02
N VAL B 13 8.56 2.30 2.58
CA VAL B 13 9.84 2.65 1.94
C VAL B 13 9.81 2.10 0.57
N CYS B 14 9.52 0.80 0.43
CA CYS B 14 9.64 0.10 -0.83
C CYS B 14 8.67 0.65 -1.87
N LEU B 15 7.45 1.04 -1.48
CA LEU B 15 6.53 1.81 -2.35
C LEU B 15 7.03 3.22 -2.69
N GLN B 16 7.42 4.02 -1.71
CA GLN B 16 7.99 5.38 -1.90
C GLN B 16 9.19 5.32 -2.88
N LYS B 17 10.06 4.34 -2.71
CA LYS B 17 11.17 3.98 -3.63
C LYS B 17 10.71 3.56 -5.05
N ALA B 18 9.74 2.66 -5.13
CA ALA B 18 9.13 2.15 -6.36
C ALA B 18 8.40 3.23 -7.18
N LEU B 19 7.62 4.10 -6.54
CA LEU B 19 6.87 5.18 -7.16
C LEU B 19 7.76 6.27 -7.70
N ASN B 20 8.91 6.50 -7.06
CA ASN B 20 9.96 7.35 -7.62
C ASN B 20 10.63 6.71 -8.83
N HIS B 21 11.05 5.44 -8.79
CA HIS B 21 11.59 4.73 -9.99
C HIS B 21 10.59 4.65 -11.15
N LEU B 22 9.29 4.42 -10.88
CA LEU B 22 8.19 4.47 -11.86
C LEU B 22 8.03 5.87 -12.49
N ARG B 23 8.30 6.95 -11.74
CA ARG B 23 8.31 8.34 -12.27
C ARG B 23 9.55 8.64 -13.12
N GLU B 24 10.71 8.07 -12.75
CA GLU B 24 11.91 8.13 -13.63
C GLU B 24 11.61 7.41 -14.94
N ILE B 25 11.09 6.17 -14.87
CA ILE B 25 10.60 5.45 -16.06
C ILE B 25 9.54 6.29 -16.79
N TRP B 26 8.60 6.99 -16.17
CA TRP B 26 7.56 7.79 -16.89
C TRP B 26 8.21 8.79 -17.87
N GLU B 27 9.22 9.52 -17.36
CA GLU B 27 10.00 10.50 -18.09
C GLU B 27 10.98 9.90 -19.14
N LEU B 28 11.27 8.59 -19.02
CA LEU B 28 11.95 7.79 -20.07
C LEU B 28 11.00 7.31 -21.19
N ILE B 29 9.88 6.64 -20.88
CA ILE B 29 9.03 6.03 -21.93
C ILE B 29 8.03 6.99 -22.56
N GLY B 30 7.51 7.92 -21.76
CA GLY B 30 6.50 8.89 -22.22
C GLY B 30 5.12 8.27 -22.55
N ILE B 31 4.72 7.16 -21.90
CA ILE B 31 3.34 6.61 -21.94
C ILE B 31 2.34 7.66 -21.38
N PRO B 32 1.09 7.71 -21.89
CA PRO B 32 0.05 8.59 -21.38
C PRO B 32 -0.20 8.46 -19.86
N GLU B 33 -0.29 9.58 -19.18
CA GLU B 33 -0.41 9.60 -17.70
C GLU B 33 -1.72 9.07 -17.14
N ASP B 34 -2.76 8.90 -17.99
CA ASP B 34 -4.01 8.19 -17.59
C ASP B 34 -3.84 6.74 -17.11
N GLN B 35 -2.89 6.03 -17.70
CA GLN B 35 -2.41 4.75 -17.20
C GLN B 35 -1.72 4.90 -15.82
N ARG B 36 -0.83 5.89 -15.64
CA ARG B 36 -0.15 6.10 -14.33
C ARG B 36 -1.04 6.57 -13.21
N LEU B 37 -2.03 7.39 -13.48
CA LEU B 37 -3.02 7.75 -12.45
C LEU B 37 -3.76 6.50 -12.03
N GLN B 38 -4.17 5.65 -12.96
CA GLN B 38 -4.81 4.35 -12.59
C GLN B 38 -3.83 3.38 -11.86
N ARG B 39 -2.54 3.35 -12.22
CA ARG B 39 -1.52 2.61 -11.42
C ARG B 39 -1.36 3.13 -10.00
N THR B 40 -1.40 4.45 -9.83
CA THR B 40 -1.58 5.11 -8.50
C THR B 40 -2.84 4.78 -7.71
N GLU B 41 -3.97 4.83 -8.38
CA GLU B 41 -5.29 4.61 -7.81
C GLU B 41 -5.49 3.16 -7.39
N VAL B 42 -4.87 2.20 -8.08
CA VAL B 42 -4.85 0.76 -7.67
C VAL B 42 -4.01 0.47 -6.43
N VAL B 43 -2.82 1.09 -6.37
CA VAL B 43 -1.98 1.16 -5.14
C VAL B 43 -2.84 1.73 -4.02
N LYS B 44 -3.46 2.91 -4.24
CA LYS B 44 -4.36 3.58 -3.27
C LYS B 44 -5.54 2.72 -2.84
N LYS B 45 -6.21 2.01 -3.74
CA LYS B 45 -7.33 1.16 -3.38
C LYS B 45 -6.97 -0.08 -2.58
N HIS B 46 -5.75 -0.60 -2.73
CA HIS B 46 -5.21 -1.59 -1.77
C HIS B 46 -5.01 -1.01 -0.38
N ILE B 47 -4.60 0.26 -0.25
CA ILE B 47 -4.65 0.95 1.06
C ILE B 47 -6.10 1.25 1.54
N LYS B 48 -7.07 1.47 0.65
CA LYS B 48 -8.50 1.61 1.01
C LYS B 48 -9.10 0.31 1.54
N GLU B 49 -8.70 -0.83 0.98
CA GLU B 49 -8.99 -2.19 1.53
C GLU B 49 -8.49 -2.30 3.00
N LEU B 50 -7.28 -1.82 3.27
CA LEU B 50 -6.68 -1.72 4.60
C LEU B 50 -7.49 -0.73 5.49
N LEU B 51 -7.91 0.45 5.00
CA LEU B 51 -8.80 1.37 5.77
C LEU B 51 -10.11 0.67 6.17
N ASP B 52 -10.67 -0.09 5.24
CA ASP B 52 -11.94 -0.74 5.49
C ASP B 52 -11.95 -1.86 6.52
N MET B 53 -10.83 -2.62 6.60
CA MET B 53 -10.71 -3.53 7.70
C MET B 53 -10.64 -2.69 8.97
N MET B 54 -9.86 -1.61 9.00
CA MET B 54 -9.56 -0.91 10.25
C MET B 54 -10.81 -0.28 10.89
N ILE B 55 -11.68 0.30 10.09
CA ILE B 55 -12.93 0.88 10.59
C ILE B 55 -13.87 -0.24 11.04
N ALA B 56 -13.86 -1.42 10.39
CA ALA B 56 -14.50 -2.61 10.94
C ALA B 56 -13.74 -3.14 12.22
N GLU B 57 -12.41 -3.02 12.33
CA GLU B 57 -11.66 -3.58 13.46
C GLU B 57 -11.92 -2.80 14.73
N GLU B 58 -11.76 -1.47 14.73
CA GLU B 58 -12.23 -0.67 15.84
C GLU B 58 -13.71 -0.91 16.11
N GLU B 59 -14.66 -0.56 15.22
CA GLU B 59 -16.07 -0.57 15.58
C GLU B 59 -16.57 -1.96 15.97
N SER B 60 -16.42 -2.90 15.03
CA SER B 60 -17.01 -4.23 15.14
C SER B 60 -16.12 -5.26 15.81
N LEU B 61 -14.79 -5.19 15.75
CA LEU B 61 -13.94 -6.18 16.45
C LEU B 61 -13.59 -5.81 17.89
N LYS B 62 -13.67 -4.52 18.24
CA LYS B 62 -13.90 -4.08 19.61
C LYS B 62 -15.28 -4.56 20.12
N GLU B 63 -16.36 -4.45 19.34
CA GLU B 63 -17.64 -5.10 19.65
C GLU B 63 -17.62 -6.62 19.69
N ARG B 64 -16.64 -7.29 19.04
CA ARG B 64 -16.39 -8.74 19.26
C ARG B 64 -15.83 -9.05 20.63
N LEU B 65 -15.02 -8.13 21.19
CA LEU B 65 -14.56 -8.18 22.60
C LEU B 65 -15.66 -7.79 23.59
N GLU B 66 -16.61 -6.95 23.16
CA GLU B 66 -17.84 -6.64 23.92
C GLU B 66 -18.78 -7.86 24.05
N HIS B 67 -19.14 -8.54 22.95
CA HIS B 67 -20.03 -9.72 22.92
C HIS B 67 -19.79 -10.59 21.67
N MET A 1 2.89 7.50 -9.53
CA MET A 1 2.05 6.86 -10.59
C MET A 1 1.91 7.80 -11.81
N ARG A 2 0.90 8.67 -11.85
CA ARG A 2 0.86 9.86 -12.75
C ARG A 2 1.46 11.08 -12.02
N ARG A 3 1.81 12.16 -12.72
CA ARG A 3 2.25 13.44 -12.09
C ARG A 3 1.23 14.05 -11.09
N SER A 4 -0.03 13.73 -11.29
CA SER A 4 -1.15 13.67 -10.30
C SER A 4 -0.88 12.63 -9.16
N GLU A 5 0.32 12.63 -8.57
CA GLU A 5 0.74 11.74 -7.47
C GLU A 5 -0.27 11.65 -6.30
N VAL A 6 -1.12 12.64 -6.14
CA VAL A 6 -2.21 12.77 -5.16
C VAL A 6 -3.12 11.54 -5.00
N LEU A 7 -3.48 10.82 -6.07
CA LEU A 7 -4.27 9.59 -5.94
C LEU A 7 -3.47 8.55 -5.13
N ALA A 8 -2.17 8.44 -5.40
CA ALA A 8 -1.29 7.42 -4.83
C ALA A 8 -0.84 7.75 -3.41
N GLU A 9 -0.61 9.05 -3.16
CA GLU A 9 -0.41 9.54 -1.81
C GLU A 9 -1.69 9.40 -0.94
N GLU A 10 -2.90 9.76 -1.38
CA GLU A 10 -4.13 9.42 -0.67
C GLU A 10 -4.30 7.92 -0.41
N SER A 11 -3.94 7.08 -1.39
CA SER A 11 -3.91 5.61 -1.24
C SER A 11 -3.07 5.20 -0.01
N ILE A 12 -1.81 5.66 0.08
CA ILE A 12 -0.96 5.37 1.25
C ILE A 12 -1.19 6.27 2.48
N VAL A 13 -1.82 7.44 2.45
CA VAL A 13 -2.37 8.13 3.67
C VAL A 13 -3.39 7.18 4.23
N CYS A 14 -4.31 6.68 3.43
CA CYS A 14 -5.39 5.84 3.93
C CYS A 14 -4.84 4.57 4.59
N LEU A 15 -3.74 4.02 4.07
CA LEU A 15 -3.06 2.89 4.71
C LEU A 15 -2.31 3.34 5.99
N GLN A 16 -1.61 4.48 6.02
CA GLN A 16 -1.00 5.02 7.25
C GLN A 16 -2.02 5.22 8.41
N LYS A 17 -3.17 5.78 8.04
CA LYS A 17 -4.38 5.95 8.85
C LYS A 17 -4.99 4.63 9.36
N ALA A 18 -5.22 3.73 8.40
CA ALA A 18 -5.78 2.41 8.64
C ALA A 18 -4.87 1.54 9.54
N LEU A 19 -3.56 1.53 9.26
CA LEU A 19 -2.57 0.73 9.98
C LEU A 19 -2.44 1.20 11.43
N ASN A 20 -2.63 2.49 11.68
CA ASN A 20 -2.62 3.08 12.99
C ASN A 20 -3.94 2.77 13.75
N HIS A 21 -5.12 2.84 13.11
CA HIS A 21 -6.42 2.34 13.63
C HIS A 21 -6.39 0.83 13.90
N LEU A 22 -5.73 0.02 13.08
CA LEU A 22 -5.45 -1.39 13.43
C LEU A 22 -4.51 -1.54 14.63
N ARG A 23 -3.58 -0.61 14.85
CA ARG A 23 -2.72 -0.64 16.03
C ARG A 23 -3.53 -0.33 17.30
N GLU A 24 -4.41 0.68 17.26
CA GLU A 24 -5.44 0.91 18.26
C GLU A 24 -6.26 -0.34 18.54
N ILE A 25 -6.86 -0.96 17.50
CA ILE A 25 -7.64 -2.19 17.69
C ILE A 25 -6.78 -3.29 18.34
N TRP A 26 -5.54 -3.52 17.90
CA TRP A 26 -4.66 -4.52 18.53
C TRP A 26 -4.40 -4.28 20.03
N GLU A 27 -4.08 -3.03 20.43
CA GLU A 27 -3.90 -2.71 21.86
C GLU A 27 -5.21 -2.93 22.65
N LEU A 28 -6.40 -2.92 22.00
CA LEU A 28 -7.71 -3.17 22.57
C LEU A 28 -8.06 -4.66 22.54
N ILE A 29 -8.16 -5.34 21.38
CA ILE A 29 -8.58 -6.77 21.35
C ILE A 29 -7.50 -7.70 21.93
N GLY A 30 -6.20 -7.37 21.82
CA GLY A 30 -5.11 -8.22 22.33
C GLY A 30 -4.96 -9.61 21.69
N ILE A 31 -5.36 -9.72 20.41
CA ILE A 31 -5.05 -10.86 19.53
C ILE A 31 -3.54 -11.00 19.38
N PRO A 32 -2.95 -12.19 19.23
CA PRO A 32 -1.50 -12.37 19.20
C PRO A 32 -0.78 -11.59 18.08
N GLU A 33 0.30 -10.91 18.41
CA GLU A 33 1.04 -10.04 17.50
C GLU A 33 1.67 -10.74 16.26
N ASP A 34 1.71 -12.08 16.22
CA ASP A 34 2.06 -12.83 15.01
C ASP A 34 1.03 -12.75 13.88
N GLN A 35 -0.25 -12.60 14.21
CA GLN A 35 -1.27 -12.35 13.19
C GLN A 35 -1.08 -10.94 12.59
N ARG A 36 -0.83 -9.97 13.45
CA ARG A 36 -0.51 -8.59 13.08
C ARG A 36 0.75 -8.38 12.25
N LEU A 37 1.83 -9.08 12.60
CA LEU A 37 3.02 -9.10 11.73
C LEU A 37 2.69 -9.66 10.35
N GLN A 38 1.95 -10.75 10.24
CA GLN A 38 1.47 -11.34 8.98
C GLN A 38 0.52 -10.42 8.18
N ARG A 39 -0.36 -9.68 8.88
CA ARG A 39 -1.24 -8.66 8.27
C ARG A 39 -0.45 -7.49 7.70
N THR A 40 0.62 -7.10 8.41
CA THR A 40 1.68 -6.22 7.88
C THR A 40 2.46 -6.73 6.68
N GLU A 41 2.83 -8.00 6.74
CA GLU A 41 3.65 -8.63 5.72
C GLU A 41 2.89 -8.84 4.41
N VAL A 42 1.60 -9.09 4.46
CA VAL A 42 0.70 -9.15 3.29
C VAL A 42 0.46 -7.78 2.64
N VAL A 43 0.33 -6.72 3.46
CA VAL A 43 0.33 -5.30 3.02
C VAL A 43 1.68 -5.01 2.33
N LYS A 44 2.81 -5.41 2.92
CA LYS A 44 4.15 -5.33 2.31
C LYS A 44 4.25 -6.08 0.99
N LYS A 45 3.83 -7.32 0.93
CA LYS A 45 3.88 -8.14 -0.31
C LYS A 45 2.97 -7.66 -1.43
N HIS A 46 1.91 -6.94 -1.09
CA HIS A 46 1.14 -6.16 -2.09
C HIS A 46 1.94 -5.01 -2.73
N ILE A 47 2.73 -4.27 -1.93
CA ILE A 47 3.72 -3.34 -2.51
C ILE A 47 4.84 -4.08 -3.26
N LYS A 48 5.19 -5.34 -2.95
CA LYS A 48 6.14 -6.14 -3.76
C LYS A 48 5.60 -6.48 -5.17
N GLU A 49 4.29 -6.66 -5.36
CA GLU A 49 3.69 -6.71 -6.71
C GLU A 49 3.99 -5.42 -7.44
N LEU A 50 3.78 -4.31 -6.73
CA LEU A 50 4.03 -2.99 -7.29
C LEU A 50 5.54 -2.79 -7.62
N LEU A 51 6.48 -3.23 -6.77
CA LEU A 51 7.91 -3.24 -7.15
C LEU A 51 8.12 -4.06 -8.44
N ASP A 52 7.56 -5.28 -8.52
CA ASP A 52 7.74 -6.16 -9.69
C ASP A 52 7.21 -5.61 -11.02
N MET A 53 5.97 -5.12 -11.03
CA MET A 53 5.40 -4.50 -12.22
C MET A 53 6.21 -3.27 -12.67
N MET A 54 6.77 -2.46 -11.75
CA MET A 54 7.59 -1.31 -12.09
C MET A 54 8.94 -1.64 -12.73
N ILE A 55 9.67 -2.64 -12.22
CA ILE A 55 10.91 -3.05 -12.87
C ILE A 55 10.61 -3.70 -14.21
N ALA A 56 9.50 -4.42 -14.34
CA ALA A 56 9.02 -4.89 -15.62
C ALA A 56 8.57 -3.73 -16.56
N GLU A 57 8.12 -2.58 -16.04
CA GLU A 57 7.77 -1.44 -16.88
C GLU A 57 9.00 -0.79 -17.48
N GLU A 58 10.03 -0.45 -16.71
CA GLU A 58 11.27 0.02 -17.31
C GLU A 58 11.88 -1.08 -18.20
N GLU A 59 12.16 -2.28 -17.69
CA GLU A 59 12.88 -3.27 -18.49
C GLU A 59 12.06 -3.71 -19.72
N SER A 60 10.90 -4.34 -19.50
CA SER A 60 10.08 -4.89 -20.56
C SER A 60 9.22 -3.89 -21.33
N LEU A 61 8.64 -2.86 -20.73
CA LEU A 61 7.81 -1.90 -21.50
C LEU A 61 8.60 -0.78 -22.19
N LYS A 62 9.80 -0.41 -21.72
CA LYS A 62 10.72 0.36 -22.55
C LYS A 62 11.23 -0.51 -23.70
N GLU A 63 11.52 -1.79 -23.47
CA GLU A 63 11.83 -2.74 -24.54
C GLU A 63 10.70 -2.99 -25.56
N ARG A 64 9.43 -2.89 -25.10
CA ARG A 64 8.27 -2.85 -26.01
C ARG A 64 8.31 -1.65 -26.98
N LEU A 65 8.87 -0.53 -26.53
CA LEU A 65 9.17 0.65 -27.32
C LEU A 65 10.48 0.52 -28.13
N GLU A 66 11.52 -0.06 -27.57
CA GLU A 66 12.83 -0.26 -28.24
C GLU A 66 12.74 -1.07 -29.54
N HIS A 67 11.84 -2.07 -29.55
CA HIS A 67 11.45 -2.83 -30.74
C HIS A 67 10.74 -1.98 -31.82
N MET B 1 0.26 -1.34 12.39
CA MET B 1 -0.32 -2.70 12.50
C MET B 1 -0.36 -3.14 13.96
N ARG B 2 0.67 -3.72 14.57
CA ARG B 2 0.82 -3.70 16.06
C ARG B 2 1.91 -2.67 16.42
N ARG B 3 2.25 -2.46 17.72
CA ARG B 3 3.14 -1.38 18.20
C ARG B 3 4.56 -1.37 17.57
N SER B 4 4.98 -2.47 16.98
CA SER B 4 6.02 -2.57 15.92
C SER B 4 5.66 -1.85 14.59
N GLU B 5 5.09 -0.63 14.61
CA GLU B 5 4.57 0.11 13.44
C GLU B 5 5.57 0.24 12.27
N VAL B 6 6.87 0.24 12.53
CA VAL B 6 7.99 0.36 11.59
C VAL B 6 7.97 -0.57 10.38
N LEU B 7 7.55 -1.85 10.49
CA LEU B 7 7.39 -2.70 9.31
C LEU B 7 6.36 -2.16 8.32
N ALA B 8 5.22 -1.73 8.85
CA ALA B 8 4.12 -1.13 8.09
C ALA B 8 4.52 0.22 7.49
N GLU B 9 5.29 1.05 8.21
CA GLU B 9 5.77 2.33 7.64
C GLU B 9 6.84 2.08 6.57
N GLU B 10 7.72 1.10 6.78
CA GLU B 10 8.65 0.64 5.76
C GLU B 10 7.96 0.13 4.48
N SER B 11 6.82 -0.54 4.64
CA SER B 11 6.02 -1.06 3.55
C SER B 11 5.48 0.08 2.68
N ILE B 12 4.90 1.17 3.25
CA ILE B 12 4.42 2.34 2.49
C ILE B 12 5.47 3.40 2.17
N VAL B 13 6.63 3.43 2.85
CA VAL B 13 7.82 4.16 2.38
C VAL B 13 8.16 3.50 1.06
N CYS B 14 8.24 2.17 1.02
CA CYS B 14 8.66 1.50 -0.19
C CYS B 14 7.70 1.75 -1.35
N LEU B 15 6.38 1.86 -1.10
CA LEU B 15 5.40 2.30 -2.10
C LEU B 15 5.56 3.82 -2.46
N GLN B 16 5.80 4.73 -1.52
CA GLN B 16 6.04 6.16 -1.84
C GLN B 16 7.28 6.36 -2.74
N LYS B 17 8.34 5.66 -2.39
CA LYS B 17 9.57 5.48 -3.14
C LYS B 17 9.32 4.89 -4.55
N ALA B 18 8.55 3.80 -4.66
CA ALA B 18 8.23 3.07 -5.89
C ALA B 18 7.35 3.89 -6.82
N LEU B 19 6.25 4.43 -6.29
CA LEU B 19 5.31 5.30 -7.03
C LEU B 19 6.01 6.52 -7.62
N ASN B 20 7.02 7.10 -6.98
CA ASN B 20 7.84 8.17 -7.52
C ASN B 20 8.74 7.67 -8.68
N HIS B 21 9.49 6.57 -8.51
CA HIS B 21 10.28 5.97 -9.59
C HIS B 21 9.43 5.53 -10.79
N LEU B 22 8.25 4.94 -10.55
CA LEU B 22 7.36 4.53 -11.63
C LEU B 22 6.73 5.73 -12.38
N ARG B 23 6.51 6.88 -11.74
CA ARG B 23 6.14 8.14 -12.42
C ARG B 23 7.28 8.69 -13.29
N GLU B 24 8.53 8.59 -12.81
CA GLU B 24 9.74 8.86 -13.57
C GLU B 24 9.88 7.92 -14.78
N ILE B 25 9.68 6.61 -14.64
CA ILE B 25 9.60 5.66 -15.77
C ILE B 25 8.47 6.04 -16.70
N TRP B 26 7.28 6.39 -16.23
CA TRP B 26 6.29 6.94 -17.15
C TRP B 26 6.83 8.11 -17.99
N GLU B 27 7.34 9.18 -17.39
CA GLU B 27 7.76 10.36 -18.16
C GLU B 27 8.82 9.99 -19.23
N LEU B 28 9.55 8.88 -19.02
CA LEU B 28 10.47 8.21 -19.94
C LEU B 28 9.79 7.27 -20.99
N ILE B 29 8.90 6.33 -20.66
CA ILE B 29 8.19 5.50 -21.69
C ILE B 29 7.09 6.23 -22.48
N GLY B 30 6.37 7.19 -21.90
CA GLY B 30 5.37 8.01 -22.58
C GLY B 30 3.97 7.39 -22.75
N ILE B 31 3.68 6.36 -21.98
CA ILE B 31 2.36 5.70 -21.96
C ILE B 31 1.23 6.63 -21.49
N PRO B 32 -0.02 6.55 -21.97
CA PRO B 32 -1.13 7.45 -21.57
C PRO B 32 -1.52 7.36 -20.09
N GLU B 33 -2.04 8.45 -19.54
CA GLU B 33 -2.39 8.56 -18.10
C GLU B 33 -3.62 7.77 -17.62
N ASP B 34 -4.49 7.31 -18.54
CA ASP B 34 -5.57 6.35 -18.17
C ASP B 34 -5.04 5.02 -17.62
N GLN B 35 -3.92 4.52 -18.15
CA GLN B 35 -3.17 3.44 -17.51
C GLN B 35 -2.51 3.85 -16.19
N ARG B 36 -1.83 5.02 -16.15
CA ARG B 36 -1.13 5.48 -14.93
C ARG B 36 -2.06 5.56 -13.73
N LEU B 37 -3.27 6.08 -13.90
CA LEU B 37 -4.29 6.11 -12.83
C LEU B 37 -4.73 4.70 -12.50
N GLN B 38 -4.98 3.81 -13.46
CA GLN B 38 -5.32 2.41 -13.16
C GLN B 38 -4.22 1.62 -12.44
N ARG B 39 -2.94 1.95 -12.69
CA ARG B 39 -1.79 1.47 -11.87
C ARG B 39 -1.96 1.94 -10.41
N THR B 40 -2.32 3.22 -10.20
CA THR B 40 -2.68 3.74 -8.88
C THR B 40 -3.91 3.14 -8.20
N GLU B 41 -4.97 2.98 -8.94
CA GLU B 41 -6.32 2.61 -8.49
C GLU B 41 -6.35 1.14 -8.05
N VAL B 42 -5.51 0.28 -8.69
CA VAL B 42 -5.26 -1.08 -8.22
C VAL B 42 -4.37 -1.12 -6.98
N VAL B 43 -3.40 -0.23 -6.83
CA VAL B 43 -2.65 -0.07 -5.55
C VAL B 43 -3.63 0.37 -4.45
N LYS B 44 -4.48 1.37 -4.73
CA LYS B 44 -5.54 1.85 -3.83
C LYS B 44 -6.46 0.69 -3.40
N LYS B 45 -6.87 -0.17 -4.33
CA LYS B 45 -7.73 -1.30 -4.06
C LYS B 45 -7.13 -2.42 -3.19
N HIS B 46 -5.80 -2.59 -3.23
CA HIS B 46 -5.12 -3.33 -2.14
C HIS B 46 -5.19 -2.63 -0.75
N ILE B 47 -5.10 -1.29 -0.66
CA ILE B 47 -5.39 -0.61 0.61
C ILE B 47 -6.90 -0.62 0.95
N LYS B 48 -7.84 -0.64 -0.01
CA LYS B 48 -9.27 -0.84 0.26
C LYS B 48 -9.60 -2.20 0.90
N GLU B 49 -8.90 -3.25 0.48
CA GLU B 49 -8.84 -4.55 1.14
C GLU B 49 -8.38 -4.45 2.60
N LEU B 50 -7.41 -3.56 2.87
CA LEU B 50 -6.93 -3.18 4.20
C LEU B 50 -7.95 -2.32 5.04
N LEU B 51 -8.72 -1.43 4.40
CA LEU B 51 -9.88 -0.78 5.00
C LEU B 51 -10.96 -1.80 5.41
N ASP B 52 -11.32 -2.70 4.50
CA ASP B 52 -12.36 -3.71 4.74
C ASP B 52 -12.03 -4.72 5.82
N MET B 53 -10.81 -5.26 5.85
CA MET B 53 -10.38 -6.07 7.01
C MET B 53 -10.45 -5.24 8.34
N MET B 54 -10.08 -3.95 8.31
CA MET B 54 -10.10 -3.14 9.51
C MET B 54 -11.52 -2.92 10.06
N ILE B 55 -12.52 -2.60 9.23
CA ILE B 55 -13.91 -2.35 9.78
C ILE B 55 -14.52 -3.66 10.36
N ALA B 56 -14.17 -4.77 9.73
CA ALA B 56 -14.37 -6.10 10.30
C ALA B 56 -13.53 -6.40 11.55
N GLU B 57 -12.29 -5.89 11.67
CA GLU B 57 -11.48 -6.05 12.85
C GLU B 57 -12.01 -5.30 14.05
N GLU B 58 -12.30 -3.99 13.95
CA GLU B 58 -13.04 -3.30 15.03
C GLU B 58 -14.37 -3.95 15.28
N GLU B 59 -15.35 -3.77 14.37
CA GLU B 59 -16.73 -4.17 14.70
C GLU B 59 -16.80 -5.69 14.99
N SER B 60 -16.33 -6.52 14.11
CA SER B 60 -16.52 -7.95 14.24
C SER B 60 -15.48 -8.75 15.02
N LEU B 61 -14.21 -8.34 15.15
CA LEU B 61 -13.23 -9.08 16.00
C LEU B 61 -13.26 -8.64 17.47
N LYS B 62 -13.69 -7.41 17.75
CA LYS B 62 -14.18 -7.04 19.10
C LYS B 62 -15.44 -7.88 19.45
N GLU B 63 -16.33 -8.12 18.50
CA GLU B 63 -17.49 -9.01 18.69
C GLU B 63 -17.13 -10.51 18.77
N ARG B 64 -16.01 -10.93 18.17
CA ARG B 64 -15.42 -12.24 18.44
C ARG B 64 -15.06 -12.44 19.91
N LEU B 65 -14.54 -11.41 20.57
CA LEU B 65 -14.36 -11.41 22.02
C LEU B 65 -15.68 -11.38 22.82
N GLU B 66 -16.69 -10.66 22.32
CA GLU B 66 -18.06 -10.68 22.83
C GLU B 66 -18.72 -12.08 22.77
N HIS B 67 -18.33 -12.92 21.79
CA HIS B 67 -18.96 -14.23 21.49
C HIS B 67 -17.89 -15.34 21.28
N MET A 1 4.09 7.97 -9.51
CA MET A 1 3.15 7.44 -10.58
C MET A 1 3.36 8.18 -11.90
N ARG A 2 2.66 9.30 -12.13
CA ARG A 2 3.22 10.44 -12.91
C ARG A 2 3.57 11.57 -11.92
N ARG A 3 4.07 12.71 -12.43
CA ARG A 3 4.66 13.83 -11.67
C ARG A 3 3.75 14.50 -10.65
N SER A 4 2.43 14.28 -10.73
CA SER A 4 1.46 14.45 -9.65
C SER A 4 1.58 13.40 -8.53
N GLU A 5 2.80 13.09 -8.06
CA GLU A 5 3.13 12.08 -7.02
C GLU A 5 2.17 12.18 -5.79
N VAL A 6 1.68 13.40 -5.55
CA VAL A 6 0.78 13.80 -4.46
C VAL A 6 -0.41 12.88 -4.21
N LEU A 7 -1.15 12.38 -5.20
CA LEU A 7 -2.29 11.49 -4.96
C LEU A 7 -1.79 10.17 -4.36
N ALA A 8 -0.66 9.68 -4.85
CA ALA A 8 0.02 8.46 -4.40
C ALA A 8 0.58 8.57 -2.95
N GLU A 9 1.20 9.69 -2.63
CA GLU A 9 1.60 10.08 -1.26
C GLU A 9 0.40 10.20 -0.32
N GLU A 10 -0.68 10.88 -0.69
CA GLU A 10 -1.91 10.87 0.10
C GLU A 10 -2.49 9.46 0.26
N SER A 11 -2.34 8.58 -0.75
CA SER A 11 -2.81 7.18 -0.69
C SER A 11 -2.05 6.39 0.40
N ILE A 12 -0.73 6.47 0.46
CA ILE A 12 0.06 5.85 1.57
C ILE A 12 0.11 6.65 2.88
N VAL A 13 -0.12 7.98 2.91
CA VAL A 13 -0.47 8.69 4.17
C VAL A 13 -1.69 7.96 4.77
N CYS A 14 -2.72 7.66 3.95
CA CYS A 14 -3.95 7.14 4.47
C CYS A 14 -3.81 5.71 5.01
N LEU A 15 -2.96 4.86 4.39
CA LEU A 15 -2.50 3.61 4.98
C LEU A 15 -1.61 3.80 6.24
N GLN A 16 -0.79 4.85 6.37
CA GLN A 16 0.01 5.13 7.59
C GLN A 16 -0.88 5.38 8.83
N LYS A 17 -1.99 6.13 8.62
CA LYS A 17 -3.09 6.23 9.62
C LYS A 17 -3.69 4.88 9.96
N ALA A 18 -4.12 4.19 8.89
CA ALA A 18 -4.93 3.00 8.93
C ALA A 18 -4.23 1.83 9.66
N LEU A 19 -2.96 1.63 9.34
CA LEU A 19 -2.10 0.65 9.98
C LEU A 19 -1.89 1.02 11.45
N ASN A 20 -1.77 2.29 11.81
CA ASN A 20 -1.63 2.71 13.20
C ASN A 20 -2.91 2.58 14.04
N HIS A 21 -4.10 2.91 13.52
CA HIS A 21 -5.37 2.63 14.18
C HIS A 21 -5.67 1.12 14.30
N LEU A 22 -5.38 0.31 13.26
CA LEU A 22 -5.39 -1.17 13.34
C LEU A 22 -4.45 -1.74 14.44
N ARG A 23 -3.34 -1.07 14.74
CA ARG A 23 -2.46 -1.44 15.86
C ARG A 23 -2.98 -1.01 17.22
N GLU A 24 -3.60 0.17 17.29
CA GLU A 24 -4.39 0.55 18.48
C GLU A 24 -5.47 -0.50 18.77
N ILE A 25 -6.25 -0.89 17.76
CA ILE A 25 -7.22 -2.00 17.88
C ILE A 25 -6.57 -3.32 18.28
N TRP A 26 -5.41 -3.71 17.76
CA TRP A 26 -4.71 -4.90 18.27
C TRP A 26 -4.57 -4.92 19.80
N GLU A 27 -4.18 -3.78 20.34
CA GLU A 27 -3.94 -3.60 21.77
C GLU A 27 -5.30 -3.45 22.52
N LEU A 28 -6.41 -3.21 21.81
CA LEU A 28 -7.77 -3.45 22.34
C LEU A 28 -8.20 -4.92 22.32
N ILE A 29 -8.37 -5.53 21.14
CA ILE A 29 -8.99 -6.84 20.97
C ILE A 29 -8.13 -8.03 21.43
N GLY A 30 -6.80 -7.91 21.34
CA GLY A 30 -5.90 -9.00 21.72
C GLY A 30 -6.08 -10.28 20.91
N ILE A 31 -6.53 -10.16 19.65
CA ILE A 31 -6.42 -11.25 18.65
C ILE A 31 -4.94 -11.67 18.48
N PRO A 32 -4.64 -12.95 18.17
CA PRO A 32 -3.27 -13.41 17.98
C PRO A 32 -2.59 -12.65 16.83
N GLU A 33 -1.34 -12.23 17.06
CA GLU A 33 -0.59 -11.42 16.12
C GLU A 33 -0.15 -12.06 14.83
N ASP A 34 -0.16 -13.38 14.68
CA ASP A 34 -0.06 -14.02 13.35
C ASP A 34 -1.17 -13.66 12.36
N GLN A 35 -2.40 -13.38 12.82
CA GLN A 35 -3.42 -12.75 11.97
C GLN A 35 -2.98 -11.35 11.52
N ARG A 36 -2.39 -10.53 12.40
CA ARG A 36 -1.92 -9.14 12.07
C ARG A 36 -0.65 -9.06 11.25
N LEU A 37 0.30 -9.97 11.41
CA LEU A 37 1.45 -10.01 10.46
C LEU A 37 0.94 -10.41 9.10
N GLN A 38 0.00 -11.36 9.00
CA GLN A 38 -0.57 -11.68 7.71
C GLN A 38 -1.32 -10.54 7.02
N ARG A 39 -2.05 -9.72 7.79
CA ARG A 39 -2.66 -8.47 7.27
C ARG A 39 -1.60 -7.48 6.77
N THR A 40 -0.49 -7.40 7.47
CA THR A 40 0.69 -6.63 7.06
C THR A 40 1.38 -7.13 5.77
N GLU A 41 1.57 -8.45 5.71
CA GLU A 41 2.27 -9.13 4.64
C GLU A 41 1.45 -9.01 3.34
N VAL A 42 0.12 -9.08 3.44
CA VAL A 42 -0.83 -8.86 2.33
C VAL A 42 -0.96 -7.41 1.83
N VAL A 43 -0.85 -6.43 2.73
CA VAL A 43 -0.69 -4.97 2.46
C VAL A 43 0.57 -4.80 1.61
N LYS A 44 1.66 -5.44 2.05
CA LYS A 44 2.97 -5.40 1.41
C LYS A 44 2.99 -6.14 0.07
N LYS A 45 2.26 -7.25 -0.07
CA LYS A 45 2.04 -7.94 -1.34
C LYS A 45 1.23 -7.14 -2.38
N HIS A 46 0.37 -6.24 -1.94
CA HIS A 46 -0.21 -5.24 -2.85
C HIS A 46 0.86 -4.28 -3.39
N ILE A 47 1.72 -3.75 -2.51
CA ILE A 47 2.90 -3.00 -3.02
C ILE A 47 3.82 -3.87 -3.93
N LYS A 48 3.90 -5.19 -3.70
CA LYS A 48 4.61 -6.12 -4.61
C LYS A 48 3.90 -6.29 -5.97
N GLU A 49 2.58 -6.09 -6.07
CA GLU A 49 1.92 -5.95 -7.36
C GLU A 49 2.50 -4.77 -8.14
N LEU A 50 2.67 -3.63 -7.45
CA LEU A 50 3.32 -2.45 -8.04
C LEU A 50 4.76 -2.73 -8.43
N LEU A 51 5.57 -3.38 -7.57
CA LEU A 51 6.97 -3.74 -7.88
C LEU A 51 7.06 -4.62 -9.14
N ASP A 52 6.22 -5.65 -9.26
CA ASP A 52 6.14 -6.50 -10.44
C ASP A 52 5.61 -5.86 -11.76
N MET A 53 4.61 -4.99 -11.67
CA MET A 53 4.15 -4.10 -12.76
C MET A 53 5.31 -3.23 -13.24
N MET A 54 6.03 -2.52 -12.38
CA MET A 54 6.94 -1.48 -12.87
C MET A 54 8.24 -2.04 -13.43
N ILE A 55 8.72 -3.21 -12.98
CA ILE A 55 9.83 -3.90 -13.69
C ILE A 55 9.37 -4.42 -15.07
N ALA A 56 8.11 -4.88 -15.18
CA ALA A 56 7.53 -5.04 -16.51
C ALA A 56 7.37 -3.69 -17.28
N GLU A 57 7.04 -2.57 -16.62
CA GLU A 57 6.97 -1.25 -17.27
C GLU A 57 8.33 -0.72 -17.78
N GLU A 58 9.37 -0.67 -16.93
CA GLU A 58 10.73 -0.36 -17.42
C GLU A 58 11.20 -1.35 -18.47
N GLU A 59 11.47 -2.62 -18.12
CA GLU A 59 12.13 -3.52 -19.06
C GLU A 59 11.25 -3.75 -20.33
N SER A 60 10.02 -4.24 -20.15
CA SER A 60 9.16 -4.58 -21.29
C SER A 60 8.38 -3.43 -21.94
N LEU A 61 7.86 -2.45 -21.20
CA LEU A 61 7.08 -1.38 -21.84
C LEU A 61 7.90 -0.25 -22.43
N LYS A 62 9.11 0.00 -21.89
CA LYS A 62 10.16 0.69 -22.65
C LYS A 62 10.49 -0.07 -23.93
N GLU A 63 10.74 -1.39 -23.90
CA GLU A 63 10.91 -2.19 -25.13
C GLU A 63 9.70 -2.21 -26.10
N ARG A 64 8.47 -2.03 -25.63
CA ARG A 64 7.28 -1.82 -26.49
C ARG A 64 7.39 -0.47 -27.25
N LEU A 65 8.05 0.54 -26.67
CA LEU A 65 8.27 1.87 -27.26
C LEU A 65 9.59 1.94 -28.08
N GLU A 66 10.59 1.15 -27.70
CA GLU A 66 11.90 1.07 -28.38
C GLU A 66 11.84 0.67 -29.88
N HIS A 67 10.81 -0.05 -30.30
CA HIS A 67 10.63 -0.58 -31.67
C HIS A 67 9.32 -0.05 -32.30
N MET B 1 0.13 -2.03 12.06
CA MET B 1 -0.62 -3.32 12.06
C MET B 1 -0.47 -4.04 13.42
N ARG B 2 0.71 -4.61 13.71
CA ARG B 2 1.12 -5.10 15.03
C ARG B 2 2.10 -4.10 15.63
N ARG B 3 2.42 -4.22 16.93
CA ARG B 3 3.36 -3.33 17.61
C ARG B 3 4.78 -3.30 16.99
N SER B 4 5.16 -4.41 16.33
CA SER B 4 6.11 -4.58 15.19
C SER B 4 5.79 -3.75 13.91
N GLU B 5 5.43 -2.47 14.10
CA GLU B 5 4.92 -1.54 13.05
C GLU B 5 5.79 -1.45 11.78
N VAL B 6 7.08 -1.70 11.99
CA VAL B 6 8.14 -1.76 10.99
C VAL B 6 7.80 -2.46 9.67
N LEU B 7 7.17 -3.65 9.63
CA LEU B 7 6.88 -4.33 8.36
C LEU B 7 5.88 -3.52 7.47
N ALA B 8 4.92 -2.87 8.12
CA ALA B 8 3.96 -2.03 7.41
C ALA B 8 4.56 -0.69 7.00
N GLU B 9 5.35 -0.04 7.86
CA GLU B 9 6.06 1.20 7.51
C GLU B 9 7.06 0.98 6.35
N GLU B 10 7.77 -0.15 6.35
CA GLU B 10 8.61 -0.56 5.21
C GLU B 10 7.79 -0.86 3.94
N SER B 11 6.60 -1.46 4.05
CA SER B 11 5.66 -1.62 2.91
C SER B 11 5.38 -0.29 2.20
N ILE B 12 5.18 0.79 2.96
CA ILE B 12 4.91 2.09 2.37
C ILE B 12 6.15 2.94 2.07
N VAL B 13 7.33 2.72 2.69
CA VAL B 13 8.64 3.17 2.15
C VAL B 13 8.73 2.59 0.74
N CYS B 14 8.52 1.29 0.56
CA CYS B 14 8.77 0.64 -0.72
C CYS B 14 7.76 1.13 -1.74
N LEU B 15 6.51 1.41 -1.39
CA LEU B 15 5.58 2.09 -2.33
C LEU B 15 5.96 3.54 -2.63
N GLN B 16 6.47 4.33 -1.68
CA GLN B 16 6.98 5.69 -1.90
C GLN B 16 8.21 5.68 -2.85
N LYS B 17 9.13 4.78 -2.62
CA LYS B 17 10.29 4.46 -3.47
C LYS B 17 9.90 3.99 -4.88
N ALA B 18 9.01 2.99 -4.96
CA ALA B 18 8.57 2.35 -6.18
C ALA B 18 7.66 3.28 -7.03
N LEU B 19 6.74 4.04 -6.43
CA LEU B 19 5.89 5.03 -7.14
C LEU B 19 6.75 6.12 -7.78
N ASN B 20 7.87 6.49 -7.13
CA ASN B 20 8.86 7.36 -7.77
C ASN B 20 9.67 6.67 -8.90
N HIS B 21 9.99 5.38 -8.80
CA HIS B 21 10.56 4.56 -9.91
C HIS B 21 9.60 4.47 -11.12
N LEU B 22 8.31 4.31 -10.88
CA LEU B 22 7.25 4.44 -11.91
C LEU B 22 7.20 5.84 -12.54
N ARG B 23 7.50 6.89 -11.77
CA ARG B 23 7.45 8.25 -12.30
C ARG B 23 8.68 8.59 -13.18
N GLU B 24 9.85 8.03 -12.86
CA GLU B 24 11.02 8.05 -13.76
C GLU B 24 10.68 7.34 -15.06
N ILE B 25 10.00 6.16 -14.96
CA ILE B 25 9.59 5.44 -16.16
C ILE B 25 8.57 6.24 -16.98
N TRP B 26 7.66 7.00 -16.37
CA TRP B 26 6.76 7.91 -17.11
C TRP B 26 7.54 8.89 -18.02
N GLU B 27 8.58 9.54 -17.48
CA GLU B 27 9.36 10.47 -18.27
C GLU B 27 10.26 9.76 -19.27
N LEU B 28 10.45 8.43 -19.18
CA LEU B 28 11.02 7.62 -20.27
C LEU B 28 10.00 7.20 -21.34
N ILE B 29 8.98 6.40 -21.02
CA ILE B 29 8.03 5.85 -22.04
C ILE B 29 7.07 6.87 -22.70
N GLY B 30 6.60 7.84 -21.93
CA GLY B 30 5.63 8.81 -22.42
C GLY B 30 4.19 8.31 -22.62
N ILE B 31 3.79 7.23 -21.94
CA ILE B 31 2.37 6.76 -21.86
C ILE B 31 1.49 7.91 -21.31
N PRO B 32 0.23 8.07 -21.77
CA PRO B 32 -0.63 9.17 -21.34
C PRO B 32 -0.91 9.07 -19.84
N GLU B 33 -0.91 10.25 -19.21
CA GLU B 33 -0.96 10.41 -17.75
C GLU B 33 -2.28 9.93 -17.12
N ASP B 34 -3.38 9.85 -17.85
CA ASP B 34 -4.63 9.24 -17.37
C ASP B 34 -4.56 7.74 -17.05
N GLN B 35 -3.65 7.01 -17.72
CA GLN B 35 -3.29 5.63 -17.31
C GLN B 35 -2.60 5.64 -15.96
N ARG B 36 -1.63 6.55 -15.77
CA ARG B 36 -0.77 6.60 -14.58
C ARG B 36 -1.53 7.01 -13.34
N LEU B 37 -2.45 7.97 -13.45
CA LEU B 37 -3.38 8.25 -12.36
C LEU B 37 -4.29 7.04 -12.10
N GLN B 38 -4.78 6.27 -13.08
CA GLN B 38 -5.47 5.01 -12.79
C GLN B 38 -4.58 3.93 -12.13
N ARG B 39 -3.25 3.93 -12.35
CA ARG B 39 -2.29 3.13 -11.54
C ARG B 39 -2.13 3.66 -10.09
N THR B 40 -2.14 4.99 -9.87
CA THR B 40 -2.36 5.59 -8.55
C THR B 40 -3.67 5.23 -7.85
N GLU B 41 -4.81 5.39 -8.54
CA GLU B 41 -6.16 5.26 -8.01
C GLU B 41 -6.49 3.77 -7.68
N VAL B 42 -5.93 2.81 -8.44
CA VAL B 42 -5.97 1.39 -8.05
C VAL B 42 -5.09 1.02 -6.82
N VAL B 43 -3.86 1.53 -6.66
CA VAL B 43 -3.10 1.41 -5.37
C VAL B 43 -3.80 2.12 -4.21
N LYS B 44 -4.43 3.27 -4.42
CA LYS B 44 -5.37 3.92 -3.48
C LYS B 44 -6.52 3.00 -3.10
N LYS B 45 -7.15 2.34 -4.06
CA LYS B 45 -8.27 1.42 -3.80
C LYS B 45 -7.88 0.14 -3.03
N HIS B 46 -6.62 -0.25 -3.15
CA HIS B 46 -6.01 -1.25 -2.20
C HIS B 46 -5.90 -0.74 -0.76
N ILE B 47 -5.54 0.52 -0.56
CA ILE B 47 -5.64 1.15 0.78
C ILE B 47 -7.11 1.45 1.19
N LYS B 48 -8.08 1.70 0.27
CA LYS B 48 -9.51 1.75 0.60
C LYS B 48 -10.08 0.40 1.05
N GLU B 49 -9.67 -0.69 0.43
CA GLU B 49 -9.80 -2.06 0.94
C GLU B 49 -9.34 -2.14 2.43
N LEU B 50 -8.22 -1.51 2.74
CA LEU B 50 -7.69 -1.41 4.11
C LEU B 50 -8.52 -0.52 5.05
N LEU B 51 -8.96 0.64 4.59
CA LEU B 51 -9.90 1.46 5.38
C LEU B 51 -11.18 0.68 5.74
N ASP B 52 -11.77 -0.07 4.81
CA ASP B 52 -12.96 -0.90 5.02
C ASP B 52 -12.78 -2.08 5.97
N MET B 53 -11.67 -2.85 5.87
CA MET B 53 -11.37 -3.85 6.92
C MET B 53 -11.06 -3.23 8.28
N MET B 54 -10.49 -2.06 8.36
CA MET B 54 -10.23 -1.39 9.66
C MET B 54 -11.51 -0.96 10.41
N ILE B 55 -12.45 -0.32 9.71
CA ILE B 55 -13.73 0.07 10.33
C ILE B 55 -14.55 -1.17 10.70
N ALA B 56 -14.42 -2.26 9.91
CA ALA B 56 -14.87 -3.59 10.29
C ALA B 56 -14.12 -4.21 11.48
N GLU B 57 -12.82 -3.93 11.64
CA GLU B 57 -11.97 -4.42 12.71
C GLU B 57 -12.30 -3.79 14.05
N GLU B 58 -12.32 -2.45 14.17
CA GLU B 58 -12.85 -1.81 15.39
C GLU B 58 -14.29 -2.20 15.64
N GLU B 59 -15.23 -1.97 14.73
CA GLU B 59 -16.65 -2.16 15.05
C GLU B 59 -16.98 -3.65 15.37
N SER B 60 -16.66 -4.54 14.42
CA SER B 60 -17.08 -5.93 14.51
C SER B 60 -16.14 -6.83 15.31
N LEU B 61 -14.81 -6.65 15.28
CA LEU B 61 -13.95 -7.54 16.07
C LEU B 61 -13.92 -7.08 17.53
N LYS B 62 -14.04 -5.79 17.83
CA LYS B 62 -14.33 -5.37 19.19
C LYS B 62 -15.68 -6.00 19.68
N GLU B 63 -16.71 -6.05 18.82
CA GLU B 63 -17.94 -6.79 19.08
C GLU B 63 -17.86 -8.35 19.05
N ARG B 64 -16.72 -8.92 18.58
CA ARG B 64 -16.44 -10.33 18.87
C ARG B 64 -16.17 -10.51 20.33
N LEU B 65 -15.50 -9.51 20.93
CA LEU B 65 -15.22 -9.51 22.37
C LEU B 65 -16.33 -8.92 23.29
N GLU B 66 -16.92 -7.81 22.90
CA GLU B 66 -17.53 -6.91 23.87
C GLU B 66 -18.96 -7.31 24.31
N HIS B 67 -19.59 -8.26 23.61
CA HIS B 67 -20.83 -8.90 24.05
C HIS B 67 -20.77 -10.43 23.98
N MET A 1 3.89 8.33 -8.01
CA MET A 1 3.37 7.54 -9.19
C MET A 1 3.73 8.23 -10.50
N ARG A 2 3.05 9.30 -10.87
CA ARG A 2 3.57 10.37 -11.76
C ARG A 2 3.81 11.63 -10.92
N ARG A 3 4.17 12.74 -11.54
CA ARG A 3 4.52 14.02 -10.92
C ARG A 3 3.49 14.55 -9.87
N SER A 4 2.20 14.26 -10.06
CA SER A 4 1.14 14.21 -9.02
C SER A 4 1.33 13.21 -7.85
N GLU A 5 2.55 13.15 -7.29
CA GLU A 5 3.01 12.30 -6.17
C GLU A 5 2.11 12.37 -4.91
N VAL A 6 1.42 13.51 -4.74
CA VAL A 6 0.46 13.81 -3.65
C VAL A 6 -0.59 12.73 -3.39
N LEU A 7 -1.25 12.15 -4.42
CA LEU A 7 -2.26 11.08 -4.18
C LEU A 7 -1.62 9.81 -3.60
N ALA A 8 -0.41 9.47 -4.02
CA ALA A 8 0.27 8.26 -3.54
C ALA A 8 0.84 8.47 -2.14
N GLU A 9 1.40 9.66 -1.82
CA GLU A 9 1.86 10.01 -0.47
C GLU A 9 0.70 10.05 0.54
N GLU A 10 -0.47 10.61 0.14
CA GLU A 10 -1.72 10.53 0.95
C GLU A 10 -2.20 9.07 1.14
N SER A 11 -2.05 8.21 0.11
CA SER A 11 -2.42 6.78 0.22
C SER A 11 -1.66 6.08 1.39
N ILE A 12 -0.35 6.33 1.53
CA ILE A 12 0.47 5.75 2.62
C ILE A 12 0.54 6.65 3.85
N VAL A 13 0.18 7.95 3.83
CA VAL A 13 -0.23 8.65 5.10
C VAL A 13 -1.41 7.89 5.68
N CYS A 14 -2.43 7.64 4.86
CA CYS A 14 -3.67 7.08 5.33
C CYS A 14 -3.46 5.66 5.87
N LEU A 15 -2.54 4.88 5.27
CA LEU A 15 -2.09 3.62 5.83
C LEU A 15 -1.31 3.81 7.17
N GLN A 16 -0.32 4.73 7.29
CA GLN A 16 0.45 5.01 8.51
C GLN A 16 -0.46 5.41 9.67
N LYS A 17 -1.48 6.22 9.40
CA LYS A 17 -2.58 6.63 10.26
C LYS A 17 -3.44 5.48 10.71
N ALA A 18 -3.83 4.67 9.72
CA ALA A 18 -4.63 3.47 9.94
C ALA A 18 -3.95 2.44 10.83
N LEU A 19 -2.68 2.16 10.55
CA LEU A 19 -1.91 1.13 11.25
C LEU A 19 -1.52 1.57 12.65
N ASN A 20 -1.50 2.87 12.96
CA ASN A 20 -1.46 3.34 14.34
C ASN A 20 -2.81 3.17 15.08
N HIS A 21 -3.94 3.53 14.48
CA HIS A 21 -5.28 3.28 15.02
C HIS A 21 -5.49 1.78 15.30
N LEU A 22 -5.11 0.94 14.34
CA LEU A 22 -5.28 -0.50 14.45
C LEU A 22 -4.37 -1.15 15.49
N ARG A 23 -3.19 -0.56 15.72
CA ARG A 23 -2.27 -0.91 16.82
C ARG A 23 -2.84 -0.53 18.20
N GLU A 24 -3.49 0.64 18.34
CA GLU A 24 -4.26 0.93 19.56
C GLU A 24 -5.37 -0.14 19.79
N ILE A 25 -6.16 -0.49 18.77
CA ILE A 25 -7.19 -1.57 18.86
C ILE A 25 -6.55 -2.90 19.25
N TRP A 26 -5.38 -3.28 18.71
CA TRP A 26 -4.68 -4.52 19.11
C TRP A 26 -4.55 -4.64 20.63
N GLU A 27 -4.10 -3.55 21.22
CA GLU A 27 -3.94 -3.48 22.67
C GLU A 27 -5.30 -3.50 23.40
N LEU A 28 -6.38 -2.94 22.83
CA LEU A 28 -7.75 -3.10 23.39
C LEU A 28 -8.25 -4.56 23.32
N ILE A 29 -8.22 -5.26 22.15
CA ILE A 29 -8.78 -6.62 21.99
C ILE A 29 -7.93 -7.82 22.46
N GLY A 30 -6.62 -7.74 22.31
CA GLY A 30 -5.65 -8.81 22.55
C GLY A 30 -5.72 -10.06 21.65
N ILE A 31 -6.20 -9.87 20.40
CA ILE A 31 -6.14 -10.90 19.34
C ILE A 31 -4.68 -11.35 19.15
N PRO A 32 -4.42 -12.65 18.86
CA PRO A 32 -3.03 -13.13 18.75
C PRO A 32 -2.18 -12.29 17.78
N GLU A 33 -0.96 -12.06 18.22
CA GLU A 33 0.01 -11.24 17.55
C GLU A 33 0.40 -11.81 16.15
N ASP A 34 0.20 -13.11 15.94
CA ASP A 34 0.31 -13.80 14.64
C ASP A 34 -0.70 -13.30 13.58
N GLN A 35 -2.00 -13.19 13.95
CA GLN A 35 -3.03 -12.60 13.07
C GLN A 35 -2.75 -11.15 12.70
N ARG A 36 -2.12 -10.38 13.58
CA ARG A 36 -1.58 -9.02 13.28
C ARG A 36 -0.37 -9.00 12.37
N LEU A 37 0.60 -9.89 12.55
CA LEU A 37 1.68 -9.97 11.54
C LEU A 37 1.08 -10.35 10.19
N GLN A 38 0.14 -11.27 10.07
CA GLN A 38 -0.47 -11.63 8.81
C GLN A 38 -1.21 -10.51 8.13
N ARG A 39 -1.88 -9.66 8.92
CA ARG A 39 -2.45 -8.38 8.49
C ARG A 39 -1.44 -7.40 7.84
N THR A 40 -0.28 -7.26 8.49
CA THR A 40 0.90 -6.57 7.95
C THR A 40 1.47 -7.19 6.66
N GLU A 41 1.58 -8.52 6.64
CA GLU A 41 2.17 -9.29 5.55
C GLU A 41 1.34 -9.29 4.27
N VAL A 42 0.01 -9.22 4.41
CA VAL A 42 -0.91 -8.99 3.28
C VAL A 42 -0.90 -7.56 2.73
N VAL A 43 -0.77 -6.54 3.59
CA VAL A 43 -0.53 -5.13 3.22
C VAL A 43 0.81 -5.04 2.49
N LYS A 44 1.88 -5.66 3.00
CA LYS A 44 3.17 -5.81 2.30
C LYS A 44 2.97 -6.45 0.92
N LYS A 45 2.18 -7.52 0.80
CA LYS A 45 1.95 -8.20 -0.50
C LYS A 45 1.17 -7.36 -1.49
N HIS A 46 0.26 -6.50 -1.02
CA HIS A 46 -0.30 -5.46 -1.90
C HIS A 46 0.77 -4.45 -2.41
N ILE A 47 1.80 -4.13 -1.59
CA ILE A 47 3.00 -3.45 -2.12
C ILE A 47 3.88 -4.33 -3.00
N LYS A 48 3.96 -5.64 -2.82
CA LYS A 48 4.76 -6.53 -3.69
C LYS A 48 4.13 -6.63 -5.10
N GLU A 49 2.80 -6.65 -5.15
CA GLU A 49 2.02 -6.51 -6.38
C GLU A 49 2.40 -5.23 -7.13
N LEU A 50 2.55 -4.13 -6.40
CA LEU A 50 3.09 -2.88 -6.91
C LEU A 50 4.59 -2.92 -7.31
N LEU A 51 5.48 -3.59 -6.55
CA LEU A 51 6.90 -3.80 -6.96
C LEU A 51 6.96 -4.54 -8.28
N ASP A 52 6.22 -5.64 -8.42
CA ASP A 52 6.17 -6.47 -9.64
C ASP A 52 5.61 -5.81 -10.86
N MET A 53 4.66 -4.92 -10.69
CA MET A 53 4.23 -3.99 -11.75
C MET A 53 5.42 -3.19 -12.28
N MET A 54 6.15 -2.53 -11.39
CA MET A 54 7.23 -1.60 -11.75
C MET A 54 8.41 -2.27 -12.42
N ILE A 55 8.85 -3.43 -11.95
CA ILE A 55 9.93 -4.13 -12.67
C ILE A 55 9.48 -4.57 -14.05
N ALA A 56 8.22 -4.97 -14.21
CA ALA A 56 7.58 -5.17 -15.51
C ALA A 56 7.42 -3.85 -16.33
N GLU A 57 7.19 -2.69 -15.69
CA GLU A 57 7.03 -1.41 -16.39
C GLU A 57 8.33 -0.85 -16.94
N GLU A 58 9.41 -0.77 -16.16
CA GLU A 58 10.75 -0.51 -16.76
C GLU A 58 11.10 -1.57 -17.80
N GLU A 59 11.30 -2.85 -17.43
CA GLU A 59 11.77 -3.89 -18.37
C GLU A 59 10.85 -4.05 -19.59
N SER A 60 9.57 -4.40 -19.39
CA SER A 60 8.67 -4.72 -20.50
C SER A 60 7.90 -3.54 -21.12
N LEU A 61 7.63 -2.44 -20.41
CA LEU A 61 6.87 -1.33 -20.98
C LEU A 61 7.81 -0.29 -21.64
N LYS A 62 9.05 -0.18 -21.17
CA LYS A 62 10.13 0.33 -22.00
C LYS A 62 10.31 -0.51 -23.29
N GLU A 63 10.24 -1.85 -23.19
CA GLU A 63 10.23 -2.66 -24.44
C GLU A 63 8.92 -2.65 -25.24
N ARG A 64 7.77 -2.22 -24.68
CA ARG A 64 6.53 -1.89 -25.43
C ARG A 64 6.74 -0.73 -26.40
N LEU A 65 7.55 0.26 -26.00
CA LEU A 65 7.92 1.32 -26.93
C LEU A 65 8.85 0.78 -28.03
N GLU A 66 9.74 -0.17 -27.69
CA GLU A 66 10.64 -0.84 -28.64
C GLU A 66 9.93 -1.76 -29.63
N HIS A 67 8.74 -2.28 -29.29
CA HIS A 67 8.00 -3.30 -30.06
C HIS A 67 6.51 -2.90 -30.22
N MET B 1 1.07 -2.07 12.84
CA MET B 1 -0.08 -3.07 12.77
C MET B 1 -0.45 -3.59 14.17
N ARG B 2 0.37 -4.46 14.75
CA ARG B 2 0.63 -4.48 16.21
C ARG B 2 1.90 -3.61 16.49
N ARG B 3 2.37 -3.58 17.74
CA ARG B 3 3.53 -2.75 18.21
C ARG B 3 4.90 -3.05 17.61
N SER B 4 5.04 -4.20 16.91
CA SER B 4 6.08 -4.54 15.90
C SER B 4 5.92 -3.72 14.61
N GLU B 5 5.68 -2.42 14.70
CA GLU B 5 5.41 -1.45 13.60
C GLU B 5 6.46 -1.46 12.47
N VAL B 6 7.68 -1.92 12.75
CA VAL B 6 8.79 -2.17 11.85
C VAL B 6 8.44 -2.78 10.48
N LEU B 7 7.62 -3.86 10.43
CA LEU B 7 7.32 -4.52 9.17
C LEU B 7 6.39 -3.61 8.36
N ALA B 8 5.45 -2.93 9.02
CA ALA B 8 4.52 -2.03 8.34
C ALA B 8 5.24 -0.78 7.83
N GLU B 9 6.20 -0.27 8.62
CA GLU B 9 7.07 0.84 8.22
C GLU B 9 7.89 0.45 6.98
N GLU B 10 8.48 -0.75 6.96
CA GLU B 10 9.15 -1.29 5.74
C GLU B 10 8.20 -1.47 4.56
N SER B 11 6.98 -1.93 4.77
CA SER B 11 6.02 -2.16 3.68
C SER B 11 5.70 -0.81 3.00
N ILE B 12 5.48 0.28 3.76
CA ILE B 12 5.20 1.60 3.19
C ILE B 12 6.41 2.42 2.84
N VAL B 13 7.61 2.21 3.42
CA VAL B 13 8.88 2.63 2.84
C VAL B 13 8.96 2.04 1.44
N CYS B 14 8.73 0.75 1.29
CA CYS B 14 8.95 0.09 0.02
C CYS B 14 7.93 0.55 -1.02
N LEU B 15 6.73 0.94 -0.63
CA LEU B 15 5.82 1.66 -1.53
C LEU B 15 6.32 3.08 -1.83
N GLN B 16 6.75 3.87 -0.85
CA GLN B 16 7.32 5.23 -1.08
C GLN B 16 8.53 5.25 -2.06
N LYS B 17 9.37 4.23 -1.94
CA LYS B 17 10.53 3.92 -2.76
C LYS B 17 10.14 3.50 -4.17
N ALA B 18 9.14 2.65 -4.27
CA ALA B 18 8.60 2.15 -5.53
C ALA B 18 7.80 3.23 -6.30
N LEU B 19 7.00 4.05 -5.62
CA LEU B 19 6.21 5.12 -6.24
C LEU B 19 7.11 6.25 -6.75
N ASN B 20 8.26 6.52 -6.12
CA ASN B 20 9.27 7.39 -6.76
C ASN B 20 9.98 6.78 -7.97
N HIS B 21 10.31 5.47 -7.94
CA HIS B 21 10.86 4.77 -9.11
C HIS B 21 9.89 4.79 -10.31
N LEU B 22 8.58 4.49 -10.07
CA LEU B 22 7.47 4.62 -11.06
C LEU B 22 7.33 6.01 -11.63
N ARG B 23 7.65 7.04 -10.81
CA ARG B 23 7.69 8.46 -11.24
C ARG B 23 8.81 8.69 -12.27
N GLU B 24 10.01 8.16 -11.96
CA GLU B 24 11.15 8.26 -12.88
C GLU B 24 10.81 7.57 -14.20
N ILE B 25 10.21 6.37 -14.11
CA ILE B 25 9.71 5.67 -15.30
C ILE B 25 8.64 6.47 -16.08
N TRP B 26 7.75 7.19 -15.41
CA TRP B 26 6.72 7.97 -16.10
C TRP B 26 7.33 9.05 -16.98
N GLU B 27 8.34 9.78 -16.48
CA GLU B 27 9.10 10.77 -17.22
C GLU B 27 10.00 10.15 -18.32
N LEU B 28 10.33 8.86 -18.20
CA LEU B 28 11.25 8.09 -19.04
C LEU B 28 10.54 7.37 -20.21
N ILE B 29 9.48 6.57 -19.98
CA ILE B 29 8.58 6.05 -21.06
C ILE B 29 7.62 7.09 -21.65
N GLY B 30 7.11 8.03 -20.88
CA GLY B 30 6.19 9.09 -21.31
C GLY B 30 4.79 8.59 -21.71
N ILE B 31 4.30 7.51 -21.11
CA ILE B 31 2.90 7.01 -21.22
C ILE B 31 1.85 8.08 -20.75
N PRO B 32 0.57 8.07 -21.19
CA PRO B 32 -0.44 9.02 -20.73
C PRO B 32 -0.69 9.02 -19.22
N GLU B 33 -0.91 10.19 -18.63
CA GLU B 33 -1.06 10.37 -17.19
C GLU B 33 -2.29 9.73 -16.57
N ASP B 34 -3.37 9.49 -17.33
CA ASP B 34 -4.55 8.76 -16.83
C ASP B 34 -4.24 7.31 -16.41
N GLN B 35 -3.24 6.66 -17.02
CA GLN B 35 -2.78 5.34 -16.62
C GLN B 35 -2.01 5.36 -15.25
N ARG B 36 -1.23 6.44 -15.00
CA ARG B 36 -0.52 6.70 -13.76
C ARG B 36 -1.43 7.08 -12.59
N LEU B 37 -2.47 7.87 -12.83
CA LEU B 37 -3.50 8.13 -11.82
C LEU B 37 -4.22 6.89 -11.43
N GLN B 38 -4.62 6.07 -12.42
CA GLN B 38 -5.36 4.80 -12.13
C GLN B 38 -4.51 3.76 -11.42
N ARG B 39 -3.20 3.72 -11.67
CA ARG B 39 -2.22 2.90 -10.90
C ARG B 39 -2.09 3.32 -9.42
N THR B 40 -2.02 4.64 -9.21
CA THR B 40 -2.19 5.25 -7.89
C THR B 40 -3.53 4.93 -7.20
N GLU B 41 -4.64 5.05 -7.93
CA GLU B 41 -5.98 4.91 -7.37
C GLU B 41 -6.32 3.46 -6.93
N VAL B 42 -5.75 2.44 -7.61
CA VAL B 42 -5.79 1.03 -7.14
C VAL B 42 -4.85 0.75 -5.95
N VAL B 43 -3.61 1.28 -5.94
CA VAL B 43 -2.74 1.27 -4.74
C VAL B 43 -3.50 1.90 -3.55
N LYS B 44 -4.12 3.05 -3.73
CA LYS B 44 -4.98 3.72 -2.73
C LYS B 44 -6.16 2.81 -2.33
N LYS B 45 -6.92 2.27 -3.28
CA LYS B 45 -8.05 1.41 -2.93
C LYS B 45 -7.71 0.13 -2.20
N HIS B 46 -6.47 -0.37 -2.34
CA HIS B 46 -5.95 -1.39 -1.39
C HIS B 46 -5.84 -0.83 0.03
N ILE B 47 -5.38 0.41 0.22
CA ILE B 47 -5.40 1.02 1.56
C ILE B 47 -6.85 1.29 2.03
N LYS B 48 -7.85 1.44 1.15
CA LYS B 48 -9.28 1.50 1.56
C LYS B 48 -9.77 0.13 2.11
N GLU B 49 -9.38 -1.03 1.54
CA GLU B 49 -9.62 -2.37 2.16
C GLU B 49 -9.09 -2.36 3.61
N LEU B 50 -7.91 -1.78 3.81
CA LEU B 50 -7.22 -1.69 5.11
C LEU B 50 -7.91 -0.75 6.12
N LEU B 51 -8.43 0.37 5.65
CA LEU B 51 -9.40 1.17 6.45
C LEU B 51 -10.61 0.30 6.86
N ASP B 52 -11.24 -0.40 5.89
CA ASP B 52 -12.46 -1.17 6.12
C ASP B 52 -12.36 -2.34 7.12
N MET B 53 -11.26 -3.11 7.07
CA MET B 53 -11.01 -4.08 8.15
C MET B 53 -10.82 -3.39 9.49
N MET B 54 -10.13 -2.25 9.53
CA MET B 54 -9.90 -1.57 10.82
C MET B 54 -11.15 -1.07 11.50
N ILE B 55 -12.07 -0.47 10.75
CA ILE B 55 -13.33 -0.02 11.32
C ILE B 55 -14.17 -1.21 11.77
N ALA B 56 -14.13 -2.32 11.04
CA ALA B 56 -14.70 -3.59 11.50
C ALA B 56 -13.97 -4.12 12.75
N GLU B 57 -12.65 -3.90 12.88
CA GLU B 57 -11.83 -4.38 13.99
C GLU B 57 -12.19 -3.68 15.30
N GLU B 58 -12.25 -2.33 15.33
CA GLU B 58 -12.80 -1.66 16.48
C GLU B 58 -14.28 -2.02 16.68
N GLU B 59 -15.17 -1.83 15.73
CA GLU B 59 -16.64 -2.01 16.01
C GLU B 59 -16.99 -3.45 16.39
N SER B 60 -16.70 -4.39 15.50
CA SER B 60 -17.05 -5.78 15.82
C SER B 60 -16.08 -6.55 16.68
N LEU B 61 -14.74 -6.44 16.60
CA LEU B 61 -13.91 -7.24 17.52
C LEU B 61 -13.83 -6.63 18.91
N LYS B 62 -13.84 -5.29 19.07
CA LYS B 62 -14.10 -4.76 20.38
C LYS B 62 -15.43 -5.25 20.95
N GLU B 63 -16.50 -5.45 20.14
CA GLU B 63 -17.73 -6.13 20.55
C GLU B 63 -17.60 -7.65 20.77
N ARG B 64 -16.69 -8.37 20.10
CA ARG B 64 -16.31 -9.77 20.51
C ARG B 64 -15.86 -9.84 21.99
N LEU B 65 -15.08 -8.83 22.40
CA LEU B 65 -14.49 -8.76 23.75
C LEU B 65 -15.36 -8.02 24.79
N GLU B 66 -16.05 -6.94 24.43
CA GLU B 66 -16.52 -5.96 25.43
C GLU B 66 -17.82 -6.33 26.16
N HIS B 67 -18.62 -7.24 25.60
CA HIS B 67 -19.88 -7.76 26.17
C HIS B 67 -20.02 -9.29 26.13
N MET A 1 4.06 8.70 -9.25
CA MET A 1 3.30 7.97 -10.32
C MET A 1 3.46 8.70 -11.67
N ARG A 2 2.66 9.73 -11.99
CA ARG A 2 3.18 10.94 -12.72
C ARG A 2 3.62 11.99 -11.69
N ARG A 3 4.01 13.18 -12.10
CA ARG A 3 4.57 14.24 -11.22
C ARG A 3 3.63 14.75 -10.12
N SER A 4 2.32 14.45 -10.20
CA SER A 4 1.35 14.50 -9.08
C SER A 4 1.61 13.43 -7.99
N GLU A 5 2.88 13.22 -7.62
CA GLU A 5 3.34 12.36 -6.52
C GLU A 5 2.45 12.50 -5.27
N VAL A 6 1.95 13.73 -5.01
CA VAL A 6 1.02 14.13 -3.94
C VAL A 6 -0.13 13.20 -3.62
N LEU A 7 -0.88 12.68 -4.62
CA LEU A 7 -1.99 11.73 -4.37
C LEU A 7 -1.50 10.41 -3.76
N ALA A 8 -0.34 9.98 -4.21
CA ALA A 8 0.29 8.75 -3.73
C ALA A 8 0.91 8.92 -2.33
N GLU A 9 1.56 10.06 -2.07
CA GLU A 9 2.05 10.43 -0.75
C GLU A 9 0.86 10.58 0.23
N GLU A 10 -0.25 11.18 -0.17
CA GLU A 10 -1.48 11.23 0.63
C GLU A 10 -2.03 9.82 0.91
N SER A 11 -2.04 8.92 -0.08
CA SER A 11 -2.45 7.52 0.07
C SER A 11 -1.70 6.84 1.25
N ILE A 12 -0.38 7.10 1.36
CA ILE A 12 0.45 6.51 2.43
C ILE A 12 0.57 7.35 3.70
N VAL A 13 0.29 8.66 3.72
CA VAL A 13 -0.21 9.33 4.95
C VAL A 13 -1.38 8.53 5.47
N CYS A 14 -2.38 8.26 4.61
CA CYS A 14 -3.63 7.69 5.10
C CYS A 14 -3.45 6.23 5.60
N LEU A 15 -2.51 5.46 5.05
CA LEU A 15 -2.07 4.16 5.56
C LEU A 15 -1.23 4.30 6.85
N GLN A 16 -0.26 5.22 6.92
CA GLN A 16 0.57 5.47 8.12
C GLN A 16 -0.34 5.82 9.34
N LYS A 17 -1.31 6.68 9.12
CA LYS A 17 -2.41 7.07 10.03
C LYS A 17 -3.32 5.90 10.41
N ALA A 18 -3.76 5.12 9.44
CA ALA A 18 -4.57 3.93 9.67
C ALA A 18 -3.84 2.84 10.47
N LEU A 19 -2.58 2.61 10.13
CA LEU A 19 -1.78 1.52 10.73
C LEU A 19 -1.48 1.82 12.20
N ASN A 20 -1.39 3.10 12.57
CA ASN A 20 -1.31 3.47 13.98
C ASN A 20 -2.65 3.26 14.74
N HIS A 21 -3.80 3.61 14.16
CA HIS A 21 -5.11 3.29 14.80
C HIS A 21 -5.36 1.76 14.85
N LEU A 22 -5.05 0.99 13.82
CA LEU A 22 -5.04 -0.48 13.82
C LEU A 22 -4.15 -1.01 14.95
N ARG A 23 -3.00 -0.40 15.21
CA ARG A 23 -2.14 -0.76 16.34
C ARG A 23 -2.77 -0.48 17.70
N GLU A 24 -3.38 0.68 17.89
CA GLU A 24 -4.19 0.97 19.10
C GLU A 24 -5.26 -0.13 19.33
N ILE A 25 -5.99 -0.50 18.27
CA ILE A 25 -7.04 -1.50 18.36
C ILE A 25 -6.42 -2.85 18.74
N TRP A 26 -5.31 -3.28 18.13
CA TRP A 26 -4.60 -4.52 18.55
C TRP A 26 -4.40 -4.63 20.08
N GLU A 27 -3.85 -3.56 20.67
CA GLU A 27 -3.61 -3.59 22.13
C GLU A 27 -4.91 -3.50 22.97
N LEU A 28 -6.00 -3.07 22.34
CA LEU A 28 -7.32 -3.02 22.92
C LEU A 28 -8.09 -4.36 22.80
N ILE A 29 -8.26 -4.94 21.60
CA ILE A 29 -9.01 -6.21 21.47
C ILE A 29 -8.19 -7.44 21.88
N GLY A 30 -6.87 -7.40 21.85
CA GLY A 30 -5.99 -8.53 22.23
C GLY A 30 -6.08 -9.83 21.35
N ILE A 31 -6.52 -9.70 20.09
CA ILE A 31 -6.40 -10.72 19.02
C ILE A 31 -4.92 -11.13 18.84
N PRO A 32 -4.62 -12.41 18.49
CA PRO A 32 -3.23 -12.87 18.23
C PRO A 32 -2.50 -12.12 17.16
N GLU A 33 -1.30 -11.67 17.47
CA GLU A 33 -0.40 -10.84 16.65
C GLU A 33 0.19 -11.54 15.43
N ASP A 34 0.04 -12.86 15.28
CA ASP A 34 0.20 -13.53 14.01
C ASP A 34 -0.84 -13.17 12.95
N GLN A 35 -2.09 -12.86 13.38
CA GLN A 35 -3.05 -12.25 12.44
C GLN A 35 -2.61 -10.85 12.01
N ARG A 36 -2.07 -10.04 12.93
CA ARG A 36 -1.55 -8.67 12.68
C ARG A 36 -0.46 -8.59 11.67
N LEU A 37 0.52 -9.49 11.73
CA LEU A 37 1.47 -9.52 10.64
C LEU A 37 0.86 -9.96 9.32
N GLN A 38 -0.08 -10.91 9.25
CA GLN A 38 -0.78 -11.18 7.98
C GLN A 38 -1.63 -10.00 7.43
N ARG A 39 -2.09 -9.13 8.31
CA ARG A 39 -2.69 -7.81 8.00
C ARG A 39 -1.63 -6.86 7.42
N THR A 40 -0.44 -6.74 8.04
CA THR A 40 0.72 -6.01 7.45
C THR A 40 1.19 -6.54 6.11
N GLU A 41 1.32 -7.86 6.02
CA GLU A 41 1.88 -8.57 4.87
C GLU A 41 0.94 -8.47 3.67
N VAL A 42 -0.38 -8.42 3.83
CA VAL A 42 -1.31 -8.12 2.73
C VAL A 42 -1.25 -6.68 2.25
N VAL A 43 -1.01 -5.74 3.16
CA VAL A 43 -0.72 -4.35 2.76
C VAL A 43 0.59 -4.34 1.97
N LYS A 44 1.62 -5.03 2.43
CA LYS A 44 2.92 -5.18 1.78
C LYS A 44 2.75 -5.83 0.41
N LYS A 45 2.01 -6.92 0.26
CA LYS A 45 1.81 -7.60 -1.04
C LYS A 45 1.00 -6.79 -2.04
N HIS A 46 0.15 -5.88 -1.59
CA HIS A 46 -0.37 -4.83 -2.50
C HIS A 46 0.74 -3.89 -3.02
N ILE A 47 1.69 -3.48 -2.18
CA ILE A 47 2.85 -2.73 -2.71
C ILE A 47 3.76 -3.65 -3.58
N LYS A 48 3.81 -4.97 -3.34
CA LYS A 48 4.48 -5.94 -4.23
C LYS A 48 3.83 -6.03 -5.60
N GLU A 49 2.50 -5.94 -5.69
CA GLU A 49 1.74 -5.70 -6.91
C GLU A 49 2.13 -4.40 -7.65
N LEU A 50 2.50 -3.32 -6.94
CA LEU A 50 3.09 -2.13 -7.60
C LEU A 50 4.53 -2.41 -8.07
N LEU A 51 5.34 -3.12 -7.29
CA LEU A 51 6.70 -3.53 -7.74
C LEU A 51 6.55 -4.36 -9.04
N ASP A 52 5.67 -5.36 -9.07
CA ASP A 52 5.44 -6.20 -10.27
C ASP A 52 4.93 -5.43 -11.51
N MET A 53 4.02 -4.47 -11.32
CA MET A 53 3.60 -3.55 -12.37
C MET A 53 4.79 -2.77 -12.91
N MET A 54 5.59 -2.17 -12.06
CA MET A 54 6.69 -1.27 -12.42
C MET A 54 7.86 -1.96 -13.13
N ILE A 55 8.29 -3.15 -12.69
CA ILE A 55 9.37 -3.88 -13.37
C ILE A 55 8.88 -4.33 -14.75
N ALA A 56 7.57 -4.60 -14.91
CA ALA A 56 6.94 -4.69 -16.21
C ALA A 56 6.82 -3.35 -16.94
N GLU A 57 6.60 -2.21 -16.26
CA GLU A 57 6.47 -0.89 -16.90
C GLU A 57 7.78 -0.41 -17.51
N GLU A 58 8.92 -0.47 -16.79
CA GLU A 58 10.21 -0.32 -17.43
C GLU A 58 10.48 -1.39 -18.48
N GLU A 59 10.45 -2.68 -18.16
CA GLU A 59 10.84 -3.70 -19.17
C GLU A 59 9.92 -3.66 -20.41
N SER A 60 8.61 -3.83 -20.24
CA SER A 60 7.70 -3.97 -21.39
C SER A 60 7.19 -2.69 -21.97
N LEU A 61 6.91 -1.65 -21.16
CA LEU A 61 6.42 -0.41 -21.78
C LEU A 61 7.54 0.42 -22.41
N LYS A 62 8.75 0.36 -21.84
CA LYS A 62 9.90 0.91 -22.55
C LYS A 62 10.12 0.14 -23.86
N GLU A 63 9.91 -1.18 -23.88
CA GLU A 63 9.90 -1.96 -25.16
C GLU A 63 8.73 -1.61 -26.12
N ARG A 64 7.61 -1.06 -25.63
CA ARG A 64 6.58 -0.48 -26.50
C ARG A 64 7.10 0.76 -27.26
N LEU A 65 7.95 1.57 -26.58
CA LEU A 65 8.69 2.74 -27.12
C LEU A 65 9.97 2.44 -27.95
N GLU A 66 10.68 1.36 -27.64
CA GLU A 66 11.94 0.95 -28.31
C GLU A 66 11.86 0.58 -29.80
N HIS A 67 10.65 0.43 -30.37
CA HIS A 67 10.40 -0.07 -31.75
C HIS A 67 9.34 0.76 -32.51
N MET B 1 0.51 -1.90 12.76
CA MET B 1 -0.50 -3.01 12.62
C MET B 1 -0.69 -3.78 13.95
N ARG B 2 0.30 -4.58 14.40
CA ARG B 2 0.73 -4.65 15.82
C ARG B 2 1.93 -3.71 16.04
N ARG B 3 2.44 -3.62 17.27
CA ARG B 3 3.54 -2.71 17.72
C ARG B 3 4.87 -2.87 16.96
N SER B 4 5.05 -3.92 16.14
CA SER B 4 6.09 -4.09 15.13
C SER B 4 5.92 -3.19 13.89
N GLU B 5 5.68 -1.89 14.13
CA GLU B 5 5.42 -0.88 13.09
C GLU B 5 6.41 -0.92 11.94
N VAL B 6 7.62 -1.38 12.23
CA VAL B 6 8.72 -1.63 11.29
C VAL B 6 8.34 -2.22 9.91
N LEU B 7 7.57 -3.34 9.83
CA LEU B 7 7.18 -3.89 8.51
C LEU B 7 6.20 -2.97 7.77
N ALA B 8 5.26 -2.37 8.50
CA ALA B 8 4.23 -1.50 7.90
C ALA B 8 4.83 -0.17 7.37
N GLU B 9 5.72 0.43 8.14
CA GLU B 9 6.47 1.59 7.74
C GLU B 9 7.38 1.25 6.53
N GLU B 10 8.04 0.09 6.54
CA GLU B 10 8.85 -0.30 5.40
C GLU B 10 8.03 -0.62 4.14
N SER B 11 6.82 -1.20 4.30
CA SER B 11 5.91 -1.47 3.19
C SER B 11 5.50 -0.18 2.50
N ILE B 12 5.21 0.89 3.26
CA ILE B 12 4.89 2.22 2.71
C ILE B 12 6.12 3.07 2.30
N VAL B 13 7.30 2.89 2.91
CA VAL B 13 8.56 3.35 2.31
C VAL B 13 8.67 2.71 0.92
N CYS B 14 8.40 1.40 0.80
CA CYS B 14 8.65 0.75 -0.47
C CYS B 14 7.63 1.21 -1.57
N LEU B 15 6.40 1.55 -1.20
CA LEU B 15 5.52 2.29 -2.13
C LEU B 15 6.07 3.70 -2.43
N GLN B 16 6.66 4.41 -1.45
CA GLN B 16 7.36 5.72 -1.70
C GLN B 16 8.50 5.63 -2.75
N LYS B 17 9.32 4.58 -2.70
CA LYS B 17 10.33 4.27 -3.75
C LYS B 17 9.66 4.02 -5.08
N ALA B 18 8.67 3.11 -5.07
CA ALA B 18 8.00 2.55 -6.25
C ALA B 18 7.20 3.60 -7.02
N LEU B 19 6.48 4.45 -6.29
CA LEU B 19 5.76 5.59 -6.84
C LEU B 19 6.73 6.63 -7.48
N ASN B 20 7.92 6.83 -6.89
CA ASN B 20 8.94 7.73 -7.44
C ASN B 20 9.71 7.15 -8.64
N HIS B 21 9.95 5.85 -8.64
CA HIS B 21 10.52 5.09 -9.77
C HIS B 21 9.56 4.95 -10.98
N LEU B 22 8.25 4.76 -10.73
CA LEU B 22 7.18 4.89 -11.76
C LEU B 22 7.10 6.34 -12.28
N ARG B 23 7.52 7.36 -11.51
CA ARG B 23 7.61 8.76 -12.01
C ARG B 23 8.80 9.02 -12.92
N GLU B 24 9.95 8.41 -12.63
CA GLU B 24 11.09 8.43 -13.57
C GLU B 24 10.70 7.72 -14.85
N ILE B 25 10.05 6.55 -14.76
CA ILE B 25 9.49 5.87 -15.94
C ILE B 25 8.42 6.74 -16.65
N TRP B 26 7.56 7.50 -15.91
CA TRP B 26 6.61 8.42 -16.59
C TRP B 26 7.31 9.37 -17.57
N GLU B 27 8.36 10.04 -17.11
CA GLU B 27 9.07 11.03 -17.95
C GLU B 27 9.91 10.37 -19.05
N LEU B 28 10.19 9.06 -18.93
CA LEU B 28 11.05 8.23 -19.79
C LEU B 28 10.24 7.48 -20.89
N ILE B 29 9.06 6.88 -20.62
CA ILE B 29 8.14 6.40 -21.68
C ILE B 29 7.16 7.44 -22.25
N GLY B 30 6.66 8.38 -21.43
CA GLY B 30 5.68 9.42 -21.78
C GLY B 30 4.25 8.94 -22.11
N ILE B 31 3.81 7.83 -21.49
CA ILE B 31 2.41 7.36 -21.47
C ILE B 31 1.45 8.44 -20.92
N PRO B 32 0.20 8.56 -21.43
CA PRO B 32 -0.78 9.51 -20.90
C PRO B 32 -1.01 9.31 -19.41
N GLU B 33 -0.98 10.44 -18.71
CA GLU B 33 -1.05 10.53 -17.25
C GLU B 33 -2.40 10.08 -16.65
N ASP B 34 -3.47 9.96 -17.46
CA ASP B 34 -4.71 9.36 -16.98
C ASP B 34 -4.59 7.87 -16.56
N GLN B 35 -3.66 7.11 -17.16
CA GLN B 35 -3.32 5.75 -16.74
C GLN B 35 -2.63 5.75 -15.38
N ARG B 36 -1.73 6.72 -15.15
CA ARG B 36 -1.01 6.92 -13.88
C ARG B 36 -1.88 7.44 -12.75
N LEU B 37 -2.75 8.39 -13.00
CA LEU B 37 -3.71 8.85 -11.97
C LEU B 37 -4.52 7.63 -11.50
N GLN B 38 -5.03 6.82 -12.41
CA GLN B 38 -5.74 5.56 -12.09
C GLN B 38 -4.86 4.49 -11.36
N ARG B 39 -3.55 4.37 -11.66
CA ARG B 39 -2.54 3.60 -10.86
C ARG B 39 -2.44 4.15 -9.43
N THR B 40 -2.34 5.46 -9.31
CA THR B 40 -2.39 6.16 -8.00
C THR B 40 -3.70 5.94 -7.23
N GLU B 41 -4.83 5.98 -7.92
CA GLU B 41 -6.16 5.86 -7.33
C GLU B 41 -6.41 4.40 -6.87
N VAL B 42 -5.84 3.40 -7.55
CA VAL B 42 -5.90 1.98 -7.09
C VAL B 42 -4.89 1.61 -6.00
N VAL B 43 -3.72 2.28 -5.98
CA VAL B 43 -2.82 2.34 -4.77
C VAL B 43 -3.66 2.86 -3.57
N LYS B 44 -4.34 3.99 -3.75
CA LYS B 44 -5.21 4.59 -2.74
C LYS B 44 -6.40 3.68 -2.37
N LYS B 45 -7.06 2.98 -3.31
CA LYS B 45 -8.15 2.07 -2.99
C LYS B 45 -7.68 0.81 -2.27
N HIS B 46 -6.44 0.36 -2.43
CA HIS B 46 -5.87 -0.67 -1.53
C HIS B 46 -5.69 -0.19 -0.09
N ILE B 47 -5.33 1.09 0.10
CA ILE B 47 -5.43 1.69 1.44
C ILE B 47 -6.90 1.90 1.84
N LYS B 48 -7.89 2.12 0.95
CA LYS B 48 -9.31 2.19 1.33
C LYS B 48 -9.89 0.85 1.78
N GLU B 49 -9.44 -0.27 1.22
CA GLU B 49 -9.65 -1.65 1.68
C GLU B 49 -9.11 -1.82 3.11
N LEU B 50 -7.94 -1.25 3.40
CA LEU B 50 -7.33 -1.13 4.74
C LEU B 50 -8.10 -0.20 5.71
N LEU B 51 -8.62 0.93 5.26
CA LEU B 51 -9.53 1.75 6.06
C LEU B 51 -10.78 0.94 6.41
N ASP B 52 -11.42 0.23 5.47
CA ASP B 52 -12.66 -0.52 5.69
C ASP B 52 -12.53 -1.67 6.66
N MET B 53 -11.45 -2.48 6.58
CA MET B 53 -11.13 -3.46 7.61
C MET B 53 -10.85 -2.78 8.95
N MET B 54 -10.18 -1.61 9.01
CA MET B 54 -9.94 -0.93 10.28
C MET B 54 -11.21 -0.44 11.00
N ILE B 55 -12.13 0.21 10.33
CA ILE B 55 -13.38 0.65 10.97
C ILE B 55 -14.20 -0.58 11.39
N ALA B 56 -14.13 -1.68 10.65
CA ALA B 56 -14.67 -2.98 11.03
C ALA B 56 -13.94 -3.64 12.21
N GLU B 57 -12.63 -3.38 12.37
CA GLU B 57 -11.81 -3.92 13.48
C GLU B 57 -12.18 -3.19 14.78
N GLU B 58 -12.16 -1.85 14.84
CA GLU B 58 -12.68 -1.13 16.00
C GLU B 58 -14.17 -1.52 16.21
N GLU B 59 -15.10 -1.09 15.37
CA GLU B 59 -16.51 -1.21 15.75
C GLU B 59 -16.94 -2.69 15.94
N SER B 60 -16.70 -3.51 14.91
CA SER B 60 -17.25 -4.87 14.89
C SER B 60 -16.38 -5.94 15.55
N LEU B 61 -15.04 -5.88 15.58
CA LEU B 61 -14.25 -6.90 16.26
C LEU B 61 -14.05 -6.65 17.75
N LYS B 62 -14.09 -5.38 18.16
CA LYS B 62 -14.46 -5.04 19.54
C LYS B 62 -15.82 -5.64 19.90
N GLU B 63 -16.83 -5.49 19.06
CA GLU B 63 -18.13 -6.15 19.28
C GLU B 63 -18.10 -7.69 19.26
N ARG B 64 -17.16 -8.30 18.54
CA ARG B 64 -16.97 -9.75 18.59
C ARG B 64 -16.53 -10.24 19.98
N LEU B 65 -15.76 -9.43 20.71
CA LEU B 65 -15.51 -9.64 22.14
C LEU B 65 -16.76 -9.35 23.01
N GLU B 66 -17.52 -8.32 22.71
CA GLU B 66 -18.67 -7.92 23.52
C GLU B 66 -19.86 -8.91 23.50
N HIS B 67 -20.21 -9.45 22.32
CA HIS B 67 -21.40 -10.28 22.10
C HIS B 67 -21.31 -11.71 22.66
N MET A 1 4.54 8.11 -9.46
CA MET A 1 3.88 7.30 -10.55
C MET A 1 4.11 7.95 -11.92
N ARG A 2 3.47 9.07 -12.21
CA ARG A 2 4.06 10.15 -13.08
C ARG A 2 4.41 11.31 -12.16
N ARG A 3 4.94 12.42 -12.71
CA ARG A 3 5.51 13.60 -11.99
C ARG A 3 4.55 14.21 -10.93
N SER A 4 3.25 14.04 -11.11
CA SER A 4 2.14 14.16 -10.11
C SER A 4 2.17 13.15 -8.94
N GLU A 5 3.35 12.94 -8.34
CA GLU A 5 3.66 11.99 -7.28
C GLU A 5 2.72 12.14 -6.07
N VAL A 6 2.20 13.33 -5.85
CA VAL A 6 1.32 13.78 -4.75
C VAL A 6 0.15 12.85 -4.48
N LEU A 7 -0.47 12.26 -5.50
CA LEU A 7 -1.60 11.33 -5.30
C LEU A 7 -1.13 10.04 -4.62
N ALA A 8 0.05 9.58 -5.00
CA ALA A 8 0.63 8.38 -4.44
C ALA A 8 1.22 8.61 -3.06
N GLU A 9 1.86 9.75 -2.80
CA GLU A 9 2.35 10.14 -1.48
C GLU A 9 1.21 10.38 -0.47
N GLU A 10 0.09 10.98 -0.90
CA GLU A 10 -1.14 10.98 -0.10
C GLU A 10 -1.66 9.55 0.19
N SER A 11 -1.53 8.60 -0.75
CA SER A 11 -1.91 7.19 -0.56
C SER A 11 -1.15 6.55 0.61
N ILE A 12 0.16 6.76 0.72
CA ILE A 12 0.96 6.28 1.85
C ILE A 12 0.96 7.16 3.10
N VAL A 13 0.58 8.45 3.08
CA VAL A 13 0.07 9.13 4.31
C VAL A 13 -1.06 8.30 4.85
N CYS A 14 -2.06 8.02 4.00
CA CYS A 14 -3.29 7.45 4.50
C CYS A 14 -3.09 6.02 5.01
N LEU A 15 -2.19 5.24 4.42
CA LEU A 15 -1.73 3.98 5.02
C LEU A 15 -0.92 4.17 6.33
N GLN A 16 0.05 5.10 6.42
CA GLN A 16 0.87 5.37 7.63
C GLN A 16 -0.01 5.75 8.82
N LYS A 17 -0.98 6.62 8.56
CA LYS A 17 -2.11 6.93 9.45
C LYS A 17 -2.95 5.70 9.84
N ALA A 18 -3.47 4.95 8.85
CA ALA A 18 -4.34 3.80 9.03
C ALA A 18 -3.69 2.67 9.80
N LEU A 19 -2.43 2.42 9.52
CA LEU A 19 -1.62 1.38 10.19
C LEU A 19 -1.36 1.72 11.65
N ASN A 20 -1.11 2.98 11.98
CA ASN A 20 -1.04 3.36 13.40
C ASN A 20 -2.40 3.30 14.13
N HIS A 21 -3.50 3.71 13.47
CA HIS A 21 -4.90 3.55 13.96
C HIS A 21 -5.25 2.08 14.19
N LEU A 22 -4.87 1.16 13.28
CA LEU A 22 -4.99 -0.28 13.45
C LEU A 22 -4.16 -0.79 14.64
N ARG A 23 -3.03 -0.20 14.96
CA ARG A 23 -2.20 -0.52 16.10
C ARG A 23 -2.76 0.01 17.44
N GLU A 24 -3.45 1.16 17.42
CA GLU A 24 -4.29 1.51 18.58
C GLU A 24 -5.33 0.40 18.84
N ILE A 25 -6.07 0.01 17.78
CA ILE A 25 -7.01 -1.10 17.89
C ILE A 25 -6.36 -2.37 18.39
N TRP A 26 -5.15 -2.78 17.97
CA TRP A 26 -4.44 -3.91 18.55
C TRP A 26 -4.33 -3.87 20.07
N GLU A 27 -3.82 -2.77 20.62
CA GLU A 27 -3.67 -2.59 22.08
C GLU A 27 -5.02 -2.47 22.84
N LEU A 28 -6.11 -2.29 22.09
CA LEU A 28 -7.48 -2.29 22.60
C LEU A 28 -8.17 -3.66 22.52
N ILE A 29 -8.36 -4.27 21.35
CA ILE A 29 -9.04 -5.60 21.24
C ILE A 29 -8.16 -6.79 21.69
N GLY A 30 -6.84 -6.72 21.44
CA GLY A 30 -5.92 -7.77 21.86
C GLY A 30 -6.07 -9.09 21.10
N ILE A 31 -6.49 -9.02 19.82
CA ILE A 31 -6.43 -10.08 18.81
C ILE A 31 -4.99 -10.55 18.60
N PRO A 32 -4.75 -11.86 18.47
CA PRO A 32 -3.43 -12.47 18.38
C PRO A 32 -2.56 -11.85 17.31
N GLU A 33 -1.35 -11.52 17.72
CA GLU A 33 -0.32 -10.76 17.00
C GLU A 33 0.17 -11.42 15.72
N ASP A 34 -0.13 -12.70 15.48
CA ASP A 34 0.06 -13.29 14.14
C ASP A 34 -1.00 -12.92 13.06
N GLN A 35 -2.23 -12.58 13.44
CA GLN A 35 -3.24 -12.10 12.47
C GLN A 35 -2.90 -10.70 11.94
N ARG A 36 -2.27 -9.87 12.79
CA ARG A 36 -1.86 -8.50 12.46
C ARG A 36 -0.72 -8.45 11.47
N LEU A 37 0.29 -9.29 11.66
CA LEU A 37 1.35 -9.37 10.66
C LEU A 37 0.84 -9.94 9.35
N GLN A 38 -0.14 -10.84 9.32
CA GLN A 38 -0.73 -11.24 8.03
C GLN A 38 -1.46 -10.06 7.35
N ARG A 39 -2.08 -9.17 8.14
CA ARG A 39 -2.63 -7.88 7.62
C ARG A 39 -1.52 -6.95 7.10
N THR A 40 -0.39 -6.81 7.81
CA THR A 40 0.81 -6.13 7.26
C THR A 40 1.39 -6.74 5.97
N GLU A 41 1.53 -8.05 5.97
CA GLU A 41 2.24 -8.80 4.95
C GLU A 41 1.42 -8.88 3.64
N VAL A 42 0.07 -8.88 3.75
CA VAL A 42 -0.84 -8.70 2.62
C VAL A 42 -0.85 -7.28 2.07
N VAL A 43 -0.69 -6.22 2.90
CA VAL A 43 -0.46 -4.83 2.50
C VAL A 43 0.87 -4.79 1.72
N LYS A 44 1.93 -5.41 2.26
CA LYS A 44 3.25 -5.52 1.64
C LYS A 44 3.18 -6.22 0.30
N LYS A 45 2.49 -7.34 0.16
CA LYS A 45 2.24 -8.03 -1.13
C LYS A 45 1.43 -7.24 -2.16
N HIS A 46 0.58 -6.31 -1.73
CA HIS A 46 0.01 -5.29 -2.64
C HIS A 46 1.07 -4.32 -3.21
N ILE A 47 2.03 -3.89 -2.39
CA ILE A 47 3.19 -3.13 -2.91
C ILE A 47 4.12 -4.05 -3.75
N LYS A 48 4.23 -5.37 -3.42
CA LYS A 48 5.00 -6.35 -4.26
C LYS A 48 4.38 -6.54 -5.64
N GLU A 49 3.05 -6.53 -5.74
CA GLU A 49 2.28 -6.48 -6.98
C GLU A 49 2.66 -5.25 -7.81
N LEU A 50 2.89 -4.12 -7.14
CA LEU A 50 3.41 -2.87 -7.73
C LEU A 50 4.92 -2.99 -8.10
N LEU A 51 5.78 -3.65 -7.30
CA LEU A 51 7.19 -3.95 -7.72
C LEU A 51 7.20 -4.78 -9.02
N ASP A 52 6.41 -5.85 -9.07
CA ASP A 52 6.30 -6.72 -10.27
C ASP A 52 5.79 -6.09 -11.57
N MET A 53 4.81 -5.16 -11.47
CA MET A 53 4.44 -4.27 -12.59
C MET A 53 5.64 -3.48 -13.12
N MET A 54 6.38 -2.82 -12.24
CA MET A 54 7.51 -1.94 -12.58
C MET A 54 8.66 -2.72 -13.26
N ILE A 55 9.04 -3.90 -12.78
CA ILE A 55 10.12 -4.65 -13.39
C ILE A 55 9.72 -5.16 -14.78
N ALA A 56 8.43 -5.40 -15.01
CA ALA A 56 7.86 -5.48 -16.36
C ALA A 56 7.84 -4.14 -17.12
N GLU A 57 7.55 -3.02 -16.49
CA GLU A 57 7.55 -1.75 -17.19
C GLU A 57 8.93 -1.31 -17.67
N GLU A 58 9.99 -1.39 -16.84
CA GLU A 58 11.32 -1.13 -17.35
C GLU A 58 11.75 -2.16 -18.40
N GLU A 59 11.86 -3.45 -18.05
CA GLU A 59 12.36 -4.48 -18.97
C GLU A 59 11.49 -4.55 -20.24
N SER A 60 10.19 -4.85 -20.08
CA SER A 60 9.32 -5.08 -21.25
C SER A 60 8.79 -3.82 -21.94
N LEU A 61 8.37 -2.76 -21.19
CA LEU A 61 7.71 -1.61 -21.84
C LEU A 61 8.69 -0.55 -22.39
N LYS A 62 9.90 -0.47 -21.83
CA LYS A 62 11.05 0.09 -22.52
C LYS A 62 11.38 -0.72 -23.78
N GLU A 63 11.45 -2.07 -23.76
CA GLU A 63 11.63 -2.89 -24.96
C GLU A 63 10.47 -2.87 -25.96
N ARG A 64 9.24 -2.54 -25.54
CA ARG A 64 8.09 -2.30 -26.44
C ARG A 64 8.42 -1.09 -27.34
N LEU A 65 8.95 -0.02 -26.72
CA LEU A 65 9.34 1.23 -27.43
C LEU A 65 10.67 1.12 -28.19
N GLU A 66 11.68 0.52 -27.55
CA GLU A 66 13.09 0.81 -27.89
C GLU A 66 13.70 -0.04 -29.04
N HIS A 67 13.11 -1.21 -29.33
CA HIS A 67 13.57 -2.14 -30.36
C HIS A 67 13.30 -1.66 -31.78
N MET B 1 -0.08 -1.61 12.34
CA MET B 1 -0.74 -2.99 12.37
C MET B 1 -0.71 -3.58 13.77
N ARG B 2 0.41 -4.19 14.20
CA ARG B 2 0.73 -4.43 15.64
C ARG B 2 1.98 -3.67 16.04
N ARG B 3 2.47 -3.72 17.28
CA ARG B 3 3.60 -2.86 17.74
C ARG B 3 4.90 -2.98 16.93
N SER B 4 5.20 -4.14 16.35
CA SER B 4 6.15 -4.31 15.23
C SER B 4 5.66 -3.71 13.88
N GLU B 5 5.10 -2.48 13.90
CA GLU B 5 4.62 -1.75 12.71
C GLU B 5 5.73 -1.26 11.81
N VAL B 6 6.98 -1.55 12.19
CA VAL B 6 8.21 -1.40 11.36
C VAL B 6 8.15 -2.15 10.01
N LEU B 7 7.57 -3.37 9.91
CA LEU B 7 7.40 -4.07 8.62
C LEU B 7 6.46 -3.24 7.70
N ALA B 8 5.45 -2.57 8.28
CA ALA B 8 4.55 -1.72 7.54
C ALA B 8 5.19 -0.42 7.03
N GLU B 9 6.04 0.21 7.86
CA GLU B 9 6.87 1.33 7.37
C GLU B 9 7.83 0.87 6.27
N GLU B 10 8.49 -0.27 6.38
CA GLU B 10 9.26 -0.86 5.27
C GLU B 10 8.41 -1.14 4.02
N SER B 11 7.16 -1.58 4.16
CA SER B 11 6.23 -1.84 3.04
C SER B 11 5.88 -0.54 2.29
N ILE B 12 5.69 0.59 2.99
CA ILE B 12 5.33 1.89 2.36
C ILE B 12 6.55 2.74 2.04
N VAL B 13 7.71 2.57 2.69
CA VAL B 13 9.03 3.01 2.19
C VAL B 13 9.18 2.38 0.81
N CYS B 14 8.97 1.06 0.69
CA CYS B 14 9.18 0.35 -0.57
C CYS B 14 8.24 0.83 -1.69
N LEU B 15 7.00 1.21 -1.36
CA LEU B 15 6.12 1.95 -2.28
C LEU B 15 6.71 3.32 -2.65
N GLN B 16 7.26 4.08 -1.70
CA GLN B 16 7.89 5.40 -1.98
C GLN B 16 9.06 5.29 -2.97
N LYS B 17 9.88 4.24 -2.80
CA LYS B 17 10.91 3.89 -3.79
C LYS B 17 10.30 3.60 -5.15
N ALA B 18 9.28 2.73 -5.15
CA ALA B 18 8.73 2.12 -6.35
C ALA B 18 7.92 3.08 -7.21
N LEU B 19 7.17 3.98 -6.56
CA LEU B 19 6.49 5.10 -7.20
C LEU B 19 7.47 6.13 -7.74
N ASN B 20 8.67 6.27 -7.15
CA ASN B 20 9.77 7.06 -7.73
C ASN B 20 10.50 6.38 -8.92
N HIS B 21 10.76 5.05 -8.89
CA HIS B 21 11.30 4.32 -10.05
C HIS B 21 10.30 4.28 -11.21
N LEU B 22 8.99 4.11 -10.92
CA LEU B 22 7.89 4.24 -11.88
C LEU B 22 7.79 5.64 -12.45
N ARG B 23 8.12 6.68 -11.70
CA ARG B 23 8.14 8.07 -12.20
C ARG B 23 9.34 8.24 -13.14
N GLU B 24 10.51 7.70 -12.81
CA GLU B 24 11.70 7.77 -13.67
C GLU B 24 11.53 6.98 -14.98
N ILE B 25 10.87 5.80 -14.95
CA ILE B 25 10.42 5.13 -16.17
C ILE B 25 9.42 5.98 -16.94
N TRP B 26 8.46 6.68 -16.32
CA TRP B 26 7.56 7.56 -17.09
C TRP B 26 8.29 8.67 -17.82
N GLU B 27 9.25 9.34 -17.15
CA GLU B 27 10.07 10.39 -17.75
C GLU B 27 10.95 9.82 -18.89
N LEU B 28 11.21 8.50 -18.93
CA LEU B 28 11.94 7.75 -19.94
C LEU B 28 11.09 7.20 -21.10
N ILE B 29 10.09 6.32 -20.84
CA ILE B 29 9.30 5.74 -21.93
C ILE B 29 8.29 6.73 -22.54
N GLY B 30 7.72 7.60 -21.73
CA GLY B 30 6.69 8.58 -22.12
C GLY B 30 5.34 8.01 -22.56
N ILE B 31 4.93 6.87 -21.98
CA ILE B 31 3.55 6.37 -22.05
C ILE B 31 2.56 7.45 -21.52
N PRO B 32 1.32 7.55 -22.04
CA PRO B 32 0.31 8.49 -21.55
C PRO B 32 0.02 8.33 -20.06
N GLU B 33 -0.04 9.48 -19.37
CA GLU B 33 -0.19 9.56 -17.93
C GLU B 33 -1.58 9.19 -17.41
N ASP B 34 -2.60 9.07 -18.26
CA ASP B 34 -3.88 8.49 -17.80
C ASP B 34 -3.80 7.04 -17.33
N GLN B 35 -2.83 6.29 -17.86
CA GLN B 35 -2.41 4.98 -17.32
C GLN B 35 -1.75 5.11 -15.94
N ARG B 36 -0.82 6.08 -15.77
CA ARG B 36 -0.17 6.29 -14.47
C ARG B 36 -1.08 6.78 -13.37
N LEU B 37 -1.99 7.68 -13.68
CA LEU B 37 -2.99 8.12 -12.70
C LEU B 37 -3.83 6.93 -12.26
N GLN B 38 -4.28 6.08 -13.20
CA GLN B 38 -5.02 4.86 -12.85
C GLN B 38 -4.19 3.87 -12.04
N ARG B 39 -2.86 3.73 -12.32
CA ARG B 39 -1.94 2.94 -11.49
C ARG B 39 -1.83 3.43 -10.07
N THR B 40 -1.73 4.75 -9.92
CA THR B 40 -1.83 5.48 -8.64
C THR B 40 -3.13 5.30 -7.89
N GLU B 41 -4.24 5.44 -8.57
CA GLU B 41 -5.60 5.34 -8.03
C GLU B 41 -5.86 3.90 -7.55
N VAL B 42 -5.32 2.85 -8.20
CA VAL B 42 -5.44 1.43 -7.73
C VAL B 42 -4.50 1.04 -6.58
N VAL B 43 -3.29 1.65 -6.55
CA VAL B 43 -2.41 1.64 -5.38
C VAL B 43 -3.19 2.22 -4.18
N LYS B 44 -3.85 3.36 -4.39
CA LYS B 44 -4.66 4.08 -3.42
C LYS B 44 -5.88 3.25 -3.00
N LYS B 45 -6.59 2.59 -3.92
CA LYS B 45 -7.72 1.72 -3.58
C LYS B 45 -7.36 0.45 -2.82
N HIS B 46 -6.15 -0.05 -2.98
CA HIS B 46 -5.58 -1.05 -2.03
C HIS B 46 -5.39 -0.49 -0.62
N ILE B 47 -5.03 0.79 -0.46
CA ILE B 47 -5.14 1.43 0.85
C ILE B 47 -6.59 1.72 1.28
N LYS B 48 -7.54 2.01 0.38
CA LYS B 48 -8.97 2.12 0.73
C LYS B 48 -9.57 0.77 1.20
N GLU B 49 -9.12 -0.35 0.64
CA GLU B 49 -9.39 -1.71 1.09
C GLU B 49 -8.89 -1.91 2.55
N LEU B 50 -7.74 -1.34 2.89
CA LEU B 50 -7.17 -1.27 4.25
C LEU B 50 -7.91 -0.24 5.17
N LEU B 51 -8.43 0.88 4.65
CA LEU B 51 -9.38 1.74 5.41
C LEU B 51 -10.69 0.99 5.76
N ASP B 52 -11.26 0.24 4.81
CA ASP B 52 -12.51 -0.46 5.03
C ASP B 52 -12.46 -1.65 5.99
N MET B 53 -11.37 -2.43 5.96
CA MET B 53 -11.12 -3.41 7.04
C MET B 53 -10.92 -2.75 8.43
N MET B 54 -10.27 -1.59 8.50
CA MET B 54 -9.94 -0.91 9.73
C MET B 54 -11.18 -0.31 10.39
N ILE B 55 -12.07 0.34 9.63
CA ILE B 55 -13.29 0.89 10.21
C ILE B 55 -14.27 -0.24 10.62
N ALA B 56 -14.18 -1.39 9.93
CA ALA B 56 -14.78 -2.61 10.44
C ALA B 56 -14.06 -3.21 11.66
N GLU B 57 -12.76 -3.08 11.80
CA GLU B 57 -11.98 -3.57 12.94
C GLU B 57 -12.32 -2.83 14.22
N GLU B 58 -12.32 -1.48 14.24
CA GLU B 58 -12.85 -0.77 15.40
C GLU B 58 -14.31 -1.14 15.63
N GLU B 59 -15.23 -0.86 14.68
CA GLU B 59 -16.65 -0.99 15.08
C GLU B 59 -17.05 -2.45 15.38
N SER B 60 -16.77 -3.36 14.44
CA SER B 60 -17.20 -4.75 14.52
C SER B 60 -16.28 -5.69 15.27
N LEU B 61 -14.94 -5.54 15.27
CA LEU B 61 -14.09 -6.46 16.05
C LEU B 61 -13.95 -6.07 17.53
N LYS B 62 -14.14 -4.78 17.86
CA LYS B 62 -14.50 -4.39 19.23
C LYS B 62 -15.84 -4.98 19.67
N GLU B 63 -16.84 -5.04 18.79
CA GLU B 63 -18.10 -5.78 19.01
C GLU B 63 -17.98 -7.32 18.95
N ARG B 64 -16.91 -7.88 18.37
CA ARG B 64 -16.56 -9.32 18.48
C ARG B 64 -16.17 -9.69 19.91
N LEU B 65 -15.56 -8.76 20.66
CA LEU B 65 -15.31 -8.92 22.09
C LEU B 65 -16.58 -8.73 22.91
N GLU B 66 -17.44 -7.81 22.49
CA GLU B 66 -18.71 -7.63 23.15
C GLU B 66 -19.61 -8.88 23.05
N HIS B 67 -19.72 -9.46 21.84
CA HIS B 67 -20.66 -10.54 21.51
C HIS B 67 -20.38 -11.22 20.13
N MET A 1 3.43 8.32 -9.43
CA MET A 1 2.90 7.38 -10.48
C MET A 1 3.04 7.94 -11.90
N ARG A 2 2.16 8.85 -12.32
CA ARG A 2 2.54 10.01 -13.16
C ARG A 2 2.77 11.24 -12.26
N ARG A 3 3.07 12.40 -12.80
CA ARG A 3 3.44 13.65 -12.03
C ARG A 3 2.41 14.22 -11.04
N SER A 4 1.16 13.69 -11.07
CA SER A 4 0.16 13.74 -9.97
C SER A 4 0.54 12.80 -8.82
N GLU A 5 1.82 12.75 -8.41
CA GLU A 5 2.37 11.95 -7.31
C GLU A 5 1.55 11.98 -6.01
N VAL A 6 0.90 13.12 -5.75
CA VAL A 6 -0.05 13.42 -4.68
C VAL A 6 -1.09 12.35 -4.43
N LEU A 7 -1.69 11.72 -5.45
CA LEU A 7 -2.74 10.70 -5.20
C LEU A 7 -2.09 9.46 -4.55
N ALA A 8 -0.86 9.10 -4.98
CA ALA A 8 -0.15 7.96 -4.40
C ALA A 8 0.43 8.27 -3.02
N GLU A 9 0.96 9.48 -2.82
CA GLU A 9 1.49 9.93 -1.54
C GLU A 9 0.41 10.03 -0.44
N GLU A 10 -0.78 10.56 -0.77
CA GLU A 10 -1.95 10.53 0.11
C GLU A 10 -2.41 9.07 0.36
N SER A 11 -2.24 8.17 -0.63
CA SER A 11 -2.51 6.74 -0.42
C SER A 11 -1.67 6.22 0.75
N ILE A 12 -0.37 6.57 0.83
CA ILE A 12 0.50 6.15 1.92
C ILE A 12 0.55 7.03 3.19
N VAL A 13 0.07 8.27 3.16
CA VAL A 13 -0.43 8.92 4.38
C VAL A 13 -1.54 8.05 4.94
N CYS A 14 -2.57 7.73 4.14
CA CYS A 14 -3.71 7.02 4.67
C CYS A 14 -3.32 5.64 5.25
N LEU A 15 -2.36 4.94 4.63
CA LEU A 15 -1.77 3.75 5.20
C LEU A 15 -0.94 4.07 6.47
N GLN A 16 -0.06 5.06 6.51
CA GLN A 16 0.77 5.42 7.71
C GLN A 16 -0.14 5.74 8.93
N LYS A 17 -1.25 6.41 8.68
CA LYS A 17 -2.35 6.74 9.61
C LYS A 17 -3.09 5.47 10.09
N ALA A 18 -3.45 4.60 9.14
CA ALA A 18 -4.18 3.37 9.37
C ALA A 18 -3.32 2.36 10.15
N LEU A 19 -2.05 2.24 9.78
CA LEU A 19 -0.99 1.43 10.39
C LEU A 19 -0.84 1.76 11.85
N ASN A 20 -0.87 3.06 12.19
CA ASN A 20 -0.78 3.53 13.56
C ASN A 20 -2.11 3.32 14.35
N HIS A 21 -3.29 3.55 13.76
CA HIS A 21 -4.58 3.20 14.37
C HIS A 21 -4.86 1.71 14.62
N LEU A 22 -4.45 0.84 13.68
CA LEU A 22 -4.39 -0.60 13.86
C LEU A 22 -3.41 -1.04 14.97
N ARG A 23 -2.30 -0.33 15.15
CA ARG A 23 -1.36 -0.45 16.29
C ARG A 23 -2.00 -0.03 17.62
N GLU A 24 -2.64 1.12 17.71
CA GLU A 24 -3.44 1.58 18.86
C GLU A 24 -4.49 0.52 19.26
N ILE A 25 -5.29 0.00 18.30
CA ILE A 25 -6.13 -1.20 18.54
C ILE A 25 -5.35 -2.37 19.13
N TRP A 26 -4.17 -2.73 18.64
CA TRP A 26 -3.41 -3.90 19.14
C TRP A 26 -3.21 -3.79 20.66
N GLU A 27 -2.81 -2.61 21.11
CA GLU A 27 -2.59 -2.32 22.53
C GLU A 27 -3.91 -2.23 23.33
N LEU A 28 -5.08 -2.05 22.68
CA LEU A 28 -6.44 -2.33 23.25
C LEU A 28 -6.79 -3.83 23.35
N ILE A 29 -6.81 -4.58 22.22
CA ILE A 29 -7.32 -5.95 22.18
C ILE A 29 -6.34 -7.06 22.63
N GLY A 30 -5.05 -6.93 22.33
CA GLY A 30 -4.05 -7.95 22.68
C GLY A 30 -4.26 -9.29 21.94
N ILE A 31 -4.80 -9.24 20.70
CA ILE A 31 -4.79 -10.35 19.75
C ILE A 31 -3.31 -10.76 19.46
N PRO A 32 -3.03 -12.06 19.25
CA PRO A 32 -1.69 -12.52 18.89
C PRO A 32 -1.15 -11.77 17.67
N GLU A 33 -0.03 -11.11 17.89
CA GLU A 33 0.64 -10.23 16.94
C GLU A 33 1.21 -10.98 15.71
N ASP A 34 1.21 -12.30 15.74
CA ASP A 34 1.33 -13.13 14.55
C ASP A 34 0.37 -12.79 13.37
N GLN A 35 -0.89 -12.50 13.73
CA GLN A 35 -1.88 -11.93 12.79
C GLN A 35 -1.45 -10.54 12.26
N ARG A 36 -0.94 -9.69 13.17
CA ARG A 36 -0.40 -8.36 12.77
C ARG A 36 0.83 -8.38 11.88
N LEU A 37 1.79 -9.27 12.10
CA LEU A 37 2.90 -9.39 11.15
C LEU A 37 2.40 -9.84 9.79
N GLN A 38 1.48 -10.81 9.72
CA GLN A 38 0.86 -11.27 8.48
C GLN A 38 0.03 -10.15 7.76
N ARG A 39 -0.71 -9.32 8.50
CA ARG A 39 -1.39 -8.11 7.99
C ARG A 39 -0.39 -7.10 7.42
N THR A 40 0.75 -6.92 8.07
CA THR A 40 1.91 -6.19 7.53
C THR A 40 2.56 -6.78 6.26
N GLU A 41 2.79 -8.07 6.26
CA GLU A 41 3.43 -8.80 5.15
C GLU A 41 2.54 -8.84 3.88
N VAL A 42 1.23 -8.90 4.05
CA VAL A 42 0.26 -8.76 2.96
C VAL A 42 0.14 -7.32 2.42
N VAL A 43 0.21 -6.30 3.29
CA VAL A 43 0.38 -4.88 2.89
C VAL A 43 1.71 -4.74 2.09
N LYS A 44 2.82 -5.29 2.59
CA LYS A 44 4.13 -5.37 1.88
C LYS A 44 3.99 -6.02 0.50
N LYS A 45 3.30 -7.17 0.43
CA LYS A 45 3.13 -7.93 -0.83
C LYS A 45 2.22 -7.26 -1.87
N HIS A 46 1.27 -6.46 -1.45
CA HIS A 46 0.55 -5.52 -2.34
C HIS A 46 1.49 -4.46 -3.02
N ILE A 47 2.40 -3.86 -2.25
CA ILE A 47 3.50 -3.05 -2.84
C ILE A 47 4.55 -3.89 -3.60
N LYS A 48 4.75 -5.18 -3.26
CA LYS A 48 5.58 -6.09 -4.11
C LYS A 48 4.94 -6.34 -5.50
N GLU A 49 3.59 -6.39 -5.67
CA GLU A 49 2.91 -6.33 -6.99
C GLU A 49 3.37 -5.09 -7.75
N LEU A 50 3.36 -3.95 -7.05
CA LEU A 50 3.72 -2.64 -7.58
C LEU A 50 5.23 -2.53 -7.96
N LEU A 51 6.12 -3.06 -7.12
CA LEU A 51 7.53 -3.28 -7.44
C LEU A 51 7.64 -4.11 -8.74
N ASP A 52 6.90 -5.22 -8.82
CA ASP A 52 7.00 -6.17 -9.93
C ASP A 52 6.51 -5.66 -11.30
N MET A 53 5.38 -4.95 -11.35
CA MET A 53 4.96 -4.27 -12.58
C MET A 53 6.00 -3.21 -12.97
N MET A 54 6.57 -2.49 -12.02
CA MET A 54 7.54 -1.39 -12.30
C MET A 54 8.84 -1.87 -12.91
N ILE A 55 9.44 -2.92 -12.37
CA ILE A 55 10.67 -3.46 -12.94
C ILE A 55 10.40 -4.10 -14.32
N ALA A 56 9.21 -4.68 -14.51
CA ALA A 56 8.68 -5.01 -15.83
C ALA A 56 8.38 -3.80 -16.75
N GLU A 57 7.93 -2.65 -16.23
CA GLU A 57 7.75 -1.46 -17.05
C GLU A 57 9.06 -0.83 -17.51
N GLU A 58 10.06 -0.64 -16.66
CA GLU A 58 11.38 -0.22 -17.15
C GLU A 58 11.96 -1.23 -18.13
N GLU A 59 12.14 -2.50 -17.74
CA GLU A 59 12.76 -3.46 -18.62
C GLU A 59 11.91 -3.71 -19.89
N SER A 60 10.68 -4.24 -19.76
CA SER A 60 9.90 -4.66 -20.93
C SER A 60 9.20 -3.52 -21.68
N LEU A 61 8.74 -2.48 -20.99
CA LEU A 61 7.95 -1.42 -21.62
C LEU A 61 8.80 -0.23 -22.10
N LYS A 62 10.02 -0.02 -21.58
CA LYS A 62 11.04 0.73 -22.33
C LYS A 62 11.50 -0.04 -23.57
N GLU A 63 11.62 -1.36 -23.50
CA GLU A 63 11.87 -2.13 -24.72
C GLU A 63 10.68 -2.20 -25.68
N ARG A 64 9.44 -1.96 -25.22
CA ARG A 64 8.27 -1.80 -26.12
C ARG A 64 8.39 -0.53 -26.98
N LEU A 65 8.92 0.54 -26.40
CA LEU A 65 9.28 1.77 -27.13
C LEU A 65 10.42 1.51 -28.12
N GLU A 66 11.38 0.68 -27.76
CA GLU A 66 12.43 0.18 -28.65
C GLU A 66 11.94 -0.73 -29.80
N HIS A 67 10.98 -1.61 -29.50
CA HIS A 67 10.49 -2.60 -30.46
C HIS A 67 9.01 -3.04 -30.27
N MET B 1 1.43 -1.56 12.76
CA MET B 1 0.51 -2.76 12.76
C MET B 1 0.38 -3.39 14.16
N ARG B 2 1.39 -4.13 14.67
CA ARG B 2 1.76 -4.18 16.13
C ARG B 2 2.82 -3.10 16.44
N ARG B 3 3.39 -3.03 17.64
CA ARG B 3 4.45 -2.05 18.00
C ARG B 3 5.73 -2.17 17.14
N SER B 4 6.00 -3.30 16.45
CA SER B 4 6.92 -3.46 15.31
C SER B 4 6.52 -2.64 14.06
N GLU B 5 6.17 -1.34 14.19
CA GLU B 5 5.80 -0.40 13.11
C GLU B 5 6.78 -0.43 11.93
N VAL B 6 8.05 -0.78 12.20
CA VAL B 6 9.21 -0.85 11.28
C VAL B 6 8.96 -1.64 9.99
N LEU B 7 8.32 -2.83 9.99
CA LEU B 7 8.04 -3.54 8.76
C LEU B 7 7.04 -2.82 7.89
N ALA B 8 6.06 -2.22 8.54
CA ALA B 8 4.95 -1.53 7.88
C ALA B 8 5.45 -0.18 7.29
N GLU B 9 6.28 0.53 8.04
CA GLU B 9 6.96 1.76 7.60
C GLU B 9 7.96 1.46 6.45
N GLU B 10 8.70 0.36 6.52
CA GLU B 10 9.50 -0.12 5.37
C GLU B 10 8.65 -0.51 4.14
N SER B 11 7.47 -1.08 4.32
CA SER B 11 6.50 -1.42 3.27
C SER B 11 6.01 -0.16 2.53
N ILE B 12 5.61 0.91 3.24
CA ILE B 12 5.24 2.21 2.62
C ILE B 12 6.39 3.12 2.22
N VAL B 13 7.57 3.01 2.83
CA VAL B 13 8.82 3.56 2.26
C VAL B 13 8.98 2.92 0.87
N CYS B 14 8.82 1.60 0.73
CA CYS B 14 9.12 0.99 -0.54
C CYS B 14 8.10 1.39 -1.61
N LEU B 15 6.82 1.53 -1.28
CA LEU B 15 5.87 2.25 -2.16
C LEU B 15 6.28 3.72 -2.46
N GLN B 16 6.86 4.48 -1.53
CA GLN B 16 7.31 5.85 -1.78
C GLN B 16 8.42 5.88 -2.86
N LYS B 17 9.44 5.01 -2.71
CA LYS B 17 10.48 4.81 -3.76
C LYS B 17 9.86 4.42 -5.09
N ALA B 18 8.98 3.47 -5.02
CA ALA B 18 8.40 2.84 -6.18
C ALA B 18 7.50 3.78 -6.98
N LEU B 19 6.67 4.57 -6.31
CA LEU B 19 5.83 5.54 -7.00
C LEU B 19 6.66 6.64 -7.67
N ASN B 20 7.74 7.14 -7.07
CA ASN B 20 8.68 8.05 -7.70
C ASN B 20 9.43 7.44 -8.90
N HIS B 21 9.91 6.19 -8.76
CA HIS B 21 10.59 5.42 -9.81
C HIS B 21 9.68 5.07 -11.00
N LEU B 22 8.42 4.72 -10.77
CA LEU B 22 7.35 4.62 -11.75
C LEU B 22 7.11 5.94 -12.51
N ARG B 23 7.29 7.07 -11.83
CA ARG B 23 7.09 8.42 -12.42
C ARG B 23 8.31 8.95 -13.16
N GLU B 24 9.50 8.46 -12.84
CA GLU B 24 10.69 8.60 -13.71
C GLU B 24 10.47 7.81 -14.99
N ILE B 25 10.03 6.53 -14.88
CA ILE B 25 9.61 5.74 -16.05
C ILE B 25 8.49 6.47 -16.86
N TRP B 26 7.50 7.13 -16.22
CA TRP B 26 6.48 7.91 -16.95
C TRP B 26 7.07 8.95 -17.90
N GLU B 27 8.01 9.76 -17.38
CA GLU B 27 8.71 10.80 -18.18
C GLU B 27 9.63 10.21 -19.26
N LEU B 28 10.01 8.93 -19.11
CA LEU B 28 10.92 8.17 -19.95
C LEU B 28 10.24 7.35 -21.05
N ILE B 29 9.20 6.54 -20.79
CA ILE B 29 8.42 5.87 -21.87
C ILE B 29 7.36 6.76 -22.53
N GLY B 30 6.74 7.64 -21.75
CA GLY B 30 5.60 8.45 -22.15
C GLY B 30 4.33 7.66 -22.48
N ILE B 31 4.03 6.58 -21.76
CA ILE B 31 2.68 5.98 -21.75
C ILE B 31 1.63 6.96 -21.19
N PRO B 32 0.37 6.91 -21.68
CA PRO B 32 -0.69 7.82 -21.26
C PRO B 32 -1.00 7.68 -19.77
N GLU B 33 -1.24 8.83 -19.15
CA GLU B 33 -1.44 8.98 -17.72
C GLU B 33 -2.72 8.39 -17.17
N ASP B 34 -3.73 8.11 -18.00
CA ASP B 34 -4.93 7.38 -17.55
C ASP B 34 -4.62 5.95 -17.10
N GLN B 35 -3.60 5.30 -17.66
CA GLN B 35 -3.09 4.02 -17.12
C GLN B 35 -2.46 4.25 -15.74
N ARG B 36 -1.64 5.30 -15.59
CA ARG B 36 -1.01 5.64 -14.30
C ARG B 36 -1.95 6.10 -13.18
N LEU B 37 -2.98 6.87 -13.49
CA LEU B 37 -4.04 7.18 -12.50
C LEU B 37 -4.67 5.89 -12.03
N GLN B 38 -4.98 4.97 -12.93
CA GLN B 38 -5.57 3.70 -12.54
C GLN B 38 -4.58 2.77 -11.76
N ARG B 39 -3.27 2.85 -12.06
CA ARG B 39 -2.21 2.16 -11.28
C ARG B 39 -2.12 2.74 -9.86
N THR B 40 -2.25 4.08 -9.78
CA THR B 40 -2.40 4.80 -8.51
C THR B 40 -3.61 4.41 -7.69
N GLU B 41 -4.79 4.46 -8.32
CA GLU B 41 -6.10 4.17 -7.71
C GLU B 41 -6.23 2.72 -7.23
N VAL B 42 -5.50 1.78 -7.85
CA VAL B 42 -5.42 0.38 -7.37
C VAL B 42 -4.41 0.16 -6.23
N VAL B 43 -3.26 0.86 -6.24
CA VAL B 43 -2.35 0.99 -5.08
C VAL B 43 -3.12 1.54 -3.89
N LYS B 44 -3.96 2.55 -4.16
CA LYS B 44 -4.82 3.19 -3.18
C LYS B 44 -5.91 2.21 -2.70
N LYS B 45 -6.58 1.47 -3.58
CA LYS B 45 -7.63 0.49 -3.18
C LYS B 45 -7.07 -0.70 -2.41
N HIS B 46 -5.79 -1.03 -2.56
CA HIS B 46 -5.08 -1.92 -1.64
C HIS B 46 -4.95 -1.37 -0.21
N ILE B 47 -4.60 -0.09 -0.08
CA ILE B 47 -4.73 0.62 1.21
C ILE B 47 -6.19 0.74 1.68
N LYS B 48 -7.21 0.79 0.80
CA LYS B 48 -8.63 0.76 1.20
C LYS B 48 -9.12 -0.57 1.80
N GLU B 49 -8.58 -1.71 1.34
CA GLU B 49 -8.73 -3.02 2.08
C GLU B 49 -8.20 -2.84 3.51
N LEU B 50 -7.00 -2.28 3.64
CA LEU B 50 -6.34 -2.08 4.90
C LEU B 50 -7.14 -1.12 5.82
N LEU B 51 -7.79 -0.10 5.25
CA LEU B 51 -8.74 0.69 6.04
C LEU B 51 -9.91 -0.17 6.55
N ASP B 52 -10.50 -0.99 5.70
CA ASP B 52 -11.66 -1.79 6.03
C ASP B 52 -11.43 -2.87 7.09
N MET B 53 -10.30 -3.59 6.99
CA MET B 53 -9.89 -4.52 8.06
C MET B 53 -9.68 -3.79 9.37
N MET B 54 -9.13 -2.57 9.40
CA MET B 54 -8.97 -1.82 10.64
C MET B 54 -10.29 -1.43 11.31
N ILE B 55 -11.29 -0.97 10.58
CA ILE B 55 -12.60 -0.69 11.15
C ILE B 55 -13.24 -1.99 11.64
N ALA B 56 -13.05 -3.10 10.92
CA ALA B 56 -13.40 -4.43 11.45
C ALA B 56 -12.57 -4.87 12.67
N GLU B 57 -11.32 -4.40 12.83
CA GLU B 57 -10.48 -4.73 13.99
C GLU B 57 -10.90 -3.97 15.25
N GLU B 58 -11.06 -2.63 15.19
CA GLU B 58 -11.67 -1.91 16.31
C GLU B 58 -13.08 -2.47 16.61
N GLU B 59 -14.05 -2.45 15.69
CA GLU B 59 -15.43 -2.75 16.08
C GLU B 59 -15.62 -4.24 16.37
N SER B 60 -15.25 -5.10 15.41
CA SER B 60 -15.49 -6.54 15.50
C SER B 60 -14.50 -7.33 16.35
N LEU B 61 -13.24 -6.93 16.45
CA LEU B 61 -12.32 -7.64 17.35
C LEU B 61 -12.28 -7.11 18.76
N LYS B 62 -12.58 -5.84 19.00
CA LYS B 62 -13.00 -5.51 20.36
C LYS B 62 -14.29 -6.22 20.76
N GLU B 63 -15.18 -6.49 19.81
CA GLU B 63 -16.29 -7.43 20.00
C GLU B 63 -15.86 -8.92 20.17
N ARG B 64 -14.66 -9.34 19.75
CA ARG B 64 -14.12 -10.67 20.14
C ARG B 64 -13.80 -10.75 21.61
N LEU B 65 -13.32 -9.63 22.19
CA LEU B 65 -13.17 -9.48 23.62
C LEU B 65 -14.53 -9.44 24.35
N GLU B 66 -15.55 -8.74 23.77
CA GLU B 66 -16.94 -8.69 24.26
C GLU B 66 -17.65 -10.07 24.24
N HIS B 67 -17.50 -10.86 23.15
CA HIS B 67 -18.11 -12.17 22.92
C HIS B 67 -17.39 -13.04 21.86
N MET A 1 5.68 7.64 -8.90
CA MET A 1 4.78 7.06 -9.94
C MET A 1 5.03 7.72 -11.30
N ARG A 2 4.57 8.96 -11.52
CA ARG A 2 5.18 9.96 -12.41
C ARG A 2 5.69 11.15 -11.61
N ARG A 3 6.19 12.20 -12.27
CA ARG A 3 6.79 13.43 -11.70
C ARG A 3 5.93 14.14 -10.61
N SER A 4 4.61 13.98 -10.68
CA SER A 4 3.65 14.17 -9.58
C SER A 4 3.70 13.13 -8.46
N GLU A 5 4.88 12.77 -7.92
CA GLU A 5 5.10 11.76 -6.86
C GLU A 5 4.08 11.86 -5.67
N VAL A 6 3.57 13.09 -5.42
CA VAL A 6 2.71 13.47 -4.27
C VAL A 6 1.50 12.59 -3.92
N LEU A 7 0.72 12.14 -4.91
CA LEU A 7 -0.53 11.48 -4.63
C LEU A 7 -0.32 10.13 -3.97
N ALA A 8 0.63 9.31 -4.41
CA ALA A 8 0.95 8.07 -3.70
C ALA A 8 1.76 8.29 -2.40
N GLU A 9 2.52 9.37 -2.29
CA GLU A 9 3.16 9.75 -1.02
C GLU A 9 2.16 10.16 0.06
N GLU A 10 1.10 10.90 -0.30
CA GLU A 10 -0.11 11.11 0.53
C GLU A 10 -0.87 9.82 0.81
N SER A 11 -0.89 8.88 -0.15
CA SER A 11 -1.53 7.58 0.03
C SER A 11 -0.83 6.79 1.15
N ILE A 12 0.52 6.75 1.18
CA ILE A 12 1.23 6.06 2.27
C ILE A 12 1.41 6.88 3.54
N VAL A 13 1.28 8.22 3.54
CA VAL A 13 0.98 8.95 4.76
C VAL A 13 -0.27 8.37 5.32
N CYS A 14 -1.32 8.24 4.51
CA CYS A 14 -2.65 7.82 5.01
C CYS A 14 -2.63 6.38 5.57
N LEU A 15 -1.84 5.47 4.94
CA LEU A 15 -1.54 4.17 5.49
C LEU A 15 -0.70 4.26 6.76
N GLN A 16 0.24 5.20 6.90
CA GLN A 16 1.00 5.40 8.16
C GLN A 16 0.10 5.84 9.32
N LYS A 17 -0.90 6.72 9.09
CA LYS A 17 -1.93 7.03 10.13
C LYS A 17 -2.69 5.75 10.48
N ALA A 18 -3.14 5.05 9.44
CA ALA A 18 -4.10 3.97 9.55
C ALA A 18 -3.50 2.77 10.24
N LEU A 19 -2.23 2.47 9.96
CA LEU A 19 -1.48 1.41 10.60
C LEU A 19 -1.18 1.72 12.07
N ASN A 20 -0.99 3.01 12.42
CA ASN A 20 -0.87 3.44 13.82
C ASN A 20 -2.22 3.36 14.57
N HIS A 21 -3.32 3.85 14.00
CA HIS A 21 -4.66 3.69 14.59
C HIS A 21 -5.14 2.22 14.72
N LEU A 22 -4.86 1.38 13.72
CA LEU A 22 -5.05 -0.08 13.79
C LEU A 22 -4.20 -0.72 14.90
N ARG A 23 -3.03 -0.13 15.19
CA ARG A 23 -2.19 -0.58 16.33
C ARG A 23 -2.75 -0.16 17.70
N GLU A 24 -3.34 1.01 17.79
CA GLU A 24 -4.12 1.39 18.95
C GLU A 24 -5.31 0.44 19.16
N ILE A 25 -6.07 0.14 18.09
CA ILE A 25 -7.12 -0.87 18.13
C ILE A 25 -6.63 -2.27 18.53
N TRP A 26 -5.49 -2.75 18.02
CA TRP A 26 -4.84 -3.99 18.52
C TRP A 26 -4.68 -4.05 20.02
N GLU A 27 -4.13 -3.00 20.62
CA GLU A 27 -4.01 -2.90 22.08
C GLU A 27 -5.37 -2.76 22.81
N LEU A 28 -6.44 -2.29 22.12
CA LEU A 28 -7.82 -2.29 22.65
C LEU A 28 -8.49 -3.67 22.58
N ILE A 29 -8.68 -4.26 21.38
CA ILE A 29 -9.48 -5.48 21.16
C ILE A 29 -8.73 -6.77 21.49
N GLY A 30 -7.39 -6.76 21.37
CA GLY A 30 -6.52 -7.93 21.64
C GLY A 30 -6.87 -9.21 20.85
N ILE A 31 -7.37 -9.10 19.59
CA ILE A 31 -7.44 -10.22 18.61
C ILE A 31 -6.03 -10.82 18.40
N PRO A 32 -5.90 -12.16 18.28
CA PRO A 32 -4.60 -12.84 18.25
C PRO A 32 -3.64 -12.29 17.22
N GLU A 33 -2.40 -12.17 17.66
CA GLU A 33 -1.37 -11.40 16.96
C GLU A 33 -0.92 -12.00 15.59
N ASP A 34 -1.29 -13.24 15.25
CA ASP A 34 -1.13 -13.79 13.90
C ASP A 34 -2.17 -13.32 12.85
N GLN A 35 -3.41 -12.99 13.27
CA GLN A 35 -4.34 -12.21 12.44
C GLN A 35 -3.76 -10.83 12.08
N ARG A 36 -3.01 -10.20 13.02
CA ARG A 36 -2.34 -8.89 12.79
C ARG A 36 -1.21 -8.94 11.79
N LEU A 37 -0.27 -9.87 11.88
CA LEU A 37 0.75 -9.88 10.84
C LEU A 37 0.18 -10.20 9.47
N GLN A 38 -0.83 -11.06 9.39
CA GLN A 38 -1.56 -11.26 8.14
C GLN A 38 -2.21 -9.98 7.56
N ARG A 39 -2.72 -9.07 8.41
CA ARG A 39 -3.20 -7.74 7.99
C ARG A 39 -2.09 -6.89 7.39
N THR A 40 -0.93 -6.84 8.05
CA THR A 40 0.33 -6.23 7.52
C THR A 40 0.84 -6.82 6.22
N GLU A 41 0.90 -8.14 6.16
CA GLU A 41 1.49 -8.93 5.08
C GLU A 41 0.64 -8.86 3.82
N VAL A 42 -0.69 -8.70 3.96
CA VAL A 42 -1.57 -8.42 2.83
C VAL A 42 -1.52 -6.96 2.35
N VAL A 43 -1.43 -5.98 3.25
CA VAL A 43 -1.04 -4.57 2.92
C VAL A 43 0.26 -4.56 2.10
N LYS A 44 1.24 -5.35 2.55
CA LYS A 44 2.56 -5.50 1.89
C LYS A 44 2.42 -6.16 0.53
N LYS A 45 1.62 -7.21 0.37
CA LYS A 45 1.32 -7.85 -0.93
C LYS A 45 0.61 -6.96 -1.92
N HIS A 46 -0.14 -5.97 -1.45
CA HIS A 46 -0.58 -4.88 -2.35
C HIS A 46 0.57 -4.01 -2.87
N ILE A 47 1.56 -3.69 -2.05
CA ILE A 47 2.84 -3.12 -2.53
C ILE A 47 3.62 -4.15 -3.40
N LYS A 48 3.61 -5.44 -3.08
CA LYS A 48 4.22 -6.48 -3.95
C LYS A 48 3.58 -6.63 -5.33
N GLU A 49 2.28 -6.34 -5.50
CA GLU A 49 1.56 -6.23 -6.78
C GLU A 49 2.03 -4.98 -7.58
N LEU A 50 2.40 -3.92 -6.86
CA LEU A 50 3.12 -2.78 -7.43
C LEU A 50 4.56 -3.09 -7.83
N LEU A 51 5.32 -3.82 -7.00
CA LEU A 51 6.68 -4.24 -7.39
C LEU A 51 6.59 -5.10 -8.66
N ASP A 52 5.70 -6.08 -8.70
CA ASP A 52 5.51 -6.95 -9.85
C ASP A 52 5.04 -6.25 -11.12
N MET A 53 4.15 -5.24 -11.00
CA MET A 53 3.82 -4.32 -12.08
C MET A 53 5.11 -3.68 -12.56
N MET A 54 5.90 -3.08 -11.65
CA MET A 54 6.99 -2.22 -12.09
C MET A 54 8.09 -3.02 -12.79
N ILE A 55 8.42 -4.24 -12.36
CA ILE A 55 9.39 -5.09 -13.03
C ILE A 55 8.90 -5.49 -14.41
N ALA A 56 7.58 -5.76 -14.58
CA ALA A 56 6.94 -5.83 -15.89
C ALA A 56 7.00 -4.53 -16.72
N GLU A 57 6.80 -3.36 -16.08
CA GLU A 57 6.87 -2.07 -16.75
C GLU A 57 8.30 -1.78 -17.24
N GLU A 58 9.29 -1.97 -16.37
CA GLU A 58 10.70 -1.82 -16.52
C GLU A 58 11.15 -2.67 -17.72
N GLU A 59 11.23 -4.00 -17.57
CA GLU A 59 11.74 -4.81 -18.69
C GLU A 59 10.73 -4.94 -19.81
N SER A 60 9.48 -5.35 -19.57
CA SER A 60 8.57 -5.67 -20.69
C SER A 60 7.97 -4.43 -21.40
N LEU A 61 7.70 -3.33 -20.70
CA LEU A 61 7.20 -2.12 -21.38
C LEU A 61 8.35 -1.25 -21.96
N LYS A 62 9.56 -1.22 -21.40
CA LYS A 62 10.73 -0.82 -22.19
C LYS A 62 10.93 -1.70 -23.42
N GLU A 63 10.68 -3.01 -23.36
CA GLU A 63 10.63 -3.89 -24.55
C GLU A 63 9.39 -3.71 -25.46
N ARG A 64 8.35 -2.99 -25.01
CA ARG A 64 7.26 -2.53 -25.90
C ARG A 64 7.70 -1.39 -26.83
N LEU A 65 8.57 -0.52 -26.31
CA LEU A 65 9.25 0.41 -27.17
C LEU A 65 10.26 -0.25 -28.14
N GLU A 66 10.94 -1.31 -27.67
CA GLU A 66 11.86 -2.09 -28.51
C GLU A 66 11.17 -2.88 -29.65
N HIS A 67 10.07 -3.59 -29.34
CA HIS A 67 9.46 -4.63 -30.18
C HIS A 67 7.90 -4.63 -30.12
N MET B 1 0.18 -2.00 12.73
CA MET B 1 -0.80 -3.16 12.70
C MET B 1 -0.97 -3.83 14.06
N ARG B 2 0.01 -4.59 14.55
CA ARG B 2 0.30 -4.84 15.98
C ARG B 2 1.57 -4.12 16.37
N ARG B 3 1.99 -4.30 17.61
CA ARG B 3 3.12 -3.61 18.28
C ARG B 3 4.48 -3.86 17.57
N SER B 4 4.60 -4.93 16.80
CA SER B 4 5.61 -5.17 15.75
C SER B 4 5.50 -4.20 14.53
N GLU B 5 5.30 -2.88 14.73
CA GLU B 5 5.08 -1.82 13.71
C GLU B 5 6.04 -1.86 12.51
N VAL B 6 7.23 -2.46 12.73
CA VAL B 6 8.38 -2.55 11.81
C VAL B 6 8.05 -3.08 10.42
N LEU B 7 7.27 -4.16 10.33
CA LEU B 7 6.95 -4.77 9.02
C LEU B 7 6.07 -3.75 8.25
N ALA B 8 5.18 -3.02 8.94
CA ALA B 8 4.24 -2.09 8.29
C ALA B 8 4.93 -0.82 7.78
N GLU B 9 5.88 -0.28 8.55
CA GLU B 9 6.78 0.73 8.03
C GLU B 9 7.60 0.23 6.86
N GLU B 10 8.22 -0.95 6.95
CA GLU B 10 8.91 -1.57 5.80
C GLU B 10 8.00 -1.77 4.56
N SER B 11 6.72 -2.04 4.76
CA SER B 11 5.72 -2.19 3.69
C SER B 11 5.58 -0.89 2.91
N ILE B 12 5.52 0.26 3.62
CA ILE B 12 5.44 1.58 2.97
C ILE B 12 6.78 2.22 2.60
N VAL B 13 7.91 1.91 3.24
CA VAL B 13 9.27 2.09 2.67
C VAL B 13 9.29 1.43 1.29
N CYS B 14 8.91 0.16 1.17
CA CYS B 14 9.05 -0.58 -0.08
C CYS B 14 8.18 0.02 -1.20
N LEU B 15 7.01 0.57 -0.85
CA LEU B 15 6.18 1.35 -1.77
C LEU B 15 6.80 2.70 -2.15
N GLN B 16 7.25 3.51 -1.17
CA GLN B 16 7.93 4.81 -1.41
C GLN B 16 9.16 4.65 -2.31
N LYS B 17 9.93 3.56 -2.09
CA LYS B 17 11.09 3.12 -2.86
C LYS B 17 10.74 2.71 -4.30
N ALA B 18 9.68 1.92 -4.44
CA ALA B 18 9.22 1.40 -5.74
C ALA B 18 8.59 2.52 -6.58
N LEU B 19 7.81 3.40 -5.95
CA LEU B 19 7.24 4.63 -6.49
C LEU B 19 8.33 5.49 -7.15
N ASN B 20 9.47 5.66 -6.48
CA ASN B 20 10.60 6.40 -7.00
C ASN B 20 11.38 5.63 -8.11
N HIS B 21 11.56 4.29 -7.93
CA HIS B 21 12.10 3.47 -9.02
C HIS B 21 11.25 3.57 -10.31
N LEU B 22 9.92 3.44 -10.17
CA LEU B 22 8.95 3.54 -11.25
C LEU B 22 8.81 4.94 -11.83
N ARG B 23 9.04 5.99 -11.02
CA ARG B 23 9.16 7.35 -11.57
C ARG B 23 10.35 7.50 -12.50
N GLU B 24 11.51 6.88 -12.23
CA GLU B 24 12.61 6.86 -13.21
C GLU B 24 12.24 6.12 -14.50
N ILE B 25 11.49 5.01 -14.40
CA ILE B 25 10.97 4.33 -15.58
C ILE B 25 9.98 5.23 -16.35
N TRP B 26 9.09 5.96 -15.67
CA TRP B 26 8.25 6.98 -16.33
C TRP B 26 9.03 8.00 -17.18
N GLU B 27 10.09 8.59 -16.64
CA GLU B 27 10.96 9.50 -17.44
C GLU B 27 11.68 8.80 -18.62
N LEU B 28 11.85 7.47 -18.57
CA LEU B 28 12.50 6.61 -19.56
C LEU B 28 11.53 6.13 -20.66
N ILE B 29 10.44 5.43 -20.36
CA ILE B 29 9.49 4.96 -21.41
C ILE B 29 8.56 6.06 -21.96
N GLY B 30 8.15 7.02 -21.11
CA GLY B 30 7.26 8.12 -21.52
C GLY B 30 5.88 7.72 -21.99
N ILE B 31 5.31 6.62 -21.44
CA ILE B 31 3.87 6.33 -21.54
C ILE B 31 3.04 7.48 -20.94
N PRO B 32 1.87 7.85 -21.52
CA PRO B 32 1.12 9.05 -21.18
C PRO B 32 0.75 9.17 -19.71
N GLU B 33 0.89 10.39 -19.18
CA GLU B 33 0.69 10.75 -17.78
C GLU B 33 -0.71 10.43 -17.20
N ASP B 34 -1.73 10.25 -18.01
CA ASP B 34 -3.06 9.76 -17.55
C ASP B 34 -3.03 8.36 -16.94
N GLN B 35 -2.29 7.45 -17.58
CA GLN B 35 -2.10 6.08 -17.07
C GLN B 35 -1.34 6.09 -15.74
N ARG B 36 -0.33 6.95 -15.63
CA ARG B 36 0.45 7.12 -14.36
C ARG B 36 -0.36 7.64 -13.18
N LEU B 37 -1.18 8.67 -13.36
CA LEU B 37 -2.13 9.09 -12.31
C LEU B 37 -3.03 7.93 -11.94
N GLN B 38 -3.54 7.15 -12.88
CA GLN B 38 -4.34 5.94 -12.57
C GLN B 38 -3.56 4.82 -11.83
N ARG B 39 -2.24 4.64 -12.11
CA ARG B 39 -1.34 3.72 -11.35
C ARG B 39 -1.13 4.18 -9.89
N THR B 40 -1.04 5.48 -9.73
CA THR B 40 -1.01 6.19 -8.43
C THR B 40 -2.31 6.06 -7.63
N GLU B 41 -3.44 6.23 -8.31
CA GLU B 41 -4.79 6.19 -7.77
C GLU B 41 -5.24 4.78 -7.34
N VAL B 42 -4.77 3.73 -8.01
CA VAL B 42 -5.06 2.33 -7.65
C VAL B 42 -4.21 1.81 -6.47
N VAL B 43 -2.94 2.23 -6.38
CA VAL B 43 -2.12 2.03 -5.16
C VAL B 43 -2.83 2.75 -4.01
N LYS B 44 -3.27 4.01 -4.21
CA LYS B 44 -4.11 4.73 -3.25
C LYS B 44 -5.41 4.03 -2.86
N LYS B 45 -6.13 3.46 -3.81
CA LYS B 45 -7.35 2.75 -3.44
C LYS B 45 -7.15 1.44 -2.68
N HIS B 46 -5.98 0.83 -2.81
CA HIS B 46 -5.61 -0.28 -1.92
C HIS B 46 -5.35 0.18 -0.51
N ILE B 47 -4.79 1.37 -0.28
CA ILE B 47 -4.76 1.94 1.10
C ILE B 47 -6.18 2.38 1.52
N LYS B 48 -7.05 2.86 0.63
CA LYS B 48 -8.47 3.15 0.95
C LYS B 48 -9.28 1.92 1.40
N GLU B 49 -9.03 0.77 0.75
CA GLU B 49 -9.41 -0.55 1.24
C GLU B 49 -8.90 -0.80 2.68
N LEU B 50 -7.64 -0.51 2.99
CA LEU B 50 -7.09 -0.54 4.34
C LEU B 50 -7.79 0.42 5.33
N LEU B 51 -8.12 1.65 4.89
CA LEU B 51 -8.85 2.61 5.69
C LEU B 51 -10.24 2.05 6.03
N ASP B 52 -10.92 1.42 5.09
CA ASP B 52 -12.27 0.85 5.28
C ASP B 52 -12.35 -0.35 6.24
N MET B 53 -11.38 -1.27 6.18
CA MET B 53 -11.26 -2.33 7.21
C MET B 53 -11.02 -1.75 8.60
N MET B 54 -10.28 -0.65 8.73
CA MET B 54 -9.96 -0.05 10.03
C MET B 54 -11.14 0.62 10.74
N ILE B 55 -11.94 1.41 10.02
CA ILE B 55 -13.12 2.01 10.66
C ILE B 55 -14.11 0.91 11.03
N ALA B 56 -14.20 -0.15 10.23
CA ALA B 56 -14.85 -1.39 10.62
C ALA B 56 -14.22 -2.06 11.82
N GLU B 57 -12.89 -2.12 11.97
CA GLU B 57 -12.23 -2.70 13.14
C GLU B 57 -12.46 -1.96 14.46
N GLU B 58 -12.31 -0.64 14.46
CA GLU B 58 -12.77 0.11 15.66
C GLU B 58 -14.26 -0.09 15.88
N GLU B 59 -15.13 0.39 14.98
CA GLU B 59 -16.55 0.43 15.33
C GLU B 59 -17.13 -0.98 15.55
N SER B 60 -16.99 -1.86 14.56
CA SER B 60 -17.62 -3.15 14.56
C SER B 60 -16.83 -4.28 15.27
N LEU B 61 -15.49 -4.24 15.35
CA LEU B 61 -14.73 -5.32 16.02
C LEU B 61 -14.46 -5.02 17.51
N LYS B 62 -14.37 -3.74 17.88
CA LYS B 62 -14.62 -3.36 19.27
C LYS B 62 -16.06 -3.77 19.70
N GLU B 63 -17.07 -3.57 18.85
CA GLU B 63 -18.44 -4.11 19.08
C GLU B 63 -18.54 -5.61 19.01
N ARG B 64 -17.62 -6.33 18.36
CA ARG B 64 -17.56 -7.79 18.45
C ARG B 64 -17.18 -8.29 19.84
N LEU B 65 -16.33 -7.55 20.54
CA LEU B 65 -16.12 -7.76 21.97
C LEU B 65 -17.33 -7.35 22.83
N GLU B 66 -18.04 -6.24 22.44
CA GLU B 66 -19.25 -5.79 23.16
C GLU B 66 -20.38 -6.85 23.11
N HIS B 67 -20.67 -7.33 21.91
CA HIS B 67 -21.83 -8.17 21.54
C HIS B 67 -21.54 -9.08 20.31
N MET A 1 3.61 7.44 -8.64
CA MET A 1 2.96 6.80 -9.81
C MET A 1 3.11 7.64 -11.10
N ARG A 2 2.47 8.80 -11.26
CA ARG A 2 2.97 9.92 -12.09
C ARG A 2 3.21 11.13 -11.21
N ARG A 3 3.70 12.25 -11.74
CA ARG A 3 4.14 13.45 -10.98
C ARG A 3 3.12 14.07 -10.02
N SER A 4 1.82 13.78 -10.26
CA SER A 4 0.70 13.84 -9.30
C SER A 4 0.79 12.79 -8.14
N GLU A 5 1.97 12.63 -7.51
CA GLU A 5 2.27 11.60 -6.53
C GLU A 5 1.27 11.52 -5.35
N VAL A 6 0.61 12.66 -5.05
CA VAL A 6 -0.41 12.88 -4.01
C VAL A 6 -1.46 11.79 -3.79
N LEU A 7 -1.98 11.17 -4.85
CA LEU A 7 -3.02 10.14 -4.71
C LEU A 7 -2.44 8.87 -4.07
N ALA A 8 -1.19 8.55 -4.40
CA ALA A 8 -0.47 7.43 -3.83
C ALA A 8 0.04 7.74 -2.42
N GLU A 9 0.51 8.95 -2.18
CA GLU A 9 0.92 9.40 -0.85
C GLU A 9 -0.27 9.34 0.11
N GLU A 10 -1.47 9.73 -0.32
CA GLU A 10 -2.71 9.56 0.47
C GLU A 10 -3.09 8.10 0.68
N SER A 11 -2.77 7.21 -0.27
CA SER A 11 -3.03 5.75 -0.13
C SER A 11 -2.22 5.18 1.06
N ILE A 12 -0.95 5.59 1.22
CA ILE A 12 -0.07 5.12 2.32
C ILE A 12 -0.05 5.96 3.58
N VAL A 13 -0.51 7.23 3.55
CA VAL A 13 -1.04 7.85 4.79
C VAL A 13 -2.16 6.99 5.32
N CYS A 14 -3.09 6.60 4.45
CA CYS A 14 -4.29 5.90 4.94
C CYS A 14 -3.98 4.49 5.46
N LEU A 15 -2.99 3.79 4.88
CA LEU A 15 -2.40 2.60 5.45
C LEU A 15 -1.63 2.89 6.77
N GLN A 16 -0.79 3.93 6.86
CA GLN A 16 -0.01 4.25 8.08
C GLN A 16 -0.94 4.52 9.29
N LYS A 17 -2.05 5.19 9.00
CA LYS A 17 -3.20 5.48 9.87
C LYS A 17 -3.92 4.20 10.30
N ALA A 18 -4.30 3.39 9.33
CA ALA A 18 -5.03 2.15 9.54
C ALA A 18 -4.21 1.10 10.33
N LEU A 19 -2.94 1.01 9.99
CA LEU A 19 -1.99 0.09 10.64
C LEU A 19 -1.77 0.51 12.10
N ASN A 20 -1.83 1.83 12.43
CA ASN A 20 -1.88 2.28 13.83
C ASN A 20 -3.22 1.96 14.53
N HIS A 21 -4.36 2.27 13.92
CA HIS A 21 -5.67 1.88 14.51
C HIS A 21 -5.86 0.36 14.71
N LEU A 22 -5.32 -0.47 13.81
CA LEU A 22 -5.23 -1.93 13.96
C LEU A 22 -4.36 -2.35 15.15
N ARG A 23 -3.25 -1.65 15.40
CA ARG A 23 -2.39 -1.83 16.58
C ARG A 23 -3.12 -1.44 17.85
N GLU A 24 -3.86 -0.34 17.86
CA GLU A 24 -4.73 0.05 18.98
C GLU A 24 -5.79 -1.05 19.27
N ILE A 25 -6.49 -1.53 18.22
CA ILE A 25 -7.42 -2.63 18.33
C ILE A 25 -6.79 -3.91 18.93
N TRP A 26 -5.57 -4.32 18.50
CA TRP A 26 -4.89 -5.45 19.13
C TRP A 26 -4.64 -5.27 20.63
N GLU A 27 -4.19 -4.08 21.05
CA GLU A 27 -4.11 -3.72 22.48
C GLU A 27 -5.49 -3.73 23.19
N LEU A 28 -6.63 -3.70 22.48
CA LEU A 28 -7.96 -4.02 23.00
C LEU A 28 -8.27 -5.56 23.01
N ILE A 29 -8.23 -6.24 21.87
CA ILE A 29 -8.75 -7.61 21.67
C ILE A 29 -7.80 -8.75 22.14
N GLY A 30 -6.50 -8.57 21.96
CA GLY A 30 -5.51 -9.60 22.30
C GLY A 30 -5.61 -10.89 21.50
N ILE A 31 -6.18 -10.81 20.26
CA ILE A 31 -6.15 -11.92 19.25
C ILE A 31 -4.69 -12.33 18.99
N PRO A 32 -4.38 -13.62 18.80
CA PRO A 32 -3.00 -14.06 18.64
C PRO A 32 -2.30 -13.31 17.51
N GLU A 33 -1.16 -12.73 17.84
CA GLU A 33 -0.42 -11.79 17.00
C GLU A 33 0.23 -12.42 15.78
N ASP A 34 0.24 -13.74 15.72
CA ASP A 34 0.45 -14.45 14.47
C ASP A 34 -0.57 -14.10 13.38
N GLN A 35 -1.88 -13.99 13.71
CA GLN A 35 -2.90 -13.41 12.80
C GLN A 35 -2.59 -12.00 12.37
N ARG A 36 -1.97 -11.16 13.24
CA ARG A 36 -1.46 -9.83 12.89
C ARG A 36 -0.29 -9.83 11.96
N LEU A 37 0.76 -10.60 12.16
CA LEU A 37 1.82 -10.58 11.13
C LEU A 37 1.37 -11.12 9.78
N GLN A 38 0.44 -12.07 9.72
CA GLN A 38 -0.18 -12.47 8.45
C GLN A 38 -0.96 -11.34 7.78
N ARG A 39 -1.60 -10.43 8.55
CA ARG A 39 -2.20 -9.21 7.99
C ARG A 39 -1.18 -8.23 7.43
N THR A 40 -0.08 -8.01 8.13
CA THR A 40 1.08 -7.24 7.61
C THR A 40 1.72 -7.81 6.40
N GLU A 41 1.91 -9.14 6.41
CA GLU A 41 2.64 -9.88 5.36
C GLU A 41 1.86 -9.86 4.05
N VAL A 42 0.54 -9.97 4.08
CA VAL A 42 -0.36 -9.79 2.93
C VAL A 42 -0.59 -8.36 2.43
N VAL A 43 -0.62 -7.36 3.34
CA VAL A 43 -0.49 -5.92 3.04
C VAL A 43 0.83 -5.68 2.26
N LYS A 44 1.97 -6.19 2.78
CA LYS A 44 3.30 -6.19 2.11
C LYS A 44 3.24 -6.92 0.80
N LYS A 45 2.58 -8.09 0.68
CA LYS A 45 2.51 -8.85 -0.59
C LYS A 45 1.67 -8.14 -1.66
N HIS A 46 0.71 -7.29 -1.29
CA HIS A 46 0.06 -6.36 -2.24
C HIS A 46 1.04 -5.28 -2.74
N ILE A 47 2.01 -4.84 -1.93
CA ILE A 47 3.20 -4.09 -2.45
C ILE A 47 4.16 -5.00 -3.26
N LYS A 48 4.37 -6.29 -2.97
CA LYS A 48 5.20 -7.17 -3.85
C LYS A 48 4.59 -7.41 -5.26
N GLU A 49 3.26 -7.49 -5.31
CA GLU A 49 2.43 -7.42 -6.50
C GLU A 49 2.72 -6.13 -7.32
N LEU A 50 2.80 -4.98 -6.64
CA LEU A 50 3.22 -3.70 -7.24
C LEU A 50 4.70 -3.66 -7.63
N LEU A 51 5.59 -4.37 -6.89
CA LEU A 51 7.01 -4.55 -7.26
C LEU A 51 7.11 -5.31 -8.59
N ASP A 52 6.42 -6.45 -8.72
CA ASP A 52 6.37 -7.25 -9.94
C ASP A 52 5.78 -6.59 -11.16
N MET A 53 4.74 -5.76 -10.97
CA MET A 53 4.33 -4.80 -12.01
C MET A 53 5.51 -3.91 -12.48
N MET A 54 6.17 -3.26 -11.53
CA MET A 54 7.18 -2.24 -11.83
C MET A 54 8.40 -2.77 -12.56
N ILE A 55 8.89 -3.95 -12.18
CA ILE A 55 10.02 -4.56 -12.84
C ILE A 55 9.64 -4.99 -14.26
N ALA A 56 8.41 -5.46 -14.46
CA ALA A 56 7.83 -5.60 -15.79
C ALA A 56 7.60 -4.26 -16.56
N GLU A 57 7.25 -3.15 -15.88
CA GLU A 57 7.08 -1.83 -16.48
C GLU A 57 8.37 -1.24 -17.04
N GLU A 58 9.46 -1.24 -16.30
CA GLU A 58 10.78 -0.90 -16.88
C GLU A 58 11.19 -1.87 -17.98
N GLU A 59 11.24 -3.19 -17.70
CA GLU A 59 11.73 -4.15 -18.69
C GLU A 59 10.84 -4.18 -19.94
N SER A 60 9.57 -4.60 -19.77
CA SER A 60 8.69 -4.81 -20.90
C SER A 60 8.13 -3.51 -21.51
N LEU A 61 7.72 -2.47 -20.76
CA LEU A 61 7.19 -1.27 -21.43
C LEU A 61 8.23 -0.35 -22.04
N LYS A 62 9.45 -0.27 -21.48
CA LYS A 62 10.52 0.45 -22.17
C LYS A 62 10.81 -0.32 -23.48
N GLU A 63 10.82 -1.65 -23.46
CA GLU A 63 10.87 -2.48 -24.69
C GLU A 63 9.72 -2.40 -25.66
N ARG A 64 8.50 -1.98 -25.19
CA ARG A 64 7.38 -1.55 -26.10
C ARG A 64 7.87 -0.36 -26.95
N LEU A 65 8.54 0.61 -26.34
CA LEU A 65 9.11 1.78 -26.98
C LEU A 65 10.36 1.47 -27.83
N GLU A 66 11.26 0.66 -27.29
CA GLU A 66 12.53 0.31 -27.97
C GLU A 66 12.29 -0.35 -29.35
N HIS A 67 11.31 -1.27 -29.45
CA HIS A 67 11.08 -2.15 -30.61
C HIS A 67 9.63 -2.15 -31.09
N MET B 1 0.14 -2.81 12.81
CA MET B 1 -0.57 -4.12 12.80
C MET B 1 -0.60 -4.72 14.20
N ARG B 2 0.43 -5.41 14.68
CA ARG B 2 0.81 -5.51 16.12
C ARG B 2 1.94 -4.53 16.43
N ARG B 3 2.38 -4.38 17.68
CA ARG B 3 3.34 -3.36 18.16
C ARG B 3 4.74 -3.46 17.53
N SER B 4 5.12 -4.60 16.94
CA SER B 4 6.16 -4.74 15.89
C SER B 4 5.87 -3.98 14.56
N GLU B 5 5.41 -2.71 14.64
CA GLU B 5 4.98 -1.86 13.51
C GLU B 5 5.97 -1.85 12.33
N VAL B 6 7.25 -2.10 12.65
CA VAL B 6 8.36 -2.14 11.69
C VAL B 6 8.13 -2.87 10.36
N LEU B 7 7.49 -4.05 10.33
CA LEU B 7 7.26 -4.80 9.08
C LEU B 7 6.24 -4.09 8.20
N ALA B 8 5.26 -3.38 8.83
CA ALA B 8 4.24 -2.62 8.12
C ALA B 8 4.76 -1.28 7.59
N GLU B 9 5.62 -0.61 8.36
CA GLU B 9 6.31 0.61 7.93
C GLU B 9 7.31 0.28 6.81
N GLU B 10 8.06 -0.83 6.86
CA GLU B 10 8.82 -1.35 5.74
C GLU B 10 7.90 -1.60 4.51
N SER B 11 6.67 -2.13 4.71
CA SER B 11 5.76 -2.35 3.55
C SER B 11 5.48 -1.00 2.82
N ILE B 12 5.28 0.13 3.52
CA ILE B 12 4.96 1.45 2.94
C ILE B 12 6.18 2.36 2.64
N VAL B 13 7.39 2.08 3.18
CA VAL B 13 8.66 2.51 2.57
C VAL B 13 8.73 1.90 1.20
N CYS B 14 8.51 0.59 1.13
CA CYS B 14 8.73 -0.16 -0.07
C CYS B 14 7.70 0.25 -1.15
N LEU B 15 6.47 0.58 -0.79
CA LEU B 15 5.57 1.27 -1.71
C LEU B 15 6.02 2.71 -2.05
N GLN B 16 6.45 3.55 -1.09
CA GLN B 16 6.88 4.92 -1.39
C GLN B 16 8.07 4.92 -2.39
N LYS B 17 9.01 4.04 -2.11
CA LYS B 17 10.16 3.73 -2.93
C LYS B 17 9.79 3.27 -4.34
N ALA B 18 8.88 2.30 -4.46
CA ALA B 18 8.39 1.79 -5.74
C ALA B 18 7.60 2.81 -6.52
N LEU B 19 6.71 3.60 -5.87
CA LEU B 19 5.88 4.60 -6.55
C LEU B 19 6.70 5.77 -7.11
N ASN B 20 7.79 6.15 -6.45
CA ASN B 20 8.80 7.06 -7.00
C ASN B 20 9.55 6.43 -8.16
N HIS B 21 9.98 5.14 -8.08
CA HIS B 21 10.59 4.40 -9.22
C HIS B 21 9.70 4.30 -10.48
N LEU B 22 8.39 4.04 -10.28
CA LEU B 22 7.35 4.05 -11.33
C LEU B 22 7.18 5.45 -11.89
N ARG B 23 7.34 6.51 -11.08
CA ARG B 23 7.31 7.89 -11.57
C ARG B 23 8.54 8.25 -12.43
N GLU B 24 9.72 7.75 -12.09
CA GLU B 24 10.87 7.87 -13.03
C GLU B 24 10.56 7.14 -14.36
N ILE B 25 10.10 5.89 -14.27
CA ILE B 25 9.71 5.09 -15.47
C ILE B 25 8.61 5.78 -16.27
N TRP B 26 7.65 6.43 -15.61
CA TRP B 26 6.62 7.21 -16.27
C TRP B 26 7.18 8.31 -17.18
N GLU B 27 8.14 9.08 -16.68
CA GLU B 27 8.84 10.08 -17.48
C GLU B 27 9.78 9.52 -18.58
N LEU B 28 10.24 8.26 -18.47
CA LEU B 28 10.92 7.54 -19.57
C LEU B 28 9.93 7.05 -20.64
N ILE B 29 8.92 6.24 -20.27
CA ILE B 29 8.04 5.61 -21.29
C ILE B 29 6.97 6.57 -21.87
N GLY B 30 6.48 7.53 -21.09
CA GLY B 30 5.46 8.51 -21.52
C GLY B 30 4.06 7.90 -21.72
N ILE B 31 3.76 6.71 -21.17
CA ILE B 31 2.42 6.11 -21.18
C ILE B 31 1.44 7.09 -20.53
N PRO B 32 0.16 7.16 -20.99
CA PRO B 32 -0.78 8.22 -20.51
C PRO B 32 -1.10 8.14 -19.03
N GLU B 33 -1.16 9.29 -18.36
CA GLU B 33 -1.36 9.36 -16.88
C GLU B 33 -2.71 8.87 -16.34
N ASP B 34 -3.71 8.63 -17.21
CA ASP B 34 -4.88 7.78 -16.90
C ASP B 34 -4.53 6.35 -16.49
N GLN B 35 -3.65 5.70 -17.28
CA GLN B 35 -3.22 4.34 -17.00
C GLN B 35 -2.34 4.25 -15.73
N ARG B 36 -1.58 5.30 -15.48
CA ARG B 36 -0.83 5.51 -14.21
C ARG B 36 -1.74 5.77 -13.01
N LEU B 37 -2.74 6.64 -13.10
CA LEU B 37 -3.66 6.84 -11.99
C LEU B 37 -4.46 5.57 -11.70
N GLN B 38 -4.89 4.81 -12.70
CA GLN B 38 -5.58 3.55 -12.44
C GLN B 38 -4.65 2.55 -11.69
N ARG B 39 -3.35 2.51 -12.01
CA ARG B 39 -2.36 1.83 -11.13
C ARG B 39 -2.31 2.38 -9.70
N THR B 40 -2.42 3.70 -9.50
CA THR B 40 -2.58 4.31 -8.17
C THR B 40 -3.85 3.92 -7.43
N GLU B 41 -4.97 3.98 -8.14
CA GLU B 41 -6.30 3.74 -7.63
C GLU B 41 -6.54 2.28 -7.23
N VAL B 42 -5.91 1.33 -7.93
CA VAL B 42 -5.88 -0.09 -7.50
C VAL B 42 -4.94 -0.39 -6.32
N VAL B 43 -3.80 0.28 -6.26
CA VAL B 43 -2.89 0.23 -5.07
C VAL B 43 -3.65 0.75 -3.86
N LYS B 44 -4.40 1.86 -4.01
CA LYS B 44 -5.30 2.43 -3.00
C LYS B 44 -6.46 1.49 -2.65
N LYS B 45 -7.10 0.79 -3.58
CA LYS B 45 -8.14 -0.18 -3.24
C LYS B 45 -7.60 -1.39 -2.48
N HIS B 46 -6.32 -1.71 -2.63
CA HIS B 46 -5.71 -2.71 -1.73
C HIS B 46 -5.58 -2.19 -0.28
N ILE B 47 -5.31 -0.89 -0.12
CA ILE B 47 -5.44 -0.28 1.21
C ILE B 47 -6.91 -0.13 1.64
N LYS B 48 -7.90 0.08 0.75
CA LYS B 48 -9.32 0.09 1.16
C LYS B 48 -9.79 -1.30 1.70
N GLU B 49 -9.31 -2.37 1.12
CA GLU B 49 -9.41 -3.72 1.61
C GLU B 49 -8.80 -3.93 3.03
N LEU B 50 -7.67 -3.25 3.31
CA LEU B 50 -7.13 -3.13 4.65
C LEU B 50 -7.99 -2.22 5.56
N LEU B 51 -8.59 -1.15 5.07
CA LEU B 51 -9.56 -0.40 5.90
C LEU B 51 -10.75 -1.30 6.28
N ASP B 52 -11.31 -2.05 5.32
CA ASP B 52 -12.49 -2.86 5.54
C ASP B 52 -12.32 -3.98 6.57
N MET B 53 -11.18 -4.67 6.55
CA MET B 53 -10.81 -5.59 7.63
C MET B 53 -10.68 -4.87 8.98
N MET B 54 -10.15 -3.65 9.04
CA MET B 54 -10.06 -2.86 10.29
C MET B 54 -11.41 -2.45 10.88
N ILE B 55 -12.35 -2.02 10.04
CA ILE B 55 -13.69 -1.71 10.49
C ILE B 55 -14.41 -2.94 11.02
N ALA B 56 -14.13 -4.09 10.41
CA ALA B 56 -14.51 -5.41 10.91
C ALA B 56 -13.75 -5.80 12.21
N GLU B 57 -12.48 -5.45 12.36
CA GLU B 57 -11.69 -5.77 13.56
C GLU B 57 -12.15 -5.04 14.84
N GLU B 58 -12.38 -3.73 14.75
CA GLU B 58 -12.97 -2.98 15.84
C GLU B 58 -14.41 -3.47 16.09
N GLU B 59 -15.32 -3.42 15.12
CA GLU B 59 -16.73 -3.78 15.40
C GLU B 59 -16.90 -5.25 15.75
N SER B 60 -16.51 -6.15 14.84
CA SER B 60 -16.81 -7.55 15.02
C SER B 60 -15.81 -8.32 15.88
N LEU B 61 -14.50 -8.03 15.90
CA LEU B 61 -13.55 -8.75 16.75
C LEU B 61 -13.56 -8.17 18.18
N LYS B 62 -13.80 -6.86 18.36
CA LYS B 62 -14.12 -6.39 19.71
C LYS B 62 -15.41 -7.02 20.24
N GLU B 63 -16.41 -7.30 19.40
CA GLU B 63 -17.58 -8.17 19.66
C GLU B 63 -17.28 -9.67 19.80
N ARG B 64 -16.19 -10.20 19.25
CA ARG B 64 -15.68 -11.55 19.59
C ARG B 64 -15.42 -11.63 21.10
N LEU B 65 -14.92 -10.51 21.67
CA LEU B 65 -14.82 -10.32 23.12
C LEU B 65 -16.12 -9.82 23.79
N GLU B 66 -16.77 -8.78 23.27
CA GLU B 66 -17.74 -7.92 23.99
C GLU B 66 -19.21 -8.39 23.93
N HIS B 67 -19.52 -9.39 23.09
CA HIS B 67 -20.88 -9.89 22.88
C HIS B 67 -21.64 -10.18 24.19
N MET A 1 4.79 7.95 -8.96
CA MET A 1 3.97 7.24 -10.01
C MET A 1 4.14 7.92 -11.41
N ARG A 2 3.53 9.09 -11.67
CA ARG A 2 4.24 10.26 -12.28
C ARG A 2 4.73 11.20 -11.17
N ARG A 3 5.29 12.34 -11.52
CA ARG A 3 5.93 13.36 -10.66
C ARG A 3 5.07 14.06 -9.63
N SER A 4 3.74 13.87 -9.70
CA SER A 4 2.79 14.05 -8.57
C SER A 4 2.95 12.96 -7.48
N GLU A 5 4.17 12.56 -7.07
CA GLU A 5 4.46 11.54 -6.03
C GLU A 5 3.61 11.71 -4.74
N VAL A 6 3.18 12.95 -4.46
CA VAL A 6 2.20 13.37 -3.43
C VAL A 6 0.97 12.47 -3.20
N LEU A 7 0.23 12.05 -4.25
CA LEU A 7 -1.01 11.28 -4.04
C LEU A 7 -0.66 9.92 -3.40
N ALA A 8 0.46 9.35 -3.83
CA ALA A 8 0.99 8.08 -3.34
C ALA A 8 1.63 8.19 -1.95
N GLU A 9 2.43 9.23 -1.68
CA GLU A 9 3.02 9.50 -0.39
C GLU A 9 1.91 9.68 0.69
N GLU A 10 0.81 10.35 0.33
CA GLU A 10 -0.40 10.41 1.20
C GLU A 10 -1.09 9.06 1.35
N SER A 11 -1.08 8.21 0.31
CA SER A 11 -1.60 6.85 0.41
C SER A 11 -0.81 6.07 1.49
N ILE A 12 0.54 6.16 1.53
CA ILE A 12 1.32 5.45 2.55
C ILE A 12 1.48 6.17 3.88
N VAL A 13 1.18 7.47 3.98
CA VAL A 13 0.87 8.11 5.28
C VAL A 13 -0.37 7.44 5.83
N CYS A 14 -1.42 7.35 5.02
CA CYS A 14 -2.69 6.84 5.46
C CYS A 14 -2.61 5.36 5.85
N LEU A 15 -1.72 4.57 5.23
CA LEU A 15 -1.42 3.19 5.67
C LEU A 15 -0.62 3.26 7.00
N GLN A 16 0.49 4.01 7.06
CA GLN A 16 1.30 4.13 8.31
C GLN A 16 0.48 4.57 9.54
N LYS A 17 -0.46 5.50 9.32
CA LYS A 17 -1.49 5.99 10.26
C LYS A 17 -2.49 4.92 10.69
N ALA A 18 -3.01 4.19 9.72
CA ALA A 18 -3.95 3.10 9.95
C ALA A 18 -3.27 1.94 10.67
N LEU A 19 -2.05 1.63 10.31
CA LEU A 19 -1.21 0.57 10.85
C LEU A 19 -0.94 0.75 12.36
N ASN A 20 -0.72 1.97 12.80
CA ASN A 20 -0.63 2.29 14.21
C ASN A 20 -1.98 2.09 14.95
N HIS A 21 -3.08 2.57 14.36
CA HIS A 21 -4.45 2.37 14.91
C HIS A 21 -4.91 0.89 14.93
N LEU A 22 -4.60 0.06 13.92
CA LEU A 22 -4.75 -1.40 14.00
C LEU A 22 -3.96 -1.97 15.18
N ARG A 23 -2.78 -1.44 15.48
CA ARG A 23 -1.94 -1.99 16.57
C ARG A 23 -2.47 -1.56 17.95
N GLU A 24 -2.99 -0.31 18.05
CA GLU A 24 -3.82 0.07 19.18
C GLU A 24 -4.99 -0.91 19.40
N ILE A 25 -5.78 -1.22 18.36
CA ILE A 25 -6.85 -2.24 18.42
C ILE A 25 -6.30 -3.61 18.83
N TRP A 26 -5.18 -4.07 18.26
CA TRP A 26 -4.59 -5.37 18.62
C TRP A 26 -4.32 -5.48 20.12
N GLU A 27 -3.72 -4.45 20.71
CA GLU A 27 -3.41 -4.47 22.18
C GLU A 27 -4.68 -4.30 23.03
N LEU A 28 -5.77 -3.78 22.48
CA LEU A 28 -7.10 -3.65 23.06
C LEU A 28 -7.93 -4.97 22.91
N ILE A 29 -8.30 -5.48 21.72
CA ILE A 29 -9.16 -6.68 21.56
C ILE A 29 -8.43 -7.98 21.94
N GLY A 30 -7.12 -8.07 21.70
CA GLY A 30 -6.37 -9.30 22.00
C GLY A 30 -6.61 -10.53 21.08
N ILE A 31 -6.96 -10.29 19.82
CA ILE A 31 -7.07 -11.35 18.77
C ILE A 31 -5.68 -12.00 18.52
N PRO A 32 -5.62 -13.32 18.21
CA PRO A 32 -4.34 -14.02 17.95
C PRO A 32 -3.51 -13.41 16.80
N GLU A 33 -2.21 -13.27 17.09
CA GLU A 33 -1.32 -12.48 16.22
C GLU A 33 -0.99 -13.08 14.85
N ASP A 34 -1.31 -14.37 14.59
CA ASP A 34 -1.28 -14.94 13.25
C ASP A 34 -2.33 -14.38 12.27
N GLN A 35 -3.49 -13.92 12.77
CA GLN A 35 -4.43 -13.14 11.97
C GLN A 35 -3.85 -11.76 11.68
N ARG A 36 -3.10 -11.18 12.62
CA ARG A 36 -2.43 -9.88 12.40
C ARG A 36 -1.29 -9.86 11.38
N LEU A 37 -0.38 -10.83 11.43
CA LEU A 37 0.64 -10.95 10.38
C LEU A 37 0.08 -11.27 9.02
N GLN A 38 -1.02 -12.03 8.91
CA GLN A 38 -1.65 -12.25 7.62
C GLN A 38 -2.28 -10.98 7.07
N ARG A 39 -2.78 -10.09 7.99
CA ARG A 39 -3.13 -8.67 7.64
C ARG A 39 -1.97 -7.82 7.15
N THR A 40 -0.80 -7.88 7.80
CA THR A 40 0.44 -7.29 7.32
C THR A 40 0.91 -7.81 5.95
N GLU A 41 0.82 -9.13 5.81
CA GLU A 41 1.34 -9.85 4.66
C GLU A 41 0.45 -9.64 3.43
N VAL A 42 -0.87 -9.56 3.58
CA VAL A 42 -1.81 -9.21 2.48
C VAL A 42 -1.69 -7.79 1.98
N VAL A 43 -1.48 -6.84 2.89
CA VAL A 43 -1.13 -5.43 2.62
C VAL A 43 0.22 -5.40 1.90
N LYS A 44 1.22 -6.12 2.41
CA LYS A 44 2.52 -6.18 1.72
C LYS A 44 2.42 -6.79 0.34
N LYS A 45 1.60 -7.82 0.13
CA LYS A 45 1.36 -8.41 -1.20
C LYS A 45 0.70 -7.51 -2.22
N HIS A 46 -0.10 -6.54 -1.75
CA HIS A 46 -0.61 -5.45 -2.60
C HIS A 46 0.50 -4.55 -3.13
N ILE A 47 1.46 -4.17 -2.26
CA ILE A 47 2.69 -3.50 -2.75
C ILE A 47 3.54 -4.47 -3.63
N LYS A 48 3.48 -5.80 -3.45
CA LYS A 48 4.23 -6.74 -4.32
C LYS A 48 3.66 -6.87 -5.74
N GLU A 49 2.33 -6.71 -5.90
CA GLU A 49 1.71 -6.48 -7.24
C GLU A 49 2.36 -5.24 -7.88
N LEU A 50 2.47 -4.17 -7.10
CA LEU A 50 3.13 -2.92 -7.54
C LEU A 50 4.61 -3.08 -7.86
N LEU A 51 5.39 -3.88 -7.10
CA LEU A 51 6.77 -4.22 -7.48
C LEU A 51 6.79 -4.96 -8.84
N ASP A 52 6.06 -6.05 -8.97
CA ASP A 52 5.93 -6.80 -10.23
C ASP A 52 5.37 -6.07 -11.48
N MET A 53 4.40 -5.17 -11.32
CA MET A 53 4.00 -4.19 -12.37
C MET A 53 5.20 -3.40 -12.86
N MET A 54 5.97 -2.81 -11.94
CA MET A 54 7.00 -1.85 -12.30
C MET A 54 8.18 -2.49 -12.99
N ILE A 55 8.65 -3.67 -12.58
CA ILE A 55 9.73 -4.39 -13.28
C ILE A 55 9.25 -4.88 -14.68
N ALA A 56 7.97 -5.24 -14.82
CA ALA A 56 7.35 -5.34 -16.13
C ALA A 56 7.23 -3.99 -16.88
N GLU A 57 7.04 -2.84 -16.22
CA GLU A 57 7.01 -1.52 -16.89
C GLU A 57 8.38 -1.15 -17.47
N GLU A 58 9.45 -1.22 -16.69
CA GLU A 58 10.78 -0.93 -17.28
C GLU A 58 11.08 -1.94 -18.39
N GLU A 59 11.01 -3.25 -18.08
CA GLU A 59 11.45 -4.23 -19.07
C GLU A 59 10.55 -4.25 -20.31
N SER A 60 9.26 -4.55 -20.10
CA SER A 60 8.32 -4.85 -21.20
C SER A 60 7.62 -3.59 -21.74
N LEU A 61 7.32 -2.57 -20.92
CA LEU A 61 6.72 -1.33 -21.38
C LEU A 61 7.74 -0.38 -22.01
N LYS A 62 9.01 -0.35 -21.56
CA LYS A 62 10.07 0.35 -22.34
C LYS A 62 10.37 -0.39 -23.63
N GLU A 63 10.39 -1.72 -23.64
CA GLU A 63 10.39 -2.51 -24.91
C GLU A 63 9.14 -2.36 -25.77
N ARG A 64 8.02 -1.87 -25.21
CA ARG A 64 6.89 -1.39 -26.03
C ARG A 64 7.16 -0.09 -26.79
N LEU A 65 7.90 0.86 -26.20
CA LEU A 65 8.52 1.99 -26.91
C LEU A 65 9.65 1.58 -27.89
N GLU A 66 10.46 0.57 -27.52
CA GLU A 66 11.56 0.08 -28.38
C GLU A 66 11.02 -0.57 -29.67
N HIS A 67 10.03 -1.47 -29.51
CA HIS A 67 9.49 -2.37 -30.54
C HIS A 67 7.95 -2.52 -30.47
N MET B 1 0.72 -3.44 12.61
CA MET B 1 -0.49 -4.31 12.54
C MET B 1 -0.74 -5.03 13.88
N ARG B 2 0.00 -6.08 14.25
CA ARG B 2 0.40 -6.27 15.68
C ARG B 2 1.78 -5.61 15.91
N ARG B 3 2.38 -5.70 17.10
CA ARG B 3 3.57 -4.93 17.54
C ARG B 3 4.84 -5.18 16.69
N SER B 4 4.85 -6.25 15.89
CA SER B 4 5.70 -6.50 14.75
C SER B 4 5.46 -5.53 13.56
N GLU B 5 5.32 -4.22 13.82
CA GLU B 5 5.04 -3.12 12.87
C GLU B 5 5.92 -3.18 11.61
N VAL B 6 7.11 -3.77 11.76
CA VAL B 6 8.18 -3.95 10.77
C VAL B 6 7.74 -4.47 9.38
N LEU B 7 6.82 -5.44 9.28
CA LEU B 7 6.46 -6.01 7.96
C LEU B 7 5.86 -4.96 7.01
N ALA B 8 4.98 -4.11 7.54
CA ALA B 8 4.38 -3.07 6.72
C ALA B 8 5.10 -1.71 6.72
N GLU B 9 5.97 -1.45 7.70
CA GLU B 9 6.99 -0.40 7.56
C GLU B 9 7.93 -0.74 6.37
N GLU B 10 8.37 -2.02 6.28
CA GLU B 10 9.10 -2.51 5.10
C GLU B 10 8.27 -2.48 3.83
N SER B 11 7.00 -2.86 3.88
CA SER B 11 6.12 -2.84 2.70
C SER B 11 5.93 -1.43 2.17
N ILE B 12 5.78 -0.39 3.02
CA ILE B 12 5.63 0.99 2.49
C ILE B 12 6.95 1.73 2.29
N VAL B 13 8.06 1.29 2.91
CA VAL B 13 9.41 1.63 2.45
C VAL B 13 9.52 1.18 1.00
N CYS B 14 9.13 -0.08 0.71
CA CYS B 14 9.27 -0.63 -0.61
C CYS B 14 8.36 0.08 -1.58
N LEU B 15 7.14 0.41 -1.21
CA LEU B 15 6.27 1.26 -2.02
C LEU B 15 6.88 2.66 -2.25
N GLN B 16 7.57 3.28 -1.31
CA GLN B 16 8.24 4.62 -1.46
C GLN B 16 9.36 4.56 -2.50
N LYS B 17 10.24 3.57 -2.41
CA LYS B 17 11.25 3.23 -3.43
C LYS B 17 10.60 2.97 -4.78
N ALA B 18 9.51 2.22 -4.74
CA ALA B 18 8.90 1.66 -5.95
C ALA B 18 8.16 2.72 -6.73
N LEU B 19 7.37 3.57 -6.05
CA LEU B 19 6.68 4.70 -6.69
C LEU B 19 7.67 5.71 -7.29
N ASN B 20 8.83 5.92 -6.67
CA ASN B 20 9.88 6.80 -7.20
C ASN B 20 10.60 6.17 -8.40
N HIS B 21 11.04 4.91 -8.37
CA HIS B 21 11.60 4.11 -9.51
C HIS B 21 10.60 4.07 -10.67
N LEU B 22 9.32 3.81 -10.42
CA LEU B 22 8.22 3.82 -11.38
C LEU B 22 7.96 5.23 -11.96
N ARG B 23 8.33 6.31 -11.28
CA ARG B 23 8.32 7.69 -11.81
C ARG B 23 9.53 7.98 -12.67
N GLU B 24 10.69 7.40 -12.39
CA GLU B 24 11.81 7.44 -13.37
C GLU B 24 11.38 6.75 -14.67
N ILE B 25 10.68 5.61 -14.59
CA ILE B 25 10.14 4.93 -15.81
C ILE B 25 9.15 5.81 -16.55
N TRP B 26 8.28 6.57 -15.86
CA TRP B 26 7.46 7.59 -16.57
C TRP B 26 8.27 8.49 -17.50
N GLU B 27 9.31 9.09 -16.97
CA GLU B 27 10.17 9.99 -17.74
C GLU B 27 10.94 9.26 -18.87
N LEU B 28 11.10 7.95 -18.81
CA LEU B 28 11.53 7.11 -19.95
C LEU B 28 10.42 6.82 -21.00
N ILE B 29 9.34 6.14 -20.64
CA ILE B 29 8.34 5.66 -21.62
C ILE B 29 7.41 6.73 -22.20
N GLY B 30 7.09 7.75 -21.40
CA GLY B 30 6.22 8.85 -21.81
C GLY B 30 4.74 8.46 -21.98
N ILE B 31 4.29 7.34 -21.38
CA ILE B 31 2.86 6.98 -21.24
C ILE B 31 2.11 8.12 -20.51
N PRO B 32 0.88 8.47 -20.94
CA PRO B 32 0.17 9.60 -20.39
C PRO B 32 -0.12 9.49 -18.88
N GLU B 33 0.05 10.62 -18.17
CA GLU B 33 0.01 10.68 -16.71
C GLU B 33 -1.34 10.22 -16.10
N ASP B 34 -2.45 10.20 -16.85
CA ASP B 34 -3.72 9.62 -16.38
C ASP B 34 -3.80 8.10 -16.16
N GLN B 35 -3.02 7.32 -16.94
CA GLN B 35 -2.77 5.91 -16.61
C GLN B 35 -1.88 5.79 -15.35
N ARG B 36 -0.93 6.73 -15.13
CA ARG B 36 -0.04 6.69 -13.94
C ARG B 36 -0.80 7.03 -12.69
N LEU B 37 -1.71 8.00 -12.72
CA LEU B 37 -2.57 8.30 -11.59
C LEU B 37 -3.56 7.19 -11.31
N GLN B 38 -4.12 6.48 -12.29
CA GLN B 38 -4.96 5.34 -12.00
C GLN B 38 -4.18 4.16 -11.37
N ARG B 39 -2.87 4.04 -11.61
CA ARG B 39 -1.95 3.15 -10.84
C ARG B 39 -1.82 3.63 -9.38
N THR B 40 -1.70 4.95 -9.19
CA THR B 40 -1.69 5.58 -7.88
C THR B 40 -2.95 5.40 -7.04
N GLU B 41 -4.08 5.64 -7.68
CA GLU B 41 -5.41 5.60 -7.13
C GLU B 41 -5.79 4.15 -6.75
N VAL B 42 -5.30 3.14 -7.50
CA VAL B 42 -5.50 1.73 -7.11
C VAL B 42 -4.56 1.19 -6.03
N VAL B 43 -3.34 1.72 -5.95
CA VAL B 43 -2.43 1.55 -4.80
C VAL B 43 -3.12 2.12 -3.55
N LYS B 44 -3.70 3.33 -3.67
CA LYS B 44 -4.44 4.01 -2.62
C LYS B 44 -5.77 3.30 -2.24
N LYS B 45 -6.48 2.75 -3.20
CA LYS B 45 -7.66 1.89 -2.94
C LYS B 45 -7.35 0.56 -2.23
N HIS B 46 -6.16 0.02 -2.45
CA HIS B 46 -5.66 -1.07 -1.59
C HIS B 46 -5.48 -0.63 -0.13
N ILE B 47 -4.95 0.58 0.14
CA ILE B 47 -4.91 1.14 1.52
C ILE B 47 -6.34 1.54 1.98
N LYS B 48 -7.26 1.95 1.11
CA LYS B 48 -8.68 2.14 1.49
C LYS B 48 -9.41 0.83 1.87
N GLU B 49 -9.01 -0.29 1.27
CA GLU B 49 -9.44 -1.62 1.67
C GLU B 49 -8.92 -1.96 3.09
N LEU B 50 -7.72 -1.46 3.42
CA LEU B 50 -7.15 -1.50 4.77
C LEU B 50 -7.83 -0.55 5.78
N LEU B 51 -8.22 0.67 5.38
CA LEU B 51 -9.10 1.52 6.18
C LEU B 51 -10.43 0.84 6.48
N ASP B 52 -11.10 0.24 5.49
CA ASP B 52 -12.38 -0.43 5.68
C ASP B 52 -12.41 -1.62 6.65
N MET B 53 -11.36 -2.42 6.62
CA MET B 53 -11.17 -3.46 7.63
C MET B 53 -10.92 -2.84 9.00
N MET B 54 -10.11 -1.78 9.12
CA MET B 54 -9.83 -1.19 10.43
C MET B 54 -11.07 -0.60 11.09
N ILE B 55 -11.88 0.18 10.34
CA ILE B 55 -13.11 0.72 10.92
C ILE B 55 -14.05 -0.41 11.41
N ALA B 56 -14.13 -1.50 10.63
CA ALA B 56 -14.78 -2.75 11.03
C ALA B 56 -14.13 -3.42 12.23
N GLU B 57 -12.79 -3.40 12.34
CA GLU B 57 -12.08 -4.08 13.43
C GLU B 57 -12.22 -3.34 14.76
N GLU B 58 -12.04 -2.01 14.80
CA GLU B 58 -12.44 -1.26 15.99
C GLU B 58 -13.94 -1.43 16.23
N GLU B 59 -14.83 -0.97 15.37
CA GLU B 59 -16.24 -0.90 15.75
C GLU B 59 -16.87 -2.30 16.07
N SER B 60 -16.79 -3.21 15.09
CA SER B 60 -17.44 -4.50 15.21
C SER B 60 -16.62 -5.58 15.90
N LEU B 61 -15.26 -5.60 15.90
CA LEU B 61 -14.56 -6.72 16.52
C LEU B 61 -14.27 -6.44 18.00
N LYS B 62 -14.11 -5.15 18.37
CA LYS B 62 -14.34 -4.72 19.74
C LYS B 62 -15.77 -5.10 20.23
N GLU B 63 -16.84 -4.94 19.44
CA GLU B 63 -18.17 -5.46 19.74
C GLU B 63 -18.41 -6.99 19.72
N ARG B 64 -17.65 -7.73 18.90
CA ARG B 64 -17.60 -9.20 18.98
C ARG B 64 -17.18 -9.66 20.37
N LEU B 65 -16.27 -8.92 21.00
CA LEU B 65 -15.84 -9.16 22.37
C LEU B 65 -16.72 -8.48 23.46
N GLU B 66 -17.00 -7.19 23.31
CA GLU B 66 -17.31 -6.28 24.45
C GLU B 66 -18.76 -6.48 24.98
N HIS B 67 -19.63 -7.14 24.18
CA HIS B 67 -21.00 -7.54 24.59
C HIS B 67 -21.29 -9.02 24.25
N MET A 1 4.23 7.39 -8.76
CA MET A 1 3.53 6.70 -9.89
C MET A 1 3.70 7.51 -11.16
N ARG A 2 2.84 8.49 -11.45
CA ARG A 2 3.22 9.66 -12.27
C ARG A 2 3.53 10.82 -11.33
N ARG A 3 3.78 11.99 -11.90
CA ARG A 3 4.10 13.25 -11.18
C ARG A 3 3.01 13.86 -10.27
N SER A 4 1.76 13.41 -10.35
CA SER A 4 0.78 13.45 -9.24
C SER A 4 1.02 12.48 -8.10
N GLU A 5 2.25 12.37 -7.58
CA GLU A 5 2.66 11.46 -6.48
C GLU A 5 1.68 11.44 -5.30
N VAL A 6 1.01 12.58 -5.04
CA VAL A 6 -0.01 12.76 -3.99
C VAL A 6 -1.07 11.63 -3.83
N LEU A 7 -1.59 11.03 -4.91
CA LEU A 7 -2.58 9.94 -4.71
C LEU A 7 -1.91 8.69 -4.12
N ALA A 8 -0.70 8.40 -4.58
CA ALA A 8 0.07 7.26 -4.13
C ALA A 8 0.58 7.46 -2.68
N GLU A 9 1.00 8.70 -2.36
CA GLU A 9 1.32 9.15 -1.00
C GLU A 9 0.11 9.06 -0.08
N GLU A 10 -1.05 9.53 -0.51
CA GLU A 10 -2.29 9.36 0.28
C GLU A 10 -2.70 7.90 0.49
N SER A 11 -2.50 7.05 -0.52
CA SER A 11 -2.74 5.60 -0.47
C SER A 11 -1.86 4.95 0.60
N ILE A 12 -0.59 5.32 0.76
CA ILE A 12 0.27 4.81 1.85
C ILE A 12 0.19 5.60 3.16
N VAL A 13 -0.28 6.87 3.19
CA VAL A 13 -0.72 7.52 4.46
C VAL A 13 -1.84 6.70 5.04
N CYS A 14 -2.82 6.37 4.21
CA CYS A 14 -4.00 5.64 4.68
C CYS A 14 -3.65 4.25 5.18
N LEU A 15 -2.64 3.60 4.58
CA LEU A 15 -2.03 2.37 5.14
C LEU A 15 -1.22 2.60 6.44
N GLN A 16 -0.35 3.61 6.52
CA GLN A 16 0.37 4.01 7.78
C GLN A 16 -0.61 4.27 8.92
N LYS A 17 -1.71 4.92 8.59
CA LYS A 17 -2.88 5.18 9.43
C LYS A 17 -3.64 3.91 9.85
N ALA A 18 -3.94 3.04 8.90
CA ALA A 18 -4.70 1.80 9.09
C ALA A 18 -3.92 0.77 9.88
N LEU A 19 -2.62 0.69 9.65
CA LEU A 19 -1.72 -0.23 10.37
C LEU A 19 -1.53 0.20 11.81
N ASN A 20 -1.56 1.51 12.15
CA ASN A 20 -1.58 2.00 13.52
C ASN A 20 -2.92 1.75 14.23
N HIS A 21 -4.06 2.00 13.55
CA HIS A 21 -5.42 1.62 14.02
C HIS A 21 -5.62 0.14 14.26
N LEU A 22 -5.15 -0.72 13.34
CA LEU A 22 -5.12 -2.17 13.54
C LEU A 22 -4.31 -2.59 14.75
N ARG A 23 -3.21 -1.89 15.07
CA ARG A 23 -2.37 -2.11 16.25
C ARG A 23 -2.99 -1.57 17.54
N GLU A 24 -3.79 -0.50 17.50
CA GLU A 24 -4.67 -0.12 18.63
C GLU A 24 -5.72 -1.21 18.88
N ILE A 25 -6.34 -1.76 17.83
CA ILE A 25 -7.34 -2.85 17.96
C ILE A 25 -6.67 -4.11 18.52
N TRP A 26 -5.47 -4.54 18.12
CA TRP A 26 -4.70 -5.56 18.86
C TRP A 26 -4.58 -5.33 20.36
N GLU A 27 -4.21 -4.14 20.80
CA GLU A 27 -4.17 -3.77 22.21
C GLU A 27 -5.57 -3.79 22.89
N LEU A 28 -6.69 -3.79 22.10
CA LEU A 28 -8.07 -4.12 22.56
C LEU A 28 -8.39 -5.61 22.58
N ILE A 29 -8.44 -6.29 21.40
CA ILE A 29 -9.01 -7.66 21.24
C ILE A 29 -8.06 -8.78 21.71
N GLY A 30 -6.73 -8.64 21.56
CA GLY A 30 -5.75 -9.67 21.97
C GLY A 30 -5.84 -10.99 21.19
N ILE A 31 -6.30 -10.94 19.93
CA ILE A 31 -6.10 -12.03 18.94
C ILE A 31 -4.59 -12.26 18.82
N PRO A 32 -4.15 -13.55 18.66
CA PRO A 32 -2.75 -13.88 18.62
C PRO A 32 -2.01 -13.09 17.54
N GLU A 33 -0.88 -12.52 17.91
CA GLU A 33 -0.10 -11.53 17.17
C GLU A 33 0.61 -12.10 15.92
N ASP A 34 0.61 -13.43 15.75
CA ASP A 34 0.93 -14.08 14.48
C ASP A 34 -0.14 -14.10 13.38
N GLN A 35 -1.42 -13.95 13.74
CA GLN A 35 -2.43 -13.57 12.73
C GLN A 35 -2.16 -12.15 12.22
N ARG A 36 -1.66 -11.28 13.10
CA ARG A 36 -1.16 -9.92 12.74
C ARG A 36 0.04 -9.90 11.87
N LEU A 37 1.11 -10.65 12.14
CA LEU A 37 2.18 -10.62 11.14
C LEU A 37 1.81 -11.25 9.82
N GLN A 38 0.87 -12.19 9.75
CA GLN A 38 0.28 -12.67 8.49
C GLN A 38 -0.50 -11.58 7.76
N ARG A 39 -1.19 -10.70 8.52
CA ARG A 39 -1.82 -9.48 8.00
C ARG A 39 -0.79 -8.50 7.46
N THR A 40 0.28 -8.23 8.21
CA THR A 40 1.42 -7.44 7.68
C THR A 40 2.12 -7.99 6.46
N GLU A 41 2.38 -9.28 6.48
CA GLU A 41 3.14 -10.04 5.49
C GLU A 41 2.41 -10.05 4.15
N VAL A 42 1.08 -10.17 4.16
CA VAL A 42 0.25 -10.08 2.92
C VAL A 42 0.09 -8.64 2.42
N VAL A 43 0.07 -7.64 3.30
CA VAL A 43 0.21 -6.20 2.95
C VAL A 43 1.55 -6.01 2.23
N LYS A 44 2.66 -6.49 2.82
CA LYS A 44 3.97 -6.49 2.19
C LYS A 44 4.01 -7.24 0.84
N LYS A 45 3.36 -8.40 0.72
CA LYS A 45 3.25 -9.13 -0.59
C LYS A 45 2.42 -8.46 -1.70
N HIS A 46 1.47 -7.61 -1.33
CA HIS A 46 0.83 -6.62 -2.23
C HIS A 46 1.75 -5.48 -2.71
N ILE A 47 2.65 -5.00 -1.84
CA ILE A 47 3.75 -4.12 -2.34
C ILE A 47 4.76 -4.91 -3.13
N LYS A 48 4.95 -6.21 -2.89
CA LYS A 48 5.80 -7.09 -3.77
C LYS A 48 5.20 -7.32 -5.16
N GLU A 49 3.88 -7.31 -5.25
CA GLU A 49 3.10 -7.28 -6.51
C GLU A 49 3.35 -5.99 -7.33
N LEU A 50 3.46 -4.86 -6.62
CA LEU A 50 3.88 -3.58 -7.16
C LEU A 50 5.39 -3.56 -7.56
N LEU A 51 6.27 -4.22 -6.82
CA LEU A 51 7.67 -4.42 -7.25
C LEU A 51 7.72 -5.24 -8.57
N ASP A 52 6.95 -6.32 -8.69
CA ASP A 52 6.82 -7.10 -9.94
C ASP A 52 6.39 -6.38 -11.19
N MET A 53 5.28 -5.59 -11.12
CA MET A 53 4.89 -4.73 -12.25
C MET A 53 5.91 -3.65 -12.60
N MET A 54 6.64 -3.12 -11.59
CA MET A 54 7.65 -2.09 -11.77
C MET A 54 8.91 -2.57 -12.45
N ILE A 55 9.50 -3.69 -12.01
CA ILE A 55 10.64 -4.27 -12.72
C ILE A 55 10.17 -4.74 -14.13
N ALA A 56 8.93 -5.17 -14.31
CA ALA A 56 8.33 -5.34 -15.64
C ALA A 56 8.16 -3.99 -16.43
N GLU A 57 7.86 -2.87 -15.76
CA GLU A 57 7.76 -1.56 -16.42
C GLU A 57 9.13 -1.13 -16.94
N GLU A 58 10.16 -1.13 -16.11
CA GLU A 58 11.50 -0.81 -16.63
C GLU A 58 11.96 -1.81 -17.68
N GLU A 59 12.06 -3.09 -17.35
CA GLU A 59 12.60 -4.11 -18.30
C GLU A 59 11.71 -4.21 -19.56
N SER A 60 10.45 -4.63 -19.37
CA SER A 60 9.63 -4.99 -20.51
C SER A 60 8.97 -3.80 -21.17
N LEU A 61 8.54 -2.74 -20.47
CA LEU A 61 7.95 -1.57 -21.16
C LEU A 61 8.99 -0.69 -21.85
N LYS A 62 10.23 -0.51 -21.31
CA LYS A 62 11.32 0.10 -22.08
C LYS A 62 11.56 -0.70 -23.37
N GLU A 63 11.52 -2.05 -23.27
CA GLU A 63 11.57 -2.97 -24.42
C GLU A 63 10.33 -2.99 -25.32
N ARG A 64 9.15 -2.55 -24.86
CA ARG A 64 7.98 -2.25 -25.71
C ARG A 64 8.35 -1.18 -26.74
N LEU A 65 9.05 -0.14 -26.29
CA LEU A 65 9.45 0.99 -27.14
C LEU A 65 10.62 0.64 -28.06
N GLU A 66 11.49 -0.25 -27.59
CA GLU A 66 12.58 -0.84 -28.41
C GLU A 66 12.11 -1.72 -29.59
N HIS A 67 11.04 -2.50 -29.39
CA HIS A 67 10.47 -3.45 -30.34
C HIS A 67 10.05 -2.80 -31.69
N MET B 1 0.37 -3.02 12.60
CA MET B 1 -0.33 -4.36 12.60
C MET B 1 -0.45 -4.94 14.01
N ARG B 2 0.52 -5.73 14.50
CA ARG B 2 0.89 -5.74 15.93
C ARG B 2 2.03 -4.72 16.15
N ARG B 3 2.45 -4.52 17.42
CA ARG B 3 3.39 -3.48 17.89
C ARG B 3 4.82 -3.61 17.32
N SER B 4 5.14 -4.76 16.71
CA SER B 4 6.18 -4.89 15.70
C SER B 4 5.89 -4.08 14.40
N GLU B 5 5.43 -2.82 14.46
CA GLU B 5 4.91 -2.01 13.35
C GLU B 5 5.91 -1.93 12.17
N VAL B 6 7.20 -2.09 12.49
CA VAL B 6 8.36 -2.02 11.59
C VAL B 6 8.22 -2.75 10.26
N LEU B 7 7.71 -3.98 10.23
CA LEU B 7 7.56 -4.76 8.97
C LEU B 7 6.54 -4.07 8.04
N ALA B 8 5.56 -3.40 8.61
CA ALA B 8 4.57 -2.64 7.87
C ALA B 8 5.12 -1.26 7.48
N GLU B 9 5.88 -0.58 8.35
CA GLU B 9 6.53 0.67 7.95
C GLU B 9 7.56 0.44 6.83
N GLU B 10 8.36 -0.62 6.90
CA GLU B 10 9.24 -1.06 5.83
C GLU B 10 8.46 -1.44 4.55
N SER B 11 7.23 -1.99 4.66
CA SER B 11 6.33 -2.30 3.52
C SER B 11 6.07 -1.02 2.69
N ILE B 12 5.69 0.09 3.34
CA ILE B 12 5.38 1.36 2.70
C ILE B 12 6.61 2.29 2.53
N VAL B 13 7.74 2.07 3.24
CA VAL B 13 9.04 2.53 2.70
C VAL B 13 9.21 1.94 1.32
N CYS B 14 9.09 0.61 1.18
CA CYS B 14 9.38 -0.04 -0.08
C CYS B 14 8.37 0.37 -1.16
N LEU B 15 7.09 0.58 -0.80
CA LEU B 15 6.15 1.19 -1.71
C LEU B 15 6.52 2.65 -2.04
N GLN B 16 6.79 3.51 -1.07
CA GLN B 16 7.25 4.90 -1.33
C GLN B 16 8.45 5.01 -2.31
N LYS B 17 9.40 4.11 -2.10
CA LYS B 17 10.56 3.84 -2.92
C LYS B 17 10.24 3.38 -4.34
N ALA B 18 9.36 2.39 -4.43
CA ALA B 18 8.87 1.81 -5.66
C ALA B 18 8.05 2.78 -6.51
N LEU B 19 7.17 3.52 -5.84
CA LEU B 19 6.34 4.57 -6.36
C LEU B 19 7.19 5.67 -7.02
N ASN B 20 8.33 6.00 -6.42
CA ASN B 20 9.21 7.01 -6.98
C ASN B 20 10.02 6.46 -8.15
N HIS B 21 10.53 5.23 -8.08
CA HIS B 21 11.22 4.56 -9.22
C HIS B 21 10.29 4.37 -10.41
N LEU B 22 9.04 3.97 -10.19
CA LEU B 22 7.97 3.99 -11.20
C LEU B 22 7.78 5.37 -11.80
N ARG B 23 8.01 6.45 -11.05
CA ARG B 23 7.84 7.83 -11.55
C ARG B 23 9.08 8.25 -12.36
N GLU B 24 10.30 7.82 -12.01
CA GLU B 24 11.49 7.96 -12.86
C GLU B 24 11.23 7.22 -14.19
N ILE B 25 10.72 5.98 -14.14
CA ILE B 25 10.36 5.22 -15.35
C ILE B 25 9.27 5.91 -16.14
N TRP B 26 8.28 6.57 -15.51
CA TRP B 26 7.31 7.40 -16.27
C TRP B 26 7.98 8.36 -17.22
N GLU B 27 8.94 9.16 -16.72
CA GLU B 27 9.62 10.18 -17.53
C GLU B 27 10.70 9.62 -18.44
N LEU B 28 11.04 8.33 -18.27
CA LEU B 28 11.70 7.56 -19.34
C LEU B 28 10.74 7.12 -20.48
N ILE B 29 9.79 6.19 -20.21
CA ILE B 29 8.98 5.56 -21.26
C ILE B 29 7.92 6.51 -21.86
N GLY B 30 7.37 7.39 -21.03
CA GLY B 30 6.35 8.35 -21.47
C GLY B 30 4.98 7.74 -21.77
N ILE B 31 4.69 6.54 -21.26
CA ILE B 31 3.35 5.91 -21.35
C ILE B 31 2.27 6.85 -20.75
N PRO B 32 1.03 6.88 -21.30
CA PRO B 32 -0.04 7.78 -20.85
C PRO B 32 -0.37 7.65 -19.35
N GLU B 33 -0.36 8.82 -18.71
CA GLU B 33 -0.46 9.03 -17.28
C GLU B 33 -1.80 8.61 -16.66
N ASP B 34 -2.80 8.33 -17.50
CA ASP B 34 -4.03 7.67 -17.12
C ASP B 34 -3.80 6.21 -16.59
N GLN B 35 -2.91 5.45 -17.26
CA GLN B 35 -2.51 4.11 -16.83
C GLN B 35 -1.82 4.15 -15.45
N ARG B 36 -1.05 5.21 -15.21
CA ARG B 36 -0.40 5.48 -13.90
C ARG B 36 -1.39 5.78 -12.82
N LEU B 37 -2.42 6.58 -13.07
CA LEU B 37 -3.41 6.73 -12.01
C LEU B 37 -4.10 5.40 -11.73
N GLN B 38 -4.42 4.60 -12.75
CA GLN B 38 -5.10 3.32 -12.49
C GLN B 38 -4.19 2.28 -11.77
N ARG B 39 -2.86 2.30 -12.04
CA ARG B 39 -1.87 1.59 -11.18
C ARG B 39 -1.88 2.03 -9.74
N THR B 40 -1.93 3.35 -9.55
CA THR B 40 -2.07 3.98 -8.24
C THR B 40 -3.33 3.57 -7.51
N GLU B 41 -4.42 3.57 -8.26
CA GLU B 41 -5.79 3.31 -7.76
C GLU B 41 -5.97 1.82 -7.39
N VAL B 42 -5.30 0.85 -8.04
CA VAL B 42 -5.22 -0.57 -7.63
C VAL B 42 -4.27 -0.79 -6.44
N VAL B 43 -3.14 -0.07 -6.37
CA VAL B 43 -2.28 0.01 -5.15
C VAL B 43 -3.17 0.51 -3.97
N LYS B 44 -4.00 1.52 -4.21
CA LYS B 44 -4.95 2.10 -3.27
C LYS B 44 -6.04 1.09 -2.89
N LYS B 45 -6.58 0.31 -3.81
CA LYS B 45 -7.59 -0.71 -3.47
C LYS B 45 -7.03 -1.89 -2.71
N HIS B 46 -5.73 -2.17 -2.85
CA HIS B 46 -5.07 -3.07 -1.89
C HIS B 46 -5.03 -2.49 -0.46
N ILE B 47 -4.83 -1.18 -0.29
CA ILE B 47 -5.01 -0.56 1.05
C ILE B 47 -6.51 -0.47 1.41
N LYS B 48 -7.45 -0.37 0.47
CA LYS B 48 -8.89 -0.45 0.77
C LYS B 48 -9.38 -1.83 1.25
N GLU B 49 -8.84 -2.93 0.69
CA GLU B 49 -8.90 -4.29 1.27
C GLU B 49 -8.46 -4.30 2.76
N LEU B 50 -7.31 -3.64 3.05
CA LEU B 50 -6.82 -3.46 4.43
C LEU B 50 -7.65 -2.51 5.31
N LEU B 51 -8.32 -1.49 4.73
CA LEU B 51 -9.32 -0.71 5.47
C LEU B 51 -10.53 -1.57 5.80
N ASP B 52 -11.06 -2.34 4.85
CA ASP B 52 -12.23 -3.17 5.05
C ASP B 52 -12.05 -4.34 6.04
N MET B 53 -10.86 -4.99 6.07
CA MET B 53 -10.56 -5.92 7.18
C MET B 53 -10.53 -5.17 8.53
N MET B 54 -9.94 -3.96 8.62
CA MET B 54 -9.81 -3.23 9.86
C MET B 54 -11.13 -2.76 10.47
N ILE B 55 -12.05 -2.24 9.63
CA ILE B 55 -13.36 -1.76 10.11
C ILE B 55 -14.16 -2.95 10.63
N ALA B 56 -14.06 -4.09 9.93
CA ALA B 56 -14.55 -5.35 10.48
C ALA B 56 -13.82 -5.84 11.75
N GLU B 57 -12.51 -5.64 11.85
CA GLU B 57 -11.73 -6.01 13.02
C GLU B 57 -12.14 -5.19 14.28
N GLU B 58 -12.20 -3.86 14.18
CA GLU B 58 -12.78 -3.07 15.30
C GLU B 58 -14.24 -3.47 15.53
N GLU B 59 -15.19 -3.18 14.64
CA GLU B 59 -16.62 -3.29 15.00
C GLU B 59 -16.96 -4.76 15.29
N SER B 60 -16.67 -5.66 14.33
CA SER B 60 -17.12 -7.04 14.45
C SER B 60 -16.18 -7.96 15.22
N LEU B 61 -14.87 -7.76 15.31
CA LEU B 61 -13.99 -8.72 16.04
C LEU B 61 -13.83 -8.30 17.50
N LYS B 62 -13.85 -7.00 17.78
CA LYS B 62 -14.20 -6.56 19.13
C LYS B 62 -15.57 -7.13 19.57
N GLU B 63 -16.59 -7.15 18.75
CA GLU B 63 -17.87 -7.83 19.04
C GLU B 63 -17.78 -9.37 19.11
N ARG B 64 -16.88 -10.03 18.34
CA ARG B 64 -16.71 -11.47 18.46
C ARG B 64 -16.33 -11.85 19.91
N LEU B 65 -15.54 -11.00 20.58
CA LEU B 65 -15.25 -11.14 21.99
C LEU B 65 -16.36 -10.55 22.88
N GLU B 66 -16.82 -9.34 22.60
CA GLU B 66 -17.53 -8.51 23.58
C GLU B 66 -19.06 -8.71 23.61
N HIS B 67 -19.62 -9.19 22.50
CA HIS B 67 -21.03 -9.62 22.42
C HIS B 67 -21.29 -10.93 23.22
N MET A 1 4.35 7.25 -9.01
CA MET A 1 3.60 6.64 -10.15
C MET A 1 3.82 7.40 -11.45
N ARG A 2 3.10 8.49 -11.74
CA ARG A 2 3.61 9.56 -12.63
C ARG A 2 3.93 10.82 -11.78
N ARG A 3 4.32 11.94 -12.43
CA ARG A 3 4.69 13.19 -11.71
C ARG A 3 3.62 13.87 -10.83
N SER A 4 2.35 13.53 -11.06
CA SER A 4 1.21 13.64 -10.12
C SER A 4 1.32 12.66 -8.92
N GLU A 5 2.52 12.60 -8.34
CA GLU A 5 2.99 11.72 -7.24
C GLU A 5 2.04 11.73 -6.04
N VAL A 6 1.36 12.86 -5.84
CA VAL A 6 0.35 13.23 -4.81
C VAL A 6 -0.68 12.13 -4.54
N LEU A 7 -1.23 11.49 -5.58
CA LEU A 7 -2.30 10.49 -5.38
C LEU A 7 -1.75 9.24 -4.67
N ALA A 8 -0.47 8.93 -4.94
CA ALA A 8 0.19 7.78 -4.34
C ALA A 8 0.69 8.07 -2.93
N GLU A 9 1.23 9.26 -2.71
CA GLU A 9 1.55 9.74 -1.35
C GLU A 9 0.34 9.80 -0.44
N GLU A 10 -0.77 10.39 -0.89
CA GLU A 10 -2.02 10.38 -0.12
C GLU A 10 -2.61 8.97 0.13
N SER A 11 -2.39 8.02 -0.82
CA SER A 11 -2.68 6.58 -0.61
C SER A 11 -1.91 6.07 0.64
N ILE A 12 -0.62 6.37 0.80
CA ILE A 12 0.19 5.87 1.94
C ILE A 12 0.27 6.77 3.17
N VAL A 13 -0.14 8.06 3.12
CA VAL A 13 -0.66 8.79 4.29
C VAL A 13 -1.85 7.99 4.77
N CYS A 14 -2.82 7.63 3.93
CA CYS A 14 -4.02 7.04 4.45
C CYS A 14 -3.78 5.63 5.01
N LEU A 15 -2.82 4.88 4.50
CA LEU A 15 -2.30 3.69 5.16
C LEU A 15 -1.53 3.98 6.47
N GLN A 16 -0.61 4.95 6.56
CA GLN A 16 0.12 5.32 7.79
C GLN A 16 -0.82 5.76 8.94
N LYS A 17 -1.84 6.54 8.57
CA LYS A 17 -2.98 6.97 9.42
C LYS A 17 -3.82 5.80 9.88
N ALA A 18 -4.17 4.91 8.96
CA ALA A 18 -5.00 3.74 9.21
C ALA A 18 -4.31 2.66 10.03
N LEU A 19 -3.01 2.42 9.80
CA LEU A 19 -2.21 1.45 10.55
C LEU A 19 -1.99 1.92 11.99
N ASN A 20 -1.97 3.23 12.25
CA ASN A 20 -1.91 3.77 13.61
C ASN A 20 -3.29 3.54 14.29
N HIS A 21 -4.43 3.68 13.59
CA HIS A 21 -5.79 3.42 14.15
C HIS A 21 -6.04 1.93 14.42
N LEU A 22 -5.65 1.03 13.51
CA LEU A 22 -5.64 -0.44 13.74
C LEU A 22 -4.76 -0.82 14.95
N ARG A 23 -3.72 -0.07 15.24
CA ARG A 23 -2.85 -0.32 16.40
C ARG A 23 -3.42 0.26 17.68
N GLU A 24 -4.13 1.39 17.66
CA GLU A 24 -4.95 1.82 18.81
C GLU A 24 -5.99 0.71 19.12
N ILE A 25 -6.73 0.25 18.08
CA ILE A 25 -7.67 -0.84 18.23
C ILE A 25 -7.03 -2.04 18.82
N TRP A 26 -5.83 -2.44 18.39
CA TRP A 26 -5.19 -3.64 18.93
C TRP A 26 -4.89 -3.57 20.42
N GLU A 27 -4.49 -2.40 20.90
CA GLU A 27 -4.32 -2.16 22.33
C GLU A 27 -5.63 -2.13 23.11
N LEU A 28 -6.77 -1.91 22.40
CA LEU A 28 -8.13 -1.83 22.95
C LEU A 28 -8.81 -3.20 22.97
N ILE A 29 -8.88 -3.94 21.86
CA ILE A 29 -9.46 -5.29 21.81
C ILE A 29 -8.56 -6.38 22.42
N GLY A 30 -7.23 -6.25 22.29
CA GLY A 30 -6.26 -7.20 22.86
C GLY A 30 -6.24 -8.58 22.16
N ILE A 31 -6.68 -8.66 20.89
CA ILE A 31 -6.57 -9.88 20.03
C ILE A 31 -5.10 -10.32 19.87
N PRO A 32 -4.84 -11.64 19.76
CA PRO A 32 -3.47 -12.12 19.59
C PRO A 32 -2.77 -11.48 18.38
N GLU A 33 -1.56 -10.99 18.64
CA GLU A 33 -0.72 -10.25 17.66
C GLU A 33 -0.24 -11.11 16.47
N ASP A 34 -0.41 -12.43 16.50
CA ASP A 34 -0.30 -13.27 15.29
C ASP A 34 -1.26 -12.92 14.13
N GLN A 35 -2.52 -12.66 14.47
CA GLN A 35 -3.44 -12.05 13.49
C GLN A 35 -2.96 -10.70 12.91
N ARG A 36 -2.52 -9.80 13.79
CA ARG A 36 -1.95 -8.52 13.40
C ARG A 36 -0.69 -8.56 12.54
N LEU A 37 0.27 -9.44 12.81
CA LEU A 37 1.45 -9.61 11.92
C LEU A 37 1.00 -10.08 10.55
N GLN A 38 0.07 -11.02 10.45
CA GLN A 38 -0.50 -11.46 9.17
C GLN A 38 -1.24 -10.36 8.38
N ARG A 39 -2.09 -9.56 9.07
CA ARG A 39 -2.69 -8.32 8.53
C ARG A 39 -1.65 -7.31 7.99
N THR A 40 -0.57 -7.14 8.73
CA THR A 40 0.60 -6.37 8.23
C THR A 40 1.27 -6.96 6.99
N GLU A 41 1.47 -8.27 6.99
CA GLU A 41 2.15 -9.04 5.92
C GLU A 41 1.33 -9.12 4.60
N VAL A 42 0.00 -9.13 4.67
CA VAL A 42 -0.84 -8.99 3.51
C VAL A 42 -0.88 -7.58 2.89
N VAL A 43 -0.79 -6.54 3.74
CA VAL A 43 -0.54 -5.17 3.31
C VAL A 43 0.82 -5.14 2.59
N LYS A 44 1.87 -5.75 3.17
CA LYS A 44 3.15 -5.95 2.48
C LYS A 44 3.02 -6.69 1.14
N LYS A 45 2.21 -7.75 1.05
CA LYS A 45 2.07 -8.51 -0.21
C LYS A 45 1.38 -7.72 -1.29
N HIS A 46 0.49 -6.78 -0.95
CA HIS A 46 -0.03 -5.84 -1.95
C HIS A 46 1.06 -4.94 -2.54
N ILE A 47 1.98 -4.44 -1.71
CA ILE A 47 3.17 -3.72 -2.22
C ILE A 47 4.14 -4.61 -2.98
N LYS A 48 4.25 -5.91 -2.67
CA LYS A 48 4.98 -6.89 -3.50
C LYS A 48 4.37 -7.04 -4.92
N GLU A 49 3.07 -6.90 -5.10
CA GLU A 49 2.47 -6.77 -6.46
C GLU A 49 3.08 -5.56 -7.16
N LEU A 50 3.17 -4.42 -6.45
CA LEU A 50 3.80 -3.22 -6.99
C LEU A 50 5.29 -3.41 -7.27
N LEU A 51 5.97 -4.22 -6.47
CA LEU A 51 7.40 -4.56 -6.77
C LEU A 51 7.50 -5.32 -8.10
N ASP A 52 6.67 -6.34 -8.28
CA ASP A 52 6.72 -7.17 -9.49
C ASP A 52 6.31 -6.53 -10.80
N MET A 53 5.23 -5.74 -10.81
CA MET A 53 4.92 -4.94 -12.01
C MET A 53 6.01 -3.92 -12.34
N MET A 54 6.67 -3.30 -11.35
CA MET A 54 7.70 -2.27 -11.56
C MET A 54 9.03 -2.78 -12.12
N ILE A 55 9.49 -3.94 -11.65
CA ILE A 55 10.69 -4.58 -12.23
C ILE A 55 10.40 -5.08 -13.65
N ALA A 56 9.18 -5.56 -13.91
CA ALA A 56 8.66 -5.79 -15.26
C ALA A 56 8.48 -4.49 -16.08
N GLU A 57 8.15 -3.35 -15.44
CA GLU A 57 8.00 -2.08 -16.16
C GLU A 57 9.33 -1.55 -16.69
N GLU A 58 10.41 -1.45 -15.87
CA GLU A 58 11.73 -1.15 -16.44
C GLU A 58 12.16 -2.23 -17.45
N GLU A 59 12.11 -3.52 -17.09
CA GLU A 59 12.69 -4.55 -17.96
C GLU A 59 11.87 -4.69 -19.27
N SER A 60 10.59 -5.05 -19.16
CA SER A 60 9.79 -5.36 -20.35
C SER A 60 9.16 -4.13 -20.96
N LEU A 61 8.70 -3.11 -20.22
CA LEU A 61 8.14 -1.92 -20.85
C LEU A 61 9.18 -0.96 -21.38
N LYS A 62 10.39 -0.83 -20.77
CA LYS A 62 11.47 -0.12 -21.50
C LYS A 62 11.82 -0.86 -22.78
N GLU A 63 11.86 -2.18 -22.79
CA GLU A 63 12.00 -2.92 -24.04
C GLU A 63 10.84 -2.76 -25.03
N ARG A 64 9.61 -2.42 -24.57
CA ARG A 64 8.51 -1.97 -25.47
C ARG A 64 8.95 -0.75 -26.26
N LEU A 65 9.64 0.18 -25.61
CA LEU A 65 10.19 1.38 -26.23
C LEU A 65 11.47 1.13 -27.02
N GLU A 66 12.30 0.16 -26.61
CA GLU A 66 13.56 -0.22 -27.30
C GLU A 66 13.33 -0.93 -28.66
N HIS A 67 12.47 -1.94 -28.70
CA HIS A 67 12.17 -2.73 -29.89
C HIS A 67 11.36 -1.99 -30.94
N MET B 1 0.21 -1.48 12.76
CA MET B 1 -0.76 -2.64 12.82
C MET B 1 -0.88 -3.08 14.27
N ARG B 2 0.02 -3.91 14.82
CA ARG B 2 0.26 -3.91 16.30
C ARG B 2 1.50 -3.04 16.63
N ARG B 3 1.91 -2.94 17.88
CA ARG B 3 2.97 -1.99 18.34
C ARG B 3 4.36 -2.23 17.67
N SER B 4 4.55 -3.34 17.00
CA SER B 4 5.54 -3.58 15.91
C SER B 4 5.24 -2.79 14.64
N GLU B 5 4.86 -1.49 14.76
CA GLU B 5 4.48 -0.58 13.66
C GLU B 5 5.53 -0.61 12.54
N VAL B 6 6.79 -0.89 12.90
CA VAL B 6 7.93 -1.08 12.03
C VAL B 6 7.71 -1.94 10.79
N LEU B 7 6.99 -3.08 10.82
CA LEU B 7 6.75 -3.87 9.58
C LEU B 7 5.80 -3.11 8.62
N ALA B 8 4.81 -2.44 9.19
CA ALA B 8 3.85 -1.69 8.40
C ALA B 8 4.51 -0.46 7.81
N GLU B 9 5.35 0.21 8.61
CA GLU B 9 6.17 1.32 8.11
C GLU B 9 7.15 0.88 7.03
N GLU B 10 7.90 -0.21 7.20
CA GLU B 10 8.76 -0.76 6.11
C GLU B 10 7.96 -1.17 4.86
N SER B 11 6.73 -1.68 5.04
CA SER B 11 5.82 -2.07 3.92
C SER B 11 5.43 -0.83 3.09
N ILE B 12 5.10 0.27 3.73
CA ILE B 12 4.78 1.52 3.03
C ILE B 12 6.00 2.34 2.65
N VAL B 13 7.15 2.26 3.31
CA VAL B 13 8.46 2.71 2.79
C VAL B 13 8.70 2.01 1.49
N CYS B 14 8.54 0.69 1.44
CA CYS B 14 8.79 -0.06 0.21
C CYS B 14 7.81 0.33 -0.94
N LEU B 15 6.57 0.71 -0.63
CA LEU B 15 5.70 1.35 -1.63
C LEU B 15 6.14 2.78 -1.95
N GLN B 16 6.57 3.60 -1.00
CA GLN B 16 7.05 4.98 -1.28
C GLN B 16 8.28 4.98 -2.19
N LYS B 17 9.15 3.99 -1.99
CA LYS B 17 10.35 3.63 -2.76
C LYS B 17 10.05 3.12 -4.14
N ALA B 18 9.05 2.24 -4.23
CA ALA B 18 8.51 1.72 -5.47
C ALA B 18 7.79 2.79 -6.34
N LEU B 19 7.00 3.66 -5.73
CA LEU B 19 6.21 4.63 -6.49
C LEU B 19 7.11 5.70 -7.07
N ASN B 20 8.24 6.04 -6.40
CA ASN B 20 9.31 6.91 -6.94
C ASN B 20 10.09 6.26 -8.07
N HIS B 21 10.46 4.98 -7.91
CA HIS B 21 11.10 4.16 -8.99
C HIS B 21 10.21 4.01 -10.24
N LEU B 22 8.91 3.75 -10.06
CA LEU B 22 7.87 3.78 -11.11
C LEU B 22 7.69 5.17 -11.72
N ARG B 23 7.85 6.26 -10.97
CA ARG B 23 7.78 7.63 -11.53
C ARG B 23 9.02 7.97 -12.34
N GLU B 24 10.19 7.52 -11.93
CA GLU B 24 11.41 7.58 -12.76
C GLU B 24 11.19 6.80 -14.08
N ILE B 25 10.66 5.58 -13.98
CA ILE B 25 10.37 4.80 -15.21
C ILE B 25 9.38 5.51 -16.14
N TRP B 26 8.34 6.18 -15.62
CA TRP B 26 7.49 7.04 -16.47
C TRP B 26 8.22 8.09 -17.28
N GLU B 27 9.18 8.74 -16.62
CA GLU B 27 10.03 9.78 -17.25
C GLU B 27 10.97 9.14 -18.31
N LEU B 28 11.20 7.81 -18.24
CA LEU B 28 11.84 7.00 -19.28
C LEU B 28 10.92 6.57 -20.44
N ILE B 29 9.89 5.76 -20.17
CA ILE B 29 9.03 5.13 -21.21
C ILE B 29 7.97 6.05 -21.85
N GLY B 30 7.38 6.97 -21.07
CA GLY B 30 6.32 7.87 -21.58
C GLY B 30 5.06 7.17 -22.11
N ILE B 31 4.65 6.03 -21.51
CA ILE B 31 3.31 5.44 -21.67
C ILE B 31 2.26 6.47 -21.27
N PRO B 32 1.05 6.49 -21.91
CA PRO B 32 -0.01 7.40 -21.54
C PRO B 32 -0.35 7.36 -20.05
N GLU B 33 -0.42 8.54 -19.49
CA GLU B 33 -0.42 8.78 -18.05
C GLU B 33 -1.74 8.35 -17.38
N ASP B 34 -2.79 8.09 -18.16
CA ASP B 34 -4.03 7.48 -17.70
C ASP B 34 -3.81 6.09 -17.09
N GLN B 35 -2.97 5.27 -17.72
CA GLN B 35 -2.50 4.00 -17.13
C GLN B 35 -1.78 4.18 -15.77
N ARG B 36 -1.00 5.27 -15.58
CA ARG B 36 -0.40 5.59 -14.27
C ARG B 36 -1.33 6.13 -13.23
N LEU B 37 -2.33 6.94 -13.57
CA LEU B 37 -3.41 7.26 -12.63
C LEU B 37 -4.09 5.98 -12.21
N GLN B 38 -4.42 5.04 -13.11
CA GLN B 38 -5.00 3.73 -12.78
C GLN B 38 -4.08 2.83 -11.93
N ARG B 39 -2.77 2.84 -12.15
CA ARG B 39 -1.79 2.12 -11.31
C ARG B 39 -1.82 2.66 -9.89
N THR B 40 -1.93 3.98 -9.76
CA THR B 40 -2.17 4.66 -8.47
C THR B 40 -3.53 4.46 -7.79
N GLU B 41 -4.60 4.53 -8.57
CA GLU B 41 -5.98 4.31 -8.14
C GLU B 41 -6.17 2.88 -7.66
N VAL B 42 -5.52 1.89 -8.26
CA VAL B 42 -5.53 0.52 -7.73
C VAL B 42 -4.69 0.33 -6.45
N VAL B 43 -3.47 0.97 -6.33
CA VAL B 43 -2.69 1.01 -5.10
C VAL B 43 -3.57 1.61 -4.00
N LYS B 44 -4.23 2.76 -4.27
CA LYS B 44 -5.17 3.42 -3.36
C LYS B 44 -6.36 2.51 -3.02
N LYS B 45 -7.00 1.79 -3.96
CA LYS B 45 -8.08 0.84 -3.65
C LYS B 45 -7.66 -0.40 -2.84
N HIS B 46 -6.39 -0.82 -2.89
CA HIS B 46 -5.79 -1.77 -1.91
C HIS B 46 -5.71 -1.16 -0.50
N ILE B 47 -5.35 0.11 -0.35
CA ILE B 47 -5.40 0.76 0.98
C ILE B 47 -6.86 1.03 1.39
N LYS B 48 -7.79 1.28 0.47
CA LYS B 48 -9.23 1.33 0.79
C LYS B 48 -9.80 0.02 1.29
N GLU B 49 -9.34 -1.12 0.77
CA GLU B 49 -9.57 -2.47 1.33
C GLU B 49 -9.11 -2.53 2.79
N LEU B 50 -7.98 -1.89 3.11
CA LEU B 50 -7.43 -1.77 4.49
C LEU B 50 -8.23 -0.83 5.41
N LEU B 51 -8.75 0.27 4.85
CA LEU B 51 -9.72 1.14 5.57
C LEU B 51 -11.00 0.38 5.92
N ASP B 52 -11.53 -0.39 4.96
CA ASP B 52 -12.72 -1.21 5.16
C ASP B 52 -12.64 -2.29 6.23
N MET B 53 -11.53 -3.02 6.25
CA MET B 53 -11.27 -3.94 7.37
C MET B 53 -11.13 -3.21 8.70
N MET B 54 -10.49 -2.02 8.75
CA MET B 54 -10.33 -1.23 9.96
C MET B 54 -11.61 -0.70 10.57
N ILE B 55 -12.54 -0.20 9.74
CA ILE B 55 -13.83 0.23 10.27
C ILE B 55 -14.63 -0.97 10.79
N ALA B 56 -14.55 -2.12 10.09
CA ALA B 56 -15.03 -3.38 10.59
C ALA B 56 -14.30 -3.89 11.86
N GLU B 57 -13.00 -3.63 12.04
CA GLU B 57 -12.20 -4.02 13.21
C GLU B 57 -12.62 -3.21 14.47
N GLU B 58 -12.70 -1.88 14.41
CA GLU B 58 -13.43 -1.17 15.46
C GLU B 58 -14.87 -1.70 15.65
N GLU B 59 -15.76 -1.70 14.64
CA GLU B 59 -17.17 -1.96 14.90
C GLU B 59 -17.38 -3.39 15.42
N SER B 60 -16.94 -4.38 14.62
CA SER B 60 -17.20 -5.79 14.91
C SER B 60 -16.27 -6.46 15.88
N LEU B 61 -14.94 -6.20 15.91
CA LEU B 61 -14.06 -6.89 16.86
C LEU B 61 -14.22 -6.25 18.24
N LYS B 62 -14.46 -4.94 18.33
CA LYS B 62 -14.85 -4.37 19.62
C LYS B 62 -16.15 -5.01 20.11
N GLU B 63 -17.12 -5.33 19.22
CA GLU B 63 -18.29 -6.18 19.49
C GLU B 63 -17.99 -7.65 19.86
N ARG B 64 -16.88 -8.22 19.38
CA ARG B 64 -16.41 -9.56 19.83
C ARG B 64 -16.15 -9.58 21.32
N LEU B 65 -15.61 -8.48 21.86
CA LEU B 65 -15.49 -8.30 23.30
C LEU B 65 -16.83 -8.02 24.01
N GLU B 66 -17.72 -7.23 23.41
CA GLU B 66 -19.05 -6.94 23.94
C GLU B 66 -19.95 -8.22 24.09
N HIS B 67 -19.90 -9.13 23.11
CA HIS B 67 -20.76 -10.35 23.07
C HIS B 67 -20.01 -11.62 22.57
N MET A 1 5.06 7.78 -8.77
CA MET A 1 4.26 7.37 -9.94
C MET A 1 4.59 8.22 -11.14
N ARG A 2 3.90 9.32 -11.45
CA ARG A 2 4.40 10.33 -12.43
C ARG A 2 5.01 11.52 -11.64
N ARG A 3 5.45 12.57 -12.36
CA ARG A 3 6.10 13.80 -11.80
C ARG A 3 5.26 14.49 -10.71
N SER A 4 3.95 14.33 -10.79
CA SER A 4 2.90 14.59 -9.76
C SER A 4 2.92 13.60 -8.58
N GLU A 5 4.10 13.26 -8.05
CA GLU A 5 4.35 12.24 -6.99
C GLU A 5 3.45 12.31 -5.75
N VAL A 6 2.94 13.49 -5.47
CA VAL A 6 2.15 13.81 -4.27
C VAL A 6 1.04 12.82 -3.89
N LEU A 7 0.22 12.33 -4.83
CA LEU A 7 -0.87 11.38 -4.51
C LEU A 7 -0.36 10.03 -4.03
N ALA A 8 0.79 9.59 -4.52
CA ALA A 8 1.39 8.33 -4.12
C ALA A 8 1.91 8.43 -2.67
N GLU A 9 2.56 9.56 -2.36
CA GLU A 9 3.04 9.95 -1.03
C GLU A 9 1.88 10.03 -0.03
N GLU A 10 0.84 10.77 -0.39
CA GLU A 10 -0.32 10.98 0.48
C GLU A 10 -1.08 9.67 0.68
N SER A 11 -1.03 8.75 -0.31
CA SER A 11 -1.59 7.41 -0.23
C SER A 11 -0.85 6.54 0.80
N ILE A 12 0.47 6.67 0.91
CA ILE A 12 1.27 5.99 1.97
C ILE A 12 1.38 6.78 3.27
N VAL A 13 1.12 8.08 3.34
CA VAL A 13 0.80 8.79 4.59
C VAL A 13 -0.41 8.09 5.18
N CYS A 14 -1.44 7.93 4.34
CA CYS A 14 -2.74 7.43 4.84
C CYS A 14 -2.66 5.96 5.28
N LEU A 15 -1.73 5.17 4.72
CA LEU A 15 -1.27 3.91 5.30
C LEU A 15 -0.45 4.08 6.58
N GLN A 16 0.56 4.93 6.66
CA GLN A 16 1.38 5.11 7.88
C GLN A 16 0.54 5.54 9.12
N LYS A 17 -0.45 6.40 8.89
CA LYS A 17 -1.56 6.83 9.76
C LYS A 17 -2.44 5.65 10.21
N ALA A 18 -2.92 4.84 9.26
CA ALA A 18 -3.80 3.72 9.48
C ALA A 18 -3.08 2.59 10.23
N LEU A 19 -1.80 2.41 9.92
CA LEU A 19 -0.85 1.45 10.50
C LEU A 19 -0.71 1.73 11.99
N ASN A 20 -0.58 3.00 12.40
CA ASN A 20 -0.52 3.44 13.78
C ASN A 20 -1.86 3.27 14.55
N HIS A 21 -3.00 3.60 13.92
CA HIS A 21 -4.32 3.42 14.56
C HIS A 21 -4.73 1.94 14.72
N LEU A 22 -4.37 1.08 13.74
CA LEU A 22 -4.41 -0.37 13.83
C LEU A 22 -3.56 -0.89 14.97
N ARG A 23 -2.40 -0.28 15.24
CA ARG A 23 -1.58 -0.63 16.42
C ARG A 23 -2.29 -0.28 17.75
N GLU A 24 -2.85 0.93 17.88
CA GLU A 24 -3.63 1.32 19.07
C GLU A 24 -4.80 0.34 19.30
N ILE A 25 -5.53 -0.12 18.27
CA ILE A 25 -6.59 -1.11 18.45
C ILE A 25 -6.05 -2.43 19.02
N TRP A 26 -4.95 -2.99 18.52
CA TRP A 26 -4.37 -4.20 19.16
C TRP A 26 -4.02 -4.05 20.64
N GLU A 27 -3.43 -2.92 21.01
CA GLU A 27 -3.13 -2.59 22.41
C GLU A 27 -4.40 -2.43 23.29
N LEU A 28 -5.57 -2.22 22.67
CA LEU A 28 -6.92 -2.10 23.24
C LEU A 28 -7.68 -3.46 23.19
N ILE A 29 -7.96 -4.04 22.03
CA ILE A 29 -8.71 -5.32 21.97
C ILE A 29 -7.88 -6.55 22.37
N GLY A 30 -6.59 -6.61 22.09
CA GLY A 30 -5.78 -7.78 22.48
C GLY A 30 -5.99 -9.07 21.65
N ILE A 31 -6.55 -8.94 20.43
CA ILE A 31 -6.63 -10.02 19.43
C ILE A 31 -5.21 -10.55 19.14
N PRO A 32 -5.03 -11.87 18.90
CA PRO A 32 -3.75 -12.50 18.64
C PRO A 32 -3.02 -11.82 17.49
N GLU A 33 -1.78 -11.39 17.76
CA GLU A 33 -0.99 -10.51 16.93
C GLU A 33 -0.37 -11.20 15.72
N ASP A 34 -0.48 -12.53 15.63
CA ASP A 34 -0.39 -13.20 14.33
C ASP A 34 -1.49 -12.94 13.28
N GLN A 35 -2.72 -12.52 13.68
CA GLN A 35 -3.70 -11.91 12.74
C GLN A 35 -3.17 -10.56 12.20
N ARG A 36 -2.53 -9.75 13.07
CA ARG A 36 -1.85 -8.52 12.66
C ARG A 36 -0.74 -8.66 11.65
N LEU A 37 0.25 -9.51 11.86
CA LEU A 37 1.26 -9.64 10.82
C LEU A 37 0.72 -10.22 9.52
N GLN A 38 -0.30 -11.06 9.54
CA GLN A 38 -1.02 -11.35 8.29
C GLN A 38 -1.65 -10.16 7.59
N ARG A 39 -2.16 -9.16 8.31
CA ARG A 39 -2.58 -7.85 7.78
C ARG A 39 -1.41 -7.04 7.24
N THR A 40 -0.28 -6.94 7.93
CA THR A 40 0.93 -6.35 7.35
C THR A 40 1.50 -7.02 6.09
N GLU A 41 1.52 -8.36 6.08
CA GLU A 41 2.05 -9.20 4.98
C GLU A 41 1.18 -9.13 3.72
N VAL A 42 -0.13 -8.93 3.88
CA VAL A 42 -1.04 -8.60 2.77
C VAL A 42 -0.92 -7.17 2.25
N VAL A 43 -0.75 -6.18 3.14
CA VAL A 43 -0.39 -4.78 2.77
C VAL A 43 0.93 -4.82 1.98
N LYS A 44 1.94 -5.55 2.49
CA LYS A 44 3.23 -5.78 1.80
C LYS A 44 3.05 -6.46 0.46
N LYS A 45 2.28 -7.54 0.34
CA LYS A 45 2.10 -8.20 -0.94
C LYS A 45 1.41 -7.36 -2.01
N HIS A 46 0.56 -6.44 -1.58
CA HIS A 46 0.06 -5.38 -2.48
C HIS A 46 1.18 -4.47 -2.99
N ILE A 47 2.16 -4.09 -2.18
CA ILE A 47 3.36 -3.40 -2.70
C ILE A 47 4.25 -4.36 -3.52
N LYS A 48 4.30 -5.69 -3.28
CA LYS A 48 5.00 -6.66 -4.16
C LYS A 48 4.34 -6.82 -5.53
N GLU A 49 3.03 -6.63 -5.63
CA GLU A 49 2.26 -6.41 -6.84
C GLU A 49 2.68 -5.14 -7.63
N LEU A 50 3.00 -4.03 -6.93
CA LEU A 50 3.64 -2.83 -7.52
C LEU A 50 5.08 -3.09 -7.99
N LEU A 51 5.89 -3.87 -7.22
CA LEU A 51 7.24 -4.30 -7.69
C LEU A 51 7.08 -5.12 -8.98
N ASP A 52 6.20 -6.12 -8.95
CA ASP A 52 5.94 -6.97 -10.11
C ASP A 52 5.43 -6.25 -11.37
N MET A 53 4.54 -5.28 -11.24
CA MET A 53 4.21 -4.33 -12.33
C MET A 53 5.44 -3.59 -12.83
N MET A 54 6.20 -3.01 -11.93
CA MET A 54 7.28 -2.11 -12.29
C MET A 54 8.44 -2.83 -13.02
N ILE A 55 8.79 -4.05 -12.57
CA ILE A 55 9.79 -4.85 -13.29
C ILE A 55 9.28 -5.27 -14.67
N ALA A 56 7.96 -5.54 -14.78
CA ALA A 56 7.33 -5.66 -16.11
C ALA A 56 7.27 -4.31 -16.90
N GLU A 57 7.13 -3.15 -16.26
CA GLU A 57 7.11 -1.86 -16.95
C GLU A 57 8.51 -1.45 -17.52
N GLU A 58 9.59 -1.45 -16.71
CA GLU A 58 10.94 -1.37 -17.30
C GLU A 58 11.20 -2.45 -18.34
N GLU A 59 11.23 -3.74 -17.93
CA GLU A 59 11.70 -4.80 -18.85
C GLU A 59 10.77 -4.87 -20.09
N SER A 60 9.47 -5.11 -19.88
CA SER A 60 8.58 -5.37 -20.98
C SER A 60 8.02 -4.14 -21.67
N LEU A 61 7.71 -3.05 -20.96
CA LEU A 61 7.05 -1.91 -21.60
C LEU A 61 8.08 -0.91 -22.18
N LYS A 62 9.31 -0.86 -21.62
CA LYS A 62 10.40 -0.27 -22.37
C LYS A 62 10.71 -1.07 -23.62
N GLU A 63 10.72 -2.42 -23.54
CA GLU A 63 10.81 -3.25 -24.74
C GLU A 63 9.63 -3.09 -25.70
N ARG A 64 8.43 -2.77 -25.24
CA ARG A 64 7.31 -2.45 -26.14
C ARG A 64 7.58 -1.22 -27.00
N LEU A 65 8.38 -0.29 -26.48
CA LEU A 65 8.93 0.86 -27.24
C LEU A 65 10.19 0.50 -28.07
N GLU A 66 11.08 -0.36 -27.58
CA GLU A 66 12.28 -0.84 -28.32
C GLU A 66 11.94 -1.60 -29.61
N HIS A 67 10.87 -2.42 -29.61
CA HIS A 67 10.51 -3.29 -30.75
C HIS A 67 8.99 -3.31 -31.06
N MET B 1 0.72 -1.73 12.55
CA MET B 1 -0.08 -3.01 12.51
C MET B 1 -0.19 -3.59 13.92
N ARG B 2 0.73 -4.47 14.38
CA ARG B 2 1.08 -4.63 15.82
C ARG B 2 2.36 -3.84 16.13
N ARG B 3 2.74 -3.79 17.42
CA ARG B 3 3.96 -3.10 17.98
C ARG B 3 5.29 -3.47 17.27
N SER B 4 5.32 -4.61 16.56
CA SER B 4 6.27 -4.91 15.45
C SER B 4 6.08 -4.03 14.20
N GLU B 5 5.87 -2.71 14.38
CA GLU B 5 5.65 -1.68 13.33
C GLU B 5 6.64 -1.73 12.17
N VAL B 6 7.85 -2.22 12.44
CA VAL B 6 8.96 -2.49 11.53
C VAL B 6 8.58 -3.07 10.17
N LEU B 7 7.85 -4.23 10.06
CA LEU B 7 7.51 -4.80 8.73
C LEU B 7 6.55 -3.86 7.97
N ALA B 8 5.66 -3.17 8.66
CA ALA B 8 4.68 -2.27 8.06
C ALA B 8 5.38 -0.99 7.54
N GLU B 9 6.32 -0.42 8.32
CA GLU B 9 7.19 0.66 7.86
C GLU B 9 8.02 0.21 6.63
N GLU B 10 8.64 -0.97 6.71
CA GLU B 10 9.40 -1.56 5.58
C GLU B 10 8.54 -1.75 4.33
N SER B 11 7.27 -2.15 4.48
CA SER B 11 6.32 -2.37 3.39
C SER B 11 6.06 -1.06 2.63
N ILE B 12 5.86 0.09 3.31
CA ILE B 12 5.62 1.39 2.64
C ILE B 12 6.90 2.18 2.29
N VAL B 13 8.05 1.95 2.96
CA VAL B 13 9.39 2.31 2.42
C VAL B 13 9.48 1.69 1.04
N CYS B 14 9.14 0.40 0.91
CA CYS B 14 9.32 -0.27 -0.36
C CYS B 14 8.37 0.23 -1.47
N LEU B 15 7.12 0.61 -1.16
CA LEU B 15 6.27 1.39 -2.06
C LEU B 15 6.87 2.79 -2.39
N GLN B 16 7.49 3.44 -1.39
CA GLN B 16 8.16 4.74 -1.61
C GLN B 16 9.31 4.62 -2.63
N LYS B 17 10.14 3.59 -2.53
CA LYS B 17 11.17 3.27 -3.57
C LYS B 17 10.53 3.03 -4.94
N ALA B 18 9.51 2.19 -4.94
CA ALA B 18 8.85 1.65 -6.14
C ALA B 18 8.09 2.76 -6.87
N LEU B 19 7.43 3.66 -6.16
CA LEU B 19 6.76 4.79 -6.74
C LEU B 19 7.74 5.79 -7.38
N ASN B 20 8.93 6.01 -6.80
CA ASN B 20 9.94 6.86 -7.43
C ASN B 20 10.60 6.12 -8.65
N HIS B 21 10.77 4.82 -8.61
CA HIS B 21 11.37 4.02 -9.70
C HIS B 21 10.43 3.91 -10.92
N LEU B 22 9.15 3.70 -10.67
CA LEU B 22 8.07 3.87 -11.65
C LEU B 22 8.03 5.28 -12.23
N ARG B 23 8.39 6.31 -11.48
CA ARG B 23 8.54 7.69 -11.97
C ARG B 23 9.73 7.85 -12.90
N GLU B 24 10.89 7.24 -12.63
CA GLU B 24 12.00 7.22 -13.58
C GLU B 24 11.58 6.55 -14.91
N ILE B 25 10.84 5.42 -14.82
CA ILE B 25 10.28 4.72 -15.98
C ILE B 25 9.23 5.53 -16.72
N TRP B 26 8.35 6.25 -16.04
CA TRP B 26 7.41 7.20 -16.68
C TRP B 26 8.10 8.24 -17.59
N GLU B 27 9.25 8.78 -17.12
CA GLU B 27 10.09 9.66 -17.95
C GLU B 27 10.97 8.95 -18.98
N LEU B 28 11.12 7.61 -18.89
CA LEU B 28 11.65 6.76 -19.99
C LEU B 28 10.59 6.44 -21.06
N ILE B 29 9.54 5.65 -20.76
CA ILE B 29 8.56 5.20 -21.73
C ILE B 29 7.51 6.25 -22.22
N GLY B 30 7.16 7.25 -21.41
CA GLY B 30 6.22 8.30 -21.81
C GLY B 30 4.76 7.90 -22.06
N ILE B 31 4.31 6.77 -21.50
CA ILE B 31 2.89 6.39 -21.48
C ILE B 31 2.06 7.49 -20.82
N PRO B 32 0.84 7.79 -21.30
CA PRO B 32 0.05 8.94 -20.87
C PRO B 32 -0.18 9.04 -19.37
N GLU B 33 -0.10 10.28 -18.88
CA GLU B 33 -0.06 10.64 -17.47
C GLU B 33 -1.34 10.30 -16.69
N ASP B 34 -2.43 10.00 -17.41
CA ASP B 34 -3.66 9.39 -16.89
C ASP B 34 -3.46 7.93 -16.41
N GLN B 35 -2.83 7.10 -17.24
CA GLN B 35 -2.46 5.71 -16.88
C GLN B 35 -1.55 5.63 -15.65
N ARG B 36 -0.65 6.61 -15.50
CA ARG B 36 0.16 6.78 -14.27
C ARG B 36 -0.69 7.13 -13.05
N LEU B 37 -1.59 8.09 -13.15
CA LEU B 37 -2.46 8.46 -12.01
C LEU B 37 -3.35 7.30 -11.61
N GLN B 38 -3.86 6.50 -12.54
CA GLN B 38 -4.63 5.32 -12.18
C GLN B 38 -3.80 4.24 -11.47
N ARG B 39 -2.49 4.09 -11.79
CA ARG B 39 -1.50 3.26 -11.02
C ARG B 39 -1.33 3.74 -9.57
N THR B 40 -1.31 5.05 -9.41
CA THR B 40 -1.45 5.70 -8.11
C THR B 40 -2.74 5.44 -7.36
N GLU B 41 -3.86 5.61 -8.07
CA GLU B 41 -5.20 5.51 -7.52
C GLU B 41 -5.54 4.05 -7.13
N VAL B 42 -4.93 3.05 -7.79
CA VAL B 42 -5.03 1.64 -7.37
C VAL B 42 -4.12 1.23 -6.22
N VAL B 43 -2.94 1.85 -6.12
CA VAL B 43 -2.10 1.88 -4.90
C VAL B 43 -2.98 2.40 -3.77
N LYS B 44 -3.65 3.54 -3.99
CA LYS B 44 -4.50 4.18 -2.98
C LYS B 44 -5.66 3.28 -2.63
N LYS B 45 -6.35 2.67 -3.58
CA LYS B 45 -7.45 1.78 -3.27
C LYS B 45 -7.08 0.53 -2.52
N HIS B 46 -5.82 0.11 -2.63
CA HIS B 46 -5.24 -0.92 -1.72
C HIS B 46 -5.02 -0.43 -0.29
N ILE B 47 -4.63 0.83 -0.12
CA ILE B 47 -4.67 1.49 1.20
C ILE B 47 -6.11 1.77 1.64
N LYS B 48 -7.07 2.05 0.75
CA LYS B 48 -8.49 2.17 1.11
C LYS B 48 -9.14 0.87 1.57
N GLU B 49 -8.77 -0.25 0.99
CA GLU B 49 -9.00 -1.60 1.51
C GLU B 49 -8.51 -1.73 2.97
N LEU B 50 -7.26 -1.29 3.26
CA LEU B 50 -6.69 -1.18 4.60
C LEU B 50 -7.41 -0.17 5.54
N LEU B 51 -7.89 0.98 5.02
CA LEU B 51 -8.76 1.86 5.84
C LEU B 51 -10.06 1.13 6.22
N ASP B 52 -10.66 0.41 5.28
CA ASP B 52 -11.91 -0.29 5.51
C ASP B 52 -11.82 -1.40 6.54
N MET B 53 -10.79 -2.27 6.50
CA MET B 53 -10.57 -3.25 7.58
C MET B 53 -10.28 -2.60 8.91
N MET B 54 -9.61 -1.44 8.95
CA MET B 54 -9.33 -0.70 10.17
C MET B 54 -10.62 -0.14 10.80
N ILE B 55 -11.56 0.42 10.04
CA ILE B 55 -12.79 0.94 10.67
C ILE B 55 -13.68 -0.22 11.12
N ALA B 56 -13.63 -1.36 10.40
CA ALA B 56 -14.16 -2.63 10.89
C ALA B 56 -13.39 -3.15 12.12
N GLU B 57 -12.08 -2.98 12.25
CA GLU B 57 -11.32 -3.50 13.40
C GLU B 57 -11.67 -2.78 14.71
N GLU B 58 -11.67 -1.42 14.71
CA GLU B 58 -12.20 -0.69 15.86
C GLU B 58 -13.68 -1.09 16.10
N GLU B 59 -14.60 -0.76 15.19
CA GLU B 59 -16.03 -0.90 15.51
C GLU B 59 -16.43 -2.36 15.79
N SER B 60 -16.07 -3.27 14.86
CA SER B 60 -16.58 -4.64 14.96
C SER B 60 -15.73 -5.52 15.86
N LEU B 61 -14.40 -5.40 16.02
CA LEU B 61 -13.67 -6.30 16.94
C LEU B 61 -13.74 -5.86 18.40
N LYS B 62 -13.94 -4.56 18.66
CA LYS B 62 -14.50 -4.15 19.94
C LYS B 62 -15.85 -4.83 20.22
N GLU B 63 -16.77 -4.86 19.26
CA GLU B 63 -18.00 -5.65 19.40
C GLU B 63 -17.81 -7.16 19.45
N ARG B 64 -16.72 -7.73 18.96
CA ARG B 64 -16.32 -9.15 19.22
C ARG B 64 -16.03 -9.42 20.72
N LEU B 65 -15.44 -8.47 21.40
CA LEU B 65 -15.25 -8.53 22.86
C LEU B 65 -16.53 -8.29 23.66
N GLU B 66 -17.45 -7.52 23.12
CA GLU B 66 -18.81 -7.34 23.64
C GLU B 66 -19.65 -8.63 23.52
N HIS B 67 -19.69 -9.27 22.35
CA HIS B 67 -20.50 -10.44 22.06
C HIS B 67 -19.90 -11.39 21.00
N MET A 1 5.38 8.73 -9.45
CA MET A 1 4.76 7.80 -10.46
C MET A 1 5.10 8.30 -11.88
N ARG A 2 4.41 9.34 -12.40
CA ARG A 2 5.09 10.39 -13.21
C ARG A 2 5.58 11.52 -12.29
N ARG A 3 6.11 12.63 -12.79
CA ARG A 3 6.77 13.77 -12.06
C ARG A 3 5.86 14.47 -11.01
N SER A 4 4.53 14.27 -11.07
CA SER A 4 3.55 14.61 -10.04
C SER A 4 3.60 13.65 -8.82
N GLU A 5 4.80 13.34 -8.31
CA GLU A 5 5.08 12.42 -7.16
C GLU A 5 4.11 12.59 -5.97
N VAL A 6 3.61 13.82 -5.80
CA VAL A 6 2.69 14.28 -4.74
C VAL A 6 1.43 13.44 -4.46
N LEU A 7 0.70 12.93 -5.50
CA LEU A 7 -0.47 12.08 -5.27
C LEU A 7 0.00 10.79 -4.59
N ALA A 8 1.15 10.25 -5.02
CA ALA A 8 1.66 8.99 -4.50
C ALA A 8 2.24 9.11 -3.09
N GLU A 9 2.93 10.22 -2.81
CA GLU A 9 3.45 10.46 -1.47
C GLU A 9 2.28 10.60 -0.50
N GLU A 10 1.23 11.35 -0.88
CA GLU A 10 0.00 11.49 -0.11
C GLU A 10 -0.67 10.13 0.12
N SER A 11 -0.60 9.21 -0.86
CA SER A 11 -1.11 7.83 -0.69
C SER A 11 -0.45 7.13 0.53
N ILE A 12 0.89 7.15 0.61
CA ILE A 12 1.64 6.44 1.65
C ILE A 12 1.77 7.21 2.95
N VAL A 13 1.69 8.56 2.96
CA VAL A 13 1.46 9.38 4.15
C VAL A 13 0.21 8.83 4.82
N CYS A 14 -0.87 8.66 4.05
CA CYS A 14 -2.17 8.25 4.58
C CYS A 14 -2.17 6.83 5.13
N LEU A 15 -1.45 5.89 4.48
CA LEU A 15 -1.15 4.59 5.07
C LEU A 15 -0.33 4.72 6.35
N GLN A 16 0.64 5.63 6.46
CA GLN A 16 1.46 5.88 7.67
C GLN A 16 0.59 6.32 8.87
N LYS A 17 -0.45 7.18 8.63
CA LYS A 17 -1.49 7.49 9.64
C LYS A 17 -2.26 6.22 10.02
N ALA A 18 -2.75 5.55 8.98
CA ALA A 18 -3.72 4.49 9.14
C ALA A 18 -3.10 3.30 9.88
N LEU A 19 -1.84 2.98 9.53
CA LEU A 19 -1.09 1.90 10.15
C LEU A 19 -0.77 2.23 11.62
N ASN A 20 -0.52 3.50 11.97
CA ASN A 20 -0.31 3.89 13.35
C ASN A 20 -1.63 3.91 14.16
N HIS A 21 -2.75 4.34 13.56
CA HIS A 21 -4.12 4.28 14.16
C HIS A 21 -4.59 2.84 14.36
N LEU A 22 -4.29 1.93 13.44
CA LEU A 22 -4.49 0.47 13.61
C LEU A 22 -3.64 -0.08 14.75
N ARG A 23 -2.41 0.41 14.92
CA ARG A 23 -1.51 0.06 16.05
C ARG A 23 -2.14 0.44 17.37
N GLU A 24 -2.76 1.61 17.50
CA GLU A 24 -3.49 2.02 18.73
C GLU A 24 -4.63 1.04 18.98
N ILE A 25 -5.42 0.68 17.95
CA ILE A 25 -6.51 -0.27 18.08
C ILE A 25 -6.01 -1.67 18.47
N TRP A 26 -4.92 -2.19 17.90
CA TRP A 26 -4.40 -3.51 18.32
C TRP A 26 -4.05 -3.58 19.81
N GLU A 27 -3.39 -2.55 20.35
CA GLU A 27 -3.07 -2.49 21.77
C GLU A 27 -4.34 -2.47 22.63
N LEU A 28 -5.44 -1.87 22.13
CA LEU A 28 -6.74 -1.68 22.74
C LEU A 28 -7.64 -2.95 22.64
N ILE A 29 -7.95 -3.47 21.45
CA ILE A 29 -8.81 -4.65 21.33
C ILE A 29 -8.12 -5.96 21.73
N GLY A 30 -6.81 -6.09 21.48
CA GLY A 30 -6.04 -7.28 21.83
C GLY A 30 -6.30 -8.53 20.98
N ILE A 31 -6.91 -8.33 19.82
CA ILE A 31 -7.08 -9.36 18.78
C ILE A 31 -5.71 -9.93 18.39
N PRO A 32 -5.58 -11.27 18.18
CA PRO A 32 -4.27 -11.94 18.07
C PRO A 32 -3.35 -11.32 17.02
N GLU A 33 -2.08 -11.25 17.40
CA GLU A 33 -0.95 -10.66 16.69
C GLU A 33 -0.73 -11.28 15.29
N ASP A 34 -1.09 -12.56 15.11
CA ASP A 34 -1.13 -13.20 13.81
C ASP A 34 -2.13 -12.60 12.81
N GLN A 35 -3.27 -12.04 13.22
CA GLN A 35 -4.14 -11.28 12.32
C GLN A 35 -3.47 -9.99 11.89
N ARG A 36 -2.88 -9.23 12.81
CA ARG A 36 -2.22 -7.94 12.51
C ARG A 36 -1.03 -8.05 11.60
N LEU A 37 -0.23 -9.12 11.70
CA LEU A 37 0.83 -9.36 10.73
C LEU A 37 0.19 -9.60 9.37
N GLN A 38 -0.82 -10.48 9.26
CA GLN A 38 -1.42 -10.75 7.97
C GLN A 38 -2.11 -9.52 7.34
N ARG A 39 -2.76 -8.67 8.18
CA ARG A 39 -3.27 -7.33 7.76
C ARG A 39 -2.17 -6.42 7.16
N THR A 40 -0.98 -6.48 7.76
CA THR A 40 0.26 -5.90 7.22
C THR A 40 0.74 -6.52 5.90
N GLU A 41 0.85 -7.84 5.87
CA GLU A 41 1.37 -8.61 4.76
C GLU A 41 0.54 -8.40 3.51
N VAL A 42 -0.78 -8.20 3.64
CA VAL A 42 -1.68 -7.91 2.49
C VAL A 42 -1.61 -6.44 2.02
N VAL A 43 -1.42 -5.47 2.93
CA VAL A 43 -1.02 -4.09 2.58
C VAL A 43 0.27 -4.14 1.76
N LYS A 44 1.25 -4.93 2.22
CA LYS A 44 2.52 -5.10 1.53
C LYS A 44 2.36 -5.84 0.22
N LYS A 45 1.47 -6.82 0.11
CA LYS A 45 1.20 -7.50 -1.17
C LYS A 45 0.58 -6.63 -2.24
N HIS A 46 -0.20 -5.64 -1.84
CA HIS A 46 -0.63 -4.57 -2.77
C HIS A 46 0.59 -3.80 -3.31
N ILE A 47 1.57 -3.47 -2.45
CA ILE A 47 2.86 -2.88 -2.92
C ILE A 47 3.69 -3.89 -3.73
N LYS A 48 3.57 -5.21 -3.50
CA LYS A 48 4.14 -6.26 -4.35
C LYS A 48 3.54 -6.38 -5.76
N GLU A 49 2.23 -6.14 -5.94
CA GLU A 49 1.64 -5.91 -7.31
C GLU A 49 2.45 -4.82 -8.01
N LEU A 50 2.67 -3.71 -7.27
CA LEU A 50 3.31 -2.53 -7.79
C LEU A 50 4.83 -2.73 -8.00
N LEU A 51 5.54 -3.52 -7.18
CA LEU A 51 6.93 -3.94 -7.52
C LEU A 51 6.96 -4.71 -8.85
N ASP A 52 6.14 -5.75 -8.99
CA ASP A 52 6.02 -6.59 -10.19
C ASP A 52 5.69 -5.87 -11.48
N MET A 53 4.75 -4.93 -11.39
CA MET A 53 4.49 -3.98 -12.47
C MET A 53 5.74 -3.24 -12.91
N MET A 54 6.47 -2.65 -11.99
CA MET A 54 7.64 -1.83 -12.31
C MET A 54 8.82 -2.61 -12.93
N ILE A 55 9.12 -3.83 -12.48
CA ILE A 55 10.17 -4.63 -13.13
C ILE A 55 9.71 -5.10 -14.50
N ALA A 56 8.40 -5.32 -14.68
CA ALA A 56 7.85 -5.42 -16.03
C ALA A 56 7.86 -4.09 -16.82
N GLU A 57 7.73 -2.91 -16.22
CA GLU A 57 7.79 -1.64 -16.96
C GLU A 57 9.18 -1.34 -17.55
N GLU A 58 10.23 -1.45 -16.71
CA GLU A 58 11.58 -1.35 -17.27
C GLU A 58 11.85 -2.49 -18.25
N GLU A 59 11.74 -3.77 -17.87
CA GLU A 59 12.11 -4.84 -18.78
C GLU A 59 11.26 -4.83 -20.04
N SER A 60 9.96 -5.04 -19.90
CA SER A 60 9.04 -5.26 -21.04
C SER A 60 8.59 -3.98 -21.73
N LEU A 61 8.37 -2.87 -21.00
CA LEU A 61 7.85 -1.63 -21.61
C LEU A 61 8.97 -0.68 -22.11
N LYS A 62 10.19 -0.72 -21.54
CA LYS A 62 11.36 -0.21 -22.27
C LYS A 62 11.68 -1.04 -23.52
N GLU A 63 11.47 -2.37 -23.45
CA GLU A 63 11.48 -3.22 -24.65
C GLU A 63 10.29 -2.99 -25.63
N ARG A 64 9.16 -2.45 -25.19
CA ARG A 64 8.07 -1.98 -26.10
C ARG A 64 8.50 -0.82 -26.96
N LEU A 65 9.36 0.07 -26.42
CA LEU A 65 10.01 1.10 -27.23
C LEU A 65 11.04 0.49 -28.22
N GLU A 66 11.76 -0.55 -27.81
CA GLU A 66 12.70 -1.28 -28.68
C GLU A 66 11.99 -2.07 -29.81
N HIS A 67 10.80 -2.63 -29.56
CA HIS A 67 10.14 -3.59 -30.43
C HIS A 67 8.60 -3.45 -30.31
N MET B 1 0.93 -1.24 12.04
CA MET B 1 -0.17 -2.28 12.11
C MET B 1 -0.38 -2.81 13.52
N ARG B 2 0.48 -3.71 14.02
CA ARG B 2 0.72 -3.91 15.48
C ARG B 2 2.09 -3.34 15.84
N ARG B 3 2.50 -3.50 17.10
CA ARG B 3 3.74 -2.91 17.70
C ARG B 3 5.02 -3.19 16.85
N SER B 4 5.06 -4.28 16.06
CA SER B 4 5.98 -4.55 14.93
C SER B 4 5.77 -3.62 13.70
N GLU B 5 5.65 -2.29 13.88
CA GLU B 5 5.33 -1.28 12.87
C GLU B 5 6.25 -1.36 11.64
N VAL B 6 7.47 -1.82 11.86
CA VAL B 6 8.57 -2.10 10.91
C VAL B 6 8.14 -2.81 9.60
N LEU B 7 7.28 -3.84 9.63
CA LEU B 7 6.89 -4.49 8.35
C LEU B 7 6.02 -3.53 7.51
N ALA B 8 5.16 -2.75 8.16
CA ALA B 8 4.33 -1.77 7.47
C ALA B 8 5.15 -0.58 6.98
N GLU B 9 6.15 -0.12 7.75
CA GLU B 9 7.08 0.91 7.27
C GLU B 9 7.91 0.42 6.07
N GLU B 10 8.45 -0.79 6.14
CA GLU B 10 9.07 -1.44 4.98
C GLU B 10 8.14 -1.50 3.78
N SER B 11 6.83 -1.74 3.98
CA SER B 11 5.83 -1.77 2.91
C SER B 11 5.78 -0.41 2.18
N ILE B 12 5.78 0.73 2.90
CA ILE B 12 5.75 2.07 2.28
C ILE B 12 7.11 2.68 1.96
N VAL B 13 8.21 2.27 2.57
CA VAL B 13 9.54 2.51 2.04
C VAL B 13 9.62 1.89 0.63
N CYS B 14 9.20 0.65 0.52
CA CYS B 14 9.31 -0.10 -0.74
C CYS B 14 8.41 0.54 -1.82
N LEU B 15 7.20 1.04 -1.49
CA LEU B 15 6.38 1.85 -2.38
C LEU B 15 7.00 3.22 -2.66
N GLN B 16 7.56 3.95 -1.67
CA GLN B 16 8.26 5.26 -1.90
C GLN B 16 9.42 5.12 -2.88
N LYS B 17 10.11 4.00 -2.76
CA LYS B 17 11.25 3.54 -3.60
C LYS B 17 10.77 3.14 -4.98
N ALA B 18 9.69 2.37 -5.03
CA ALA B 18 9.10 1.88 -6.26
C ALA B 18 8.48 3.01 -7.08
N LEU B 19 7.75 3.92 -6.48
CA LEU B 19 7.12 5.05 -7.17
C LEU B 19 8.16 6.03 -7.75
N ASN B 20 9.29 6.19 -7.04
CA ASN B 20 10.44 6.96 -7.54
C ASN B 20 11.12 6.26 -8.73
N HIS B 21 11.41 4.96 -8.66
CA HIS B 21 12.00 4.22 -9.80
C HIS B 21 11.07 4.12 -11.00
N LEU B 22 9.77 3.94 -10.75
CA LEU B 22 8.69 4.10 -11.76
C LEU B 22 8.72 5.48 -12.41
N ARG B 23 9.10 6.53 -11.67
CA ARG B 23 9.19 7.89 -12.18
C ARG B 23 10.46 8.07 -13.00
N GLU B 24 11.57 7.45 -12.61
CA GLU B 24 12.78 7.42 -13.47
C GLU B 24 12.46 6.67 -14.77
N ILE B 25 11.75 5.52 -14.70
CA ILE B 25 11.29 4.79 -15.89
C ILE B 25 10.38 5.66 -16.76
N TRP B 26 9.47 6.46 -16.18
CA TRP B 26 8.63 7.37 -17.00
C TRP B 26 9.41 8.47 -17.71
N GLU B 27 10.42 9.04 -17.05
CA GLU B 27 11.34 9.95 -17.71
C GLU B 27 12.14 9.23 -18.88
N LEU B 28 12.31 7.90 -18.84
CA LEU B 28 12.82 7.09 -19.96
C LEU B 28 11.79 6.76 -21.04
N ILE B 29 10.71 6.02 -20.73
CA ILE B 29 9.78 5.48 -21.75
C ILE B 29 8.77 6.51 -22.32
N GLY B 30 8.40 7.53 -21.54
CA GLY B 30 7.40 8.54 -21.95
C GLY B 30 6.04 7.96 -22.35
N ILE B 31 5.57 6.87 -21.72
CA ILE B 31 4.18 6.41 -21.85
C ILE B 31 3.23 7.50 -21.34
N PRO B 32 2.04 7.70 -21.94
CA PRO B 32 1.12 8.77 -21.58
C PRO B 32 0.79 8.79 -20.10
N GLU B 33 0.85 9.95 -19.49
CA GLU B 33 0.79 10.11 -18.05
C GLU B 33 -0.62 9.87 -17.47
N ASP B 34 -1.65 9.84 -18.31
CA ASP B 34 -2.97 9.34 -17.86
C ASP B 34 -3.01 7.88 -17.35
N GLN B 35 -2.14 7.04 -17.90
CA GLN B 35 -1.88 5.70 -17.34
C GLN B 35 -1.20 5.82 -15.98
N ARG B 36 -0.14 6.66 -15.87
CA ARG B 36 0.63 6.84 -14.63
C ARG B 36 -0.17 7.35 -13.48
N LEU B 37 -1.06 8.31 -13.65
CA LEU B 37 -1.92 8.63 -12.53
C LEU B 37 -2.93 7.51 -12.24
N GLN B 38 -3.44 6.74 -13.22
CA GLN B 38 -4.26 5.56 -12.83
C GLN B 38 -3.48 4.48 -12.09
N ARG B 39 -2.18 4.35 -12.37
CA ARG B 39 -1.24 3.55 -11.56
C ARG B 39 -1.10 4.11 -10.13
N THR B 40 -1.00 5.44 -9.96
CA THR B 40 -1.03 6.13 -8.65
C THR B 40 -2.33 6.01 -7.87
N GLU B 41 -3.45 6.15 -8.58
CA GLU B 41 -4.82 6.20 -8.08
C GLU B 41 -5.29 4.79 -7.65
N VAL B 42 -4.84 3.72 -8.33
CA VAL B 42 -5.02 2.31 -7.84
C VAL B 42 -4.14 1.97 -6.64
N VAL B 43 -2.88 2.47 -6.58
CA VAL B 43 -2.05 2.41 -5.36
C VAL B 43 -2.81 3.09 -4.24
N LYS B 44 -3.30 4.32 -4.47
CA LYS B 44 -4.07 5.11 -3.49
C LYS B 44 -5.33 4.38 -3.06
N LYS B 45 -6.10 3.81 -3.99
CA LYS B 45 -7.34 3.06 -3.68
C LYS B 45 -7.11 1.77 -2.90
N HIS B 46 -5.95 1.15 -3.08
CA HIS B 46 -5.49 0.09 -2.18
C HIS B 46 -5.25 0.57 -0.74
N ILE B 47 -4.72 1.79 -0.50
CA ILE B 47 -4.65 2.40 0.86
C ILE B 47 -6.05 2.88 1.33
N LYS B 48 -6.94 3.36 0.46
CA LYS B 48 -8.36 3.65 0.81
C LYS B 48 -9.10 2.43 1.32
N GLU B 49 -8.79 1.27 0.76
CA GLU B 49 -9.22 -0.06 1.23
C GLU B 49 -8.68 -0.32 2.64
N LEU B 50 -7.40 0.02 2.91
CA LEU B 50 -6.81 0.04 4.26
C LEU B 50 -7.52 1.04 5.23
N LEU B 51 -7.85 2.26 4.76
CA LEU B 51 -8.65 3.21 5.59
C LEU B 51 -10.02 2.56 5.98
N ASP B 52 -10.69 1.91 5.05
CA ASP B 52 -11.98 1.26 5.26
C ASP B 52 -11.96 0.10 6.28
N MET B 53 -10.97 -0.79 6.15
CA MET B 53 -10.79 -1.85 7.17
C MET B 53 -10.46 -1.26 8.53
N MET B 54 -9.72 -0.14 8.65
CA MET B 54 -9.44 0.50 9.94
C MET B 54 -10.68 1.06 10.65
N ILE B 55 -11.58 1.76 9.95
CA ILE B 55 -12.80 2.28 10.57
C ILE B 55 -13.73 1.12 10.93
N ALA B 56 -13.75 0.04 10.13
CA ALA B 56 -14.40 -1.19 10.56
C ALA B 56 -13.68 -1.94 11.72
N GLU B 57 -12.36 -1.92 11.80
CA GLU B 57 -11.62 -2.66 12.85
C GLU B 57 -11.79 -1.97 14.21
N GLU B 58 -11.73 -0.63 14.32
CA GLU B 58 -12.24 0.03 15.53
C GLU B 58 -13.73 -0.22 15.72
N GLU B 59 -14.63 0.11 14.79
CA GLU B 59 -16.08 0.03 15.13
C GLU B 59 -16.56 -1.42 15.39
N SER B 60 -16.25 -2.35 14.48
CA SER B 60 -16.77 -3.72 14.58
C SER B 60 -15.96 -4.63 15.49
N LEU B 61 -14.61 -4.58 15.53
CA LEU B 61 -13.85 -5.44 16.47
C LEU B 61 -13.90 -4.95 17.92
N LYS B 62 -14.06 -3.65 18.18
CA LYS B 62 -14.40 -3.16 19.53
C LYS B 62 -15.82 -3.58 19.91
N GLU B 63 -16.73 -3.67 18.95
CA GLU B 63 -18.04 -4.39 19.14
C GLU B 63 -17.92 -5.91 19.29
N ARG B 64 -16.81 -6.56 18.92
CA ARG B 64 -16.52 -7.97 19.32
C ARG B 64 -16.18 -8.16 20.79
N LEU B 65 -15.48 -7.20 21.38
CA LEU B 65 -15.32 -7.12 22.80
C LEU B 65 -16.63 -6.72 23.52
N GLU B 66 -17.45 -5.83 22.94
CA GLU B 66 -18.79 -5.47 23.47
C GLU B 66 -19.77 -6.67 23.49
N HIS B 67 -19.92 -7.38 22.35
CA HIS B 67 -20.98 -8.35 22.10
C HIS B 67 -20.50 -9.65 21.42
N MET A 1 4.16 8.02 -9.19
CA MET A 1 3.45 7.21 -10.21
C MET A 1 3.65 7.86 -11.59
N ARG A 2 2.86 8.92 -11.91
CA ARG A 2 3.37 10.06 -12.71
C ARG A 2 3.87 11.16 -11.74
N ARG A 3 4.25 12.33 -12.24
CA ARG A 3 4.71 13.47 -11.44
C ARG A 3 3.67 14.04 -10.45
N SER A 4 2.39 13.68 -10.59
CA SER A 4 1.34 13.69 -9.51
C SER A 4 1.65 12.72 -8.35
N GLU A 5 2.91 12.69 -7.86
CA GLU A 5 3.35 11.79 -6.76
C GLU A 5 2.41 11.85 -5.53
N VAL A 6 1.82 13.06 -5.35
CA VAL A 6 0.82 13.43 -4.37
C VAL A 6 -0.33 12.43 -4.18
N LEU A 7 -0.96 11.84 -5.23
CA LEU A 7 -2.10 10.92 -5.01
C LEU A 7 -1.62 9.64 -4.30
N ALA A 8 -0.43 9.17 -4.68
CA ALA A 8 0.23 8.00 -4.08
C ALA A 8 0.81 8.28 -2.71
N GLU A 9 1.36 9.46 -2.46
CA GLU A 9 1.81 9.92 -1.15
C GLU A 9 0.63 10.02 -0.16
N GLU A 10 -0.53 10.57 -0.60
CA GLU A 10 -1.77 10.56 0.18
C GLU A 10 -2.32 9.14 0.40
N SER A 11 -2.15 8.23 -0.57
CA SER A 11 -2.47 6.80 -0.41
C SER A 11 -1.69 6.18 0.78
N ILE A 12 -0.37 6.42 0.87
CA ILE A 12 0.49 5.90 1.94
C ILE A 12 0.51 6.72 3.23
N VAL A 13 0.15 8.00 3.18
CA VAL A 13 -0.24 8.74 4.41
C VAL A 13 -1.42 7.99 5.00
N CYS A 14 -2.42 7.70 4.17
CA CYS A 14 -3.69 7.10 4.67
C CYS A 14 -3.49 5.69 5.22
N LEU A 15 -2.57 4.89 4.63
CA LEU A 15 -2.11 3.67 5.26
C LEU A 15 -1.37 3.90 6.59
N GLN A 16 -0.52 4.90 6.75
CA GLN A 16 0.16 5.26 8.04
C GLN A 16 -0.86 5.53 9.13
N LYS A 17 -1.95 6.28 8.82
CA LYS A 17 -3.05 6.51 9.79
C LYS A 17 -3.70 5.19 10.21
N ALA A 18 -4.05 4.40 9.20
CA ALA A 18 -4.80 3.15 9.30
C ALA A 18 -4.05 2.07 10.08
N LEU A 19 -2.73 1.95 9.84
CA LEU A 19 -1.88 0.99 10.54
C LEU A 19 -1.67 1.39 12.02
N ASN A 20 -1.67 2.69 12.34
CA ASN A 20 -1.62 3.19 13.72
C ASN A 20 -3.02 3.02 14.40
N HIS A 21 -4.15 3.24 13.74
CA HIS A 21 -5.50 2.95 14.29
C HIS A 21 -5.71 1.44 14.53
N LEU A 22 -5.24 0.61 13.62
CA LEU A 22 -5.14 -0.86 13.81
C LEU A 22 -4.24 -1.27 14.99
N ARG A 23 -3.21 -0.48 15.34
CA ARG A 23 -2.37 -0.68 16.53
C ARG A 23 -3.07 -0.25 17.82
N GLU A 24 -3.88 0.80 17.79
CA GLU A 24 -4.73 1.21 18.91
C GLU A 24 -5.76 0.11 19.16
N ILE A 25 -6.42 -0.40 18.11
CA ILE A 25 -7.29 -1.57 18.23
C ILE A 25 -6.52 -2.80 18.73
N TRP A 26 -5.26 -3.05 18.33
CA TRP A 26 -4.49 -4.19 18.86
C TRP A 26 -4.45 -4.24 20.38
N GLU A 27 -4.11 -3.10 20.98
CA GLU A 27 -3.99 -2.96 22.43
C GLU A 27 -5.34 -2.90 23.14
N LEU A 28 -6.41 -2.58 22.41
CA LEU A 28 -7.81 -2.56 22.85
C LEU A 28 -8.49 -3.94 22.81
N ILE A 29 -8.43 -4.69 21.68
CA ILE A 29 -9.04 -6.06 21.61
C ILE A 29 -8.14 -7.19 22.18
N GLY A 30 -6.83 -7.10 22.00
CA GLY A 30 -5.90 -8.14 22.43
C GLY A 30 -5.95 -9.45 21.62
N ILE A 31 -6.48 -9.43 20.41
CA ILE A 31 -6.36 -10.52 19.39
C ILE A 31 -4.86 -10.80 19.14
N PRO A 32 -4.42 -12.06 18.94
CA PRO A 32 -3.00 -12.43 18.85
C PRO A 32 -2.33 -11.67 17.73
N GLU A 33 -1.15 -11.14 18.06
CA GLU A 33 -0.37 -10.21 17.24
C GLU A 33 0.24 -10.82 15.97
N ASP A 34 0.21 -12.14 15.81
CA ASP A 34 0.50 -12.80 14.53
C ASP A 34 -0.64 -12.81 13.52
N GLN A 35 -1.90 -12.58 13.91
CA GLN A 35 -2.94 -12.21 12.94
C GLN A 35 -2.65 -10.82 12.35
N ARG A 36 -2.18 -9.89 13.21
CA ARG A 36 -1.71 -8.54 12.83
C ARG A 36 -0.54 -8.55 11.89
N LEU A 37 0.54 -9.25 12.19
CA LEU A 37 1.64 -9.28 11.21
C LEU A 37 1.27 -9.94 9.92
N GLN A 38 0.34 -10.90 9.87
CA GLN A 38 -0.19 -11.38 8.60
C GLN A 38 -0.94 -10.32 7.80
N ARG A 39 -1.63 -9.40 8.49
CA ARG A 39 -2.24 -8.16 7.93
C ARG A 39 -1.18 -7.18 7.42
N THR A 40 -0.10 -6.96 8.15
CA THR A 40 1.10 -6.24 7.62
C THR A 40 1.73 -6.85 6.38
N GLU A 41 1.93 -8.16 6.43
CA GLU A 41 2.63 -8.89 5.40
C GLU A 41 1.81 -8.97 4.10
N VAL A 42 0.46 -9.05 4.18
CA VAL A 42 -0.42 -8.94 3.00
C VAL A 42 -0.53 -7.49 2.40
N VAL A 43 -0.47 -6.47 3.26
CA VAL A 43 -0.30 -5.04 2.93
C VAL A 43 1.01 -4.91 2.10
N LYS A 44 2.11 -5.45 2.62
CA LYS A 44 3.44 -5.50 1.99
C LYS A 44 3.45 -6.27 0.67
N LYS A 45 2.78 -7.42 0.57
CA LYS A 45 2.61 -8.15 -0.71
C LYS A 45 1.81 -7.40 -1.77
N HIS A 46 0.94 -6.50 -1.36
CA HIS A 46 0.34 -5.48 -2.27
C HIS A 46 1.33 -4.44 -2.79
N ILE A 47 2.30 -3.98 -2.00
CA ILE A 47 3.45 -3.19 -2.53
C ILE A 47 4.39 -4.15 -3.34
N LYS A 48 4.58 -5.44 -2.99
CA LYS A 48 5.35 -6.39 -3.84
C LYS A 48 4.73 -6.66 -5.22
N GLU A 49 3.41 -6.74 -5.30
CA GLU A 49 2.60 -6.71 -6.56
C GLU A 49 2.93 -5.48 -7.41
N LEU A 50 3.11 -4.33 -6.74
CA LEU A 50 3.53 -3.07 -7.35
C LEU A 50 5.02 -3.08 -7.76
N LEU A 51 5.93 -3.68 -6.99
CA LEU A 51 7.32 -3.88 -7.43
C LEU A 51 7.33 -4.75 -8.69
N ASP A 52 6.53 -5.83 -8.75
CA ASP A 52 6.47 -6.74 -9.90
C ASP A 52 6.00 -6.13 -11.23
N MET A 53 4.98 -5.26 -11.20
CA MET A 53 4.63 -4.49 -12.40
C MET A 53 5.76 -3.53 -12.81
N MET A 54 6.42 -2.88 -11.85
CA MET A 54 7.47 -1.92 -12.09
C MET A 54 8.69 -2.55 -12.77
N ILE A 55 9.21 -3.68 -12.29
CA ILE A 55 10.34 -4.35 -12.92
C ILE A 55 9.98 -4.92 -14.30
N ALA A 56 8.70 -5.27 -14.51
CA ALA A 56 8.17 -5.47 -15.86
C ALA A 56 7.98 -4.14 -16.66
N GLU A 57 7.75 -2.98 -16.02
CA GLU A 57 7.68 -1.69 -16.73
C GLU A 57 9.05 -1.22 -17.23
N GLU A 58 10.08 -1.19 -16.36
CA GLU A 58 11.43 -0.98 -16.87
C GLU A 58 11.82 -2.04 -17.91
N GLU A 59 11.79 -3.35 -17.57
CA GLU A 59 12.34 -4.36 -18.52
C GLU A 59 11.51 -4.43 -19.80
N SER A 60 10.22 -4.76 -19.65
CA SER A 60 9.40 -5.08 -20.80
C SER A 60 8.83 -3.83 -21.48
N LEU A 61 8.41 -2.79 -20.76
CA LEU A 61 7.88 -1.59 -21.43
C LEU A 61 8.98 -0.69 -21.99
N LYS A 62 10.17 -0.61 -21.39
CA LYS A 62 11.28 0.05 -22.09
C LYS A 62 11.66 -0.70 -23.34
N GLU A 63 11.64 -2.05 -23.35
CA GLU A 63 11.71 -2.89 -24.55
C GLU A 63 10.59 -2.72 -25.57
N ARG A 64 9.39 -2.26 -25.16
CA ARG A 64 8.35 -1.78 -26.12
C ARG A 64 8.86 -0.57 -26.92
N LEU A 65 9.58 0.32 -26.23
CA LEU A 65 10.22 1.48 -26.83
C LEU A 65 11.54 1.16 -27.58
N GLU A 66 12.32 0.18 -27.10
CA GLU A 66 13.57 -0.30 -27.75
C GLU A 66 13.22 -0.92 -29.12
N HIS A 67 12.24 -1.85 -29.18
CA HIS A 67 11.79 -2.57 -30.41
C HIS A 67 12.90 -3.02 -31.38
N MET B 1 0.24 -1.83 12.84
CA MET B 1 -0.56 -3.08 12.72
C MET B 1 -0.73 -3.71 14.11
N ARG B 2 0.29 -4.43 14.59
CA ARG B 2 0.65 -4.50 16.03
C ARG B 2 1.82 -3.52 16.29
N ARG B 3 2.35 -3.42 17.50
CA ARG B 3 3.32 -2.39 17.93
C ARG B 3 4.65 -2.39 17.13
N SER B 4 5.01 -3.51 16.49
CA SER B 4 6.03 -3.65 15.40
C SER B 4 5.67 -2.88 14.09
N GLU B 5 5.21 -1.64 14.21
CA GLU B 5 4.84 -0.76 13.09
C GLU B 5 5.98 -0.61 12.07
N VAL B 6 7.23 -0.84 12.52
CA VAL B 6 8.43 -0.96 11.67
C VAL B 6 8.33 -1.73 10.36
N LEU B 7 7.66 -2.89 10.31
CA LEU B 7 7.47 -3.62 9.04
C LEU B 7 6.53 -2.89 8.09
N ALA B 8 5.49 -2.25 8.63
CA ALA B 8 4.55 -1.50 7.86
C ALA B 8 5.20 -0.19 7.31
N GLU B 9 6.02 0.53 8.12
CA GLU B 9 6.86 1.65 7.68
C GLU B 9 7.76 1.23 6.53
N GLU B 10 8.47 0.09 6.64
CA GLU B 10 9.29 -0.41 5.54
C GLU B 10 8.48 -0.77 4.27
N SER B 11 7.28 -1.34 4.42
CA SER B 11 6.34 -1.62 3.30
C SER B 11 5.93 -0.34 2.60
N ILE B 12 5.60 0.73 3.33
CA ILE B 12 5.27 2.04 2.70
C ILE B 12 6.48 2.85 2.24
N VAL B 13 7.67 2.77 2.88
CA VAL B 13 8.93 3.28 2.27
C VAL B 13 9.09 2.59 0.92
N CYS B 14 8.88 1.28 0.84
CA CYS B 14 9.18 0.52 -0.36
C CYS B 14 8.22 0.90 -1.49
N LEU B 15 6.95 1.21 -1.16
CA LEU B 15 6.03 1.85 -2.10
C LEU B 15 6.44 3.30 -2.48
N GLN B 16 6.81 4.16 -1.53
CA GLN B 16 7.28 5.55 -1.80
C GLN B 16 8.42 5.56 -2.82
N LYS B 17 9.36 4.64 -2.60
CA LYS B 17 10.51 4.32 -3.44
C LYS B 17 10.08 3.81 -4.83
N ALA B 18 9.18 2.84 -4.86
CA ALA B 18 8.67 2.26 -6.09
C ALA B 18 7.88 3.25 -6.95
N LEU B 19 7.02 4.04 -6.34
CA LEU B 19 6.15 4.99 -7.03
C LEU B 19 6.97 6.12 -7.66
N ASN B 20 8.08 6.51 -7.05
CA ASN B 20 9.07 7.42 -7.63
C ASN B 20 9.87 6.74 -8.76
N HIS B 21 10.32 5.47 -8.62
CA HIS B 21 10.97 4.72 -9.72
C HIS B 21 10.04 4.45 -10.92
N LEU B 22 8.77 4.10 -10.71
CA LEU B 22 7.72 4.12 -11.76
C LEU B 22 7.57 5.51 -12.43
N ARG B 23 7.73 6.61 -11.70
CA ARG B 23 7.70 7.97 -12.22
C ARG B 23 8.89 8.23 -13.13
N GLU B 24 10.10 7.84 -12.72
CA GLU B 24 11.29 7.87 -13.57
C GLU B 24 11.13 7.03 -14.84
N ILE B 25 10.62 5.79 -14.73
CA ILE B 25 10.39 4.93 -15.87
C ILE B 25 9.45 5.58 -16.89
N TRP B 26 8.31 6.15 -16.50
CA TRP B 26 7.48 6.91 -17.42
C TRP B 26 8.19 8.00 -18.19
N GLU B 27 8.92 8.84 -17.47
CA GLU B 27 9.64 9.94 -18.12
C GLU B 27 10.67 9.41 -19.16
N LEU B 28 11.11 8.12 -19.06
CA LEU B 28 11.72 7.35 -20.17
C LEU B 28 10.71 6.83 -21.21
N ILE B 29 9.71 5.99 -20.87
CA ILE B 29 8.89 5.31 -21.89
C ILE B 29 7.85 6.18 -22.62
N GLY B 30 7.20 7.11 -21.93
CA GLY B 30 6.12 7.94 -22.50
C GLY B 30 4.82 7.18 -22.81
N ILE B 31 4.52 6.12 -22.04
CA ILE B 31 3.15 5.51 -22.04
C ILE B 31 2.10 6.55 -21.67
N PRO B 32 0.83 6.46 -22.12
CA PRO B 32 -0.22 7.44 -21.78
C PRO B 32 -0.46 7.61 -20.27
N GLU B 33 -0.74 8.86 -19.90
CA GLU B 33 -0.81 9.41 -18.55
C GLU B 33 -2.12 9.06 -17.82
N ASP B 34 -3.14 8.54 -18.53
CA ASP B 34 -4.27 7.89 -17.90
C ASP B 34 -3.94 6.52 -17.29
N GLN B 35 -2.97 5.78 -17.83
CA GLN B 35 -2.55 4.47 -17.25
C GLN B 35 -1.85 4.68 -15.89
N ARG B 36 -1.05 5.74 -15.73
CA ARG B 36 -0.43 6.07 -14.42
C ARG B 36 -1.38 6.48 -13.29
N LEU B 37 -2.41 7.26 -13.56
CA LEU B 37 -3.44 7.55 -12.57
C LEU B 37 -4.08 6.25 -12.11
N GLN B 38 -4.52 5.39 -13.03
CA GLN B 38 -5.13 4.12 -12.63
C GLN B 38 -4.19 3.18 -11.86
N ARG B 39 -2.90 3.17 -12.19
CA ARG B 39 -1.85 2.49 -11.39
C ARG B 39 -1.71 3.04 -9.98
N THR B 40 -1.82 4.35 -9.83
CA THR B 40 -1.96 5.00 -8.52
C THR B 40 -3.24 4.66 -7.78
N GLU B 41 -4.38 4.71 -8.46
CA GLU B 41 -5.72 4.55 -7.95
C GLU B 41 -5.99 3.11 -7.48
N VAL B 42 -5.36 2.11 -8.12
CA VAL B 42 -5.38 0.70 -7.65
C VAL B 42 -4.43 0.44 -6.47
N VAL B 43 -3.27 1.09 -6.42
CA VAL B 43 -2.41 1.06 -5.20
C VAL B 43 -3.23 1.68 -4.02
N LYS B 44 -3.84 2.85 -4.26
CA LYS B 44 -4.79 3.50 -3.35
C LYS B 44 -5.96 2.60 -2.97
N LYS B 45 -6.62 1.91 -3.89
CA LYS B 45 -7.71 0.94 -3.56
C LYS B 45 -7.26 -0.26 -2.75
N HIS B 46 -6.04 -0.73 -2.89
CA HIS B 46 -5.43 -1.68 -1.91
C HIS B 46 -5.35 -1.11 -0.47
N ILE B 47 -4.99 0.18 -0.31
CA ILE B 47 -5.13 0.87 1.00
C ILE B 47 -6.61 1.08 1.41
N LYS B 48 -7.58 1.25 0.49
CA LYS B 48 -9.02 1.28 0.85
C LYS B 48 -9.53 -0.06 1.38
N GLU B 49 -8.98 -1.18 0.85
CA GLU B 49 -9.18 -2.52 1.36
C GLU B 49 -8.66 -2.60 2.83
N LEU B 50 -7.53 -1.96 3.12
CA LEU B 50 -6.99 -1.82 4.49
C LEU B 50 -7.81 -0.85 5.38
N LEU B 51 -8.41 0.22 4.85
CA LEU B 51 -9.38 1.06 5.59
C LEU B 51 -10.61 0.23 5.97
N ASP B 52 -11.11 -0.52 4.99
CA ASP B 52 -12.31 -1.37 5.16
C ASP B 52 -12.17 -2.55 6.14
N MET B 53 -11.02 -3.24 6.11
CA MET B 53 -10.77 -4.23 7.17
C MET B 53 -10.65 -3.57 8.54
N MET B 54 -10.13 -2.35 8.66
CA MET B 54 -9.95 -1.68 9.95
C MET B 54 -11.29 -1.21 10.56
N ILE B 55 -12.23 -0.70 9.78
CA ILE B 55 -13.54 -0.34 10.31
C ILE B 55 -14.34 -1.60 10.67
N ALA B 56 -14.11 -2.69 9.96
CA ALA B 56 -14.60 -4.01 10.35
C ALA B 56 -13.84 -4.57 11.56
N GLU B 57 -12.56 -4.24 11.76
CA GLU B 57 -11.80 -4.66 12.94
C GLU B 57 -12.30 -3.96 14.20
N GLU B 58 -12.38 -2.60 14.20
CA GLU B 58 -12.96 -1.90 15.35
C GLU B 58 -14.41 -2.36 15.56
N GLU B 59 -15.32 -2.25 14.60
CA GLU B 59 -16.73 -2.58 14.85
C GLU B 59 -16.88 -4.06 15.24
N SER B 60 -16.45 -4.97 14.38
CA SER B 60 -16.84 -6.37 14.48
C SER B 60 -15.97 -7.20 15.43
N LEU B 61 -14.68 -6.86 15.58
CA LEU B 61 -13.80 -7.57 16.54
C LEU B 61 -13.89 -7.01 17.95
N LYS B 62 -14.10 -5.69 18.14
CA LYS B 62 -14.53 -5.21 19.46
C LYS B 62 -15.86 -5.91 19.85
N GLU B 63 -16.72 -6.24 18.87
CA GLU B 63 -17.84 -7.17 19.06
C GLU B 63 -17.47 -8.63 19.13
N ARG B 64 -16.29 -9.11 18.72
CA ARG B 64 -15.81 -10.45 19.07
C ARG B 64 -15.59 -10.66 20.56
N LEU B 65 -15.11 -9.64 21.28
CA LEU B 65 -15.01 -9.62 22.73
C LEU B 65 -16.41 -9.62 23.36
N GLU B 66 -17.38 -8.94 22.73
CA GLU B 66 -18.79 -8.89 23.20
C GLU B 66 -19.60 -10.19 22.96
N HIS B 67 -19.57 -10.70 21.73
CA HIS B 67 -20.37 -11.82 21.21
C HIS B 67 -19.68 -12.60 20.07
N MET A 1 4.45 8.46 -9.25
CA MET A 1 3.88 7.62 -10.35
C MET A 1 4.10 8.23 -11.74
N ARG A 2 3.28 9.19 -12.21
CA ARG A 2 3.81 10.33 -12.99
C ARG A 2 4.07 11.48 -12.00
N ARG A 3 4.47 12.66 -12.46
CA ARG A 3 4.94 13.81 -11.63
C ARG A 3 3.89 14.35 -10.58
N SER A 4 2.63 13.92 -10.66
CA SER A 4 1.56 13.99 -9.64
C SER A 4 1.83 13.08 -8.43
N GLU A 5 3.08 13.04 -7.90
CA GLU A 5 3.54 12.14 -6.80
C GLU A 5 2.57 12.15 -5.62
N VAL A 6 1.91 13.29 -5.46
CA VAL A 6 0.82 13.61 -4.47
C VAL A 6 -0.26 12.55 -4.32
N LEU A 7 -0.76 11.94 -5.40
CA LEU A 7 -1.83 10.93 -5.30
C LEU A 7 -1.31 9.67 -4.59
N ALA A 8 -0.08 9.27 -4.94
CA ALA A 8 0.61 8.10 -4.37
C ALA A 8 1.09 8.36 -2.93
N GLU A 9 1.56 9.59 -2.64
CA GLU A 9 1.89 10.00 -1.27
C GLU A 9 0.67 10.03 -0.36
N GLU A 10 -0.47 10.58 -0.77
CA GLU A 10 -1.75 10.42 -0.06
C GLU A 10 -2.15 8.95 0.16
N SER A 11 -1.85 8.08 -0.79
CA SER A 11 -2.04 6.63 -0.62
C SER A 11 -1.25 6.08 0.57
N ILE A 12 0.05 6.40 0.71
CA ILE A 12 0.88 5.91 1.82
C ILE A 12 0.80 6.75 3.11
N VAL A 13 0.35 8.01 3.08
CA VAL A 13 -0.13 8.77 4.29
C VAL A 13 -1.24 7.94 4.86
N CYS A 14 -2.25 7.61 4.03
CA CYS A 14 -3.46 6.96 4.53
C CYS A 14 -3.15 5.53 5.06
N LEU A 15 -2.16 4.81 4.50
CA LEU A 15 -1.67 3.54 5.07
C LEU A 15 -0.84 3.77 6.38
N GLN A 16 0.02 4.82 6.43
CA GLN A 16 0.81 5.15 7.64
C GLN A 16 -0.08 5.50 8.84
N LYS A 17 -1.14 6.25 8.57
CA LYS A 17 -2.26 6.60 9.48
C LYS A 17 -3.04 5.36 9.92
N ALA A 18 -3.48 4.56 8.95
CA ALA A 18 -4.27 3.37 9.17
C ALA A 18 -3.52 2.32 9.98
N LEU A 19 -2.23 2.11 9.71
CA LEU A 19 -1.33 1.15 10.37
C LEU A 19 -0.99 1.57 11.81
N ASN A 20 -0.99 2.89 12.11
CA ASN A 20 -1.01 3.39 13.49
C ASN A 20 -2.37 3.13 14.18
N HIS A 21 -3.52 3.43 13.54
CA HIS A 21 -4.86 3.14 14.14
C HIS A 21 -5.12 1.64 14.38
N LEU A 22 -4.66 0.78 13.46
CA LEU A 22 -4.63 -0.69 13.63
C LEU A 22 -3.70 -1.14 14.77
N ARG A 23 -2.64 -0.39 15.06
CA ARG A 23 -1.80 -0.61 16.25
C ARG A 23 -2.53 -0.21 17.56
N GLU A 24 -3.31 0.87 17.56
CA GLU A 24 -4.15 1.23 18.70
C GLU A 24 -5.15 0.10 18.96
N ILE A 25 -5.79 -0.39 17.90
CA ILE A 25 -6.70 -1.53 17.97
C ILE A 25 -6.02 -2.79 18.51
N TRP A 26 -4.76 -3.06 18.14
CA TRP A 26 -3.99 -4.17 18.74
C TRP A 26 -3.94 -4.12 20.26
N GLU A 27 -3.50 -3.01 20.83
CA GLU A 27 -3.38 -2.81 22.26
C GLU A 27 -4.75 -2.71 22.98
N LEU A 28 -5.82 -2.53 22.22
CA LEU A 28 -7.20 -2.55 22.71
C LEU A 28 -7.84 -3.98 22.65
N ILE A 29 -7.94 -4.69 21.50
CA ILE A 29 -8.57 -6.02 21.44
C ILE A 29 -7.69 -7.16 21.98
N GLY A 30 -6.36 -7.04 21.89
CA GLY A 30 -5.37 -8.07 22.30
C GLY A 30 -5.42 -9.40 21.52
N ILE A 31 -5.88 -9.35 20.27
CA ILE A 31 -5.76 -10.47 19.31
C ILE A 31 -4.28 -10.89 19.09
N PRO A 32 -3.98 -12.21 18.91
CA PRO A 32 -2.63 -12.67 18.69
C PRO A 32 -1.98 -11.95 17.50
N GLU A 33 -0.78 -11.45 17.72
CA GLU A 33 -0.05 -10.64 16.73
C GLU A 33 0.46 -11.41 15.50
N ASP A 34 0.40 -12.74 15.45
CA ASP A 34 0.59 -13.46 14.21
C ASP A 34 -0.42 -13.08 13.12
N GLN A 35 -1.64 -12.74 13.51
CA GLN A 35 -2.65 -12.16 12.62
C GLN A 35 -2.20 -10.79 12.10
N ARG A 36 -1.66 -9.95 12.97
CA ARG A 36 -1.07 -8.65 12.59
C ARG A 36 0.21 -8.69 11.74
N LEU A 37 1.10 -9.63 11.95
CA LEU A 37 2.22 -9.84 11.02
C LEU A 37 1.74 -10.29 9.66
N GLN A 38 0.82 -11.23 9.55
CA GLN A 38 0.24 -11.69 8.27
C GLN A 38 -0.55 -10.57 7.55
N ARG A 39 -1.26 -9.70 8.31
CA ARG A 39 -1.82 -8.44 7.75
C ARG A 39 -0.75 -7.55 7.12
N THR A 40 0.33 -7.35 7.87
CA THR A 40 1.47 -6.58 7.37
C THR A 40 2.16 -7.16 6.13
N GLU A 41 2.44 -8.46 6.17
CA GLU A 41 3.05 -9.22 5.08
C GLU A 41 2.19 -9.17 3.80
N VAL A 42 0.85 -9.17 3.91
CA VAL A 42 -0.07 -9.04 2.74
C VAL A 42 -0.22 -7.63 2.15
N VAL A 43 -0.31 -6.60 3.01
CA VAL A 43 -0.14 -5.17 2.64
C VAL A 43 1.22 -5.03 1.91
N LYS A 44 2.30 -5.61 2.43
CA LYS A 44 3.62 -5.66 1.82
C LYS A 44 3.64 -6.42 0.48
N LYS A 45 2.94 -7.57 0.34
CA LYS A 45 2.84 -8.27 -0.96
C LYS A 45 2.09 -7.50 -2.04
N HIS A 46 1.12 -6.67 -1.65
CA HIS A 46 0.57 -5.67 -2.59
C HIS A 46 1.57 -4.61 -3.04
N ILE A 47 2.51 -4.15 -2.20
CA ILE A 47 3.65 -3.32 -2.69
C ILE A 47 4.66 -4.16 -3.47
N LYS A 48 4.81 -5.48 -3.23
CA LYS A 48 5.65 -6.36 -4.06
C LYS A 48 5.07 -6.60 -5.46
N GLU A 49 3.76 -6.63 -5.56
CA GLU A 49 2.97 -6.52 -6.78
C GLU A 49 3.28 -5.21 -7.53
N LEU A 50 3.44 -4.10 -6.85
CA LEU A 50 3.89 -2.82 -7.39
C LEU A 50 5.38 -2.81 -7.79
N LEU A 51 6.28 -3.33 -6.94
CA LEU A 51 7.68 -3.61 -7.36
C LEU A 51 7.75 -4.41 -8.66
N ASP A 52 7.00 -5.52 -8.74
CA ASP A 52 6.97 -6.40 -9.91
C ASP A 52 6.51 -5.76 -11.24
N MET A 53 5.45 -4.96 -11.20
CA MET A 53 5.07 -4.18 -12.38
C MET A 53 6.15 -3.15 -12.75
N MET A 54 6.83 -2.51 -11.79
CA MET A 54 7.92 -1.54 -12.03
C MET A 54 9.18 -2.17 -12.64
N ILE A 55 9.65 -3.33 -12.19
CA ILE A 55 10.77 -4.02 -12.83
C ILE A 55 10.38 -4.51 -14.23
N ALA A 56 9.10 -4.84 -14.44
CA ALA A 56 8.51 -5.03 -15.75
C ALA A 56 8.45 -3.72 -16.57
N GLU A 57 8.15 -2.59 -15.97
CA GLU A 57 8.05 -1.29 -16.68
C GLU A 57 9.41 -0.79 -17.20
N GLU A 58 10.45 -0.67 -16.36
CA GLU A 58 11.80 -0.35 -16.88
C GLU A 58 12.21 -1.41 -17.90
N GLU A 59 12.26 -2.68 -17.57
CA GLU A 59 12.90 -3.67 -18.45
C GLU A 59 12.03 -3.93 -19.72
N SER A 60 10.81 -4.45 -19.51
CA SER A 60 9.97 -4.79 -20.65
C SER A 60 9.29 -3.60 -21.32
N LEU A 61 8.88 -2.52 -20.67
CA LEU A 61 8.17 -1.38 -21.34
C LEU A 61 9.11 -0.32 -21.95
N LYS A 62 10.33 -0.14 -21.41
CA LYS A 62 11.38 0.56 -22.19
C LYS A 62 11.82 -0.28 -23.42
N GLU A 63 11.82 -1.62 -23.31
CA GLU A 63 11.89 -2.50 -24.49
C GLU A 63 10.64 -2.51 -25.37
N ARG A 64 9.48 -2.05 -24.88
CA ARG A 64 8.29 -1.88 -25.74
C ARG A 64 8.38 -0.69 -26.71
N LEU A 65 9.13 0.34 -26.30
CA LEU A 65 9.58 1.38 -27.20
C LEU A 65 10.62 0.85 -28.20
N GLU A 66 11.53 -0.02 -27.78
CA GLU A 66 12.52 -0.71 -28.64
C GLU A 66 11.90 -1.65 -29.67
N HIS A 67 10.81 -2.30 -29.25
CA HIS A 67 10.17 -3.43 -29.94
C HIS A 67 8.67 -3.50 -29.60
N MET B 1 0.71 -1.88 12.58
CA MET B 1 -0.04 -3.19 12.55
C MET B 1 0.12 -3.88 13.92
N ARG B 2 1.23 -4.58 14.15
CA ARG B 2 1.82 -4.82 15.47
C ARG B 2 2.66 -3.60 15.90
N ARG B 3 3.01 -3.47 17.18
CA ARG B 3 3.95 -2.43 17.75
C ARG B 3 5.37 -2.47 17.13
N SER B 4 5.76 -3.61 16.57
CA SER B 4 6.82 -3.80 15.56
C SER B 4 6.47 -3.12 14.20
N GLU B 5 6.01 -1.87 14.24
CA GLU B 5 5.55 -1.04 13.09
C GLU B 5 6.52 -1.03 11.89
N VAL B 6 7.80 -1.25 12.18
CA VAL B 6 8.90 -1.50 11.26
C VAL B 6 8.57 -2.27 9.97
N LEU B 7 7.86 -3.40 10.04
CA LEU B 7 7.57 -4.19 8.79
C LEU B 7 6.58 -3.43 7.89
N ALA B 8 5.66 -2.68 8.49
CA ALA B 8 4.69 -1.88 7.75
C ALA B 8 5.30 -0.56 7.23
N GLU B 9 6.14 0.11 8.05
CA GLU B 9 6.92 1.23 7.62
C GLU B 9 7.84 0.89 6.43
N GLU B 10 8.51 -0.27 6.46
CA GLU B 10 9.30 -0.69 5.29
C GLU B 10 8.43 -1.01 4.05
N SER B 11 7.20 -1.52 4.25
CA SER B 11 6.26 -1.74 3.15
C SER B 11 5.99 -0.43 2.38
N ILE B 12 5.85 0.71 3.10
CA ILE B 12 5.58 2.02 2.49
C ILE B 12 6.79 2.90 2.18
N VAL B 13 7.93 2.71 2.87
CA VAL B 13 9.24 3.18 2.35
C VAL B 13 9.38 2.60 0.96
N CYS B 14 9.15 1.30 0.80
CA CYS B 14 9.40 0.62 -0.46
C CYS B 14 8.46 1.12 -1.53
N LEU B 15 7.19 1.37 -1.24
CA LEU B 15 6.30 2.06 -2.15
C LEU B 15 6.77 3.49 -2.48
N GLN B 16 7.39 4.21 -1.53
CA GLN B 16 7.93 5.53 -1.76
C GLN B 16 9.15 5.51 -2.68
N LYS B 17 10.08 4.56 -2.56
CA LYS B 17 11.12 4.27 -3.56
C LYS B 17 10.52 3.97 -4.91
N ALA B 18 9.56 3.04 -4.89
CA ALA B 18 8.98 2.45 -6.09
C ALA B 18 8.16 3.45 -6.92
N LEU B 19 7.40 4.33 -6.26
CA LEU B 19 6.65 5.39 -6.96
C LEU B 19 7.57 6.51 -7.49
N ASN B 20 8.70 6.77 -6.83
CA ASN B 20 9.73 7.68 -7.36
C ASN B 20 10.44 7.04 -8.57
N HIS B 21 10.85 5.78 -8.51
CA HIS B 21 11.47 5.04 -9.64
C HIS B 21 10.49 4.82 -10.82
N LEU B 22 9.23 4.55 -10.56
CA LEU B 22 8.17 4.55 -11.58
C LEU B 22 8.02 5.92 -12.23
N ARG B 23 8.24 7.02 -11.50
CA ARG B 23 8.16 8.35 -12.07
C ARG B 23 9.42 8.79 -12.81
N GLU B 24 10.58 8.30 -12.40
CA GLU B 24 11.78 8.36 -13.26
C GLU B 24 11.55 7.61 -14.56
N ILE B 25 11.03 6.37 -14.49
CA ILE B 25 10.60 5.62 -15.67
C ILE B 25 9.59 6.40 -16.51
N TRP B 26 8.64 7.12 -15.90
CA TRP B 26 7.64 7.87 -16.68
C TRP B 26 8.29 8.92 -17.57
N GLU B 27 9.26 9.61 -16.98
CA GLU B 27 10.01 10.70 -17.66
C GLU B 27 11.00 10.16 -18.71
N LEU B 28 11.26 8.85 -18.68
CA LEU B 28 11.87 8.08 -19.79
C LEU B 28 10.85 7.62 -20.87
N ILE B 29 9.91 6.73 -20.54
CA ILE B 29 9.14 6.03 -21.59
C ILE B 29 8.07 6.93 -22.22
N GLY B 30 7.47 7.82 -21.43
CA GLY B 30 6.42 8.72 -21.90
C GLY B 30 5.09 8.07 -22.24
N ILE B 31 4.74 6.90 -21.70
CA ILE B 31 3.42 6.23 -21.80
C ILE B 31 2.33 7.22 -21.27
N PRO B 32 1.13 7.25 -21.86
CA PRO B 32 0.08 8.19 -21.43
C PRO B 32 -0.23 8.06 -19.92
N GLU B 33 -0.14 9.20 -19.21
CA GLU B 33 -0.33 9.29 -17.74
C GLU B 33 -1.70 8.82 -17.26
N ASP B 34 -2.70 8.69 -18.14
CA ASP B 34 -3.95 8.03 -17.75
C ASP B 34 -3.81 6.55 -17.38
N GLN B 35 -2.98 5.76 -18.07
CA GLN B 35 -2.57 4.42 -17.58
C GLN B 35 -1.88 4.53 -16.22
N ARG B 36 -1.02 5.55 -16.11
CA ARG B 36 -0.12 5.73 -14.95
C ARG B 36 -0.86 6.12 -13.65
N LEU B 37 -1.89 6.97 -13.78
CA LEU B 37 -2.74 7.27 -12.65
C LEU B 37 -3.63 6.08 -12.28
N GLN B 38 -4.11 5.31 -13.26
CA GLN B 38 -4.82 4.06 -12.91
C GLN B 38 -3.93 3.05 -12.18
N ARG B 39 -2.62 3.02 -12.47
CA ARG B 39 -1.58 2.33 -11.66
C ARG B 39 -1.48 2.94 -10.22
N THR B 40 -1.40 4.26 -10.06
CA THR B 40 -1.53 4.95 -8.76
C THR B 40 -2.77 4.64 -7.92
N GLU B 41 -3.92 4.69 -8.59
CA GLU B 41 -5.26 4.52 -8.02
C GLU B 41 -5.49 3.05 -7.56
N VAL B 42 -4.88 2.05 -8.21
CA VAL B 42 -4.89 0.65 -7.73
C VAL B 42 -3.92 0.34 -6.58
N VAL B 43 -2.74 1.03 -6.54
CA VAL B 43 -1.88 1.11 -5.33
C VAL B 43 -2.71 1.67 -4.15
N LYS B 44 -3.41 2.76 -4.39
CA LYS B 44 -4.36 3.41 -3.45
C LYS B 44 -5.54 2.54 -3.09
N LYS B 45 -6.25 1.87 -3.99
CA LYS B 45 -7.37 0.98 -3.66
C LYS B 45 -6.95 -0.28 -2.93
N HIS B 46 -5.71 -0.73 -3.10
CA HIS B 46 -5.13 -1.69 -2.14
C HIS B 46 -4.96 -1.13 -0.73
N ILE B 47 -4.59 0.16 -0.57
CA ILE B 47 -4.72 0.78 0.77
C ILE B 47 -6.19 0.97 1.18
N LYS B 48 -7.16 1.22 0.31
CA LYS B 48 -8.59 1.26 0.67
C LYS B 48 -9.13 -0.10 1.13
N GLU B 49 -8.61 -1.21 0.60
CA GLU B 49 -8.80 -2.58 1.14
C GLU B 49 -8.29 -2.69 2.58
N LEU B 50 -7.13 -2.09 2.86
CA LEU B 50 -6.58 -1.93 4.21
C LEU B 50 -7.46 -1.03 5.10
N LEU B 51 -8.01 0.08 4.62
CA LEU B 51 -8.99 0.86 5.39
C LEU B 51 -10.26 0.03 5.69
N ASP B 52 -10.76 -0.79 4.76
CA ASP B 52 -11.94 -1.64 5.02
C ASP B 52 -11.75 -2.69 6.09
N MET B 53 -10.61 -3.36 6.10
CA MET B 53 -10.30 -4.33 7.19
C MET B 53 -10.14 -3.66 8.55
N MET B 54 -9.61 -2.44 8.57
CA MET B 54 -9.44 -1.65 9.81
C MET B 54 -10.73 -1.14 10.43
N ILE B 55 -11.64 -0.59 9.64
CA ILE B 55 -12.94 -0.18 10.20
C ILE B 55 -13.79 -1.40 10.63
N ALA B 56 -13.67 -2.52 9.91
CA ALA B 56 -14.19 -3.82 10.35
C ALA B 56 -13.44 -4.34 11.61
N GLU B 57 -12.13 -4.14 11.76
CA GLU B 57 -11.39 -4.54 12.97
C GLU B 57 -11.83 -3.75 14.22
N GLU B 58 -11.92 -2.42 14.20
CA GLU B 58 -12.53 -1.70 15.33
C GLU B 58 -13.96 -2.16 15.49
N GLU B 59 -14.87 -1.84 14.58
CA GLU B 59 -16.31 -1.97 14.85
C GLU B 59 -16.64 -3.43 15.14
N SER B 60 -16.36 -4.31 14.17
CA SER B 60 -16.74 -5.69 14.29
C SER B 60 -15.83 -6.59 15.15
N LEU B 61 -14.49 -6.41 15.19
CA LEU B 61 -13.62 -7.31 15.94
C LEU B 61 -13.57 -7.03 17.46
N LYS B 62 -13.69 -5.74 17.82
CA LYS B 62 -14.08 -5.35 19.20
C LYS B 62 -15.45 -5.93 19.56
N GLU B 63 -16.42 -5.93 18.63
CA GLU B 63 -17.68 -6.66 18.82
C GLU B 63 -17.60 -8.20 18.81
N ARG B 64 -16.60 -8.82 18.19
CA ARG B 64 -16.33 -10.27 18.29
C ARG B 64 -15.99 -10.64 19.73
N LEU B 65 -15.27 -9.78 20.46
CA LEU B 65 -15.08 -9.92 21.91
C LEU B 65 -16.32 -9.65 22.77
N GLU B 66 -17.11 -8.63 22.40
CA GLU B 66 -18.42 -8.38 23.05
C GLU B 66 -19.45 -9.54 22.92
N HIS B 67 -19.47 -10.19 21.76
CA HIS B 67 -20.44 -11.23 21.35
C HIS B 67 -21.93 -10.90 21.61
N MET A 1 4.41 8.04 -8.76
CA MET A 1 3.78 7.21 -9.85
C MET A 1 3.99 7.85 -11.24
N ARG A 2 3.31 8.94 -11.56
CA ARG A 2 3.91 10.06 -12.33
C ARG A 2 4.32 11.15 -11.34
N ARG A 3 4.77 12.31 -11.84
CA ARG A 3 5.32 13.44 -11.05
C ARG A 3 4.36 14.09 -10.02
N SER A 4 3.05 13.82 -10.13
CA SER A 4 2.00 13.87 -9.10
C SER A 4 2.23 12.92 -7.92
N GLU A 5 3.46 12.84 -7.42
CA GLU A 5 3.86 11.99 -6.29
C GLU A 5 2.96 12.05 -5.06
N VAL A 6 2.37 13.24 -4.82
CA VAL A 6 1.35 13.55 -3.78
C VAL A 6 0.21 12.54 -3.56
N LEU A 7 -0.36 11.97 -4.63
CA LEU A 7 -1.50 11.04 -4.52
C LEU A 7 -1.05 9.74 -3.86
N ALA A 8 0.10 9.26 -4.32
CA ALA A 8 0.85 8.10 -3.82
C ALA A 8 1.34 8.38 -2.41
N GLU A 9 2.03 9.50 -2.14
CA GLU A 9 2.44 9.81 -0.78
C GLU A 9 1.28 9.95 0.22
N GLU A 10 0.15 10.57 -0.15
CA GLU A 10 -1.08 10.56 0.67
C GLU A 10 -1.65 9.13 0.84
N SER A 11 -1.51 8.25 -0.17
CA SER A 11 -1.98 6.85 -0.06
C SER A 11 -1.19 6.11 1.05
N ILE A 12 0.14 6.21 1.11
CA ILE A 12 1.03 5.54 2.08
C ILE A 12 1.18 6.26 3.41
N VAL A 13 1.10 7.61 3.46
CA VAL A 13 0.75 8.34 4.69
C VAL A 13 -0.45 7.71 5.32
N CYS A 14 -1.53 7.50 4.56
CA CYS A 14 -2.76 6.97 5.13
C CYS A 14 -2.52 5.55 5.65
N LEU A 15 -1.74 4.69 4.96
CA LEU A 15 -1.35 3.37 5.49
C LEU A 15 -0.52 3.50 6.80
N GLN A 16 0.39 4.47 6.88
CA GLN A 16 1.18 4.77 8.09
C GLN A 16 0.31 5.14 9.30
N LYS A 17 -0.72 5.97 9.10
CA LYS A 17 -1.75 6.22 10.16
C LYS A 17 -2.40 4.93 10.56
N ALA A 18 -2.92 4.21 9.59
CA ALA A 18 -3.77 3.05 9.76
C ALA A 18 -3.04 1.91 10.49
N LEU A 19 -1.77 1.66 10.13
CA LEU A 19 -0.94 0.68 10.81
C LEU A 19 -0.65 1.10 12.26
N ASN A 20 -0.55 2.40 12.60
CA ASN A 20 -0.42 2.81 14.01
C ASN A 20 -1.79 2.70 14.76
N HIS A 21 -2.93 3.19 14.24
CA HIS A 21 -4.24 3.00 14.89
C HIS A 21 -4.62 1.52 15.04
N LEU A 22 -4.38 0.69 14.01
CA LEU A 22 -4.58 -0.75 14.09
C LEU A 22 -3.65 -1.45 15.08
N ARG A 23 -2.50 -0.86 15.36
CA ARG A 23 -1.61 -1.28 16.45
C ARG A 23 -2.11 -0.82 17.83
N GLU A 24 -2.80 0.30 17.95
CA GLU A 24 -3.50 0.66 19.19
C GLU A 24 -4.56 -0.40 19.49
N ILE A 25 -5.29 -0.85 18.46
CA ILE A 25 -6.28 -1.92 18.57
C ILE A 25 -5.72 -3.30 18.91
N TRP A 26 -4.57 -3.69 18.37
CA TRP A 26 -3.74 -4.80 18.89
C TRP A 26 -3.55 -4.80 20.42
N GLU A 27 -3.15 -3.67 21.00
CA GLU A 27 -3.01 -3.59 22.44
C GLU A 27 -4.35 -3.52 23.20
N LEU A 28 -5.49 -3.20 22.56
CA LEU A 28 -6.83 -3.34 23.16
C LEU A 28 -7.40 -4.78 23.11
N ILE A 29 -7.63 -5.31 21.88
CA ILE A 29 -8.27 -6.62 21.75
C ILE A 29 -7.38 -7.81 22.15
N GLY A 30 -6.07 -7.77 21.94
CA GLY A 30 -5.17 -8.89 22.27
C GLY A 30 -5.44 -10.19 21.52
N ILE A 31 -5.96 -10.07 20.28
CA ILE A 31 -5.96 -11.15 19.27
C ILE A 31 -4.52 -11.61 19.02
N PRO A 32 -4.27 -12.94 18.86
CA PRO A 32 -2.89 -13.45 18.80
C PRO A 32 -1.99 -12.79 17.73
N GLU A 33 -0.72 -12.69 18.09
CA GLU A 33 0.19 -11.89 17.32
C GLU A 33 0.65 -12.51 15.97
N ASP A 34 0.39 -13.80 15.71
CA ASP A 34 0.45 -14.43 14.39
C ASP A 34 -0.69 -14.02 13.40
N GLN A 35 -1.89 -13.71 13.88
CA GLN A 35 -2.93 -13.08 13.07
C GLN A 35 -2.53 -11.66 12.67
N ARG A 36 -1.81 -10.95 13.55
CA ARG A 36 -1.31 -9.57 13.28
C ARG A 36 -0.19 -9.46 12.28
N LEU A 37 0.78 -10.37 12.27
CA LEU A 37 1.73 -10.39 11.15
C LEU A 37 1.08 -10.82 9.83
N GLN A 38 0.09 -11.70 9.80
CA GLN A 38 -0.62 -11.95 8.54
C GLN A 38 -1.36 -10.73 7.97
N ARG A 39 -1.91 -9.85 8.82
CA ARG A 39 -2.42 -8.52 8.41
C ARG A 39 -1.33 -7.64 7.75
N THR A 40 -0.13 -7.58 8.33
CA THR A 40 1.04 -6.92 7.73
C THR A 40 1.54 -7.52 6.42
N GLU A 41 1.68 -8.82 6.41
CA GLU A 41 2.23 -9.65 5.33
C GLU A 41 1.40 -9.47 4.04
N VAL A 42 0.07 -9.33 4.18
CA VAL A 42 -0.84 -9.08 3.07
C VAL A 42 -0.92 -7.63 2.60
N VAL A 43 -0.78 -6.67 3.52
CA VAL A 43 -0.50 -5.27 3.17
C VAL A 43 0.77 -5.25 2.30
N LYS A 44 1.81 -5.98 2.70
CA LYS A 44 3.11 -6.03 2.04
C LYS A 44 3.05 -6.79 0.75
N LYS A 45 2.23 -7.83 0.60
CA LYS A 45 2.01 -8.53 -0.69
C LYS A 45 1.23 -7.73 -1.71
N HIS A 46 0.37 -6.82 -1.26
CA HIS A 46 -0.15 -5.76 -2.14
C HIS A 46 0.94 -4.77 -2.62
N ILE A 47 1.96 -4.45 -1.82
CA ILE A 47 3.18 -3.81 -2.39
C ILE A 47 4.04 -4.75 -3.25
N LYS A 48 4.10 -6.06 -3.00
CA LYS A 48 4.75 -7.02 -3.96
C LYS A 48 4.05 -7.14 -5.34
N GLU A 49 2.73 -7.04 -5.34
CA GLU A 49 1.89 -6.88 -6.53
C GLU A 49 2.27 -5.58 -7.29
N LEU A 50 2.55 -4.51 -6.55
CA LEU A 50 3.08 -3.24 -7.10
C LEU A 50 4.53 -3.35 -7.61
N LEU A 51 5.40 -4.13 -6.95
CA LEU A 51 6.78 -4.39 -7.45
C LEU A 51 6.70 -5.10 -8.80
N ASP A 52 5.83 -6.10 -8.91
CA ASP A 52 5.64 -6.89 -10.14
C ASP A 52 5.15 -6.10 -11.36
N MET A 53 4.15 -5.19 -11.22
CA MET A 53 3.81 -4.30 -12.33
C MET A 53 4.97 -3.38 -12.73
N MET A 54 5.80 -2.94 -11.80
CA MET A 54 6.90 -2.01 -12.05
C MET A 54 8.12 -2.63 -12.72
N ILE A 55 8.55 -3.82 -12.32
CA ILE A 55 9.62 -4.51 -12.99
C ILE A 55 9.16 -4.85 -14.43
N ALA A 56 7.88 -5.20 -14.61
CA ALA A 56 7.29 -5.28 -15.93
C ALA A 56 7.25 -3.93 -16.69
N GLU A 57 7.00 -2.81 -16.02
CA GLU A 57 7.06 -1.49 -16.68
C GLU A 57 8.43 -1.11 -17.23
N GLU A 58 9.51 -1.26 -16.43
CA GLU A 58 10.81 -0.99 -16.97
C GLU A 58 11.11 -2.02 -18.06
N GLU A 59 11.10 -3.32 -17.72
CA GLU A 59 11.56 -4.34 -18.68
C GLU A 59 10.67 -4.32 -19.95
N SER A 60 9.37 -4.66 -19.78
CA SER A 60 8.49 -4.82 -20.95
C SER A 60 7.98 -3.54 -21.58
N LEU A 61 7.72 -2.46 -20.84
CA LEU A 61 7.09 -1.29 -21.43
C LEU A 61 8.11 -0.29 -21.98
N LYS A 62 9.32 -0.23 -21.41
CA LYS A 62 10.41 0.37 -22.13
C LYS A 62 10.75 -0.44 -23.39
N GLU A 63 10.69 -1.77 -23.41
CA GLU A 63 10.81 -2.60 -24.64
C GLU A 63 9.64 -2.47 -25.64
N ARG A 64 8.39 -2.24 -25.19
CA ARG A 64 7.24 -1.90 -26.05
C ARG A 64 7.52 -0.66 -26.89
N LEU A 65 8.23 0.29 -26.31
CA LEU A 65 8.64 1.54 -27.00
C LEU A 65 9.95 1.40 -27.81
N GLU A 66 10.98 0.85 -27.18
CA GLU A 66 12.38 0.88 -27.62
C GLU A 66 12.74 -0.22 -28.67
N HIS A 67 12.03 -1.36 -28.71
CA HIS A 67 12.24 -2.50 -29.62
C HIS A 67 13.68 -3.03 -29.62
N MET B 1 0.72 -2.64 13.02
CA MET B 1 -0.15 -3.86 12.86
C MET B 1 -0.28 -4.64 14.18
N ARG B 2 0.75 -5.40 14.59
CA ARG B 2 1.15 -5.49 16.02
C ARG B 2 2.35 -4.57 16.22
N ARG B 3 2.94 -4.59 17.42
CA ARG B 3 4.06 -3.72 17.90
C ARG B 3 5.37 -3.83 17.11
N SER B 4 5.58 -4.96 16.43
CA SER B 4 6.54 -5.16 15.31
C SER B 4 6.25 -4.30 14.05
N GLU B 5 5.96 -3.01 14.20
CA GLU B 5 5.61 -2.08 13.16
C GLU B 5 6.64 -2.01 12.04
N VAL B 6 7.88 -2.45 12.33
CA VAL B 6 8.95 -2.68 11.37
C VAL B 6 8.60 -3.37 10.02
N LEU B 7 7.83 -4.48 10.01
CA LEU B 7 7.46 -5.16 8.76
C LEU B 7 6.54 -4.26 7.92
N ALA B 8 5.66 -3.49 8.59
CA ALA B 8 4.76 -2.57 7.89
C ALA B 8 5.49 -1.30 7.41
N GLU B 9 6.42 -0.75 8.20
CA GLU B 9 7.25 0.36 7.70
C GLU B 9 8.14 -0.06 6.53
N GLU B 10 8.73 -1.25 6.57
CA GLU B 10 9.44 -1.82 5.39
C GLU B 10 8.53 -2.00 4.18
N SER B 11 7.23 -2.30 4.40
CA SER B 11 6.23 -2.41 3.32
C SER B 11 6.01 -1.04 2.60
N ILE B 12 5.87 0.08 3.31
CA ILE B 12 5.69 1.42 2.71
C ILE B 12 6.99 2.17 2.43
N VAL B 13 8.17 1.80 2.99
CA VAL B 13 9.50 2.13 2.37
C VAL B 13 9.47 1.49 1.00
N CYS B 14 9.11 0.22 0.89
CA CYS B 14 9.26 -0.46 -0.40
C CYS B 14 8.29 0.10 -1.41
N LEU B 15 7.09 0.53 -1.00
CA LEU B 15 6.15 1.29 -1.85
C LEU B 15 6.66 2.73 -2.15
N GLN B 16 7.26 3.46 -1.21
CA GLN B 16 7.85 4.81 -1.47
C GLN B 16 9.02 4.77 -2.47
N LYS B 17 9.84 3.74 -2.32
CA LYS B 17 10.95 3.29 -3.19
C LYS B 17 10.42 2.91 -4.57
N ALA B 18 9.40 2.05 -4.65
CA ALA B 18 8.72 1.62 -5.88
C ALA B 18 7.99 2.77 -6.61
N LEU B 19 7.30 3.67 -5.89
CA LEU B 19 6.54 4.75 -6.53
C LEU B 19 7.47 5.85 -7.08
N ASN B 20 8.67 6.01 -6.48
CA ASN B 20 9.78 6.77 -7.08
C ASN B 20 10.46 6.09 -8.28
N HIS B 21 10.71 4.79 -8.25
CA HIS B 21 11.21 4.05 -9.44
C HIS B 21 10.17 3.98 -10.57
N LEU B 22 8.88 3.92 -10.28
CA LEU B 22 7.76 4.08 -11.24
C LEU B 22 7.72 5.48 -11.85
N ARG B 23 8.01 6.51 -11.05
CA ARG B 23 8.15 7.91 -11.51
C ARG B 23 9.35 8.09 -12.43
N GLU B 24 10.46 7.49 -12.07
CA GLU B 24 11.64 7.41 -12.92
C GLU B 24 11.32 6.76 -14.27
N ILE B 25 10.65 5.60 -14.25
CA ILE B 25 10.16 4.96 -15.49
C ILE B 25 9.20 5.88 -16.22
N TRP B 26 8.29 6.64 -15.57
CA TRP B 26 7.46 7.63 -16.25
C TRP B 26 8.27 8.62 -17.08
N GLU B 27 9.27 9.17 -16.42
CA GLU B 27 10.14 10.17 -17.05
C GLU B 27 11.04 9.57 -18.19
N LEU B 28 11.16 8.22 -18.28
CA LEU B 28 11.68 7.46 -19.43
C LEU B 28 10.62 7.18 -20.51
N ILE B 29 9.60 6.36 -20.27
CA ILE B 29 8.65 5.90 -21.30
C ILE B 29 7.64 6.94 -21.79
N GLY B 30 7.19 7.85 -20.94
CA GLY B 30 6.30 8.96 -21.32
C GLY B 30 4.84 8.57 -21.56
N ILE B 31 4.38 7.44 -21.03
CA ILE B 31 2.96 7.00 -21.12
C ILE B 31 1.96 8.03 -20.51
N PRO B 32 0.70 8.10 -20.99
CA PRO B 32 -0.27 9.06 -20.48
C PRO B 32 -0.53 8.83 -18.99
N GLU B 33 -0.39 9.92 -18.25
CA GLU B 33 -0.43 10.00 -16.80
C GLU B 33 -1.75 9.56 -16.18
N ASP B 34 -2.84 9.47 -16.95
CA ASP B 34 -4.10 8.89 -16.49
C ASP B 34 -4.05 7.38 -16.22
N GLN B 35 -3.12 6.68 -16.85
CA GLN B 35 -2.80 5.29 -16.49
C GLN B 35 -2.04 5.24 -15.16
N ARG B 36 -1.15 6.23 -14.91
CA ARG B 36 -0.36 6.38 -13.66
C ARG B 36 -1.18 6.79 -12.49
N LEU B 37 -2.15 7.67 -12.64
CA LEU B 37 -3.08 7.93 -11.57
C LEU B 37 -3.90 6.69 -11.25
N GLN B 38 -4.41 5.98 -12.22
CA GLN B 38 -5.13 4.74 -11.96
C GLN B 38 -4.29 3.61 -11.30
N ARG B 39 -2.96 3.55 -11.57
CA ARG B 39 -1.99 2.77 -10.77
C ARG B 39 -1.86 3.27 -9.31
N THR B 40 -1.71 4.56 -9.12
CA THR B 40 -1.81 5.22 -7.80
C THR B 40 -3.05 4.98 -6.99
N GLU B 41 -4.18 5.10 -7.67
CA GLU B 41 -5.56 5.03 -7.14
C GLU B 41 -5.95 3.58 -6.81
N VAL B 42 -5.39 2.60 -7.51
CA VAL B 42 -5.44 1.16 -7.13
C VAL B 42 -4.49 0.79 -5.99
N VAL B 43 -3.29 1.37 -5.90
CA VAL B 43 -2.42 1.26 -4.71
C VAL B 43 -3.17 1.86 -3.52
N LYS B 44 -3.82 3.04 -3.69
CA LYS B 44 -4.69 3.70 -2.70
C LYS B 44 -5.85 2.82 -2.29
N LYS B 45 -6.63 2.26 -3.21
CA LYS B 45 -7.76 1.38 -2.87
C LYS B 45 -7.41 0.06 -2.20
N HIS B 46 -6.20 -0.43 -2.39
CA HIS B 46 -5.57 -1.47 -1.55
C HIS B 46 -5.32 -1.01 -0.10
N ILE B 47 -4.84 0.25 0.12
CA ILE B 47 -4.84 0.85 1.48
C ILE B 47 -6.28 1.14 1.98
N LYS B 48 -7.28 1.40 1.12
CA LYS B 48 -8.67 1.62 1.59
C LYS B 48 -9.34 0.30 2.06
N GLU B 49 -8.96 -0.80 1.45
CA GLU B 49 -9.24 -2.18 1.90
C GLU B 49 -8.69 -2.41 3.32
N LEU B 50 -7.48 -1.87 3.58
CA LEU B 50 -6.84 -1.87 4.91
C LEU B 50 -7.56 -0.91 5.92
N LEU B 51 -7.94 0.29 5.50
CA LEU B 51 -8.72 1.23 6.35
C LEU B 51 -10.02 0.56 6.77
N ASP B 52 -10.71 -0.13 5.86
CA ASP B 52 -11.97 -0.79 6.20
C ASP B 52 -11.93 -1.97 7.19
N MET B 53 -10.95 -2.86 7.07
CA MET B 53 -10.69 -3.92 8.08
C MET B 53 -10.38 -3.31 9.42
N MET B 54 -9.65 -2.19 9.49
CA MET B 54 -9.29 -1.58 10.75
C MET B 54 -10.45 -0.93 11.46
N ILE B 55 -11.38 -0.23 10.77
CA ILE B 55 -12.60 0.28 11.41
C ILE B 55 -13.52 -0.88 11.82
N ALA B 56 -13.55 -1.98 11.06
CA ALA B 56 -14.14 -3.26 11.50
C ALA B 56 -13.43 -3.89 12.72
N GLU B 57 -12.09 -3.76 12.83
CA GLU B 57 -11.31 -4.32 13.94
C GLU B 57 -11.65 -3.60 15.26
N GLU B 58 -11.56 -2.26 15.32
CA GLU B 58 -12.09 -1.54 16.51
C GLU B 58 -13.57 -1.83 16.71
N GLU B 59 -14.46 -1.51 15.81
CA GLU B 59 -15.91 -1.57 16.08
C GLU B 59 -16.37 -3.01 16.29
N SER B 60 -16.19 -3.89 15.32
CA SER B 60 -16.74 -5.26 15.43
C SER B 60 -15.89 -6.24 16.22
N LEU B 61 -14.56 -6.12 16.21
CA LEU B 61 -13.70 -7.10 16.89
C LEU B 61 -13.42 -6.76 18.35
N LYS B 62 -13.42 -5.48 18.70
CA LYS B 62 -13.65 -5.10 20.11
C LYS B 62 -15.08 -5.53 20.53
N GLU B 63 -16.09 -5.38 19.68
CA GLU B 63 -17.46 -5.94 20.00
C GLU B 63 -17.48 -7.49 20.11
N ARG B 64 -16.60 -8.19 19.39
CA ARG B 64 -16.46 -9.66 19.55
C ARG B 64 -16.00 -10.02 20.97
N LEU B 65 -15.21 -9.19 21.59
CA LEU B 65 -14.88 -9.31 23.01
C LEU B 65 -16.00 -8.76 23.92
N GLU B 66 -16.66 -7.67 23.52
CA GLU B 66 -17.71 -7.05 24.34
C GLU B 66 -18.94 -7.97 24.59
N HIS B 67 -19.53 -8.60 23.57
CA HIS B 67 -20.76 -9.39 23.67
C HIS B 67 -20.56 -10.82 24.21
N MET A 1 4.44 7.44 -9.12
CA MET A 1 3.58 6.90 -10.22
C MET A 1 3.80 7.67 -11.55
N ARG A 2 3.36 8.94 -11.61
CA ARG A 2 3.85 9.97 -12.52
C ARG A 2 4.18 11.24 -11.73
N ARG A 3 4.55 12.29 -12.46
CA ARG A 3 5.06 13.58 -11.93
C ARG A 3 4.13 14.18 -10.84
N SER A 4 2.81 13.98 -10.96
CA SER A 4 1.77 14.11 -9.92
C SER A 4 1.80 13.11 -8.74
N GLU A 5 2.98 12.86 -8.16
CA GLU A 5 3.21 11.90 -7.07
C GLU A 5 2.18 11.97 -5.90
N VAL A 6 1.54 13.11 -5.69
CA VAL A 6 0.56 13.47 -4.63
C VAL A 6 -0.51 12.38 -4.38
N LEU A 7 -1.14 11.79 -5.40
CA LEU A 7 -2.19 10.79 -5.14
C LEU A 7 -1.62 9.50 -4.54
N ALA A 8 -0.35 9.19 -4.89
CA ALA A 8 0.36 8.04 -4.35
C ALA A 8 0.85 8.30 -2.91
N GLU A 9 1.34 9.53 -2.62
CA GLU A 9 1.65 9.86 -1.22
C GLU A 9 0.40 9.85 -0.35
N GLU A 10 -0.71 10.44 -0.83
CA GLU A 10 -2.01 10.35 -0.14
C GLU A 10 -2.47 8.89 0.09
N SER A 11 -2.19 7.96 -0.83
CA SER A 11 -2.52 6.51 -0.69
C SER A 11 -1.80 5.91 0.54
N ILE A 12 -0.51 6.22 0.74
CA ILE A 12 0.31 5.67 1.85
C ILE A 12 0.31 6.52 3.11
N VAL A 13 -0.08 7.80 3.01
CA VAL A 13 -0.56 8.54 4.19
C VAL A 13 -1.74 7.79 4.74
N CYS A 14 -2.69 7.46 3.86
CA CYS A 14 -3.91 6.84 4.31
C CYS A 14 -3.69 5.41 4.90
N LEU A 15 -2.72 4.67 4.40
CA LEU A 15 -2.23 3.41 4.98
C LEU A 15 -1.46 3.66 6.28
N GLN A 16 -0.55 4.65 6.39
CA GLN A 16 0.20 4.95 7.62
C GLN A 16 -0.76 5.32 8.76
N LYS A 17 -1.81 6.06 8.41
CA LYS A 17 -2.94 6.46 9.26
C LYS A 17 -3.83 5.28 9.72
N ALA A 18 -4.28 4.50 8.77
CA ALA A 18 -5.05 3.28 8.97
C ALA A 18 -4.30 2.27 9.83
N LEU A 19 -3.05 1.99 9.50
CA LEU A 19 -2.31 0.92 10.21
C LEU A 19 -2.07 1.31 11.69
N ASN A 20 -1.90 2.60 12.01
CA ASN A 20 -1.81 3.03 13.40
C ASN A 20 -3.14 2.91 14.10
N HIS A 21 -4.25 3.35 13.47
CA HIS A 21 -5.63 3.16 13.98
C HIS A 21 -5.97 1.68 14.26
N LEU A 22 -5.71 0.79 13.30
CA LEU A 22 -5.85 -0.66 13.41
C LEU A 22 -4.99 -1.26 14.55
N ARG A 23 -3.85 -0.64 14.85
CA ARG A 23 -2.97 -0.98 15.99
C ARG A 23 -3.46 -0.38 17.33
N GLU A 24 -4.05 0.80 17.36
CA GLU A 24 -4.82 1.22 18.58
C GLU A 24 -5.94 0.19 18.86
N ILE A 25 -6.68 -0.22 17.83
CA ILE A 25 -7.69 -1.30 17.89
C ILE A 25 -7.10 -2.60 18.43
N TRP A 26 -5.92 -3.04 18.00
CA TRP A 26 -5.24 -4.20 18.62
C TRP A 26 -5.20 -4.12 20.13
N GLU A 27 -4.74 -3.00 20.63
CA GLU A 27 -4.60 -2.68 22.06
C GLU A 27 -5.98 -2.51 22.74
N LEU A 28 -7.08 -2.36 21.97
CA LEU A 28 -8.44 -2.59 22.45
C LEU A 28 -8.81 -4.09 22.46
N ILE A 29 -8.93 -4.73 21.30
CA ILE A 29 -9.60 -6.04 21.19
C ILE A 29 -8.77 -7.20 21.72
N GLY A 30 -7.44 -7.12 21.65
CA GLY A 30 -6.58 -8.18 22.13
C GLY A 30 -6.64 -9.49 21.33
N ILE A 31 -7.02 -9.44 20.04
CA ILE A 31 -6.91 -10.52 19.04
C ILE A 31 -5.45 -11.03 18.91
N PRO A 32 -5.27 -12.32 18.56
CA PRO A 32 -3.92 -12.83 18.36
C PRO A 32 -3.20 -12.09 17.25
N GLU A 33 -2.04 -11.61 17.64
CA GLU A 33 -1.21 -10.74 16.86
C GLU A 33 -0.54 -11.33 15.63
N ASP A 34 -0.58 -12.65 15.44
CA ASP A 34 -0.22 -13.31 14.18
C ASP A 34 -1.31 -13.27 13.11
N GLN A 35 -2.58 -13.08 13.49
CA GLN A 35 -3.61 -12.63 12.54
C GLN A 35 -3.34 -11.19 12.08
N ARG A 36 -2.74 -10.35 12.95
CA ARG A 36 -2.21 -9.05 12.54
C ARG A 36 -0.98 -9.06 11.69
N LEU A 37 0.05 -9.86 11.98
CA LEU A 37 1.16 -9.84 11.01
C LEU A 37 0.78 -10.43 9.67
N GLN A 38 -0.20 -11.34 9.60
CA GLN A 38 -0.78 -11.77 8.34
C GLN A 38 -1.54 -10.61 7.64
N ARG A 39 -2.19 -9.67 8.38
CA ARG A 39 -2.70 -8.42 7.84
C ARG A 39 -1.59 -7.53 7.25
N THR A 40 -0.45 -7.39 7.94
CA THR A 40 0.72 -6.67 7.42
C THR A 40 1.39 -7.25 6.21
N GLU A 41 1.60 -8.57 6.29
CA GLU A 41 2.26 -9.37 5.27
C GLU A 41 1.43 -9.36 3.94
N VAL A 42 0.11 -9.34 4.00
CA VAL A 42 -0.76 -9.19 2.79
C VAL A 42 -0.79 -7.79 2.17
N VAL A 43 -0.78 -6.78 3.06
CA VAL A 43 -0.62 -5.36 2.68
C VAL A 43 0.73 -5.19 1.96
N LYS A 44 1.82 -5.77 2.52
CA LYS A 44 3.14 -5.80 1.91
C LYS A 44 3.13 -6.52 0.59
N LYS A 45 2.40 -7.61 0.46
CA LYS A 45 2.26 -8.33 -0.81
C LYS A 45 1.50 -7.61 -1.89
N HIS A 46 0.59 -6.69 -1.51
CA HIS A 46 0.05 -5.73 -2.46
C HIS A 46 1.09 -4.76 -3.06
N ILE A 47 2.00 -4.25 -2.21
CA ILE A 47 3.18 -3.50 -2.68
C ILE A 47 4.19 -4.38 -3.45
N LYS A 48 4.26 -5.71 -3.26
CA LYS A 48 5.03 -6.65 -4.10
C LYS A 48 4.46 -6.88 -5.52
N GLU A 49 3.14 -6.80 -5.71
CA GLU A 49 2.55 -6.69 -7.06
C GLU A 49 3.14 -5.44 -7.72
N LEU A 50 3.15 -4.33 -6.99
CA LEU A 50 3.63 -3.05 -7.51
C LEU A 50 5.15 -3.06 -7.80
N LEU A 51 5.95 -3.79 -7.00
CA LEU A 51 7.36 -4.04 -7.37
C LEU A 51 7.47 -4.83 -8.67
N ASP A 52 6.75 -5.96 -8.78
CA ASP A 52 6.83 -6.84 -9.98
C ASP A 52 6.31 -6.16 -11.27
N MET A 53 5.25 -5.33 -11.17
CA MET A 53 4.79 -4.48 -12.28
C MET A 53 5.91 -3.57 -12.75
N MET A 54 6.64 -2.92 -11.85
CA MET A 54 7.60 -1.90 -12.13
C MET A 54 8.91 -2.41 -12.73
N ILE A 55 9.48 -3.50 -12.23
CA ILE A 55 10.56 -4.21 -12.93
C ILE A 55 10.12 -4.67 -14.33
N ALA A 56 8.86 -5.13 -14.49
CA ALA A 56 8.28 -5.37 -15.83
C ALA A 56 8.04 -4.07 -16.63
N GLU A 57 7.77 -2.93 -16.00
CA GLU A 57 7.63 -1.66 -16.72
C GLU A 57 8.94 -1.15 -17.25
N GLU A 58 10.00 -1.09 -16.44
CA GLU A 58 11.34 -0.82 -16.97
C GLU A 58 11.78 -1.84 -18.00
N GLU A 59 11.92 -3.10 -17.62
CA GLU A 59 12.47 -4.12 -18.50
C GLU A 59 11.63 -4.28 -19.76
N SER A 60 10.37 -4.68 -19.61
CA SER A 60 9.49 -5.04 -20.75
C SER A 60 8.82 -3.85 -21.43
N LEU A 61 8.35 -2.83 -20.69
CA LEU A 61 7.66 -1.71 -21.32
C LEU A 61 8.60 -0.66 -21.92
N LYS A 62 9.81 -0.50 -21.37
CA LYS A 62 10.86 0.17 -22.12
C LYS A 62 11.18 -0.61 -23.37
N GLU A 63 11.37 -1.95 -23.33
CA GLU A 63 11.56 -2.73 -24.56
C GLU A 63 10.41 -2.86 -25.57
N ARG A 64 9.18 -2.73 -25.11
CA ARG A 64 8.01 -2.60 -26.00
C ARG A 64 8.13 -1.39 -26.91
N LEU A 65 8.62 -0.28 -26.32
CA LEU A 65 8.87 0.96 -27.09
C LEU A 65 10.23 1.09 -27.79
N GLU A 66 11.34 0.72 -27.12
CA GLU A 66 12.69 1.23 -27.44
C GLU A 66 13.27 0.73 -28.78
N HIS A 67 12.84 -0.43 -29.29
CA HIS A 67 13.41 -1.06 -30.49
C HIS A 67 12.33 -1.59 -31.44
N MET B 1 -0.38 -2.13 12.43
CA MET B 1 -0.95 -3.54 12.41
C MET B 1 -1.02 -4.14 13.82
N ARG B 2 0.00 -4.85 14.31
CA ARG B 2 0.31 -4.91 15.76
C ARG B 2 1.46 -3.98 16.07
N ARG B 3 1.91 -3.85 17.32
CA ARG B 3 2.93 -2.89 17.79
C ARG B 3 4.35 -3.06 17.21
N SER B 4 4.60 -4.19 16.56
CA SER B 4 5.63 -4.42 15.51
C SER B 4 5.34 -3.65 14.19
N GLU B 5 4.94 -2.35 14.24
CA GLU B 5 4.61 -1.48 13.10
C GLU B 5 5.67 -1.42 11.99
N VAL B 6 6.91 -1.76 12.34
CA VAL B 6 8.13 -1.78 11.53
C VAL B 6 8.00 -2.47 10.15
N LEU B 7 7.27 -3.58 10.09
CA LEU B 7 7.06 -4.31 8.82
C LEU B 7 6.11 -3.55 7.88
N ALA B 8 5.10 -2.86 8.47
CA ALA B 8 4.14 -2.04 7.73
C ALA B 8 4.85 -0.74 7.30
N GLU B 9 5.65 -0.10 8.15
CA GLU B 9 6.46 1.06 7.79
C GLU B 9 7.44 0.71 6.66
N GLU B 10 8.13 -0.44 6.71
CA GLU B 10 8.95 -0.94 5.56
C GLU B 10 8.11 -1.21 4.27
N SER B 11 6.90 -1.76 4.40
CA SER B 11 5.96 -1.97 3.25
C SER B 11 5.68 -0.66 2.48
N ILE B 12 5.51 0.48 3.21
CA ILE B 12 5.25 1.81 2.63
C ILE B 12 6.48 2.67 2.35
N VAL B 13 7.63 2.40 2.94
CA VAL B 13 8.93 2.85 2.39
C VAL B 13 9.01 2.22 1.02
N CYS B 14 8.78 0.91 0.94
CA CYS B 14 9.01 0.16 -0.30
C CYS B 14 8.04 0.67 -1.37
N LEU B 15 6.82 1.06 -1.01
CA LEU B 15 5.87 1.73 -1.94
C LEU B 15 6.35 3.15 -2.32
N GLN B 16 6.82 3.99 -1.41
CA GLN B 16 7.33 5.36 -1.71
C GLN B 16 8.54 5.32 -2.66
N LYS B 17 9.43 4.36 -2.41
CA LYS B 17 10.62 4.01 -3.19
C LYS B 17 10.31 3.49 -4.57
N ALA B 18 9.33 2.56 -4.67
CA ALA B 18 8.80 1.94 -5.88
C ALA B 18 8.09 2.93 -6.74
N LEU B 19 7.13 3.67 -6.15
CA LEU B 19 6.37 4.69 -6.87
C LEU B 19 7.25 5.82 -7.41
N ASN B 20 8.43 6.12 -6.81
CA ASN B 20 9.40 7.06 -7.34
C ASN B 20 10.31 6.46 -8.42
N HIS B 21 10.83 5.24 -8.26
CA HIS B 21 11.51 4.47 -9.36
C HIS B 21 10.62 4.33 -10.61
N LEU B 22 9.37 4.00 -10.36
CA LEU B 22 8.33 3.89 -11.38
C LEU B 22 7.93 5.25 -11.95
N ARG B 23 8.01 6.34 -11.19
CA ARG B 23 7.92 7.73 -11.73
C ARG B 23 9.09 8.08 -12.66
N GLU B 24 10.32 7.67 -12.38
CA GLU B 24 11.43 7.93 -13.33
C GLU B 24 11.21 7.14 -14.61
N ILE B 25 10.64 5.93 -14.52
CA ILE B 25 10.26 5.12 -15.70
C ILE B 25 9.14 5.75 -16.49
N TRP B 26 8.14 6.32 -15.83
CA TRP B 26 7.16 7.20 -16.51
C TRP B 26 7.80 8.29 -17.40
N GLU B 27 8.80 8.99 -16.85
CA GLU B 27 9.57 10.00 -17.61
C GLU B 27 10.42 9.38 -18.77
N LEU B 28 10.79 8.10 -18.68
CA LEU B 28 11.38 7.34 -19.78
C LEU B 28 10.39 6.86 -20.86
N ILE B 29 9.42 6.01 -20.52
CA ILE B 29 8.51 5.37 -21.51
C ILE B 29 7.44 6.30 -22.07
N GLY B 30 6.93 7.23 -21.26
CA GLY B 30 5.89 8.18 -21.65
C GLY B 30 4.53 7.55 -22.00
N ILE B 31 4.21 6.34 -21.47
CA ILE B 31 2.86 5.79 -21.52
C ILE B 31 1.90 6.79 -20.91
N PRO B 32 0.70 7.04 -21.48
CA PRO B 32 -0.08 8.24 -21.20
C PRO B 32 -0.44 8.39 -19.73
N GLU B 33 -0.47 9.64 -19.26
CA GLU B 33 -0.63 9.98 -17.84
C GLU B 33 -1.96 9.52 -17.22
N ASP B 34 -2.98 9.25 -18.06
CA ASP B 34 -4.22 8.62 -17.61
C ASP B 34 -4.08 7.15 -17.19
N GLN B 35 -3.14 6.39 -17.78
CA GLN B 35 -2.78 5.06 -17.32
C GLN B 35 -2.05 5.15 -15.99
N ARG B 36 -1.14 6.11 -15.84
CA ARG B 36 -0.33 6.29 -14.62
C ARG B 36 -1.15 6.60 -13.40
N LEU B 37 -2.14 7.48 -13.54
CA LEU B 37 -3.05 7.73 -12.42
C LEU B 37 -3.87 6.49 -12.12
N GLN B 38 -4.31 5.74 -13.13
CA GLN B 38 -5.02 4.47 -12.91
C GLN B 38 -4.18 3.40 -12.18
N ARG B 39 -2.84 3.41 -12.39
CA ARG B 39 -1.88 2.63 -11.61
C ARG B 39 -1.83 3.09 -10.16
N THR B 40 -1.77 4.41 -9.88
CA THR B 40 -2.00 4.96 -8.54
C THR B 40 -3.30 4.65 -7.88
N GLU B 41 -4.40 4.78 -8.60
CA GLU B 41 -5.77 4.62 -8.12
C GLU B 41 -6.07 3.16 -7.70
N VAL B 42 -5.49 2.17 -8.37
CA VAL B 42 -5.58 0.76 -7.99
C VAL B 42 -4.67 0.39 -6.78
N VAL B 43 -3.47 1.01 -6.66
CA VAL B 43 -2.62 0.95 -5.43
C VAL B 43 -3.40 1.52 -4.24
N LYS B 44 -4.07 2.65 -4.44
CA LYS B 44 -4.99 3.31 -3.49
C LYS B 44 -6.18 2.42 -3.14
N LYS B 45 -6.81 1.76 -4.11
CA LYS B 45 -7.89 0.81 -3.87
C LYS B 45 -7.50 -0.46 -3.14
N HIS B 46 -6.25 -0.94 -3.22
CA HIS B 46 -5.73 -1.92 -2.24
C HIS B 46 -5.76 -1.38 -0.78
N ILE B 47 -5.30 -0.14 -0.57
CA ILE B 47 -5.39 0.52 0.76
C ILE B 47 -6.87 0.76 1.08
N LYS B 48 -7.83 0.91 0.14
CA LYS B 48 -9.28 0.96 0.46
C LYS B 48 -9.85 -0.38 0.97
N GLU B 49 -9.31 -1.54 0.56
CA GLU B 49 -9.60 -2.82 1.20
C GLU B 49 -9.21 -2.76 2.67
N LEU B 50 -8.00 -2.24 2.93
CA LEU B 50 -7.43 -2.09 4.25
C LEU B 50 -8.21 -1.11 5.14
N LEU B 51 -8.72 0.00 4.60
CA LEU B 51 -9.71 0.87 5.28
C LEU B 51 -10.95 0.07 5.67
N ASP B 52 -11.53 -0.70 4.74
CA ASP B 52 -12.80 -1.40 4.96
C ASP B 52 -12.77 -2.56 5.99
N MET B 53 -11.70 -3.37 5.98
CA MET B 53 -11.45 -4.32 7.05
C MET B 53 -11.31 -3.60 8.41
N MET B 54 -10.65 -2.45 8.46
CA MET B 54 -10.41 -1.72 9.70
C MET B 54 -11.69 -1.07 10.29
N ILE B 55 -12.57 -0.50 9.50
CA ILE B 55 -13.81 0.07 10.05
C ILE B 55 -14.71 -1.05 10.57
N ALA B 56 -14.70 -2.22 9.90
CA ALA B 56 -15.30 -3.46 10.41
C ALA B 56 -14.58 -4.00 11.69
N GLU B 57 -13.25 -3.81 11.83
CA GLU B 57 -12.51 -4.25 13.01
C GLU B 57 -12.83 -3.37 14.21
N GLU B 58 -12.72 -2.05 14.11
CA GLU B 58 -13.26 -1.25 15.21
C GLU B 58 -14.74 -1.56 15.50
N GLU B 59 -15.68 -1.31 14.58
CA GLU B 59 -17.08 -1.28 14.99
C GLU B 59 -17.54 -2.71 15.33
N SER B 60 -17.32 -3.67 14.43
CA SER B 60 -17.85 -5.02 14.59
C SER B 60 -16.97 -5.99 15.36
N LEU B 61 -15.62 -5.88 15.36
CA LEU B 61 -14.77 -6.81 16.14
C LEU B 61 -14.48 -6.39 17.59
N LYS B 62 -14.49 -5.08 17.85
CA LYS B 62 -14.78 -4.61 19.21
C LYS B 62 -16.16 -5.08 19.69
N GLU B 63 -17.20 -5.00 18.88
CA GLU B 63 -18.53 -5.54 19.27
C GLU B 63 -18.57 -7.08 19.44
N ARG B 64 -17.70 -7.84 18.76
CA ARG B 64 -17.52 -9.27 19.04
C ARG B 64 -16.93 -9.51 20.44
N LEU B 65 -16.07 -8.61 20.90
CA LEU B 65 -15.64 -8.58 22.32
C LEU B 65 -16.73 -8.05 23.28
N GLU B 66 -17.56 -7.10 22.83
CA GLU B 66 -18.62 -6.48 23.67
C GLU B 66 -19.74 -7.46 24.07
N HIS B 67 -20.09 -8.46 23.22
CA HIS B 67 -21.13 -9.48 23.48
C HIS B 67 -20.77 -10.48 24.58
#